data_8AR7
#
_entry.id   8AR7
#
_cell.length_a   90.877
_cell.length_b   178.705
_cell.length_c   123.884
_cell.angle_alpha   90
_cell.angle_beta   104
_cell.angle_gamma   90
#
_symmetry.space_group_name_H-M   'P 1 21 1'
#
loop_
_entity.id
_entity.type
_entity.pdbx_description
1 polymer 'Glutamate dehydrogenase (NAD(P)(+))'
2 non-polymer "ADENOSINE-5'-DIPHOSPHATE"
3 non-polymer 'POTASSIUM ION'
4 non-polymer LEUCINE
5 water water
#
_entity_poly.entity_id   1
_entity_poly.type   'polypeptide(L)'
_entity_poly.pdbx_seq_one_letter_code
;MYRCLGEALLLSRIGPAALGSVAADSAVLLGRARGQAAAAVAAPQPGLVPPARRHYSEAAADREDDPNFFKMVEGFFDRG
ASIVEDKLVEDLKTRETEEQKRNRVRGILRIIKPCNHVLSLSFPIRRDDGSWEVIEGYRAQHSQHRTPCKGGIRYSTDVS
VDEVKALASLMTYKCAVVDVPFGGAKAGVKINPKNYTDNELEKITRRFTMELAKKGFIGPGVDVPAPDMSTGEREMSWIA
DTYASTIGHYDINAHACVTGKPISQGGIHGRISATGRGVFHGIENFINEASYMSILGMTPGFGDKTFAVQGFGNVGLHSM
RYLHRFGAKCVAVGESDGSIWNPDGIDPKELEDFKLQHGTILGFPKAKIYEGSILEVDCDILIPAASEKQLTKSNAPRVK
AKIIAEGANGPTTPEADKIFLERNIMVIPDLYLNAGGVTVSYFEWLKNLNHVSYGRLTFKYERDSNYHLLMSVQESLERK
FGKHGGTIPIVPTAEFQDRISGASEKDIVHSGLAYTMERSARQIMRTAMKYNLGLDLRTAAYVNAIEKVFRVYNEAGVTF
T
;
_entity_poly.pdbx_strand_id   A,B,C,D,E,F
#
loop_
_chem_comp.id
_chem_comp.type
_chem_comp.name
_chem_comp.formula
ADP non-polymer ADENOSINE-5'-DIPHOSPHATE 'C10 H15 N5 O10 P2'
K non-polymer 'POTASSIUM ION' 'K 1'
#
# COMPACT_ATOMS: atom_id res chain seq x y z
N ASP A 65 5.74 -52.39 12.14
CA ASP A 65 5.94 -51.09 12.76
C ASP A 65 5.17 -50.00 11.94
N ASP A 66 5.70 -49.61 10.75
CA ASP A 66 5.17 -48.60 9.82
C ASP A 66 4.15 -47.58 10.42
N PRO A 67 4.57 -46.70 11.35
CA PRO A 67 3.64 -45.67 11.83
C PRO A 67 3.61 -44.48 10.88
N ASN A 68 2.49 -43.75 10.87
CA ASN A 68 2.36 -42.57 10.02
C ASN A 68 3.30 -41.50 10.54
N PHE A 69 4.20 -40.98 9.69
CA PHE A 69 5.16 -39.95 10.09
C PHE A 69 4.47 -38.72 10.73
N PHE A 70 3.20 -38.49 10.40
CA PHE A 70 2.42 -37.41 10.97
C PHE A 70 2.19 -37.67 12.46
N LYS A 71 1.83 -38.91 12.81
CA LYS A 71 1.61 -39.32 14.19
C LYS A 71 2.92 -39.29 14.99
N MET A 72 4.05 -39.61 14.34
CA MET A 72 5.39 -39.61 14.94
C MET A 72 5.75 -38.24 15.47
N VAL A 73 5.67 -37.20 14.61
CA VAL A 73 5.98 -35.82 14.97
C VAL A 73 5.08 -35.35 16.12
N GLU A 74 3.80 -35.74 16.09
CA GLU A 74 2.86 -35.37 17.13
C GLU A 74 3.30 -35.98 18.47
N GLY A 75 3.72 -37.23 18.45
CA GLY A 75 4.18 -37.94 19.63
C GLY A 75 5.46 -37.37 20.21
N PHE A 76 6.37 -36.91 19.32
CA PHE A 76 7.62 -36.28 19.76
C PHE A 76 7.32 -34.99 20.50
N PHE A 77 6.36 -34.20 19.99
CA PHE A 77 5.95 -32.96 20.63
C PHE A 77 5.34 -33.25 21.99
N ASP A 78 4.38 -34.20 22.06
CA ASP A 78 3.70 -34.54 23.31
C ASP A 78 4.68 -34.98 24.39
N ARG A 79 5.71 -35.73 24.00
CA ARG A 79 6.72 -36.21 24.93
C ARG A 79 7.54 -35.02 25.47
N GLY A 80 8.00 -34.16 24.58
CA GLY A 80 8.79 -33.00 24.95
C GLY A 80 8.04 -31.97 25.78
N ALA A 81 6.75 -31.79 25.48
CA ALA A 81 5.90 -30.83 26.16
C ALA A 81 5.63 -31.23 27.61
N SER A 82 5.47 -32.53 27.88
CA SER A 82 5.24 -32.99 29.25
C SER A 82 6.52 -32.93 30.10
N ILE A 83 7.70 -33.04 29.47
CA ILE A 83 8.98 -32.99 30.15
C ILE A 83 9.30 -31.54 30.53
N VAL A 84 9.11 -30.62 29.58
CA VAL A 84 9.43 -29.22 29.78
C VAL A 84 8.39 -28.49 30.66
N GLU A 85 7.15 -29.00 30.73
CA GLU A 85 6.03 -28.39 31.45
C GLU A 85 6.36 -27.95 32.89
N ASP A 86 6.85 -28.85 33.75
CA ASP A 86 7.12 -28.55 35.15
C ASP A 86 8.20 -27.47 35.34
N LYS A 87 9.21 -27.47 34.47
CA LYS A 87 10.28 -26.49 34.55
C LYS A 87 9.80 -25.11 34.06
N LEU A 88 8.83 -25.06 33.12
CA LEU A 88 8.29 -23.80 32.60
C LEU A 88 7.42 -23.06 33.61
N VAL A 89 6.79 -23.80 34.53
CA VAL A 89 5.92 -23.23 35.56
C VAL A 89 6.77 -22.53 36.62
N GLU A 90 7.79 -23.21 37.16
CA GLU A 90 8.63 -22.62 38.21
C GLU A 90 9.51 -21.48 37.68
N ASP A 91 9.89 -21.53 36.40
CA ASP A 91 10.69 -20.45 35.80
C ASP A 91 9.85 -19.18 35.53
N LEU A 92 8.50 -19.31 35.50
CA LEU A 92 7.59 -18.19 35.27
C LEU A 92 7.47 -17.32 36.52
N LYS A 93 7.92 -16.07 36.44
CA LYS A 93 7.83 -15.13 37.55
C LYS A 93 6.76 -14.09 37.23
N THR A 94 5.51 -14.36 37.66
CA THR A 94 4.39 -13.47 37.35
C THR A 94 3.38 -13.40 38.53
N ARG A 95 2.46 -12.42 38.49
CA ARG A 95 1.43 -12.25 39.53
C ARG A 95 0.26 -13.21 39.28
N GLU A 96 0.53 -14.52 39.41
CA GLU A 96 -0.47 -15.56 39.20
C GLU A 96 -0.36 -16.67 40.25
N THR A 97 -1.46 -17.41 40.48
CA THR A 97 -1.43 -18.55 41.39
C THR A 97 -0.73 -19.73 40.67
N GLU A 98 -0.38 -20.80 41.41
CA GLU A 98 0.30 -21.94 40.80
C GLU A 98 -0.60 -22.69 39.81
N GLU A 99 -1.93 -22.66 40.00
CA GLU A 99 -2.84 -23.29 39.04
C GLU A 99 -3.05 -22.40 37.81
N GLN A 100 -2.95 -21.07 37.97
CA GLN A 100 -3.03 -20.12 36.87
C GLN A 100 -1.76 -20.22 35.98
N LYS A 101 -0.61 -20.58 36.60
CA LYS A 101 0.65 -20.77 35.88
C LYS A 101 0.60 -22.08 35.09
N ARG A 102 0.00 -23.14 35.65
CA ARG A 102 -0.14 -24.42 34.96
C ARG A 102 -1.03 -24.28 33.73
N ASN A 103 -2.12 -23.51 33.85
CA ASN A 103 -3.05 -23.28 32.74
C ASN A 103 -2.41 -22.45 31.64
N ARG A 104 -1.58 -21.47 32.03
CA ARG A 104 -0.93 -20.61 31.05
C ARG A 104 0.09 -21.41 30.24
N VAL A 105 0.87 -22.26 30.92
CA VAL A 105 1.90 -23.07 30.25
C VAL A 105 1.24 -24.13 29.37
N ARG A 106 0.30 -24.90 29.92
CA ARG A 106 -0.39 -25.94 29.15
C ARG A 106 -1.20 -25.36 27.99
N GLY A 107 -1.73 -24.15 28.18
CA GLY A 107 -2.52 -23.44 27.17
C GLY A 107 -1.70 -22.98 25.98
N ILE A 108 -0.50 -22.46 26.25
CA ILE A 108 0.41 -22.03 25.17
C ILE A 108 0.89 -23.26 24.40
N LEU A 109 1.17 -24.38 25.09
CA LEU A 109 1.60 -25.61 24.42
C LEU A 109 0.48 -26.21 23.55
N ARG A 110 -0.80 -25.98 23.92
CA ARG A 110 -1.94 -26.42 23.12
C ARG A 110 -2.05 -25.61 21.82
N ILE A 111 -1.58 -24.34 21.83
CA ILE A 111 -1.58 -23.44 20.67
C ILE A 111 -0.47 -23.83 19.69
N ILE A 112 0.71 -24.18 20.22
CA ILE A 112 1.89 -24.53 19.41
C ILE A 112 1.69 -25.85 18.65
N LYS A 113 1.11 -26.86 19.28
CA LYS A 113 0.92 -28.17 18.69
C LYS A 113 0.28 -28.18 17.27
N PRO A 114 -0.90 -27.59 17.02
CA PRO A 114 -1.48 -27.71 15.67
C PRO A 114 -1.03 -26.64 14.69
N CYS A 115 -1.21 -26.91 13.39
CA CYS A 115 -0.89 -25.94 12.34
C CYS A 115 -1.87 -24.80 12.42
N ASN A 116 -1.36 -23.57 12.38
CA ASN A 116 -2.20 -22.39 12.44
C ASN A 116 -3.05 -22.24 11.18
N HIS A 117 -2.45 -22.40 9.99
CA HIS A 117 -3.15 -22.24 8.72
C HIS A 117 -2.82 -23.33 7.75
N VAL A 118 -3.81 -23.78 6.99
CA VAL A 118 -3.61 -24.76 5.93
C VAL A 118 -4.41 -24.29 4.72
N LEU A 119 -3.75 -24.04 3.59
CA LEU A 119 -4.44 -23.59 2.39
C LEU A 119 -4.51 -24.70 1.37
N SER A 120 -5.72 -25.03 0.90
CA SER A 120 -5.94 -26.04 -0.13
C SER A 120 -6.30 -25.31 -1.41
N LEU A 121 -5.63 -25.64 -2.50
CA LEU A 121 -5.82 -24.99 -3.78
C LEU A 121 -6.33 -25.94 -4.84
N SER A 122 -6.94 -25.37 -5.88
CA SER A 122 -7.45 -26.04 -7.06
C SER A 122 -7.28 -25.05 -8.19
N PHE A 123 -6.14 -25.09 -8.89
CA PHE A 123 -5.86 -24.09 -9.92
C PHE A 123 -5.79 -24.69 -11.32
N PRO A 124 -6.16 -23.90 -12.35
CA PRO A 124 -6.12 -24.43 -13.71
C PRO A 124 -4.74 -24.37 -14.37
N ILE A 125 -4.55 -25.22 -15.37
CA ILE A 125 -3.33 -25.35 -16.17
C ILE A 125 -3.73 -25.75 -17.59
N ARG A 126 -3.05 -25.21 -18.61
CA ARG A 126 -3.32 -25.64 -19.97
C ARG A 126 -2.11 -26.41 -20.48
N ARG A 127 -2.30 -27.70 -20.74
CA ARG A 127 -1.25 -28.59 -21.25
C ARG A 127 -0.77 -28.12 -22.62
N ASP A 128 0.43 -28.56 -23.02
CA ASP A 128 1.00 -28.20 -24.31
C ASP A 128 0.13 -28.67 -25.47
N ASP A 129 -0.65 -29.76 -25.30
CA ASP A 129 -1.55 -30.23 -26.36
C ASP A 129 -2.85 -29.39 -26.45
N GLY A 130 -3.09 -28.48 -25.49
CA GLY A 130 -4.25 -27.62 -25.49
C GLY A 130 -5.30 -27.97 -24.44
N SER A 131 -5.28 -29.20 -23.93
CA SER A 131 -6.24 -29.64 -22.94
C SER A 131 -6.05 -28.92 -21.60
N TRP A 132 -7.11 -28.85 -20.80
CA TRP A 132 -7.03 -28.19 -19.50
C TRP A 132 -6.94 -29.21 -18.38
N GLU A 133 -6.27 -28.85 -17.31
CA GLU A 133 -6.12 -29.73 -16.17
C GLU A 133 -6.19 -28.94 -14.90
N VAL A 134 -6.93 -29.45 -13.92
CA VAL A 134 -7.07 -28.79 -12.63
C VAL A 134 -6.10 -29.45 -11.67
N ILE A 135 -5.21 -28.66 -11.08
CA ILE A 135 -4.18 -29.17 -10.19
C ILE A 135 -4.54 -28.96 -8.73
N GLU A 136 -4.28 -29.97 -7.87
CA GLU A 136 -4.48 -29.84 -6.43
C GLU A 136 -3.19 -29.40 -5.78
N GLY A 137 -3.28 -28.56 -4.77
CA GLY A 137 -2.12 -28.09 -4.05
C GLY A 137 -2.43 -27.76 -2.61
N TYR A 138 -1.43 -27.81 -1.74
CA TYR A 138 -1.61 -27.49 -0.32
C TYR A 138 -0.41 -26.73 0.22
N ARG A 139 -0.60 -25.93 1.27
CA ARG A 139 0.52 -25.30 1.97
C ARG A 139 0.10 -25.05 3.39
N ALA A 140 0.80 -25.68 4.33
CA ALA A 140 0.53 -25.49 5.74
C ALA A 140 1.55 -24.58 6.36
N GLN A 141 1.10 -23.67 7.21
CA GLN A 141 1.92 -22.77 8.00
C GLN A 141 1.67 -23.17 9.43
N HIS A 142 2.59 -23.95 10.01
CA HIS A 142 2.42 -24.48 11.34
C HIS A 142 2.41 -23.39 12.39
N SER A 143 3.32 -22.42 12.30
CA SER A 143 3.44 -21.38 13.31
C SER A 143 3.93 -20.07 12.75
N GLN A 144 3.49 -18.96 13.35
CA GLN A 144 3.97 -17.64 12.97
C GLN A 144 4.61 -16.91 14.15
N HIS A 145 5.07 -17.64 15.18
CA HIS A 145 5.79 -17.01 16.31
C HIS A 145 7.07 -16.27 15.77
N ARG A 146 7.60 -16.76 14.64
CA ARG A 146 8.68 -16.18 13.88
C ARG A 146 8.21 -16.05 12.45
N THR A 147 8.26 -14.84 11.89
CA THR A 147 7.89 -14.64 10.49
C THR A 147 9.13 -14.19 9.73
N PRO A 148 9.31 -14.64 8.47
CA PRO A 148 8.39 -15.45 7.67
C PRO A 148 8.40 -16.93 8.00
N CYS A 149 7.42 -17.66 7.47
CA CYS A 149 7.41 -19.11 7.57
C CYS A 149 8.42 -19.62 6.54
N LYS A 150 8.92 -20.83 6.74
CA LYS A 150 9.90 -21.40 5.83
C LYS A 150 9.57 -22.85 5.61
N GLY A 151 9.72 -23.31 4.38
CA GLY A 151 9.44 -24.70 4.07
C GLY A 151 9.38 -25.02 2.61
N GLY A 152 9.83 -26.21 2.27
CA GLY A 152 9.88 -26.68 0.90
C GLY A 152 8.55 -26.93 0.20
N ILE A 153 8.64 -27.17 -1.11
CA ILE A 153 7.52 -27.50 -1.97
C ILE A 153 7.77 -28.86 -2.59
N ARG A 154 6.86 -29.80 -2.39
CA ARG A 154 7.02 -31.13 -2.96
C ARG A 154 6.10 -31.33 -4.15
N TYR A 155 6.61 -31.82 -5.26
CA TYR A 155 5.79 -32.14 -6.42
C TYR A 155 5.65 -33.65 -6.47
N SER A 156 4.59 -34.20 -5.89
CA SER A 156 4.39 -35.64 -5.87
C SER A 156 2.92 -35.98 -5.84
N THR A 157 2.53 -37.10 -6.46
CA THR A 157 1.13 -37.54 -6.39
C THR A 157 0.78 -38.08 -5.00
N ASP A 158 1.79 -38.32 -4.13
CA ASP A 158 1.61 -38.84 -2.79
C ASP A 158 1.50 -37.75 -1.72
N VAL A 159 1.45 -36.45 -2.11
CA VAL A 159 1.32 -35.39 -1.12
C VAL A 159 -0.11 -35.39 -0.56
N SER A 160 -0.24 -35.02 0.70
CA SER A 160 -1.53 -34.96 1.37
C SER A 160 -1.54 -33.81 2.38
N VAL A 161 -2.72 -33.46 2.91
CA VAL A 161 -2.83 -32.40 3.90
C VAL A 161 -2.06 -32.79 5.17
N ASP A 162 -2.21 -34.06 5.60
CA ASP A 162 -1.54 -34.55 6.79
C ASP A 162 -0.03 -34.55 6.63
N GLU A 163 0.47 -34.91 5.44
CA GLU A 163 1.92 -34.92 5.17
C GLU A 163 2.48 -33.50 5.22
N VAL A 164 1.76 -32.57 4.60
CA VAL A 164 2.15 -31.18 4.54
C VAL A 164 2.08 -30.56 5.96
N LYS A 165 1.12 -30.98 6.80
CA LYS A 165 0.99 -30.46 8.16
C LYS A 165 2.10 -30.99 9.07
N ALA A 166 2.44 -32.28 8.94
CA ALA A 166 3.47 -32.90 9.76
C ALA A 166 4.85 -32.34 9.45
N LEU A 167 5.16 -32.15 8.17
CA LEU A 167 6.45 -31.61 7.78
C LEU A 167 6.56 -30.12 8.12
N ALA A 168 5.42 -29.39 8.14
CA ALA A 168 5.41 -27.99 8.53
C ALA A 168 5.73 -27.87 10.01
N SER A 169 5.11 -28.72 10.85
CA SER A 169 5.34 -28.68 12.29
C SER A 169 6.76 -29.08 12.61
N LEU A 170 7.29 -30.11 11.92
CA LEU A 170 8.67 -30.56 12.08
C LEU A 170 9.64 -29.41 11.76
N MET A 171 9.36 -28.63 10.71
CA MET A 171 10.19 -27.49 10.33
C MET A 171 10.25 -26.42 11.42
N THR A 172 9.14 -26.17 12.16
CA THR A 172 9.14 -25.19 13.25
C THR A 172 10.22 -25.55 14.30
N TYR A 173 10.22 -26.81 14.74
CA TYR A 173 11.12 -27.26 15.78
C TYR A 173 12.53 -27.40 15.21
N LYS A 174 12.70 -27.81 13.94
CA LYS A 174 14.01 -27.90 13.31
C LYS A 174 14.68 -26.53 13.29
N CYS A 175 13.92 -25.46 12.93
CA CYS A 175 14.40 -24.07 12.90
C CYS A 175 14.76 -23.59 14.29
N ALA A 176 13.92 -23.92 15.28
CA ALA A 176 14.11 -23.54 16.67
C ALA A 176 15.39 -24.11 17.26
N VAL A 177 15.76 -25.37 16.94
CA VAL A 177 17.00 -25.93 17.49
C VAL A 177 18.22 -25.25 16.87
N VAL A 178 18.15 -24.81 15.59
CA VAL A 178 19.31 -24.16 14.98
C VAL A 178 19.20 -22.63 15.01
N ASP A 179 18.34 -22.07 15.87
CA ASP A 179 18.15 -20.63 16.06
C ASP A 179 17.93 -19.87 14.74
N VAL A 180 17.20 -20.50 13.80
CA VAL A 180 16.82 -19.90 12.54
C VAL A 180 15.45 -19.28 12.76
N PRO A 181 15.32 -17.95 12.62
CA PRO A 181 14.08 -17.28 13.01
C PRO A 181 12.91 -17.37 12.03
N PHE A 182 12.47 -18.59 11.73
CA PHE A 182 11.33 -18.82 10.88
C PHE A 182 10.37 -19.81 11.49
N GLY A 183 9.09 -19.62 11.21
CA GLY A 183 8.08 -20.59 11.59
C GLY A 183 8.08 -21.71 10.56
N GLY A 184 7.50 -22.84 10.91
CA GLY A 184 7.45 -23.98 9.99
C GLY A 184 6.38 -23.88 8.94
N ALA A 185 6.67 -24.37 7.74
CA ALA A 185 5.75 -24.40 6.61
C ALA A 185 6.11 -25.53 5.62
N LYS A 186 5.13 -25.98 4.82
CA LYS A 186 5.35 -27.03 3.82
C LYS A 186 4.28 -27.03 2.76
N ALA A 187 4.67 -27.10 1.48
CA ALA A 187 3.74 -27.12 0.37
C ALA A 187 3.83 -28.44 -0.41
N GLY A 188 2.74 -28.80 -1.07
CA GLY A 188 2.68 -30.01 -1.87
C GLY A 188 1.74 -29.86 -3.04
N VAL A 189 2.25 -30.04 -4.26
CA VAL A 189 1.42 -29.97 -5.46
C VAL A 189 1.23 -31.41 -5.92
N LYS A 190 -0.02 -31.88 -5.96
CA LYS A 190 -0.35 -33.27 -6.27
C LYS A 190 -0.22 -33.62 -7.77
N ILE A 191 1.03 -33.62 -8.28
CA ILE A 191 1.36 -33.97 -9.67
C ILE A 191 2.65 -34.79 -9.72
N ASN A 192 2.83 -35.61 -10.77
CA ASN A 192 4.08 -36.35 -10.96
C ASN A 192 4.89 -35.62 -12.03
N PRO A 193 5.96 -34.90 -11.64
CA PRO A 193 6.72 -34.10 -12.62
C PRO A 193 7.23 -34.87 -13.83
N LYS A 194 7.36 -36.19 -13.71
CA LYS A 194 7.82 -37.02 -14.81
C LYS A 194 6.80 -36.99 -15.99
N ASN A 195 5.51 -36.69 -15.70
CA ASN A 195 4.44 -36.64 -16.70
C ASN A 195 4.28 -35.27 -17.39
N TYR A 196 5.12 -34.29 -17.06
CA TYR A 196 4.98 -32.95 -17.63
C TYR A 196 6.22 -32.45 -18.33
N THR A 197 6.01 -31.63 -19.38
CA THR A 197 7.10 -30.99 -20.11
C THR A 197 7.68 -29.83 -19.26
N ASP A 198 8.87 -29.33 -19.62
CA ASP A 198 9.47 -28.20 -18.89
C ASP A 198 8.58 -26.95 -18.97
N ASN A 199 7.83 -26.81 -20.08
CA ASN A 199 6.91 -25.70 -20.31
C ASN A 199 5.70 -25.83 -19.39
N GLU A 200 5.15 -27.05 -19.27
CA GLU A 200 4.01 -27.33 -18.41
C GLU A 200 4.39 -27.15 -16.95
N LEU A 201 5.59 -27.60 -16.56
CA LEU A 201 6.06 -27.45 -15.17
C LEU A 201 6.26 -25.98 -14.82
N GLU A 202 6.62 -25.14 -15.81
CA GLU A 202 6.77 -23.71 -15.60
C GLU A 202 5.42 -23.10 -15.31
N LYS A 203 4.40 -23.46 -16.11
CA LYS A 203 3.04 -22.97 -15.93
C LYS A 203 2.51 -23.35 -14.54
N ILE A 204 2.73 -24.61 -14.11
CA ILE A 204 2.25 -25.09 -12.82
C ILE A 204 2.91 -24.29 -11.70
N THR A 205 4.25 -24.11 -11.80
CA THR A 205 5.02 -23.39 -10.79
C THR A 205 4.63 -21.92 -10.71
N ARG A 206 4.51 -21.26 -11.86
CA ARG A 206 4.12 -19.86 -11.90
C ARG A 206 2.69 -19.66 -11.36
N ARG A 207 1.73 -20.50 -11.76
CA ARG A 207 0.33 -20.39 -11.31
C ARG A 207 0.17 -20.71 -9.83
N PHE A 208 0.92 -21.69 -9.33
CA PHE A 208 0.87 -22.05 -7.92
C PHE A 208 1.36 -20.88 -7.06
N THR A 209 2.42 -20.18 -7.53
CA THR A 209 3.00 -19.02 -6.88
C THR A 209 1.97 -17.90 -6.76
N MET A 210 1.23 -17.64 -7.85
CA MET A 210 0.19 -16.62 -7.89
C MET A 210 -0.89 -16.90 -6.87
N GLU A 211 -1.35 -18.16 -6.78
CA GLU A 211 -2.42 -18.54 -5.86
C GLU A 211 -1.94 -18.43 -4.42
N LEU A 212 -0.68 -18.75 -4.14
CA LEU A 212 -0.15 -18.62 -2.78
C LEU A 212 0.01 -17.15 -2.41
N ALA A 213 0.52 -16.33 -3.32
CA ALA A 213 0.77 -14.91 -3.07
C ALA A 213 -0.49 -14.14 -2.70
N LYS A 214 -1.60 -14.41 -3.40
CA LYS A 214 -2.86 -13.71 -3.13
C LYS A 214 -3.47 -14.06 -1.77
N LYS A 215 -3.16 -15.24 -1.23
CA LYS A 215 -3.71 -15.66 0.05
C LYS A 215 -2.69 -15.61 1.21
N GLY A 216 -1.56 -14.92 1.03
CA GLY A 216 -0.55 -14.77 2.07
C GLY A 216 0.21 -16.02 2.41
N PHE A 217 0.52 -16.85 1.41
CA PHE A 217 1.29 -18.07 1.64
C PHE A 217 2.63 -18.04 0.86
N ILE A 218 3.11 -16.85 0.47
CA ILE A 218 4.40 -16.57 -0.16
C ILE A 218 4.65 -15.06 0.00
N GLY A 219 5.90 -14.71 0.26
CA GLY A 219 6.30 -13.32 0.48
C GLY A 219 7.54 -13.28 1.33
N PRO A 220 8.41 -12.28 1.10
CA PRO A 220 9.67 -12.20 1.83
C PRO A 220 9.50 -12.15 3.34
N GLY A 221 8.47 -11.49 3.82
CA GLY A 221 8.20 -11.40 5.25
C GLY A 221 7.02 -12.21 5.75
N VAL A 222 6.44 -13.03 4.86
CA VAL A 222 5.27 -13.84 5.16
C VAL A 222 5.58 -15.36 5.10
N ASP A 223 6.09 -15.87 3.97
CA ASP A 223 6.36 -17.28 3.79
C ASP A 223 7.36 -17.47 2.67
N VAL A 224 8.50 -18.09 2.96
CA VAL A 224 9.57 -18.27 2.01
C VAL A 224 9.75 -19.75 1.69
N PRO A 225 9.20 -20.22 0.55
CA PRO A 225 9.35 -21.63 0.19
C PRO A 225 10.78 -22.01 -0.22
N ALA A 226 11.00 -23.30 -0.44
CA ALA A 226 12.32 -23.82 -0.81
C ALA A 226 12.16 -25.10 -1.64
N PRO A 227 13.23 -25.57 -2.33
CA PRO A 227 13.10 -26.81 -3.10
C PRO A 227 13.16 -28.02 -2.18
N ASP A 228 12.71 -29.14 -2.72
CA ASP A 228 12.64 -30.43 -2.08
C ASP A 228 13.34 -31.47 -3.03
N MET A 229 13.30 -32.77 -2.73
CA MET A 229 13.93 -33.78 -3.59
C MET A 229 13.25 -33.83 -4.99
N SER A 230 11.95 -33.44 -5.07
CA SER A 230 11.16 -33.45 -6.31
C SER A 230 11.18 -32.12 -7.07
N THR A 231 11.62 -31.03 -6.44
CA THR A 231 11.70 -29.74 -7.12
C THR A 231 13.16 -29.26 -7.14
N GLY A 232 13.47 -28.33 -8.02
CA GLY A 232 14.83 -27.85 -8.16
C GLY A 232 15.02 -26.35 -8.11
N GLU A 233 16.21 -25.90 -8.49
CA GLU A 233 16.52 -24.49 -8.52
C GLU A 233 15.81 -23.77 -9.67
N ARG A 234 15.48 -24.48 -10.79
CA ARG A 234 14.78 -23.82 -11.90
C ARG A 234 13.34 -23.49 -11.51
N GLU A 235 12.70 -24.35 -10.69
CA GLU A 235 11.35 -24.09 -10.23
C GLU A 235 11.36 -22.92 -9.25
N MET A 236 12.38 -22.87 -8.37
CA MET A 236 12.53 -21.80 -7.40
C MET A 236 12.70 -20.46 -8.12
N SER A 237 13.48 -20.45 -9.20
CA SER A 237 13.72 -19.29 -10.04
C SER A 237 12.41 -18.76 -10.67
N TRP A 238 11.54 -19.66 -11.12
CA TRP A 238 10.24 -19.29 -11.71
C TRP A 238 9.30 -18.69 -10.65
N ILE A 239 9.37 -19.22 -9.42
CA ILE A 239 8.59 -18.73 -8.28
C ILE A 239 8.99 -17.29 -7.99
N ALA A 240 10.31 -17.06 -7.87
CA ALA A 240 10.87 -15.75 -7.58
C ALA A 240 10.51 -14.76 -8.67
N ASP A 241 10.61 -15.18 -9.95
CA ASP A 241 10.32 -14.33 -11.09
C ASP A 241 8.84 -13.95 -11.18
N THR A 242 7.94 -14.90 -10.87
CA THR A 242 6.50 -14.66 -10.88
C THR A 242 6.13 -13.71 -9.78
N TYR A 243 6.72 -13.88 -8.58
CA TYR A 243 6.42 -13.00 -7.46
C TYR A 243 6.97 -11.59 -7.72
N ALA A 244 8.23 -11.48 -8.16
CA ALA A 244 8.90 -10.21 -8.40
C ALA A 244 8.27 -9.40 -9.51
N SER A 245 7.56 -10.04 -10.45
CA SER A 245 6.98 -9.31 -11.57
C SER A 245 5.46 -9.10 -11.47
N THR A 246 4.78 -9.83 -10.57
CA THR A 246 3.33 -9.65 -10.47
C THR A 246 2.99 -9.01 -9.07
N ILE A 247 2.65 -9.79 -8.02
CA ILE A 247 2.20 -9.23 -6.74
C ILE A 247 3.32 -8.43 -6.03
N GLY A 248 4.52 -8.98 -5.97
CA GLY A 248 5.62 -8.31 -5.30
C GLY A 248 6.42 -7.36 -6.17
N HIS A 249 5.81 -6.82 -7.24
CA HIS A 249 6.50 -5.89 -8.14
C HIS A 249 7.05 -4.66 -7.38
N TYR A 250 6.28 -4.13 -6.44
CA TYR A 250 6.69 -2.95 -5.70
C TYR A 250 7.60 -3.26 -4.47
N ASP A 251 7.92 -4.54 -4.21
CA ASP A 251 8.74 -4.94 -3.07
C ASP A 251 10.23 -5.02 -3.41
N ILE A 252 11.09 -4.26 -2.67
CA ILE A 252 12.54 -4.24 -2.88
C ILE A 252 13.17 -5.62 -2.56
N ASN A 253 12.53 -6.41 -1.68
CA ASN A 253 13.02 -7.72 -1.32
C ASN A 253 12.23 -8.84 -2.01
N ALA A 254 11.61 -8.57 -3.17
CA ALA A 254 10.79 -9.56 -3.88
C ALA A 254 11.51 -10.88 -4.20
N HIS A 255 12.83 -10.84 -4.41
CA HIS A 255 13.57 -12.09 -4.69
C HIS A 255 13.89 -12.87 -3.43
N ALA A 256 13.62 -12.34 -2.22
CA ALA A 256 13.81 -13.07 -0.97
C ALA A 256 12.55 -13.88 -0.59
N CYS A 257 11.57 -14.00 -1.51
CA CYS A 257 10.33 -14.73 -1.29
C CYS A 257 10.55 -16.25 -1.36
N VAL A 258 11.66 -16.72 -1.93
CA VAL A 258 11.91 -18.14 -2.09
C VAL A 258 13.43 -18.39 -2.02
N THR A 259 13.83 -19.53 -1.46
CA THR A 259 15.27 -19.87 -1.41
C THR A 259 15.52 -21.12 -2.31
N GLY A 260 16.78 -21.50 -2.48
CA GLY A 260 17.14 -22.59 -3.36
C GLY A 260 17.26 -22.14 -4.81
N LYS A 261 17.34 -20.81 -5.04
CA LYS A 261 17.46 -20.20 -6.36
C LYS A 261 18.84 -20.38 -6.96
N PRO A 262 18.98 -20.36 -8.29
CA PRO A 262 20.33 -20.41 -8.89
C PRO A 262 21.17 -19.17 -8.49
N ILE A 263 22.49 -19.21 -8.71
CA ILE A 263 23.37 -18.08 -8.34
C ILE A 263 22.96 -16.83 -9.15
N SER A 264 22.65 -16.99 -10.46
CA SER A 264 22.23 -15.89 -11.32
C SER A 264 20.94 -15.20 -10.87
N GLN A 265 20.15 -15.86 -10.02
CA GLN A 265 18.88 -15.34 -9.52
C GLN A 265 18.93 -14.89 -8.05
N GLY A 266 20.09 -14.97 -7.41
CA GLY A 266 20.22 -14.55 -6.03
C GLY A 266 20.37 -15.69 -5.04
N GLY A 267 21.01 -16.77 -5.47
CA GLY A 267 21.24 -17.91 -4.59
C GLY A 267 22.57 -17.83 -3.88
N ILE A 268 22.68 -18.46 -2.70
CA ILE A 268 23.95 -18.45 -1.96
C ILE A 268 24.88 -19.52 -2.49
N HIS A 269 26.19 -19.25 -2.39
CA HIS A 269 27.19 -20.25 -2.68
C HIS A 269 27.25 -21.18 -1.48
N GLY A 270 27.32 -22.47 -1.74
CA GLY A 270 27.37 -23.46 -0.67
C GLY A 270 26.04 -24.07 -0.32
N ARG A 271 25.03 -23.91 -1.18
CA ARG A 271 23.70 -24.48 -0.97
C ARG A 271 23.72 -26.00 -1.25
N ILE A 272 24.44 -26.42 -2.29
CA ILE A 272 24.47 -27.82 -2.69
C ILE A 272 25.11 -28.68 -1.61
N SER A 273 26.19 -28.20 -1.00
CA SER A 273 26.90 -28.94 0.02
C SER A 273 26.32 -28.78 1.44
N ALA A 274 25.44 -27.80 1.65
CA ALA A 274 24.86 -27.42 2.94
C ALA A 274 24.38 -28.58 3.84
N THR A 275 23.54 -29.51 3.34
CA THR A 275 23.01 -30.57 4.18
C THR A 275 24.11 -31.55 4.55
N GLY A 276 24.98 -31.88 3.61
CA GLY A 276 26.11 -32.76 3.84
C GLY A 276 27.08 -32.20 4.86
N ARG A 277 27.37 -30.89 4.79
CA ARG A 277 28.25 -30.22 5.76
C ARG A 277 27.62 -30.18 7.13
N GLY A 278 26.31 -30.02 7.20
CA GLY A 278 25.56 -30.01 8.45
C GLY A 278 25.61 -31.37 9.11
N VAL A 279 25.47 -32.45 8.31
CA VAL A 279 25.58 -33.82 8.82
C VAL A 279 26.98 -34.04 9.38
N PHE A 280 28.02 -33.57 8.66
CA PHE A 280 29.39 -33.66 9.10
C PHE A 280 29.58 -32.93 10.44
N HIS A 281 29.19 -31.64 10.51
CA HIS A 281 29.39 -30.84 11.71
C HIS A 281 28.60 -31.36 12.90
N GLY A 282 27.43 -31.94 12.65
CA GLY A 282 26.61 -32.51 13.71
C GLY A 282 27.28 -33.70 14.34
N ILE A 283 27.83 -34.59 13.51
CA ILE A 283 28.56 -35.76 13.98
C ILE A 283 29.84 -35.30 14.67
N GLU A 284 30.55 -34.35 14.06
CA GLU A 284 31.82 -33.79 14.55
C GLU A 284 31.71 -33.25 15.97
N ASN A 285 30.61 -32.57 16.28
CA ASN A 285 30.43 -31.98 17.60
C ASN A 285 30.24 -33.03 18.69
N PHE A 286 29.61 -34.16 18.37
CA PHE A 286 29.40 -35.20 19.36
C PHE A 286 30.61 -36.16 19.40
N ILE A 287 31.22 -36.45 18.24
CA ILE A 287 32.37 -37.35 18.15
C ILE A 287 33.59 -36.76 18.87
N ASN A 288 33.72 -35.42 18.92
CA ASN A 288 34.86 -34.81 19.62
C ASN A 288 34.62 -34.70 21.14
N GLU A 289 33.37 -34.85 21.59
CA GLU A 289 33.03 -34.77 23.01
C GLU A 289 33.37 -36.09 23.68
N ALA A 290 34.42 -36.09 24.53
CA ALA A 290 34.90 -37.30 25.22
C ALA A 290 33.90 -37.86 26.23
N SER A 291 33.01 -37.02 26.77
CA SER A 291 32.00 -37.45 27.74
C SER A 291 31.07 -38.48 27.11
N TYR A 292 30.51 -38.16 25.93
CA TYR A 292 29.60 -39.02 25.18
C TYR A 292 30.31 -40.23 24.59
N MET A 293 31.53 -40.04 24.07
CA MET A 293 32.27 -41.11 23.42
C MET A 293 32.68 -42.21 24.37
N SER A 294 33.03 -41.86 25.62
CA SER A 294 33.40 -42.88 26.60
C SER A 294 32.20 -43.77 26.97
N ILE A 295 30.96 -43.20 26.91
CA ILE A 295 29.71 -43.94 27.15
C ILE A 295 29.50 -44.99 26.07
N LEU A 296 29.81 -44.65 24.81
CA LEU A 296 29.67 -45.55 23.67
C LEU A 296 30.88 -46.51 23.49
N GLY A 297 31.84 -46.48 24.42
CA GLY A 297 33.04 -47.31 24.37
C GLY A 297 33.94 -46.96 23.20
N MET A 298 34.01 -45.66 22.87
CA MET A 298 34.80 -45.20 21.74
C MET A 298 35.76 -44.06 22.10
N THR A 299 36.76 -43.85 21.23
CA THR A 299 37.73 -42.77 21.35
C THR A 299 37.19 -41.50 20.68
N PRO A 300 37.52 -40.31 21.20
CA PRO A 300 37.02 -39.07 20.56
C PRO A 300 37.77 -38.78 19.25
N GLY A 301 37.10 -38.12 18.32
CA GLY A 301 37.67 -37.77 17.03
C GLY A 301 37.33 -38.76 15.93
N PHE A 302 37.61 -38.38 14.68
CA PHE A 302 37.33 -39.25 13.52
C PHE A 302 38.46 -40.26 13.21
N GLY A 303 39.52 -40.27 14.01
CA GLY A 303 40.62 -41.21 13.82
C GLY A 303 40.18 -42.60 14.21
N ASP A 304 40.47 -43.59 13.35
CA ASP A 304 40.10 -45.00 13.54
C ASP A 304 38.57 -45.16 13.65
N LYS A 305 37.82 -44.35 12.90
CA LYS A 305 36.36 -44.43 12.88
C LYS A 305 35.91 -44.96 11.53
N THR A 306 35.02 -45.95 11.54
CA THR A 306 34.48 -46.50 10.30
C THR A 306 33.01 -46.11 10.18
N PHE A 307 32.56 -45.78 8.95
CA PHE A 307 31.16 -45.38 8.78
C PHE A 307 30.53 -45.99 7.53
N ALA A 308 29.19 -46.06 7.54
CA ALA A 308 28.40 -46.59 6.43
C ALA A 308 27.26 -45.63 6.10
N VAL A 309 26.95 -45.43 4.81
CA VAL A 309 25.90 -44.49 4.41
C VAL A 309 24.75 -45.19 3.68
N GLN A 310 23.49 -44.99 4.15
CA GLN A 310 22.31 -45.54 3.49
C GLN A 310 21.69 -44.48 2.57
N GLY A 311 21.85 -44.66 1.27
CA GLY A 311 21.36 -43.70 0.28
C GLY A 311 22.47 -42.80 -0.22
N PHE A 312 22.84 -42.95 -1.49
CA PHE A 312 23.94 -42.17 -2.08
C PHE A 312 23.39 -41.02 -2.92
N GLY A 313 22.64 -40.12 -2.29
CA GLY A 313 22.10 -38.96 -2.95
C GLY A 313 22.99 -37.75 -2.73
N ASN A 314 22.40 -36.54 -2.72
CA ASN A 314 23.17 -35.33 -2.48
C ASN A 314 23.71 -35.32 -1.06
N VAL A 315 22.88 -35.72 -0.08
CA VAL A 315 23.30 -35.75 1.31
C VAL A 315 24.32 -36.86 1.55
N GLY A 316 24.04 -38.05 1.01
CA GLY A 316 24.92 -39.21 1.15
C GLY A 316 26.31 -38.98 0.61
N LEU A 317 26.40 -38.42 -0.60
CA LEU A 317 27.67 -38.14 -1.25
C LEU A 317 28.51 -37.14 -0.44
N HIS A 318 27.90 -36.01 -0.03
CA HIS A 318 28.63 -34.98 0.71
C HIS A 318 29.04 -35.46 2.10
N SER A 319 28.14 -36.15 2.82
CA SER A 319 28.48 -36.68 4.15
C SER A 319 29.66 -37.64 4.07
N MET A 320 29.69 -38.48 3.03
CA MET A 320 30.76 -39.44 2.83
C MET A 320 32.08 -38.72 2.52
N ARG A 321 32.01 -37.67 1.69
CA ARG A 321 33.17 -36.88 1.30
C ARG A 321 33.82 -36.15 2.49
N TYR A 322 33.00 -35.52 3.35
CA TYR A 322 33.54 -34.74 4.47
C TYR A 322 34.07 -35.62 5.60
N LEU A 323 33.41 -36.75 5.89
CA LEU A 323 33.90 -37.65 6.93
C LEU A 323 35.22 -38.28 6.51
N HIS A 324 35.33 -38.67 5.24
CA HIS A 324 36.55 -39.26 4.70
C HIS A 324 37.70 -38.25 4.77
N ARG A 325 37.41 -36.99 4.47
CA ARG A 325 38.39 -35.90 4.52
C ARG A 325 39.00 -35.75 5.93
N PHE A 326 38.23 -36.10 6.99
CA PHE A 326 38.71 -35.96 8.36
C PHE A 326 39.24 -37.25 8.98
N GLY A 327 39.56 -38.25 8.17
CA GLY A 327 40.15 -39.48 8.68
C GLY A 327 39.24 -40.69 8.77
N ALA A 328 37.92 -40.49 8.79
CA ALA A 328 36.98 -41.62 8.88
C ALA A 328 37.03 -42.46 7.61
N LYS A 329 36.83 -43.76 7.75
CA LYS A 329 36.88 -44.68 6.63
C LYS A 329 35.50 -45.19 6.25
N CYS A 330 35.10 -45.01 4.98
CA CYS A 330 33.79 -45.50 4.54
C CYS A 330 33.89 -46.98 4.23
N VAL A 331 33.16 -47.80 4.97
CA VAL A 331 33.20 -49.23 4.80
C VAL A 331 32.11 -49.71 3.84
N ALA A 332 30.93 -49.07 3.87
CA ALA A 332 29.83 -49.51 3.01
C ALA A 332 28.91 -48.36 2.57
N VAL A 333 28.44 -48.42 1.32
CA VAL A 333 27.50 -47.44 0.78
C VAL A 333 26.30 -48.18 0.22
N GLY A 334 25.13 -47.86 0.72
CA GLY A 334 23.90 -48.51 0.28
C GLY A 334 23.09 -47.63 -0.63
N GLU A 335 22.22 -48.26 -1.41
CA GLU A 335 21.36 -47.53 -2.33
C GLU A 335 19.99 -48.21 -2.49
N SER A 336 19.03 -47.54 -3.16
CA SER A 336 17.68 -48.06 -3.40
C SER A 336 17.73 -49.42 -4.08
N ASP A 337 18.62 -49.57 -5.06
CA ASP A 337 18.79 -50.83 -5.74
C ASP A 337 20.20 -51.35 -5.53
N GLY A 338 20.39 -52.13 -4.46
CA GLY A 338 21.67 -52.74 -4.13
C GLY A 338 22.53 -52.01 -3.12
N SER A 339 23.61 -52.67 -2.69
CA SER A 339 24.57 -52.13 -1.72
C SER A 339 26.02 -52.49 -2.12
N ILE A 340 26.97 -51.68 -1.65
CA ILE A 340 28.39 -51.84 -1.93
C ILE A 340 29.17 -51.90 -0.61
N TRP A 341 30.20 -52.76 -0.53
CA TRP A 341 30.96 -52.91 0.71
C TRP A 341 32.42 -53.25 0.47
N ASN A 342 33.32 -52.60 1.24
CA ASN A 342 34.76 -52.79 1.22
C ASN A 342 35.32 -52.41 2.57
N PRO A 343 35.76 -53.40 3.37
CA PRO A 343 36.29 -53.08 4.71
C PRO A 343 37.59 -52.27 4.68
N ASP A 344 38.35 -52.34 3.57
CA ASP A 344 39.59 -51.59 3.42
C ASP A 344 39.35 -50.08 3.22
N GLY A 345 38.18 -49.71 2.69
CA GLY A 345 37.83 -48.32 2.46
C GLY A 345 37.30 -48.02 1.07
N ILE A 346 36.36 -47.08 0.98
CA ILE A 346 35.77 -46.66 -0.30
C ILE A 346 36.04 -45.17 -0.51
N ASP A 347 36.71 -44.82 -1.62
CA ASP A 347 37.01 -43.42 -1.91
C ASP A 347 35.78 -42.71 -2.42
N PRO A 348 35.40 -41.59 -1.79
CA PRO A 348 34.19 -40.87 -2.21
C PRO A 348 34.29 -40.26 -3.61
N LYS A 349 35.48 -39.78 -4.01
CA LYS A 349 35.65 -39.17 -5.31
C LYS A 349 35.55 -40.24 -6.40
N GLU A 350 36.14 -41.42 -6.16
CA GLU A 350 36.09 -42.53 -7.10
C GLU A 350 34.67 -43.07 -7.26
N LEU A 351 33.91 -43.12 -6.16
CA LEU A 351 32.53 -43.59 -6.17
C LEU A 351 31.61 -42.57 -6.85
N GLU A 352 31.88 -41.27 -6.64
CA GLU A 352 31.10 -40.19 -7.25
C GLU A 352 31.24 -40.20 -8.78
N ASP A 353 32.47 -40.41 -9.28
CA ASP A 353 32.72 -40.43 -10.72
C ASP A 353 32.08 -41.63 -11.39
N PHE A 354 32.05 -42.78 -10.70
CA PHE A 354 31.42 -43.98 -11.25
C PHE A 354 29.90 -43.82 -11.29
N LYS A 355 29.33 -43.24 -10.23
CA LYS A 355 27.89 -43.01 -10.12
C LYS A 355 27.41 -41.98 -11.15
N LEU A 356 28.25 -41.02 -11.53
CA LEU A 356 27.89 -40.02 -12.53
C LEU A 356 28.00 -40.55 -13.96
N GLN A 357 28.86 -41.55 -14.20
CA GLN A 357 29.04 -42.11 -15.53
C GLN A 357 28.14 -43.31 -15.80
N HIS A 358 27.79 -44.08 -14.76
CA HIS A 358 26.95 -45.25 -14.92
C HIS A 358 25.51 -45.03 -14.46
N GLY A 359 25.35 -44.28 -13.38
CA GLY A 359 24.02 -44.02 -12.83
C GLY A 359 23.82 -44.68 -11.48
N THR A 360 24.39 -45.88 -11.31
CA THR A 360 24.29 -46.62 -10.06
C THR A 360 25.68 -46.98 -9.52
N ILE A 361 25.77 -47.17 -8.20
CA ILE A 361 27.03 -47.58 -7.57
C ILE A 361 27.32 -49.09 -7.76
N LEU A 362 26.30 -49.88 -8.18
CA LEU A 362 26.44 -51.30 -8.39
C LEU A 362 27.43 -51.59 -9.51
N GLY A 363 28.45 -52.36 -9.19
CA GLY A 363 29.51 -52.68 -10.13
C GLY A 363 30.79 -51.89 -9.89
N PHE A 364 30.92 -51.22 -8.73
CA PHE A 364 32.12 -50.45 -8.38
C PHE A 364 33.30 -51.41 -8.29
N PRO A 365 34.39 -51.13 -9.03
CA PRO A 365 35.51 -52.09 -9.07
C PRO A 365 36.25 -52.30 -7.76
N LYS A 366 36.34 -51.25 -6.92
CA LYS A 366 37.06 -51.36 -5.65
C LYS A 366 36.11 -51.64 -4.48
N ALA A 367 35.04 -52.45 -4.71
CA ALA A 367 34.08 -52.81 -3.67
C ALA A 367 33.24 -54.02 -4.07
N LYS A 368 33.04 -54.96 -3.13
CA LYS A 368 32.22 -56.14 -3.38
C LYS A 368 30.73 -55.83 -3.21
N ILE A 369 29.87 -56.57 -3.92
CA ILE A 369 28.43 -56.35 -3.86
C ILE A 369 27.88 -56.93 -2.56
N TYR A 370 27.33 -56.07 -1.71
CA TYR A 370 26.78 -56.46 -0.41
C TYR A 370 25.31 -56.86 -0.56
N GLU A 371 24.98 -58.08 -0.16
CA GLU A 371 23.61 -58.58 -0.27
C GLU A 371 22.79 -58.17 0.93
N GLY A 372 21.97 -57.13 0.75
CA GLY A 372 21.12 -56.63 1.81
C GLY A 372 21.27 -55.16 2.11
N SER A 373 20.62 -54.71 3.20
CA SER A 373 20.67 -53.32 3.62
C SER A 373 21.98 -53.00 4.32
N ILE A 374 22.38 -51.74 4.28
CA ILE A 374 23.62 -51.31 4.93
C ILE A 374 23.40 -50.99 6.42
N LEU A 375 22.15 -50.92 6.89
CA LEU A 375 21.81 -50.64 8.29
C LEU A 375 22.41 -51.70 9.25
N GLU A 376 22.67 -52.92 8.77
CA GLU A 376 23.23 -53.97 9.60
C GLU A 376 24.68 -54.27 9.19
N VAL A 377 25.50 -53.23 9.06
CA VAL A 377 26.91 -53.37 8.69
C VAL A 377 27.78 -53.12 9.94
N ASP A 378 28.85 -53.92 10.11
CA ASP A 378 29.75 -53.77 11.25
C ASP A 378 30.62 -52.51 11.10
N CYS A 379 30.11 -51.39 11.60
CA CYS A 379 30.81 -50.11 11.54
C CYS A 379 30.54 -49.29 12.82
N ASP A 380 31.14 -48.10 12.95
CA ASP A 380 30.93 -47.26 14.13
C ASP A 380 29.78 -46.28 13.91
N ILE A 381 29.70 -45.67 12.71
CA ILE A 381 28.66 -44.68 12.44
C ILE A 381 27.77 -45.08 11.26
N LEU A 382 26.46 -45.19 11.50
CA LEU A 382 25.49 -45.49 10.45
C LEU A 382 24.78 -44.19 10.05
N ILE A 383 24.77 -43.83 8.77
CA ILE A 383 24.16 -42.58 8.32
C ILE A 383 23.00 -42.80 7.36
N PRO A 384 21.76 -42.88 7.84
CA PRO A 384 20.62 -43.00 6.92
C PRO A 384 20.34 -41.67 6.21
N ALA A 385 21.01 -41.43 5.09
CA ALA A 385 20.87 -40.15 4.37
C ALA A 385 19.73 -40.16 3.34
N ALA A 386 18.88 -41.19 3.33
CA ALA A 386 17.76 -41.28 2.40
C ALA A 386 16.64 -42.18 2.95
N SER A 387 15.41 -42.04 2.39
CA SER A 387 14.20 -42.82 2.72
C SER A 387 13.66 -42.53 4.14
N GLU A 388 12.37 -42.82 4.35
CA GLU A 388 11.72 -42.63 5.64
C GLU A 388 11.35 -43.99 6.26
N LYS A 389 11.50 -44.08 7.59
CA LYS A 389 11.23 -45.26 8.42
C LYS A 389 12.00 -46.50 7.91
N GLN A 390 13.33 -46.39 7.82
CA GLN A 390 14.19 -47.50 7.40
C GLN A 390 14.60 -48.33 8.62
N LEU A 391 14.82 -47.69 9.78
CA LEU A 391 15.19 -48.39 11.00
C LEU A 391 13.94 -48.57 11.88
N THR A 392 13.40 -49.79 11.90
CA THR A 392 12.20 -50.15 12.67
C THR A 392 12.55 -51.12 13.83
N LYS A 393 11.57 -51.41 14.72
CA LYS A 393 11.79 -52.30 15.86
C LYS A 393 12.21 -53.72 15.45
N SER A 394 11.97 -54.11 14.19
CA SER A 394 12.34 -55.44 13.72
C SER A 394 13.83 -55.53 13.37
N ASN A 395 14.43 -54.43 12.88
CA ASN A 395 15.86 -54.45 12.52
C ASN A 395 16.75 -53.59 13.43
N ALA A 396 16.19 -52.98 14.48
CA ALA A 396 16.98 -52.20 15.45
C ALA A 396 17.91 -53.10 16.30
N PRO A 397 17.47 -54.29 16.79
CA PRO A 397 18.40 -55.12 17.58
C PRO A 397 19.56 -55.73 16.77
N ARG A 398 19.64 -55.47 15.45
CA ARG A 398 20.72 -55.99 14.63
C ARG A 398 21.69 -54.91 14.13
N VAL A 399 21.58 -53.66 14.62
CA VAL A 399 22.47 -52.59 14.18
C VAL A 399 23.82 -52.68 14.90
N LYS A 400 24.89 -53.05 14.18
CA LYS A 400 26.24 -53.14 14.77
C LYS A 400 26.88 -51.75 15.00
N ALA A 401 26.27 -50.68 14.48
CA ALA A 401 26.74 -49.30 14.64
C ALA A 401 26.54 -48.79 16.09
N LYS A 402 27.32 -47.77 16.48
CA LYS A 402 27.24 -47.19 17.82
C LYS A 402 26.68 -45.73 17.79
N ILE A 403 26.73 -45.07 16.62
CA ILE A 403 26.18 -43.73 16.40
C ILE A 403 25.34 -43.76 15.14
N ILE A 404 24.05 -43.39 15.25
CA ILE A 404 23.19 -43.35 14.07
C ILE A 404 22.88 -41.89 13.76
N ALA A 405 23.56 -41.36 12.74
CA ALA A 405 23.45 -39.98 12.28
C ALA A 405 22.36 -39.84 11.24
N GLU A 406 21.19 -39.32 11.64
CA GLU A 406 20.05 -39.17 10.74
C GLU A 406 20.22 -38.06 9.71
N GLY A 407 20.60 -38.47 8.50
CA GLY A 407 20.76 -37.54 7.39
C GLY A 407 19.49 -37.27 6.59
N ALA A 408 18.36 -37.79 7.05
CA ALA A 408 17.06 -37.63 6.39
C ALA A 408 15.96 -37.44 7.45
N ASN A 409 14.74 -37.01 7.05
CA ASN A 409 13.65 -36.82 8.02
C ASN A 409 12.94 -38.12 8.33
N GLY A 410 12.84 -38.43 9.62
CA GLY A 410 12.21 -39.62 10.15
C GLY A 410 12.73 -40.96 9.66
N PRO A 411 14.05 -41.24 9.74
CA PRO A 411 14.54 -42.56 9.28
C PRO A 411 14.38 -43.64 10.34
N THR A 412 14.26 -43.30 11.63
CA THR A 412 14.10 -44.30 12.68
C THR A 412 12.74 -44.14 13.38
N THR A 413 12.02 -45.24 13.54
CA THR A 413 10.72 -45.23 14.21
C THR A 413 10.88 -45.04 15.73
N PRO A 414 9.86 -44.54 16.44
CA PRO A 414 9.98 -44.37 17.90
C PRO A 414 10.19 -45.70 18.64
N GLU A 415 9.73 -46.82 18.07
CA GLU A 415 9.94 -48.12 18.67
C GLU A 415 11.40 -48.57 18.54
N ALA A 416 12.06 -48.18 17.43
CA ALA A 416 13.48 -48.47 17.23
C ALA A 416 14.31 -47.59 18.17
N ASP A 417 13.88 -46.33 18.40
CA ASP A 417 14.53 -45.40 19.33
C ASP A 417 14.66 -46.00 20.72
N LYS A 418 13.62 -46.71 21.19
CA LYS A 418 13.60 -47.36 22.50
C LYS A 418 14.67 -48.44 22.57
N ILE A 419 14.84 -49.21 21.49
CA ILE A 419 15.83 -50.28 21.39
C ILE A 419 17.24 -49.70 21.35
N PHE A 420 17.43 -48.58 20.63
CA PHE A 420 18.73 -47.93 20.55
C PHE A 420 19.14 -47.36 21.90
N LEU A 421 18.18 -46.88 22.70
CA LEU A 421 18.48 -46.37 24.04
C LEU A 421 18.89 -47.52 24.95
N GLU A 422 18.21 -48.66 24.85
CA GLU A 422 18.50 -49.88 25.62
C GLU A 422 19.87 -50.45 25.26
N ARG A 423 20.26 -50.35 23.98
CA ARG A 423 21.54 -50.85 23.47
C ARG A 423 22.69 -49.82 23.54
N ASN A 424 22.45 -48.65 24.17
CA ASN A 424 23.44 -47.58 24.31
C ASN A 424 24.01 -47.17 22.95
N ILE A 425 23.12 -46.96 21.98
CA ILE A 425 23.47 -46.54 20.62
C ILE A 425 22.95 -45.13 20.46
N MET A 426 23.85 -44.15 20.38
CA MET A 426 23.47 -42.75 20.30
C MET A 426 22.91 -42.37 18.94
N VAL A 427 21.67 -41.85 18.92
CA VAL A 427 21.05 -41.42 17.68
C VAL A 427 20.99 -39.90 17.64
N ILE A 428 21.78 -39.27 16.74
CA ILE A 428 21.77 -37.82 16.56
C ILE A 428 20.55 -37.53 15.70
N PRO A 429 19.56 -36.77 16.23
CA PRO A 429 18.29 -36.62 15.52
C PRO A 429 18.30 -35.73 14.29
N ASP A 430 17.35 -36.01 13.37
CA ASP A 430 17.08 -35.29 12.13
C ASP A 430 16.74 -33.81 12.38
N LEU A 431 16.08 -33.54 13.51
CA LEU A 431 15.69 -32.21 13.97
C LEU A 431 16.91 -31.29 14.02
N TYR A 432 18.07 -31.83 14.42
CA TYR A 432 19.32 -31.10 14.52
C TYR A 432 20.24 -31.39 13.32
N LEU A 433 20.58 -32.67 13.07
CA LEU A 433 21.56 -33.06 12.06
C LEU A 433 21.14 -32.72 10.63
N ASN A 434 19.85 -32.83 10.31
CA ASN A 434 19.36 -32.53 8.96
C ASN A 434 18.95 -31.04 8.83
N ALA A 435 19.52 -30.14 9.65
CA ALA A 435 19.16 -28.72 9.59
C ALA A 435 20.22 -27.84 8.94
N GLY A 436 21.17 -28.44 8.21
CA GLY A 436 22.22 -27.69 7.54
C GLY A 436 21.69 -26.90 6.36
N GLY A 437 20.79 -27.51 5.60
CA GLY A 437 20.17 -26.88 4.45
C GLY A 437 19.25 -25.76 4.86
N VAL A 438 18.54 -25.94 5.99
CA VAL A 438 17.66 -24.92 6.54
C VAL A 438 18.48 -23.72 6.98
N THR A 439 19.65 -23.97 7.60
CA THR A 439 20.54 -22.93 8.07
C THR A 439 21.04 -22.08 6.90
N VAL A 440 21.53 -22.69 5.79
CA VAL A 440 22.01 -21.87 4.67
C VAL A 440 20.83 -21.26 3.89
N SER A 441 19.59 -21.81 3.98
CA SER A 441 18.44 -21.17 3.35
C SER A 441 18.14 -19.85 4.08
N TYR A 442 18.40 -19.78 5.41
CA TYR A 442 18.28 -18.58 6.21
C TYR A 442 19.31 -17.56 5.70
N PHE A 443 20.55 -18.01 5.43
CA PHE A 443 21.62 -17.17 4.91
C PHE A 443 21.30 -16.67 3.49
N GLU A 444 20.59 -17.47 2.67
CA GLU A 444 20.20 -17.04 1.33
C GLU A 444 19.17 -15.94 1.44
N TRP A 445 18.18 -16.13 2.34
CA TRP A 445 17.14 -15.15 2.61
C TRP A 445 17.77 -13.83 3.06
N LEU A 446 18.79 -13.92 3.93
CA LEU A 446 19.49 -12.73 4.38
C LEU A 446 20.27 -12.11 3.24
N LYS A 447 20.93 -12.90 2.40
CA LYS A 447 21.70 -12.41 1.26
C LYS A 447 20.83 -11.54 0.34
N ASN A 448 19.58 -11.96 0.11
CA ASN A 448 18.66 -11.20 -0.75
C ASN A 448 18.17 -9.94 -0.05
N LEU A 449 18.08 -9.96 1.29
CA LEU A 449 17.70 -8.77 2.02
C LEU A 449 18.86 -7.76 1.98
N ASN A 450 20.11 -8.26 2.13
CA ASN A 450 21.35 -7.50 2.08
C ASN A 450 21.62 -6.91 0.72
N HIS A 451 21.20 -7.62 -0.35
CA HIS A 451 21.40 -7.25 -1.75
C HIS A 451 22.89 -7.19 -2.11
N VAL A 452 23.69 -8.06 -1.47
CA VAL A 452 25.13 -8.15 -1.67
C VAL A 452 25.61 -9.53 -1.25
N SER A 453 26.64 -10.06 -1.93
CA SER A 453 27.21 -11.35 -1.55
C SER A 453 28.06 -11.18 -0.29
N TYR A 454 28.20 -12.24 0.50
CA TYR A 454 28.96 -12.17 1.74
C TYR A 454 30.45 -11.95 1.47
N GLY A 455 31.04 -11.01 2.19
CA GLY A 455 32.46 -10.73 2.06
C GLY A 455 32.86 -9.77 0.95
N ARG A 456 31.95 -9.48 0.01
CA ARG A 456 32.17 -8.58 -1.13
C ARG A 456 32.95 -7.29 -0.78
N LEU A 457 32.64 -6.64 0.36
CA LEU A 457 33.34 -5.40 0.72
C LEU A 457 34.43 -5.57 1.76
N THR A 458 34.64 -6.79 2.28
CA THR A 458 35.61 -6.98 3.36
C THR A 458 36.73 -8.00 3.06
N PHE A 459 36.69 -8.74 1.94
CA PHE A 459 37.74 -9.72 1.67
C PHE A 459 39.09 -9.06 1.50
N LYS A 460 39.15 -7.99 0.70
CA LYS A 460 40.38 -7.26 0.45
C LYS A 460 40.83 -6.53 1.72
N TYR A 461 39.88 -5.96 2.48
CA TYR A 461 40.18 -5.26 3.72
C TYR A 461 40.81 -6.21 4.72
N GLU A 462 40.24 -7.42 4.86
CA GLU A 462 40.74 -8.43 5.77
C GLU A 462 42.14 -8.87 5.36
N ARG A 463 42.35 -9.08 4.05
CA ARG A 463 43.61 -9.49 3.46
C ARG A 463 44.71 -8.47 3.78
N ASP A 464 44.39 -7.18 3.71
CA ASP A 464 45.37 -6.12 4.00
C ASP A 464 45.72 -6.08 5.48
N SER A 465 44.72 -6.32 6.34
CA SER A 465 44.97 -6.36 7.79
C SER A 465 45.85 -7.56 8.14
N ASN A 466 45.66 -8.70 7.47
CA ASN A 466 46.48 -9.89 7.70
C ASN A 466 47.93 -9.64 7.31
N TYR A 467 48.18 -8.92 6.18
CA TYR A 467 49.55 -8.59 5.77
C TYR A 467 50.18 -7.70 6.83
N HIS A 468 49.43 -6.72 7.31
CA HIS A 468 49.91 -5.77 8.30
C HIS A 468 50.22 -6.46 9.62
N LEU A 469 49.43 -7.47 10.00
CA LEU A 469 49.67 -8.23 11.23
C LEU A 469 50.98 -8.97 11.14
N LEU A 470 51.19 -9.75 10.06
CA LEU A 470 52.43 -10.50 9.90
C LEU A 470 53.61 -9.56 9.76
N MET A 471 53.44 -8.41 9.10
CA MET A 471 54.52 -7.42 8.95
C MET A 471 54.87 -6.78 10.31
N SER A 472 53.90 -6.68 11.23
CA SER A 472 54.13 -6.15 12.56
C SER A 472 54.93 -7.13 13.41
N VAL A 473 54.68 -8.43 13.25
CA VAL A 473 55.42 -9.46 13.97
C VAL A 473 56.87 -9.46 13.47
N GLN A 474 57.04 -9.43 12.14
CA GLN A 474 58.34 -9.41 11.47
C GLN A 474 59.18 -8.19 11.88
N GLU A 475 58.55 -7.00 11.90
CA GLU A 475 59.26 -5.78 12.26
C GLU A 475 59.54 -5.69 13.76
N SER A 476 58.67 -6.27 14.59
CA SER A 476 58.90 -6.25 16.04
C SER A 476 60.03 -7.20 16.40
N LEU A 477 60.05 -8.39 15.78
CA LEU A 477 61.12 -9.36 16.00
C LEU A 477 62.43 -8.88 15.43
N GLU A 478 62.39 -8.17 14.29
CA GLU A 478 63.61 -7.62 13.69
C GLU A 478 64.24 -6.53 14.56
N ARG A 479 63.45 -5.85 15.39
CA ARG A 479 63.97 -4.83 16.29
C ARG A 479 64.57 -5.48 17.55
N LYS A 480 63.95 -6.57 18.03
CA LYS A 480 64.39 -7.26 19.22
C LYS A 480 65.70 -8.00 18.98
N PHE A 481 65.82 -8.68 17.83
CA PHE A 481 67.02 -9.45 17.55
C PHE A 481 67.96 -8.81 16.53
N GLY A 482 67.47 -7.85 15.75
CA GLY A 482 68.26 -7.23 14.69
C GLY A 482 68.39 -8.12 13.47
N LYS A 483 69.23 -7.72 12.53
CA LYS A 483 69.50 -8.50 11.34
C LYS A 483 70.84 -9.21 11.56
N HIS A 484 70.96 -9.93 12.70
CA HIS A 484 72.18 -10.66 13.05
C HIS A 484 72.40 -11.85 12.10
N GLY A 485 71.33 -12.61 11.90
CA GLY A 485 71.28 -13.72 10.95
C GLY A 485 70.35 -13.42 9.78
N GLY A 486 70.19 -12.13 9.49
CA GLY A 486 69.35 -11.63 8.42
C GLY A 486 67.96 -11.26 8.86
N THR A 487 67.12 -10.92 7.88
CA THR A 487 65.72 -10.59 8.02
C THR A 487 64.95 -11.85 8.45
N ILE A 488 63.84 -11.69 9.19
CA ILE A 488 63.03 -12.82 9.66
C ILE A 488 61.68 -12.76 8.94
N PRO A 489 61.58 -13.31 7.72
CA PRO A 489 60.34 -13.16 6.95
C PRO A 489 59.17 -13.95 7.51
N ILE A 490 58.11 -13.25 7.94
CA ILE A 490 56.88 -13.86 8.40
C ILE A 490 55.88 -13.81 7.25
N VAL A 491 55.71 -14.94 6.56
CA VAL A 491 54.83 -15.05 5.39
C VAL A 491 53.69 -16.06 5.67
N PRO A 492 52.58 -16.00 4.91
CA PRO A 492 51.49 -16.97 5.18
C PRO A 492 51.86 -18.39 4.77
N THR A 493 51.29 -19.40 5.45
CA THR A 493 51.48 -20.79 5.10
C THR A 493 50.84 -21.06 3.73
N ALA A 494 51.14 -22.22 3.09
CA ALA A 494 50.53 -22.57 1.81
C ALA A 494 49.00 -22.63 1.92
N GLU A 495 48.50 -23.16 3.05
CA GLU A 495 47.08 -23.32 3.35
C GLU A 495 46.41 -21.96 3.54
N PHE A 496 47.09 -21.03 4.23
CA PHE A 496 46.56 -19.68 4.43
C PHE A 496 46.59 -18.90 3.11
N GLN A 497 47.60 -19.12 2.28
CA GLN A 497 47.70 -18.46 0.98
C GLN A 497 46.54 -18.87 0.08
N ASP A 498 46.14 -20.16 0.13
CA ASP A 498 45.01 -20.69 -0.63
C ASP A 498 43.69 -20.09 -0.18
N ARG A 499 43.56 -19.87 1.14
CA ARG A 499 42.38 -19.28 1.77
C ARG A 499 42.24 -17.82 1.33
N ILE A 500 43.35 -17.09 1.25
CA ILE A 500 43.36 -15.68 0.84
C ILE A 500 42.98 -15.55 -0.63
N SER A 501 43.58 -16.39 -1.48
CA SER A 501 43.35 -16.37 -2.92
C SER A 501 41.95 -16.85 -3.29
N GLY A 502 41.46 -17.87 -2.60
CA GLY A 502 40.14 -18.43 -2.88
C GLY A 502 39.04 -17.87 -2.01
N ALA A 503 39.26 -16.70 -1.39
CA ALA A 503 38.25 -16.08 -0.54
C ALA A 503 37.01 -15.72 -1.34
N SER A 504 35.91 -16.39 -1.03
CA SER A 504 34.63 -16.15 -1.67
C SER A 504 33.48 -16.34 -0.66
N GLU A 505 32.23 -16.00 -1.06
CA GLU A 505 31.04 -16.11 -0.21
C GLU A 505 30.91 -17.49 0.46
N LYS A 506 31.19 -18.58 -0.28
CA LYS A 506 31.07 -19.94 0.24
C LYS A 506 31.80 -20.15 1.58
N ASP A 507 32.96 -19.47 1.80
CA ASP A 507 33.74 -19.59 3.04
C ASP A 507 32.97 -19.04 4.24
N ILE A 508 32.23 -17.96 4.04
CA ILE A 508 31.45 -17.34 5.09
C ILE A 508 30.20 -18.16 5.38
N VAL A 509 29.56 -18.72 4.34
CA VAL A 509 28.39 -19.56 4.52
C VAL A 509 28.79 -20.84 5.27
N HIS A 510 29.94 -21.45 4.90
CA HIS A 510 30.46 -22.65 5.58
C HIS A 510 30.73 -22.38 7.07
N SER A 511 31.28 -21.18 7.38
CA SER A 511 31.58 -20.72 8.73
C SER A 511 30.30 -20.50 9.52
N GLY A 512 29.30 -19.89 8.89
CA GLY A 512 28.02 -19.62 9.50
C GLY A 512 27.30 -20.91 9.86
N LEU A 513 27.43 -21.93 9.02
CA LEU A 513 26.81 -23.22 9.26
C LEU A 513 27.54 -23.93 10.41
N ALA A 514 28.88 -23.89 10.38
CA ALA A 514 29.70 -24.53 11.40
C ALA A 514 29.43 -23.91 12.78
N TYR A 515 29.26 -22.59 12.84
CA TYR A 515 28.99 -21.90 14.11
C TYR A 515 27.63 -22.29 14.65
N THR A 516 26.64 -22.41 13.76
CA THR A 516 25.27 -22.77 14.11
C THR A 516 25.22 -24.20 14.63
N MET A 517 25.87 -25.14 13.93
CA MET A 517 25.88 -26.54 14.36
C MET A 517 26.63 -26.71 15.67
N GLU A 518 27.71 -25.95 15.88
CA GLU A 518 28.48 -26.02 17.12
C GLU A 518 27.64 -25.50 18.29
N ARG A 519 27.04 -24.31 18.12
CA ARG A 519 26.24 -23.68 19.14
C ARG A 519 25.02 -24.54 19.52
N SER A 520 24.34 -25.11 18.53
CA SER A 520 23.14 -25.93 18.73
C SER A 520 23.46 -27.29 19.35
N ALA A 521 24.65 -27.86 19.07
CA ALA A 521 25.02 -29.13 19.68
C ALA A 521 25.20 -28.95 21.18
N ARG A 522 25.83 -27.84 21.60
CA ARG A 522 26.04 -27.54 23.00
C ARG A 522 24.72 -27.25 23.71
N GLN A 523 23.77 -26.61 23.01
CA GLN A 523 22.44 -26.34 23.58
C GLN A 523 21.72 -27.65 23.83
N ILE A 524 21.78 -28.60 22.87
CA ILE A 524 21.13 -29.90 23.02
C ILE A 524 21.80 -30.70 24.13
N MET A 525 23.14 -30.63 24.22
CA MET A 525 23.90 -31.32 25.25
C MET A 525 23.53 -30.79 26.63
N ARG A 526 23.36 -29.46 26.75
CA ARG A 526 23.02 -28.85 28.03
C ARG A 526 21.59 -29.18 28.42
N THR A 527 20.67 -29.24 27.45
CA THR A 527 19.28 -29.61 27.69
C THR A 527 19.22 -31.07 28.16
N ALA A 528 20.02 -31.95 27.53
CA ALA A 528 20.06 -33.37 27.87
C ALA A 528 20.56 -33.56 29.30
N MET A 529 21.52 -32.76 29.75
CA MET A 529 22.03 -32.87 31.12
C MET A 529 21.02 -32.29 32.11
N LYS A 530 20.39 -31.16 31.75
CA LYS A 530 19.39 -30.48 32.57
C LYS A 530 18.20 -31.41 32.87
N TYR A 531 17.70 -32.14 31.85
CA TYR A 531 16.56 -33.03 32.04
C TYR A 531 16.95 -34.51 32.21
N ASN A 532 18.25 -34.81 32.40
CA ASN A 532 18.79 -36.16 32.59
C ASN A 532 18.28 -37.15 31.53
N LEU A 533 18.49 -36.82 30.25
CA LEU A 533 18.05 -37.65 29.14
C LEU A 533 19.14 -38.62 28.63
N GLY A 534 20.40 -38.33 28.94
CA GLY A 534 21.52 -39.18 28.54
C GLY A 534 21.74 -39.22 27.05
N LEU A 535 21.54 -40.40 26.44
CA LEU A 535 21.72 -40.58 25.00
C LEU A 535 20.43 -40.30 24.20
N ASP A 536 19.35 -39.86 24.86
CA ASP A 536 18.11 -39.54 24.17
C ASP A 536 18.20 -38.12 23.63
N LEU A 537 19.03 -37.93 22.59
CA LEU A 537 19.26 -36.62 21.98
C LEU A 537 18.05 -36.09 21.24
N ARG A 538 17.16 -36.98 20.74
CA ARG A 538 15.97 -36.52 20.04
C ARG A 538 15.04 -35.81 20.99
N THR A 539 14.81 -36.39 22.17
CA THR A 539 13.97 -35.75 23.19
C THR A 539 14.60 -34.43 23.64
N ALA A 540 15.94 -34.40 23.79
CA ALA A 540 16.64 -33.18 24.16
C ALA A 540 16.42 -32.08 23.12
N ALA A 541 16.44 -32.44 21.83
CA ALA A 541 16.24 -31.50 20.73
C ALA A 541 14.81 -30.96 20.72
N TYR A 542 13.81 -31.83 20.93
CA TYR A 542 12.41 -31.38 20.95
C TYR A 542 12.14 -30.52 22.17
N VAL A 543 12.72 -30.86 23.33
CA VAL A 543 12.56 -30.06 24.55
C VAL A 543 13.21 -28.69 24.33
N ASN A 544 14.38 -28.65 23.69
CA ASN A 544 15.11 -27.43 23.36
C ASN A 544 14.24 -26.52 22.48
N ALA A 545 13.59 -27.10 21.44
CA ALA A 545 12.75 -26.37 20.50
C ALA A 545 11.46 -25.88 21.16
N ILE A 546 10.77 -26.74 21.93
CA ILE A 546 9.52 -26.37 22.59
C ILE A 546 9.80 -25.25 23.61
N GLU A 547 10.93 -25.31 24.32
CA GLU A 547 11.35 -24.29 25.28
C GLU A 547 11.50 -22.92 24.62
N LYS A 548 12.05 -22.90 23.40
CA LYS A 548 12.27 -21.67 22.64
C LYS A 548 10.98 -21.10 22.07
N VAL A 549 10.15 -21.95 21.44
CA VAL A 549 8.88 -21.52 20.86
C VAL A 549 7.95 -21.02 21.98
N PHE A 550 7.96 -21.69 23.15
CA PHE A 550 7.14 -21.29 24.29
C PHE A 550 7.53 -19.91 24.77
N ARG A 551 8.84 -19.64 24.86
CA ARG A 551 9.38 -18.37 25.35
C ARG A 551 8.92 -17.20 24.50
N VAL A 552 8.83 -17.40 23.16
CA VAL A 552 8.40 -16.36 22.24
C VAL A 552 6.94 -16.03 22.51
N TYR A 553 6.10 -17.06 22.65
CA TYR A 553 4.67 -16.90 22.94
C TYR A 553 4.43 -16.26 24.30
N ASN A 554 5.14 -16.71 25.33
CA ASN A 554 4.96 -16.21 26.69
C ASN A 554 5.33 -14.73 26.80
N GLU A 555 6.41 -14.31 26.16
CA GLU A 555 6.87 -12.92 26.27
C GLU A 555 6.14 -12.00 25.30
N ALA A 556 5.60 -12.51 24.18
CA ALA A 556 4.86 -11.66 23.24
C ALA A 556 3.41 -11.51 23.66
N GLY A 557 2.81 -12.59 24.13
CA GLY A 557 1.40 -12.63 24.48
C GLY A 557 0.55 -13.02 23.29
N VAL A 558 -0.76 -13.18 23.51
CA VAL A 558 -1.68 -13.55 22.43
C VAL A 558 -2.63 -12.38 22.19
N THR A 559 -2.72 -11.92 20.93
CA THR A 559 -3.58 -10.79 20.56
C THR A 559 -5.05 -11.23 20.63
N PHE A 560 -5.91 -10.43 21.31
CA PHE A 560 -7.34 -10.67 21.55
C PHE A 560 -7.60 -11.91 22.45
N GLU B 64 15.28 25.65 46.51
CA GLU B 64 14.86 27.01 46.21
C GLU B 64 15.27 27.40 44.77
N ASP B 65 16.58 27.30 44.45
CA ASP B 65 17.08 27.65 43.12
C ASP B 65 16.97 26.45 42.16
N ASP B 66 15.74 26.01 41.87
CA ASP B 66 15.53 24.86 40.99
C ASP B 66 14.71 25.25 39.76
N PRO B 67 15.38 25.65 38.67
CA PRO B 67 14.64 25.99 37.44
C PRO B 67 14.04 24.77 36.75
N ASN B 68 13.00 24.98 35.95
CA ASN B 68 12.34 23.91 35.22
C ASN B 68 13.30 23.31 34.20
N PHE B 69 13.56 21.98 34.28
CA PHE B 69 14.48 21.31 33.35
C PHE B 69 14.13 21.57 31.87
N PHE B 70 12.87 21.81 31.59
CA PHE B 70 12.39 22.04 30.23
C PHE B 70 12.93 23.40 29.70
N LYS B 71 12.98 24.40 30.59
CA LYS B 71 13.53 25.72 30.29
C LYS B 71 15.06 25.62 30.11
N MET B 72 15.72 24.70 30.83
CA MET B 72 17.16 24.46 30.75
C MET B 72 17.54 24.07 29.32
N VAL B 73 16.89 23.01 28.76
CA VAL B 73 17.16 22.51 27.42
C VAL B 73 16.97 23.62 26.39
N GLU B 74 15.96 24.46 26.58
CA GLU B 74 15.70 25.57 25.67
C GLU B 74 16.87 26.57 25.69
N GLY B 75 17.36 26.88 26.90
CA GLY B 75 18.48 27.78 27.10
C GLY B 75 19.79 27.24 26.55
N PHE B 76 19.98 25.92 26.63
CA PHE B 76 21.18 25.27 26.09
C PHE B 76 21.20 25.42 24.58
N PHE B 77 20.04 25.23 23.93
CA PHE B 77 19.93 25.37 22.48
C PHE B 77 20.21 26.81 22.08
N ASP B 78 19.58 27.79 22.75
CA ASP B 78 19.75 29.21 22.43
C ASP B 78 21.21 29.65 22.53
N ARG B 79 21.92 29.12 23.53
CA ARG B 79 23.33 29.43 23.73
C ARG B 79 24.17 28.87 22.59
N GLY B 80 23.96 27.60 22.26
CA GLY B 80 24.68 26.94 21.18
C GLY B 80 24.41 27.51 19.80
N ALA B 81 23.17 27.92 19.55
CA ALA B 81 22.75 28.48 18.26
C ALA B 81 23.39 29.83 17.99
N SER B 82 23.56 30.67 19.03
CA SER B 82 24.19 31.97 18.83
C SER B 82 25.71 31.85 18.63
N ILE B 83 26.33 30.80 19.19
CA ILE B 83 27.76 30.56 19.07
C ILE B 83 28.09 30.04 17.65
N VAL B 84 27.30 29.08 17.18
CA VAL B 84 27.51 28.43 15.90
C VAL B 84 27.06 29.33 14.71
N GLU B 85 26.14 30.29 14.95
CA GLU B 85 25.56 31.15 13.92
C GLU B 85 26.56 31.80 12.94
N ASP B 86 27.55 32.58 13.42
CA ASP B 86 28.46 33.28 12.52
C ASP B 86 29.33 32.32 11.73
N LYS B 87 29.74 31.20 12.34
CA LYS B 87 30.58 30.24 11.62
C LYS B 87 29.77 29.55 10.49
N LEU B 88 28.45 29.38 10.67
CA LEU B 88 27.57 28.76 9.67
C LEU B 88 27.32 29.66 8.46
N VAL B 89 27.35 30.98 8.65
CA VAL B 89 27.10 31.91 7.55
C VAL B 89 28.35 32.04 6.66
N GLU B 90 29.55 32.17 7.26
CA GLU B 90 30.76 32.28 6.44
C GLU B 90 31.09 30.95 5.73
N ASP B 91 30.74 29.80 6.34
CA ASP B 91 30.97 28.51 5.70
C ASP B 91 29.98 28.26 4.52
N LEU B 92 28.92 29.08 4.38
CA LEU B 92 27.93 28.96 3.30
C LEU B 92 28.46 29.47 1.98
N LYS B 93 28.64 28.58 1.01
CA LYS B 93 29.09 28.96 -0.32
C LYS B 93 27.93 28.74 -1.28
N THR B 94 27.15 29.80 -1.51
CA THR B 94 25.97 29.74 -2.35
C THR B 94 25.79 31.05 -3.15
N ARG B 95 24.92 31.06 -4.18
CA ARG B 95 24.69 32.27 -4.97
C ARG B 95 23.68 33.20 -4.26
N GLU B 96 23.88 33.44 -2.97
CA GLU B 96 23.00 34.30 -2.19
C GLU B 96 23.75 35.49 -1.63
N THR B 97 23.04 36.59 -1.38
CA THR B 97 23.65 37.75 -0.74
C THR B 97 23.91 37.39 0.73
N GLU B 98 24.78 38.15 1.39
CA GLU B 98 25.11 37.87 2.78
C GLU B 98 23.88 37.99 3.70
N GLU B 99 22.94 38.89 3.39
CA GLU B 99 21.71 39.02 4.17
C GLU B 99 20.81 37.80 3.93
N GLN B 100 20.81 37.24 2.71
CA GLN B 100 20.03 36.04 2.43
C GLN B 100 20.61 34.85 3.19
N LYS B 101 21.95 34.76 3.24
CA LYS B 101 22.67 33.70 3.96
C LYS B 101 22.31 33.75 5.47
N ARG B 102 22.21 34.95 6.06
CA ARG B 102 21.83 35.07 7.46
C ARG B 102 20.41 34.60 7.67
N ASN B 103 19.49 34.99 6.76
CA ASN B 103 18.09 34.58 6.82
C ASN B 103 17.95 33.08 6.74
N ARG B 104 18.77 32.43 5.91
CA ARG B 104 18.81 30.98 5.73
C ARG B 104 19.28 30.31 7.02
N VAL B 105 20.35 30.81 7.66
CA VAL B 105 20.85 30.21 8.90
C VAL B 105 19.85 30.42 10.05
N ARG B 106 19.47 31.68 10.34
CA ARG B 106 18.53 32.03 11.42
C ARG B 106 17.16 31.36 11.22
N GLY B 107 16.74 31.21 9.97
CA GLY B 107 15.48 30.56 9.65
C GLY B 107 15.52 29.08 9.97
N ILE B 108 16.60 28.37 9.58
CA ILE B 108 16.77 26.94 9.85
C ILE B 108 16.89 26.71 11.37
N LEU B 109 17.68 27.53 12.08
CA LEU B 109 17.81 27.38 13.53
C LEU B 109 16.47 27.60 14.24
N ARG B 110 15.58 28.44 13.68
CA ARG B 110 14.26 28.67 14.26
C ARG B 110 13.34 27.44 14.05
N ILE B 111 13.54 26.71 12.94
CA ILE B 111 12.80 25.49 12.61
C ILE B 111 13.22 24.34 13.52
N ILE B 112 14.53 24.23 13.81
CA ILE B 112 15.06 23.14 14.63
C ILE B 112 14.53 23.17 16.06
N LYS B 113 14.69 24.29 16.76
CA LYS B 113 14.31 24.48 18.16
C LYS B 113 12.92 23.89 18.58
N PRO B 114 11.76 24.24 17.97
CA PRO B 114 10.48 23.72 18.49
C PRO B 114 10.15 22.30 18.04
N CYS B 115 9.22 21.63 18.74
CA CYS B 115 8.80 20.29 18.33
C CYS B 115 7.93 20.40 17.10
N ASN B 116 8.22 19.59 16.10
CA ASN B 116 7.46 19.59 14.86
C ASN B 116 6.03 19.08 15.09
N HIS B 117 5.89 17.95 15.80
CA HIS B 117 4.57 17.37 16.05
C HIS B 117 4.38 16.94 17.48
N VAL B 118 3.18 17.15 18.01
CA VAL B 118 2.84 16.69 19.35
C VAL B 118 1.44 16.09 19.27
N LEU B 119 1.29 14.81 19.60
CA LEU B 119 -0.01 14.16 19.55
C LEU B 119 -0.55 13.92 20.96
N SER B 120 -1.77 14.40 21.23
CA SER B 120 -2.44 14.19 22.51
C SER B 120 -3.54 13.16 22.30
N LEU B 121 -3.59 12.14 23.14
CA LEU B 121 -4.54 11.05 23.01
C LEU B 121 -5.46 10.94 24.20
N SER B 122 -6.61 10.30 23.98
CA SER B 122 -7.62 10.00 24.97
C SER B 122 -8.24 8.68 24.55
N PHE B 123 -7.70 7.56 25.04
CA PHE B 123 -8.15 6.24 24.59
C PHE B 123 -8.82 5.43 25.69
N PRO B 124 -9.78 4.56 25.31
CA PRO B 124 -10.49 3.77 26.33
C PRO B 124 -9.75 2.53 26.77
N ILE B 125 -10.09 2.05 27.97
CA ILE B 125 -9.55 0.86 28.61
C ILE B 125 -10.65 0.23 29.47
N ARG B 126 -10.74 -1.11 29.49
CA ARG B 126 -11.69 -1.77 30.38
C ARG B 126 -10.92 -2.48 31.47
N ARG B 127 -11.09 -2.03 32.72
CA ARG B 127 -10.45 -2.60 33.89
C ARG B 127 -10.88 -4.06 34.09
N ASP B 128 -10.08 -4.82 34.84
CA ASP B 128 -10.37 -6.23 35.11
C ASP B 128 -11.71 -6.39 35.84
N ASP B 129 -12.14 -5.39 36.64
CA ASP B 129 -13.43 -5.48 37.32
C ASP B 129 -14.63 -5.17 36.39
N GLY B 130 -14.36 -4.72 35.16
CA GLY B 130 -15.40 -4.42 34.18
C GLY B 130 -15.63 -2.94 33.91
N SER B 131 -15.20 -2.08 34.84
CA SER B 131 -15.39 -0.64 34.69
C SER B 131 -14.53 -0.07 33.54
N TRP B 132 -14.94 1.07 33.00
CA TRP B 132 -14.21 1.70 31.90
C TRP B 132 -13.40 2.88 32.40
N GLU B 133 -12.27 3.13 31.74
CA GLU B 133 -11.41 4.24 32.11
C GLU B 133 -10.82 4.86 30.86
N VAL B 134 -10.83 6.18 30.80
CA VAL B 134 -10.26 6.91 29.67
C VAL B 134 -8.85 7.35 30.07
N ILE B 135 -7.86 6.96 29.28
CA ILE B 135 -6.46 7.24 29.59
C ILE B 135 -5.94 8.41 28.76
N GLU B 136 -5.15 9.31 29.38
CA GLU B 136 -4.49 10.40 28.65
C GLU B 136 -3.11 9.99 28.23
N GLY B 137 -2.69 10.41 27.06
CA GLY B 137 -1.37 10.09 26.55
C GLY B 137 -0.84 11.17 25.63
N TYR B 138 0.47 11.25 25.49
CA TYR B 138 1.10 12.23 24.60
C TYR B 138 2.31 11.65 23.90
N ARG B 139 2.68 12.17 22.74
CA ARG B 139 3.94 11.82 22.10
C ARG B 139 4.40 12.97 21.25
N ALA B 140 5.59 13.47 21.53
CA ALA B 140 6.15 14.56 20.76
C ALA B 140 7.26 14.05 19.87
N GLN B 141 7.32 14.55 18.64
CA GLN B 141 8.35 14.28 17.65
C GLN B 141 9.02 15.60 17.42
N HIS B 142 10.18 15.80 18.02
CA HIS B 142 10.88 17.07 17.92
C HIS B 142 11.34 17.36 16.50
N SER B 143 12.02 16.41 15.86
CA SER B 143 12.57 16.64 14.54
C SER B 143 12.48 15.42 13.64
N GLN B 144 12.28 15.65 12.34
CA GLN B 144 12.30 14.56 11.37
C GLN B 144 13.43 14.75 10.34
N HIS B 145 14.48 15.53 10.67
CA HIS B 145 15.64 15.66 9.77
C HIS B 145 16.31 14.25 9.55
N ARG B 146 16.14 13.36 10.53
CA ARG B 146 16.53 11.97 10.50
C ARG B 146 15.30 11.16 10.86
N THR B 147 14.90 10.22 9.99
CA THR B 147 13.77 9.35 10.31
C THR B 147 14.32 7.90 10.41
N PRO B 148 13.81 7.09 11.36
CA PRO B 148 12.67 7.37 12.26
C PRO B 148 13.02 8.25 13.45
N CYS B 149 11.99 8.70 14.17
CA CYS B 149 12.19 9.39 15.43
C CYS B 149 12.47 8.31 16.47
N LYS B 150 13.11 8.66 17.56
CA LYS B 150 13.45 7.72 18.61
C LYS B 150 13.19 8.34 19.95
N GLY B 151 12.67 7.56 20.88
CA GLY B 151 12.40 8.08 22.22
C GLY B 151 11.54 7.19 23.07
N GLY B 152 11.82 7.20 24.36
CA GLY B 152 11.10 6.38 25.32
C GLY B 152 9.65 6.73 25.59
N ILE B 153 8.99 5.83 26.34
CA ILE B 153 7.61 5.98 26.78
C ILE B 153 7.59 5.95 28.30
N ARG B 154 7.05 7.00 28.91
CA ARG B 154 6.99 7.08 30.36
C ARG B 154 5.58 6.83 30.86
N TYR B 155 5.40 5.95 31.83
CA TYR B 155 4.10 5.70 32.45
C TYR B 155 4.10 6.36 33.80
N SER B 156 3.64 7.60 33.89
CA SER B 156 3.63 8.33 35.15
C SER B 156 2.49 9.32 35.22
N THR B 157 1.92 9.55 36.41
CA THR B 157 0.87 10.55 36.55
C THR B 157 1.45 11.99 36.44
N ASP B 158 2.78 12.15 36.47
CA ASP B 158 3.47 13.43 36.39
C ASP B 158 3.89 13.80 34.95
N VAL B 159 3.50 13.01 33.93
CA VAL B 159 3.84 13.34 32.56
C VAL B 159 3.00 14.53 32.10
N SER B 160 3.59 15.35 31.23
CA SER B 160 2.92 16.53 30.70
C SER B 160 3.37 16.78 29.25
N VAL B 161 2.69 17.68 28.54
CA VAL B 161 3.06 18.00 27.16
C VAL B 161 4.45 18.65 27.15
N ASP B 162 4.71 19.57 28.10
CA ASP B 162 5.99 20.25 28.19
C ASP B 162 7.13 19.29 28.49
N GLU B 163 6.88 18.30 29.36
CA GLU B 163 7.90 17.31 29.72
C GLU B 163 8.24 16.43 28.52
N VAL B 164 7.21 16.01 27.80
CA VAL B 164 7.34 15.17 26.63
C VAL B 164 8.04 15.97 25.49
N LYS B 165 7.80 17.28 25.39
CA LYS B 165 8.43 18.13 24.38
C LYS B 165 9.91 18.38 24.69
N ALA B 166 10.24 18.62 25.96
CA ALA B 166 11.61 18.89 26.36
C ALA B 166 12.50 17.67 26.21
N LEU B 167 11.99 16.50 26.60
CA LEU B 167 12.76 15.27 26.48
C LEU B 167 12.89 14.84 25.01
N ALA B 168 11.91 15.19 24.16
CA ALA B 168 11.98 14.89 22.74
C ALA B 168 13.06 15.76 22.11
N SER B 169 13.13 17.06 22.47
CA SER B 169 14.13 17.96 21.89
C SER B 169 15.53 17.59 22.39
N LEU B 170 15.68 17.23 23.68
CA LEU B 170 16.95 16.78 24.25
C LEU B 170 17.45 15.55 23.49
N MET B 171 16.54 14.61 23.21
CA MET B 171 16.83 13.37 22.49
C MET B 171 17.34 13.65 21.07
N THR B 172 16.87 14.74 20.43
CA THR B 172 17.34 15.09 19.09
C THR B 172 18.83 15.42 19.14
N TYR B 173 19.23 16.24 20.11
CA TYR B 173 20.61 16.68 20.21
C TYR B 173 21.47 15.52 20.73
N LYS B 174 20.93 14.69 21.64
CA LYS B 174 21.66 13.53 22.17
C LYS B 174 22.05 12.58 21.04
N CYS B 175 21.12 12.29 20.13
CA CYS B 175 21.35 11.42 18.97
C CYS B 175 22.37 12.02 18.03
N ALA B 176 22.35 13.35 17.86
CA ALA B 176 23.26 14.04 16.96
C ALA B 176 24.70 13.98 17.42
N VAL B 177 24.97 14.10 18.74
CA VAL B 177 26.35 14.03 19.21
C VAL B 177 26.93 12.62 19.05
N VAL B 178 26.10 11.56 19.17
CA VAL B 178 26.63 10.21 19.03
C VAL B 178 26.39 9.64 17.62
N ASP B 179 26.11 10.51 16.62
CA ASP B 179 25.91 10.13 15.23
C ASP B 179 24.90 8.99 15.05
N VAL B 180 23.85 9.00 15.85
CA VAL B 180 22.76 8.04 15.76
C VAL B 180 21.71 8.70 14.87
N PRO B 181 21.40 8.11 13.71
CA PRO B 181 20.53 8.80 12.74
C PRO B 181 19.03 8.78 13.02
N PHE B 182 18.63 9.33 14.15
CA PHE B 182 17.22 9.45 14.51
C PHE B 182 16.90 10.85 14.99
N GLY B 183 15.68 11.28 14.72
CA GLY B 183 15.18 12.53 15.29
C GLY B 183 14.72 12.25 16.71
N GLY B 184 14.56 13.28 17.51
CA GLY B 184 14.11 13.11 18.90
C GLY B 184 12.62 12.92 19.04
N ALA B 185 12.21 12.11 20.01
CA ALA B 185 10.81 11.83 20.32
C ALA B 185 10.63 11.39 21.77
N LYS B 186 9.42 11.56 22.33
CA LYS B 186 9.13 11.14 23.72
C LYS B 186 7.63 10.98 23.95
N ALA B 187 7.24 9.87 24.58
CA ALA B 187 5.83 9.61 24.90
C ALA B 187 5.59 9.56 26.40
N GLY B 188 4.37 9.85 26.80
CA GLY B 188 3.98 9.81 28.20
C GLY B 188 2.51 9.42 28.38
N VAL B 189 2.25 8.35 29.13
CA VAL B 189 0.88 7.91 29.41
C VAL B 189 0.60 8.30 30.84
N LYS B 190 -0.40 9.14 31.08
CA LYS B 190 -0.70 9.69 32.40
C LYS B 190 -1.41 8.69 33.33
N ILE B 191 -0.70 7.62 33.74
CA ILE B 191 -1.18 6.58 34.66
C ILE B 191 -0.08 6.17 35.63
N ASN B 192 -0.44 5.65 36.81
CA ASN B 192 0.53 5.13 37.76
C ASN B 192 0.52 3.61 37.65
N PRO B 193 1.55 2.99 37.04
CA PRO B 193 1.53 1.53 36.83
C PRO B 193 1.31 0.70 38.09
N LYS B 194 1.61 1.27 39.27
CA LYS B 194 1.41 0.57 40.53
C LYS B 194 -0.09 0.28 40.78
N ASN B 195 -0.99 1.07 40.18
CA ASN B 195 -2.45 0.93 40.32
C ASN B 195 -3.09 -0.05 39.34
N TYR B 196 -2.30 -0.71 38.47
CA TYR B 196 -2.88 -1.59 37.47
C TYR B 196 -2.32 -3.00 37.51
N THR B 197 -3.16 -3.97 37.15
CA THR B 197 -2.74 -5.36 37.05
C THR B 197 -1.90 -5.55 35.77
N ASP B 198 -1.17 -6.68 35.68
CA ASP B 198 -0.37 -6.97 34.47
C ASP B 198 -1.26 -7.07 33.22
N ASN B 199 -2.51 -7.51 33.40
CA ASN B 199 -3.49 -7.64 32.33
C ASN B 199 -3.94 -6.26 31.87
N GLU B 200 -4.21 -5.35 32.83
CA GLU B 200 -4.63 -3.98 32.55
C GLU B 200 -3.50 -3.21 31.87
N LEU B 201 -2.25 -3.41 32.32
CA LEU B 201 -1.10 -2.74 31.72
C LEU B 201 -0.86 -3.21 30.28
N GLU B 202 -1.20 -4.47 29.96
CA GLU B 202 -1.06 -4.98 28.61
C GLU B 202 -2.10 -4.31 27.71
N LYS B 203 -3.35 -4.17 28.20
CA LYS B 203 -4.43 -3.49 27.46
C LYS B 203 -4.06 -2.03 27.16
N ILE B 204 -3.52 -1.31 28.18
CA ILE B 204 -3.11 0.09 28.03
C ILE B 204 -2.01 0.20 26.97
N THR B 205 -1.01 -0.70 27.05
CA THR B 205 0.15 -0.72 26.14
C THR B 205 -0.26 -1.01 24.70
N ARG B 206 -1.11 -2.03 24.49
CA ARG B 206 -1.56 -2.41 23.16
C ARG B 206 -2.43 -1.32 22.55
N ARG B 207 -3.36 -0.76 23.34
CA ARG B 207 -4.25 0.27 22.83
C ARG B 207 -3.49 1.55 22.52
N PHE B 208 -2.52 1.93 23.35
CA PHE B 208 -1.71 3.12 23.12
C PHE B 208 -0.92 2.99 21.81
N THR B 209 -0.40 1.78 21.56
CA THR B 209 0.35 1.43 20.35
C THR B 209 -0.50 1.63 19.09
N MET B 210 -1.77 1.17 19.13
CA MET B 210 -2.70 1.30 18.02
C MET B 210 -3.00 2.74 17.72
N GLU B 211 -3.22 3.55 18.77
CA GLU B 211 -3.52 4.96 18.59
C GLU B 211 -2.32 5.70 18.00
N LEU B 212 -1.10 5.33 18.40
CA LEU B 212 0.09 5.95 17.84
C LEU B 212 0.30 5.53 16.38
N ALA B 213 0.14 4.22 16.08
CA ALA B 213 0.33 3.68 14.75
C ALA B 213 -0.57 4.33 13.71
N LYS B 214 -1.85 4.54 14.02
CA LYS B 214 -2.80 5.14 13.08
C LYS B 214 -2.49 6.60 12.76
N LYS B 215 -1.81 7.31 13.66
CA LYS B 215 -1.49 8.72 13.44
C LYS B 215 0.00 8.97 13.10
N GLY B 216 0.73 7.93 12.72
CA GLY B 216 2.13 8.07 12.35
C GLY B 216 3.08 8.42 13.48
N PHE B 217 2.84 7.86 14.67
CA PHE B 217 3.72 8.10 15.82
C PHE B 217 4.37 6.80 16.31
N ILE B 218 4.43 5.78 15.44
CA ILE B 218 5.06 4.48 15.66
C ILE B 218 5.28 3.86 14.28
N GLY B 219 6.34 3.06 14.16
CA GLY B 219 6.69 2.39 12.93
C GLY B 219 8.18 2.31 12.75
N PRO B 220 8.65 1.28 12.04
CA PRO B 220 10.10 1.07 11.88
C PRO B 220 10.81 2.23 11.20
N GLY B 221 10.15 2.88 10.23
CA GLY B 221 10.76 4.01 9.54
C GLY B 221 10.15 5.36 9.87
N VAL B 222 9.25 5.40 10.88
CA VAL B 222 8.55 6.61 11.28
C VAL B 222 8.91 7.04 12.72
N ASP B 223 8.73 6.16 13.70
CA ASP B 223 9.00 6.50 15.11
C ASP B 223 9.19 5.20 15.88
N VAL B 224 10.34 5.06 16.53
CA VAL B 224 10.70 3.84 17.24
C VAL B 224 10.79 4.13 18.74
N PRO B 225 9.75 3.80 19.51
CA PRO B 225 9.79 4.05 20.95
C PRO B 225 10.75 3.12 21.71
N ALA B 226 10.94 3.38 23.00
CA ALA B 226 11.84 2.61 23.84
C ALA B 226 11.36 2.63 25.29
N PRO B 227 11.87 1.75 26.18
CA PRO B 227 11.44 1.79 27.57
C PRO B 227 12.10 2.94 28.33
N ASP B 228 11.49 3.30 29.43
CA ASP B 228 11.91 4.35 30.32
C ASP B 228 12.19 3.71 31.72
N MET B 229 12.35 4.52 32.79
CA MET B 229 12.51 3.97 34.14
C MET B 229 11.17 3.33 34.63
N SER B 230 10.02 3.85 34.13
CA SER B 230 8.68 3.36 34.48
C SER B 230 8.15 2.27 33.53
N THR B 231 8.84 2.06 32.39
CA THR B 231 8.43 1.05 31.42
C THR B 231 9.56 0.01 31.29
N GLY B 232 9.22 -1.20 30.88
CA GLY B 232 10.20 -2.28 30.78
C GLY B 232 10.20 -3.04 29.47
N GLU B 233 10.98 -4.13 29.42
CA GLU B 233 11.06 -4.94 28.21
C GLU B 233 9.75 -5.68 27.91
N ARG B 234 8.96 -5.98 28.95
CA ARG B 234 7.68 -6.66 28.86
C ARG B 234 6.68 -5.76 28.11
N GLU B 235 6.70 -4.43 28.37
CA GLU B 235 5.82 -3.50 27.68
C GLU B 235 6.28 -3.28 26.25
N MET B 236 7.59 -3.23 26.02
CA MET B 236 8.14 -3.08 24.68
C MET B 236 7.76 -4.27 23.81
N SER B 237 7.72 -5.48 24.40
CA SER B 237 7.33 -6.68 23.71
C SER B 237 5.88 -6.61 23.20
N TRP B 238 4.96 -6.06 24.02
CA TRP B 238 3.54 -5.90 23.68
C TRP B 238 3.33 -4.85 22.59
N ILE B 239 4.18 -3.81 22.56
CA ILE B 239 4.11 -2.77 21.56
C ILE B 239 4.47 -3.38 20.22
N ALA B 240 5.62 -4.06 20.15
CA ALA B 240 6.08 -4.74 18.93
C ALA B 240 5.07 -5.78 18.48
N ASP B 241 4.51 -6.58 19.40
CA ASP B 241 3.54 -7.60 19.05
C ASP B 241 2.26 -7.00 18.48
N THR B 242 1.80 -5.88 19.04
CA THR B 242 0.56 -5.25 18.57
C THR B 242 0.77 -4.69 17.18
N TYR B 243 1.90 -4.01 16.96
CA TYR B 243 2.19 -3.45 15.64
C TYR B 243 2.34 -4.54 14.60
N ALA B 244 3.08 -5.60 14.90
CA ALA B 244 3.31 -6.70 13.98
C ALA B 244 2.06 -7.50 13.66
N SER B 245 1.07 -7.53 14.59
CA SER B 245 -0.13 -8.33 14.35
C SER B 245 -1.32 -7.51 13.84
N THR B 246 -1.25 -6.18 13.84
CA THR B 246 -2.35 -5.36 13.37
C THR B 246 -1.89 -4.43 12.20
N ILE B 247 -1.53 -3.14 12.43
CA ILE B 247 -1.19 -2.18 11.38
C ILE B 247 0.06 -2.61 10.56
N GLY B 248 1.13 -2.98 11.23
CA GLY B 248 2.36 -3.38 10.54
C GLY B 248 2.43 -4.85 10.18
N HIS B 249 1.29 -5.50 9.96
CA HIS B 249 1.28 -6.91 9.59
C HIS B 249 2.04 -7.17 8.27
N TYR B 250 1.87 -6.28 7.30
CA TYR B 250 2.50 -6.46 5.99
C TYR B 250 3.96 -5.95 5.94
N ASP B 251 4.51 -5.47 7.05
CA ASP B 251 5.89 -4.96 7.13
C ASP B 251 6.89 -6.07 7.53
N ILE B 252 7.94 -6.29 6.70
CA ILE B 252 8.99 -7.28 7.01
C ILE B 252 9.82 -6.80 8.23
N ASN B 253 9.88 -5.48 8.48
CA ASN B 253 10.62 -4.93 9.62
C ASN B 253 9.69 -4.52 10.74
N ALA B 254 8.52 -5.16 10.88
CA ALA B 254 7.52 -4.85 11.89
C ALA B 254 8.09 -4.84 13.30
N HIS B 255 8.97 -5.80 13.64
CA HIS B 255 9.54 -5.87 14.99
C HIS B 255 10.66 -4.83 15.23
N ALA B 256 10.97 -3.96 14.25
CA ALA B 256 11.92 -2.86 14.46
C ALA B 256 11.19 -1.55 14.83
N CYS B 257 9.87 -1.60 15.10
CA CYS B 257 9.08 -0.43 15.47
C CYS B 257 9.36 0.04 16.89
N VAL B 258 9.99 -0.79 17.74
CA VAL B 258 10.24 -0.46 19.13
C VAL B 258 11.53 -1.14 19.60
N THR B 259 12.31 -0.49 20.47
CA THR B 259 13.54 -1.09 21.00
C THR B 259 13.35 -1.35 22.54
N GLY B 260 14.34 -1.98 23.16
CA GLY B 260 14.26 -2.38 24.55
C GLY B 260 13.50 -3.68 24.74
N LYS B 261 13.29 -4.45 23.66
CA LYS B 261 12.57 -5.72 23.64
C LYS B 261 13.37 -6.85 24.27
N PRO B 262 12.72 -7.91 24.79
CA PRO B 262 13.50 -9.06 25.30
C PRO B 262 14.27 -9.75 24.17
N ILE B 263 15.22 -10.64 24.50
CA ILE B 263 16.02 -11.32 23.50
C ILE B 263 15.11 -12.21 22.60
N SER B 264 14.13 -12.90 23.21
CA SER B 264 13.20 -13.75 22.47
C SER B 264 12.33 -12.97 21.47
N GLN B 265 12.24 -11.66 21.62
CA GLN B 265 11.43 -10.81 20.75
C GLN B 265 12.25 -9.95 19.78
N GLY B 266 13.58 -10.12 19.76
CA GLY B 266 14.44 -9.36 18.87
C GLY B 266 15.23 -8.26 19.53
N GLY B 267 15.64 -8.48 20.78
CA GLY B 267 16.42 -7.51 21.51
C GLY B 267 17.90 -7.77 21.38
N ILE B 268 18.75 -6.73 21.51
CA ILE B 268 20.20 -6.91 21.42
C ILE B 268 20.76 -7.35 22.75
N HIS B 269 21.85 -8.11 22.68
CA HIS B 269 22.61 -8.47 23.86
C HIS B 269 23.47 -7.25 24.22
N GLY B 270 23.50 -6.92 25.49
CA GLY B 270 24.27 -5.77 25.98
C GLY B 270 23.44 -4.53 26.19
N ARG B 271 22.11 -4.66 26.23
CA ARG B 271 21.21 -3.53 26.46
C ARG B 271 21.23 -3.09 27.93
N ILE B 272 21.27 -4.07 28.85
CA ILE B 272 21.23 -3.77 30.27
C ILE B 272 22.49 -3.00 30.73
N SER B 273 23.66 -3.37 30.21
CA SER B 273 24.91 -2.70 30.58
C SER B 273 25.22 -1.44 29.78
N ALA B 274 24.50 -1.21 28.66
CA ALA B 274 24.71 -0.12 27.71
C ALA B 274 24.96 1.29 28.30
N THR B 275 24.09 1.78 29.21
CA THR B 275 24.25 3.12 29.75
C THR B 275 25.47 3.21 30.67
N GLY B 276 25.68 2.17 31.47
CA GLY B 276 26.83 2.10 32.36
C GLY B 276 28.13 2.04 31.59
N ARG B 277 28.17 1.29 30.48
CA ARG B 277 29.36 1.21 29.64
C ARG B 277 29.63 2.55 28.96
N GLY B 278 28.58 3.25 28.56
CA GLY B 278 28.68 4.57 27.95
C GLY B 278 29.23 5.59 28.92
N VAL B 279 28.81 5.54 30.19
CA VAL B 279 29.32 6.43 31.24
C VAL B 279 30.81 6.14 31.43
N PHE B 280 31.19 4.85 31.46
CA PHE B 280 32.58 4.46 31.58
C PHE B 280 33.40 4.98 30.42
N HIS B 281 32.98 4.73 29.17
CA HIS B 281 33.74 5.13 28.00
C HIS B 281 33.82 6.64 27.85
N GLY B 282 32.79 7.35 28.28
CA GLY B 282 32.78 8.80 28.23
C GLY B 282 33.83 9.38 29.14
N ILE B 283 33.89 8.87 30.38
CA ILE B 283 34.89 9.30 31.36
C ILE B 283 36.27 8.89 30.87
N GLU B 284 36.41 7.66 30.39
CA GLU B 284 37.65 7.06 29.88
C GLU B 284 38.30 7.91 28.80
N ASN B 285 37.51 8.46 27.88
CA ASN B 285 38.05 9.24 26.78
C ASN B 285 38.63 10.57 27.25
N PHE B 286 38.06 11.17 28.29
CA PHE B 286 38.56 12.44 28.81
C PHE B 286 39.67 12.22 29.84
N ILE B 287 39.54 11.17 30.67
CA ILE B 287 40.53 10.84 31.70
C ILE B 287 41.87 10.41 31.08
N ASN B 288 41.86 9.83 29.88
CA ASN B 288 43.11 9.43 29.22
C ASN B 288 43.77 10.60 28.47
N GLU B 289 43.03 11.69 28.21
CA GLU B 289 43.54 12.86 27.51
C GLU B 289 44.36 13.71 28.47
N ALA B 290 45.70 13.74 28.30
CA ALA B 290 46.61 14.47 29.18
C ALA B 290 46.44 15.99 29.11
N SER B 291 45.92 16.51 27.99
CA SER B 291 45.71 17.95 27.83
C SER B 291 44.70 18.45 28.87
N TYR B 292 43.53 17.78 28.96
CA TYR B 292 42.47 18.12 29.89
C TYR B 292 42.85 17.81 31.34
N MET B 293 43.52 16.68 31.57
CA MET B 293 43.86 16.25 32.92
C MET B 293 44.88 17.16 33.59
N SER B 294 45.83 17.71 32.82
CA SER B 294 46.81 18.64 33.41
C SER B 294 46.13 19.94 33.87
N ILE B 295 45.03 20.36 33.19
CA ILE B 295 44.25 21.54 33.55
C ILE B 295 43.57 21.33 34.91
N LEU B 296 43.07 20.11 35.15
CA LEU B 296 42.41 19.76 36.42
C LEU B 296 43.41 19.35 37.54
N GLY B 297 44.70 19.47 37.29
CA GLY B 297 45.76 19.11 38.23
C GLY B 297 45.78 17.63 38.54
N MET B 298 45.50 16.81 37.52
CA MET B 298 45.44 15.37 37.68
C MET B 298 46.29 14.61 36.66
N THR B 299 46.60 13.35 36.99
CA THR B 299 47.34 12.44 36.13
C THR B 299 46.37 11.74 35.18
N PRO B 300 46.80 11.42 33.94
CA PRO B 300 45.89 10.72 33.02
C PRO B 300 45.73 9.25 33.42
N GLY B 301 44.58 8.67 33.08
CA GLY B 301 44.29 7.27 33.40
C GLY B 301 43.50 7.10 34.67
N PHE B 302 42.97 5.88 34.89
CA PHE B 302 42.19 5.58 36.09
C PHE B 302 43.05 5.16 37.30
N GLY B 303 44.37 5.14 37.16
CA GLY B 303 45.27 4.79 38.25
C GLY B 303 45.29 5.90 39.28
N ASP B 304 45.15 5.54 40.56
CA ASP B 304 45.09 6.45 41.70
C ASP B 304 43.93 7.46 41.56
N LYS B 305 42.80 6.99 41.02
CA LYS B 305 41.62 7.82 40.87
C LYS B 305 40.53 7.34 41.81
N THR B 306 39.91 8.25 42.54
CA THR B 306 38.83 7.90 43.45
C THR B 306 37.52 8.45 42.91
N PHE B 307 36.42 7.71 43.05
CA PHE B 307 35.14 8.17 42.54
C PHE B 307 33.98 7.89 43.48
N ALA B 308 32.89 8.65 43.33
CA ALA B 308 31.68 8.52 44.13
C ALA B 308 30.47 8.49 43.21
N VAL B 309 29.52 7.60 43.48
CA VAL B 309 28.33 7.48 42.63
C VAL B 309 27.08 7.86 43.39
N GLN B 310 26.25 8.76 42.84
CA GLN B 310 25.00 9.13 43.49
C GLN B 310 23.83 8.45 42.77
N GLY B 311 23.23 7.47 43.42
CA GLY B 311 22.15 6.70 42.83
C GLY B 311 22.67 5.35 42.41
N PHE B 312 22.30 4.31 43.16
CA PHE B 312 22.77 2.95 42.88
C PHE B 312 21.72 2.16 42.10
N GLY B 313 21.36 2.67 40.93
CA GLY B 313 20.41 2.00 40.05
C GLY B 313 21.13 1.17 39.01
N ASN B 314 20.53 1.01 37.83
CA ASN B 314 21.16 0.24 36.76
C ASN B 314 22.40 0.97 36.26
N VAL B 315 22.32 2.29 36.10
CA VAL B 315 23.44 3.09 35.63
C VAL B 315 24.54 3.16 36.70
N GLY B 316 24.13 3.41 37.94
CA GLY B 316 25.05 3.52 39.06
C GLY B 316 25.87 2.27 39.29
N LEU B 317 25.20 1.11 39.30
CA LEU B 317 25.85 -0.18 39.51
C LEU B 317 26.88 -0.48 38.41
N HIS B 318 26.50 -0.32 37.14
CA HIS B 318 27.39 -0.62 36.03
C HIS B 318 28.56 0.35 35.97
N SER B 319 28.32 1.66 36.15
CA SER B 319 29.40 2.65 36.15
C SER B 319 30.42 2.35 37.24
N MET B 320 29.95 1.94 38.42
CA MET B 320 30.81 1.61 39.53
C MET B 320 31.64 0.35 39.23
N ARG B 321 31.01 -0.65 38.61
CA ARG B 321 31.66 -1.90 38.24
C ARG B 321 32.78 -1.71 37.20
N TYR B 322 32.53 -0.91 36.16
CA TYR B 322 33.49 -0.73 35.09
C TYR B 322 34.67 0.16 35.51
N LEU B 323 34.41 1.21 36.30
CA LEU B 323 35.50 2.07 36.77
C LEU B 323 36.42 1.30 37.71
N HIS B 324 35.83 0.50 38.60
CA HIS B 324 36.60 -0.32 39.54
C HIS B 324 37.46 -1.34 38.78
N ARG B 325 36.93 -1.92 37.71
CA ARG B 325 37.63 -2.87 36.86
C ARG B 325 38.90 -2.26 36.25
N PHE B 326 38.92 -0.95 36.02
CA PHE B 326 40.06 -0.28 35.42
C PHE B 326 40.99 0.42 36.42
N GLY B 327 40.89 0.07 37.70
CA GLY B 327 41.79 0.63 38.70
C GLY B 327 41.24 1.72 39.61
N ALA B 328 40.13 2.38 39.21
CA ALA B 328 39.55 3.44 40.05
C ALA B 328 38.95 2.85 41.33
N LYS B 329 39.01 3.62 42.41
CA LYS B 329 38.54 3.17 43.71
C LYS B 329 37.24 3.88 44.09
N CYS B 330 36.18 3.12 44.38
CA CYS B 330 34.91 3.73 44.79
C CYS B 330 34.98 4.07 46.26
N VAL B 331 34.89 5.36 46.57
CA VAL B 331 34.97 5.83 47.95
C VAL B 331 33.59 5.94 48.58
N ALA B 332 32.58 6.33 47.80
CA ALA B 332 31.24 6.49 48.37
C ALA B 332 30.11 6.21 47.36
N VAL B 333 29.02 5.59 47.84
CA VAL B 333 27.84 5.30 47.03
C VAL B 333 26.62 5.88 47.74
N GLY B 334 25.90 6.77 47.07
CA GLY B 334 24.72 7.39 47.63
C GLY B 334 23.44 6.80 47.07
N GLU B 335 22.35 6.94 47.80
CA GLU B 335 21.06 6.42 47.36
C GLU B 335 19.90 7.33 47.83
N SER B 336 18.67 7.09 47.32
CA SER B 336 17.47 7.84 47.67
C SER B 336 17.25 7.87 49.17
N ASP B 337 17.48 6.73 49.83
CA ASP B 337 17.34 6.63 51.27
C ASP B 337 18.70 6.28 51.88
N GLY B 338 19.49 7.29 52.20
CA GLY B 338 20.80 7.14 52.82
C GLY B 338 22.01 7.10 51.91
N SER B 339 23.21 7.10 52.51
CA SER B 339 24.49 7.05 51.80
C SER B 339 25.51 6.14 52.50
N ILE B 340 26.48 5.63 51.75
CA ILE B 340 27.51 4.72 52.23
C ILE B 340 28.90 5.29 51.88
N TRP B 341 29.88 5.14 52.78
CA TRP B 341 31.21 5.69 52.54
C TRP B 341 32.32 4.86 53.18
N ASN B 342 33.40 4.64 52.43
CA ASN B 342 34.61 3.92 52.86
C ASN B 342 35.79 4.43 52.05
N PRO B 343 36.71 5.18 52.68
CA PRO B 343 37.86 5.72 51.93
C PRO B 343 38.83 4.64 51.45
N ASP B 344 38.83 3.46 52.08
CA ASP B 344 39.69 2.34 51.67
C ASP B 344 39.21 1.69 50.35
N GLY B 345 37.91 1.79 50.05
CA GLY B 345 37.35 1.22 48.84
C GLY B 345 36.10 0.39 49.05
N ILE B 346 35.19 0.43 48.07
CA ILE B 346 33.95 -0.33 48.11
C ILE B 346 33.89 -1.26 46.90
N ASP B 347 33.79 -2.57 47.13
CA ASP B 347 33.73 -3.55 46.03
C ASP B 347 32.35 -3.54 45.41
N PRO B 348 32.27 -3.36 44.09
CA PRO B 348 30.96 -3.30 43.44
C PRO B 348 30.20 -4.63 43.46
N LYS B 349 30.90 -5.76 43.37
CA LYS B 349 30.23 -7.07 43.41
C LYS B 349 29.67 -7.34 44.79
N GLU B 350 30.41 -6.98 45.85
CA GLU B 350 29.97 -7.17 47.23
C GLU B 350 28.77 -6.27 47.53
N LEU B 351 28.77 -5.03 47.01
CA LEU B 351 27.68 -4.09 47.22
C LEU B 351 26.43 -4.50 46.43
N GLU B 352 26.63 -5.05 45.22
CA GLU B 352 25.55 -5.52 44.37
C GLU B 352 24.83 -6.71 45.02
N ASP B 353 25.59 -7.65 45.60
CA ASP B 353 25.03 -8.81 46.27
C ASP B 353 24.26 -8.42 47.52
N PHE B 354 24.71 -7.39 48.23
CA PHE B 354 24.04 -6.92 49.44
C PHE B 354 22.74 -6.22 49.09
N LYS B 355 22.75 -5.42 48.02
CA LYS B 355 21.55 -4.70 47.60
C LYS B 355 20.49 -5.66 47.04
N LEU B 356 20.93 -6.76 46.38
CA LEU B 356 19.99 -7.75 45.85
C LEU B 356 19.38 -8.61 46.97
N GLN B 357 20.11 -8.81 48.08
CA GLN B 357 19.63 -9.63 49.18
C GLN B 357 18.89 -8.84 50.24
N HIS B 358 19.06 -7.50 50.31
CA HIS B 358 18.42 -6.71 51.36
C HIS B 358 17.54 -5.57 50.85
N GLY B 359 17.64 -5.23 49.57
CA GLY B 359 16.84 -4.16 48.99
C GLY B 359 17.49 -2.79 49.03
N THR B 360 18.42 -2.57 49.96
CA THR B 360 19.09 -1.29 50.10
C THR B 360 20.59 -1.46 50.39
N ILE B 361 21.38 -0.40 50.13
CA ILE B 361 22.82 -0.44 50.45
C ILE B 361 23.09 -0.09 51.93
N LEU B 362 22.09 0.48 52.64
CA LEU B 362 22.22 0.86 54.03
C LEU B 362 22.44 -0.37 54.89
N GLY B 363 23.53 -0.34 55.63
CA GLY B 363 23.92 -1.46 56.49
C GLY B 363 25.03 -2.31 55.91
N PHE B 364 25.71 -1.83 54.84
CA PHE B 364 26.82 -2.56 54.22
C PHE B 364 27.95 -2.72 55.23
N PRO B 365 28.39 -3.97 55.47
CA PRO B 365 29.38 -4.20 56.54
C PRO B 365 30.74 -3.55 56.31
N LYS B 366 31.18 -3.47 55.05
CA LYS B 366 32.49 -2.89 54.74
C LYS B 366 32.39 -1.41 54.36
N ALA B 367 31.49 -0.65 55.00
CA ALA B 367 31.31 0.78 54.74
C ALA B 367 30.52 1.48 55.85
N LYS B 368 30.97 2.67 56.28
CA LYS B 368 30.29 3.43 57.31
C LYS B 368 29.12 4.23 56.72
N ILE B 369 28.09 4.51 57.54
CA ILE B 369 26.92 5.25 57.08
C ILE B 369 27.25 6.73 56.98
N TYR B 370 27.18 7.28 55.76
CA TYR B 370 27.49 8.68 55.49
C TYR B 370 26.24 9.53 55.65
N GLU B 371 26.31 10.55 56.51
CA GLU B 371 25.17 11.42 56.76
C GLU B 371 25.13 12.55 55.76
N GLY B 372 24.26 12.41 54.76
CA GLY B 372 24.11 13.43 53.73
C GLY B 372 24.25 12.91 52.32
N SER B 373 24.27 13.83 51.34
CA SER B 373 24.42 13.46 49.94
C SER B 373 25.87 13.12 49.62
N ILE B 374 26.08 12.28 48.62
CA ILE B 374 27.42 11.87 48.21
C ILE B 374 28.16 13.02 47.45
N LEU B 375 27.41 13.98 46.90
CA LEU B 375 27.88 15.11 46.09
C LEU B 375 29.07 15.88 46.67
N GLU B 376 29.22 15.92 48.00
CA GLU B 376 30.31 16.67 48.61
C GLU B 376 31.41 15.78 49.20
N VAL B 377 31.50 14.52 48.76
CA VAL B 377 32.55 13.60 49.22
C VAL B 377 33.88 13.98 48.57
N ASP B 378 34.99 13.94 49.33
CA ASP B 378 36.30 14.25 48.79
C ASP B 378 36.77 13.14 47.87
N CYS B 379 36.50 13.29 46.57
CA CYS B 379 36.89 12.31 45.55
C CYS B 379 37.37 13.04 44.27
N ASP B 380 37.71 12.30 43.19
CA ASP B 380 38.17 12.90 41.95
C ASP B 380 37.04 12.97 40.94
N ILE B 381 36.26 11.89 40.83
CA ILE B 381 35.16 11.83 39.86
C ILE B 381 33.82 11.65 40.57
N LEU B 382 32.87 12.57 40.36
CA LEU B 382 31.53 12.46 40.94
C LEU B 382 30.56 12.07 39.85
N ILE B 383 29.85 10.94 40.02
CA ILE B 383 28.92 10.47 38.99
C ILE B 383 27.48 10.53 39.48
N PRO B 384 26.75 11.62 39.16
CA PRO B 384 25.34 11.68 39.53
C PRO B 384 24.49 10.80 38.61
N ALA B 385 24.27 9.53 39.01
CA ALA B 385 23.50 8.56 38.23
C ALA B 385 22.00 8.56 38.60
N ALA B 386 21.48 9.71 39.05
CA ALA B 386 20.06 9.84 39.43
C ALA B 386 19.45 11.03 38.70
N SER B 387 18.27 10.82 38.08
CA SER B 387 17.56 11.82 37.27
C SER B 387 17.17 13.13 38.01
N GLU B 388 17.42 13.22 39.31
CA GLU B 388 17.13 14.45 40.05
C GLU B 388 18.19 15.53 39.75
N LYS B 389 17.79 16.82 39.76
CA LYS B 389 18.73 17.92 39.55
C LYS B 389 19.44 18.23 40.87
N GLN B 390 20.25 17.28 41.33
CA GLN B 390 20.95 17.30 42.61
C GLN B 390 22.04 18.39 42.72
N LEU B 391 22.70 18.78 41.62
CA LEU B 391 23.75 19.80 41.70
C LEU B 391 23.22 21.19 41.30
N THR B 392 22.89 22.01 42.31
CA THR B 392 22.39 23.38 42.19
C THR B 392 23.49 24.41 42.61
N LYS B 393 23.22 25.73 42.47
CA LYS B 393 24.17 26.79 42.82
C LYS B 393 24.47 26.87 44.34
N SER B 394 23.63 26.25 45.18
CA SER B 394 23.84 26.29 46.63
C SER B 394 24.90 25.28 47.08
N ASN B 395 25.02 24.14 46.39
CA ASN B 395 26.01 23.12 46.78
C ASN B 395 27.17 22.98 45.79
N ALA B 396 27.14 23.69 44.65
CA ALA B 396 28.23 23.64 43.67
C ALA B 396 29.57 24.14 44.26
N PRO B 397 29.63 25.23 45.08
CA PRO B 397 30.93 25.65 45.62
C PRO B 397 31.52 24.69 46.68
N ARG B 398 30.82 23.59 47.00
CA ARG B 398 31.34 22.62 47.98
C ARG B 398 31.70 21.26 47.34
N VAL B 399 31.62 21.13 46.01
CA VAL B 399 31.96 19.87 45.35
C VAL B 399 33.47 19.71 45.33
N LYS B 400 33.98 18.65 45.98
CA LYS B 400 35.43 18.42 46.03
C LYS B 400 35.96 17.61 44.83
N ALA B 401 35.09 17.14 43.94
CA ALA B 401 35.52 16.39 42.75
C ALA B 401 36.01 17.31 41.64
N LYS B 402 36.94 16.84 40.82
CA LYS B 402 37.44 17.63 39.69
C LYS B 402 36.66 17.32 38.40
N ILE B 403 36.05 16.13 38.28
CA ILE B 403 35.25 15.74 37.12
C ILE B 403 33.84 15.36 37.56
N ILE B 404 32.82 15.94 36.91
CA ILE B 404 31.43 15.57 37.18
C ILE B 404 30.89 14.86 35.95
N ALA B 405 30.66 13.55 36.07
CA ALA B 405 30.20 12.73 34.97
C ALA B 405 28.70 12.53 35.05
N GLU B 406 27.93 13.22 34.20
CA GLU B 406 26.47 13.13 34.24
C GLU B 406 25.94 11.81 33.69
N GLY B 407 25.73 10.85 34.59
CA GLY B 407 25.15 9.56 34.24
C GLY B 407 23.64 9.55 34.25
N ALA B 408 23.01 10.74 34.19
CA ALA B 408 21.57 10.93 34.20
C ALA B 408 21.21 12.25 33.50
N ASN B 409 19.94 12.42 33.08
CA ASN B 409 19.53 13.63 32.38
C ASN B 409 19.29 14.78 33.35
N GLY B 410 19.94 15.89 33.08
CA GLY B 410 19.87 17.13 33.84
C GLY B 410 20.15 17.07 35.33
N PRO B 411 21.31 16.53 35.76
CA PRO B 411 21.60 16.50 37.20
C PRO B 411 22.20 17.81 37.70
N THR B 412 22.77 18.66 36.82
CA THR B 412 23.35 19.93 37.25
C THR B 412 22.61 21.10 36.61
N THR B 413 22.23 22.10 37.42
CA THR B 413 21.54 23.29 36.94
C THR B 413 22.52 24.22 36.18
N PRO B 414 22.02 25.08 35.28
CA PRO B 414 22.93 25.99 34.56
C PRO B 414 23.66 26.97 35.48
N GLU B 415 23.09 27.27 36.66
CA GLU B 415 23.75 28.14 37.63
C GLU B 415 24.93 27.40 38.31
N ALA B 416 24.80 26.08 38.50
CA ALA B 416 25.90 25.29 39.05
C ALA B 416 27.01 25.15 38.01
N ASP B 417 26.64 25.02 36.71
CA ASP B 417 27.57 24.94 35.59
C ASP B 417 28.53 26.14 35.59
N LYS B 418 28.01 27.35 35.87
CA LYS B 418 28.80 28.58 35.94
C LYS B 418 29.85 28.50 37.04
N ILE B 419 29.48 27.94 38.19
CA ILE B 419 30.35 27.77 39.34
C ILE B 419 31.42 26.72 39.05
N PHE B 420 31.04 25.62 38.37
CA PHE B 420 32.01 24.58 38.01
C PHE B 420 33.03 25.10 37.01
N LEU B 421 32.63 26.00 36.09
CA LEU B 421 33.57 26.59 35.14
C LEU B 421 34.54 27.51 35.86
N GLU B 422 34.04 28.30 36.83
CA GLU B 422 34.86 29.21 37.64
C GLU B 422 35.86 28.44 38.51
N ARG B 423 35.45 27.27 39.01
CA ARG B 423 36.27 26.42 39.86
C ARG B 423 37.15 25.41 39.09
N ASN B 424 37.16 25.48 37.75
CA ASN B 424 37.93 24.57 36.89
C ASN B 424 37.58 23.10 37.19
N ILE B 425 36.29 22.81 37.19
CA ILE B 425 35.72 21.48 37.41
C ILE B 425 35.08 21.05 36.09
N MET B 426 35.61 20.00 35.47
CA MET B 426 35.11 19.54 34.18
C MET B 426 33.84 18.73 34.28
N VAL B 427 32.76 19.21 33.69
CA VAL B 427 31.50 18.49 33.69
C VAL B 427 31.25 17.85 32.34
N ILE B 428 31.31 16.52 32.26
CA ILE B 428 31.04 15.78 31.02
C ILE B 428 29.51 15.72 30.91
N PRO B 429 28.94 16.32 29.86
CA PRO B 429 27.48 16.44 29.81
C PRO B 429 26.68 15.19 29.51
N ASP B 430 25.43 15.17 29.99
CA ASP B 430 24.43 14.12 29.82
C ASP B 430 24.15 13.84 28.34
N LEU B 431 24.16 14.91 27.52
CA LEU B 431 23.97 14.89 26.08
C LEU B 431 24.91 13.86 25.42
N TYR B 432 26.14 13.74 25.95
CA TYR B 432 27.14 12.81 25.44
C TYR B 432 27.26 11.57 26.34
N LEU B 433 27.53 11.74 27.64
CA LEU B 433 27.79 10.65 28.57
C LEU B 433 26.60 9.72 28.77
N ASN B 434 25.38 10.28 28.77
CA ASN B 434 24.19 9.47 28.96
C ASN B 434 23.59 9.02 27.62
N ALA B 435 24.44 8.80 26.59
CA ALA B 435 23.94 8.36 25.29
C ALA B 435 24.35 6.94 24.92
N GLY B 436 24.77 6.14 25.90
CA GLY B 436 25.16 4.76 25.66
C GLY B 436 23.98 3.88 25.34
N GLY B 437 22.88 4.09 26.06
CA GLY B 437 21.66 3.34 25.85
C GLY B 437 21.01 3.67 24.52
N VAL B 438 21.09 4.96 24.13
CA VAL B 438 20.56 5.41 22.84
C VAL B 438 21.36 4.76 21.71
N THR B 439 22.69 4.67 21.87
CA THR B 439 23.57 4.07 20.89
C THR B 439 23.22 2.59 20.67
N VAL B 440 23.03 1.79 21.76
CA VAL B 440 22.70 0.37 21.55
C VAL B 440 21.24 0.21 21.12
N SER B 441 20.34 1.20 21.38
CA SER B 441 18.98 1.12 20.86
C SER B 441 19.01 1.26 19.32
N TYR B 442 19.96 2.03 18.78
CA TYR B 442 20.21 2.15 17.35
C TYR B 442 20.67 0.79 16.81
N PHE B 443 21.58 0.12 17.54
CA PHE B 443 22.06 -1.21 17.16
C PHE B 443 20.95 -2.27 17.22
N GLU B 444 19.99 -2.12 18.15
CA GLU B 444 18.85 -3.04 18.24
C GLU B 444 17.98 -2.86 17.02
N TRP B 445 17.70 -1.60 16.65
CA TRP B 445 16.91 -1.25 15.49
C TRP B 445 17.57 -1.84 14.23
N LEU B 446 18.90 -1.70 14.14
CA LEU B 446 19.67 -2.24 13.03
C LEU B 446 19.60 -3.76 13.03
N LYS B 447 19.75 -4.42 14.18
CA LYS B 447 19.68 -5.88 14.30
C LYS B 447 18.35 -6.41 13.75
N ASN B 448 17.24 -5.70 14.06
CA ASN B 448 15.93 -6.09 13.59
C ASN B 448 15.75 -5.90 12.10
N LEU B 449 16.41 -4.88 11.53
CA LEU B 449 16.41 -4.66 10.08
C LEU B 449 17.25 -5.75 9.39
N ASN B 450 18.39 -6.08 9.99
CA ASN B 450 19.31 -7.10 9.51
C ASN B 450 18.73 -8.50 9.60
N HIS B 451 17.81 -8.74 10.56
CA HIS B 451 17.15 -10.03 10.82
C HIS B 451 18.17 -11.13 11.16
N VAL B 452 19.26 -10.74 11.83
CA VAL B 452 20.34 -11.64 12.20
C VAL B 452 21.11 -11.03 13.38
N SER B 453 21.61 -11.89 14.29
CA SER B 453 22.43 -11.40 15.39
C SER B 453 23.82 -11.02 14.86
N TYR B 454 24.50 -10.09 15.54
CA TYR B 454 25.81 -9.64 15.09
C TYR B 454 26.85 -10.74 15.25
N GLY B 455 27.66 -10.94 14.22
CA GLY B 455 28.72 -11.94 14.23
C GLY B 455 28.32 -13.35 13.86
N ARG B 456 27.01 -13.65 13.82
CA ARG B 456 26.47 -14.97 13.49
C ARG B 456 27.17 -15.67 12.31
N LEU B 457 27.52 -14.93 11.25
CA LEU B 457 28.15 -15.54 10.07
C LEU B 457 29.67 -15.34 10.00
N THR B 458 30.26 -14.60 10.93
CA THR B 458 31.69 -14.31 10.86
C THR B 458 32.51 -14.73 12.07
N PHE B 459 31.92 -15.19 13.17
CA PHE B 459 32.71 -15.58 14.34
C PHE B 459 33.64 -16.75 14.03
N LYS B 460 33.13 -17.80 13.40
CA LYS B 460 33.93 -18.97 13.04
C LYS B 460 34.93 -18.62 11.95
N TYR B 461 34.54 -17.76 10.98
CA TYR B 461 35.43 -17.34 9.90
C TYR B 461 36.61 -16.57 10.48
N GLU B 462 36.34 -15.65 11.41
CA GLU B 462 37.35 -14.84 12.06
C GLU B 462 38.30 -15.74 12.86
N ARG B 463 37.75 -16.72 13.59
CA ARG B 463 38.49 -17.68 14.40
C ARG B 463 39.47 -18.48 13.54
N ASP B 464 39.04 -18.91 12.35
CA ASP B 464 39.90 -19.66 11.44
C ASP B 464 41.02 -18.81 10.89
N SER B 465 40.73 -17.54 10.59
CA SER B 465 41.76 -16.62 10.11
C SER B 465 42.80 -16.36 11.19
N ASN B 466 42.37 -16.24 12.46
CA ASN B 466 43.27 -16.02 13.59
C ASN B 466 44.21 -17.21 13.78
N TYR B 467 43.68 -18.44 13.64
CA TYR B 467 44.49 -19.63 13.78
C TYR B 467 45.48 -19.75 12.62
N HIS B 468 45.09 -19.33 11.41
CA HIS B 468 45.97 -19.32 10.25
C HIS B 468 47.08 -18.30 10.42
N LEU B 469 46.77 -17.14 11.01
CA LEU B 469 47.77 -16.10 11.25
C LEU B 469 48.82 -16.60 12.23
N LEU B 470 48.40 -17.15 13.38
CA LEU B 470 49.31 -17.68 14.39
C LEU B 470 50.09 -18.89 13.85
N MET B 471 49.44 -19.72 13.01
CA MET B 471 50.08 -20.86 12.38
C MET B 471 51.17 -20.39 11.40
N SER B 472 50.96 -19.24 10.73
CA SER B 472 51.93 -18.67 9.79
C SER B 472 53.17 -18.14 10.51
N VAL B 473 52.99 -17.57 11.71
CA VAL B 473 54.13 -17.05 12.47
C VAL B 473 54.97 -18.23 12.94
N GLN B 474 54.33 -19.25 13.52
CA GLN B 474 55.01 -20.45 14.02
C GLN B 474 55.79 -21.12 12.89
N GLU B 475 55.15 -21.31 11.74
CA GLU B 475 55.79 -21.96 10.60
C GLU B 475 56.97 -21.15 10.08
N SER B 476 56.84 -19.83 10.01
CA SER B 476 57.89 -18.95 9.52
C SER B 476 59.09 -18.89 10.45
N LEU B 477 58.85 -18.84 11.76
CA LEU B 477 59.94 -18.81 12.73
C LEU B 477 60.64 -20.16 12.80
N GLU B 478 59.90 -21.27 12.61
CA GLU B 478 60.50 -22.60 12.60
C GLU B 478 61.43 -22.78 11.38
N ARG B 479 61.20 -22.05 10.28
CA ARG B 479 62.10 -22.11 9.12
C ARG B 479 63.36 -21.29 9.35
N LYS B 480 63.21 -20.14 10.03
CA LYS B 480 64.31 -19.24 10.31
C LYS B 480 65.28 -19.84 11.28
N PHE B 481 64.77 -20.50 12.33
CA PHE B 481 65.64 -21.10 13.34
C PHE B 481 65.86 -22.64 13.14
N GLY B 482 65.28 -23.19 12.07
CA GLY B 482 65.42 -24.60 11.72
C GLY B 482 64.82 -25.57 12.70
N LYS B 483 65.00 -26.86 12.42
CA LYS B 483 64.54 -27.92 13.29
C LYS B 483 65.49 -28.10 14.50
N HIS B 484 66.68 -27.46 14.52
CA HIS B 484 67.61 -27.54 15.65
C HIS B 484 67.02 -26.79 16.86
N GLY B 485 66.36 -25.66 16.62
CA GLY B 485 65.71 -24.91 17.67
C GLY B 485 64.35 -25.45 18.10
N GLY B 486 64.03 -26.67 17.68
CA GLY B 486 62.79 -27.36 18.01
C GLY B 486 61.51 -26.70 17.54
N THR B 487 60.39 -27.06 18.17
CA THR B 487 59.10 -26.48 17.80
C THR B 487 58.89 -25.20 18.62
N ILE B 488 58.34 -24.18 17.98
CA ILE B 488 58.05 -22.88 18.58
C ILE B 488 56.54 -22.68 18.55
N PRO B 489 55.80 -23.18 19.56
CA PRO B 489 54.34 -23.08 19.50
C PRO B 489 53.82 -21.66 19.69
N ILE B 490 52.97 -21.20 18.77
CA ILE B 490 52.35 -19.89 18.85
C ILE B 490 50.86 -20.12 19.07
N VAL B 491 50.43 -20.15 20.33
CA VAL B 491 49.03 -20.38 20.69
C VAL B 491 48.40 -19.10 21.26
N PRO B 492 47.05 -18.96 21.25
CA PRO B 492 46.43 -17.75 21.81
C PRO B 492 46.62 -17.64 23.31
N THR B 493 46.63 -16.40 23.84
CA THR B 493 46.71 -16.18 25.28
C THR B 493 45.44 -16.72 25.97
N ALA B 494 45.44 -16.86 27.31
CA ALA B 494 44.27 -17.33 28.02
C ALA B 494 43.06 -16.40 27.78
N GLU B 495 43.33 -15.09 27.74
CA GLU B 495 42.35 -14.03 27.53
C GLU B 495 41.79 -14.09 26.13
N PHE B 496 42.64 -14.32 25.13
CA PHE B 496 42.21 -14.43 23.73
C PHE B 496 41.42 -15.73 23.53
N GLN B 497 41.81 -16.81 24.21
CA GLN B 497 41.10 -18.08 24.12
C GLN B 497 39.67 -17.94 24.65
N ASP B 498 39.49 -17.16 25.73
CA ASP B 498 38.18 -16.90 26.33
C ASP B 498 37.29 -16.08 25.39
N ARG B 499 37.90 -15.12 24.68
CA ARG B 499 37.24 -14.26 23.72
C ARG B 499 36.75 -15.09 22.53
N ILE B 500 37.56 -16.06 22.07
CA ILE B 500 37.22 -16.93 20.95
C ILE B 500 36.06 -17.86 21.33
N SER B 501 36.15 -18.48 22.51
CA SER B 501 35.14 -19.41 22.98
C SER B 501 33.81 -18.73 23.33
N GLY B 502 33.89 -17.56 23.95
CA GLY B 502 32.71 -16.80 24.34
C GLY B 502 32.26 -15.77 23.33
N ALA B 503 32.69 -15.92 22.06
CA ALA B 503 32.32 -14.99 21.01
C ALA B 503 30.82 -14.98 20.79
N SER B 504 30.19 -13.86 21.11
CA SER B 504 28.76 -13.65 20.95
C SER B 504 28.47 -12.19 20.53
N GLU B 505 27.19 -11.90 20.19
CA GLU B 505 26.74 -10.58 19.76
C GLU B 505 27.16 -9.48 20.72
N LYS B 506 27.06 -9.70 22.04
CA LYS B 506 27.40 -8.68 23.04
C LYS B 506 28.79 -8.04 22.81
N ASP B 507 29.76 -8.82 22.30
CA ASP B 507 31.12 -8.36 22.02
C ASP B 507 31.14 -7.29 20.94
N ILE B 508 30.31 -7.45 19.92
CA ILE B 508 30.25 -6.50 18.83
C ILE B 508 29.46 -5.25 19.24
N VAL B 509 28.41 -5.41 20.05
CA VAL B 509 27.64 -4.28 20.54
C VAL B 509 28.52 -3.43 21.44
N HIS B 510 29.32 -4.06 22.33
CA HIS B 510 30.23 -3.35 23.22
C HIS B 510 31.28 -2.55 22.45
N SER B 511 31.78 -3.15 21.35
CA SER B 511 32.79 -2.57 20.47
C SER B 511 32.22 -1.37 19.71
N GLY B 512 30.99 -1.52 19.22
CA GLY B 512 30.30 -0.46 18.48
C GLY B 512 30.09 0.76 19.34
N LEU B 513 29.69 0.52 20.60
CA LEU B 513 29.44 1.55 21.60
C LEU B 513 30.75 2.25 21.95
N ALA B 514 31.83 1.48 22.17
CA ALA B 514 33.14 2.03 22.47
C ALA B 514 33.66 2.92 21.33
N TYR B 515 33.44 2.49 20.08
CA TYR B 515 33.86 3.26 18.91
C TYR B 515 33.05 4.56 18.82
N THR B 516 31.75 4.51 19.12
CA THR B 516 30.88 5.67 19.08
C THR B 516 31.28 6.68 20.16
N MET B 517 31.52 6.23 21.40
CA MET B 517 31.90 7.13 22.47
C MET B 517 33.27 7.74 22.21
N GLU B 518 34.21 6.95 21.63
CA GLU B 518 35.54 7.47 21.31
C GLU B 518 35.46 8.54 20.23
N ARG B 519 34.74 8.25 19.14
CA ARG B 519 34.59 9.16 18.02
C ARG B 519 33.90 10.46 18.43
N SER B 520 32.84 10.37 19.24
CA SER B 520 32.07 11.54 19.70
C SER B 520 32.83 12.37 20.71
N ALA B 521 33.70 11.76 21.52
CA ALA B 521 34.50 12.53 22.48
C ALA B 521 35.46 13.43 21.73
N ARG B 522 36.09 12.91 20.67
CA ARG B 522 37.04 13.66 19.86
C ARG B 522 36.32 14.77 19.10
N GLN B 523 35.08 14.53 18.66
CA GLN B 523 34.29 15.55 17.97
C GLN B 523 33.98 16.70 18.92
N ILE B 524 33.60 16.39 20.18
CA ILE B 524 33.30 17.40 21.19
C ILE B 524 34.56 18.17 21.56
N MET B 525 35.71 17.45 21.68
CA MET B 525 36.99 18.06 21.98
C MET B 525 37.40 19.02 20.89
N ARG B 526 37.19 18.63 19.62
CA ARG B 526 37.56 19.49 18.49
C ARG B 526 36.65 20.71 18.40
N THR B 527 35.36 20.53 18.70
CA THR B 527 34.41 21.65 18.70
C THR B 527 34.78 22.64 19.82
N ALA B 528 35.17 22.11 21.00
CA ALA B 528 35.59 22.94 22.13
C ALA B 528 36.81 23.77 21.81
N MET B 529 37.76 23.20 21.06
CA MET B 529 38.97 23.93 20.66
C MET B 529 38.65 24.96 19.58
N LYS B 530 37.79 24.59 18.61
CA LYS B 530 37.36 25.44 17.51
C LYS B 530 36.67 26.71 18.04
N TYR B 531 35.76 26.57 19.02
CA TYR B 531 35.05 27.72 19.57
C TYR B 531 35.63 28.24 20.90
N ASN B 532 36.83 27.78 21.29
CA ASN B 532 37.54 28.18 22.51
C ASN B 532 36.64 28.14 23.76
N LEU B 533 36.05 26.96 24.00
CA LEU B 533 35.14 26.78 25.15
C LEU B 533 35.85 26.21 26.39
N GLY B 534 37.03 25.61 26.21
CA GLY B 534 37.80 25.06 27.32
C GLY B 534 37.14 23.89 28.01
N LEU B 535 36.77 24.07 29.29
CA LEU B 535 36.11 23.02 30.07
C LEU B 535 34.58 23.04 29.94
N ASP B 536 34.01 23.93 29.10
CA ASP B 536 32.57 23.99 28.89
C ASP B 536 32.18 22.94 27.86
N LEU B 537 32.23 21.66 28.25
CA LEU B 537 31.94 20.56 27.35
C LEU B 537 30.46 20.47 26.98
N ARG B 538 29.56 20.98 27.84
CA ARG B 538 28.14 20.93 27.52
C ARG B 538 27.84 21.83 26.35
N THR B 539 28.40 23.05 26.34
CA THR B 539 28.21 23.97 25.22
C THR B 539 28.83 23.39 23.96
N ALA B 540 30.00 22.75 24.08
CA ALA B 540 30.65 22.10 22.94
C ALA B 540 29.76 21.01 22.35
N ALA B 541 29.09 20.23 23.20
CA ALA B 541 28.20 19.15 22.77
C ALA B 541 26.96 19.69 22.06
N TYR B 542 26.36 20.77 22.58
CA TYR B 542 25.17 21.36 21.95
C TYR B 542 25.55 22.03 20.64
N VAL B 543 26.72 22.68 20.57
CA VAL B 543 27.18 23.30 19.33
C VAL B 543 27.46 22.21 18.28
N ASN B 544 28.03 21.08 18.70
CA ASN B 544 28.31 19.94 17.85
C ASN B 544 27.01 19.40 17.25
N ALA B 545 25.96 19.27 18.08
CA ALA B 545 24.66 18.75 17.67
C ALA B 545 23.93 19.72 16.75
N ILE B 546 23.87 21.01 17.10
CA ILE B 546 23.20 22.03 16.29
C ILE B 546 23.89 22.14 14.93
N GLU B 547 25.22 22.03 14.88
CA GLU B 547 26.02 22.07 13.64
C GLU B 547 25.61 20.92 12.70
N LYS B 548 25.36 19.74 13.26
CA LYS B 548 25.00 18.56 12.50
C LYS B 548 23.56 18.61 12.00
N VAL B 549 22.60 18.99 12.88
CA VAL B 549 21.19 19.09 12.51
C VAL B 549 21.03 20.18 11.44
N PHE B 550 21.75 21.31 11.58
CA PHE B 550 21.70 22.40 10.61
C PHE B 550 22.15 21.94 9.24
N ARG B 551 23.25 21.17 9.20
CA ARG B 551 23.84 20.69 7.95
C ARG B 551 22.86 19.81 7.16
N VAL B 552 22.06 19.00 7.85
CA VAL B 552 21.09 18.14 7.21
C VAL B 552 20.02 19.00 6.56
N TYR B 553 19.51 20.01 7.27
CA TYR B 553 18.50 20.93 6.77
C TYR B 553 19.02 21.78 5.61
N ASN B 554 20.22 22.34 5.74
CA ASN B 554 20.79 23.20 4.70
C ASN B 554 21.03 22.44 3.39
N GLU B 555 21.51 21.20 3.47
CA GLU B 555 21.81 20.43 2.25
C GLU B 555 20.56 19.77 1.67
N ALA B 556 19.54 19.45 2.49
CA ALA B 556 18.31 18.84 1.97
C ALA B 556 17.35 19.89 1.43
N GLY B 557 17.25 21.01 2.11
CA GLY B 557 16.30 22.06 1.76
C GLY B 557 14.96 21.85 2.45
N VAL B 558 14.04 22.79 2.28
CA VAL B 558 12.71 22.68 2.88
C VAL B 558 11.69 22.53 1.76
N THR B 559 10.86 21.48 1.83
CA THR B 559 9.84 21.20 0.81
C THR B 559 8.71 22.25 0.91
N PHE B 560 8.35 22.88 -0.22
CA PHE B 560 7.32 23.94 -0.33
C PHE B 560 7.69 25.23 0.45
N PRO C 67 31.64 8.48 -36.41
CA PRO C 67 30.39 7.76 -36.10
C PRO C 67 29.75 8.19 -34.78
N ASN C 68 28.43 8.09 -34.69
CA ASN C 68 27.69 8.47 -33.49
C ASN C 68 27.98 7.48 -32.35
N PHE C 69 28.07 7.99 -31.12
CA PHE C 69 28.30 7.15 -29.94
C PHE C 69 27.15 6.16 -29.70
N PHE C 70 25.94 6.52 -30.08
CA PHE C 70 24.76 5.69 -29.90
C PHE C 70 24.83 4.47 -30.86
N LYS C 71 25.36 4.68 -32.08
CA LYS C 71 25.58 3.62 -33.06
C LYS C 71 26.77 2.74 -32.63
N MET C 72 27.77 3.33 -31.96
CA MET C 72 28.96 2.65 -31.46
C MET C 72 28.60 1.58 -30.44
N VAL C 73 27.87 1.93 -29.38
CA VAL C 73 27.46 0.99 -28.34
C VAL C 73 26.57 -0.12 -28.93
N GLU C 74 25.76 0.21 -29.94
CA GLU C 74 24.91 -0.79 -30.59
C GLU C 74 25.78 -1.82 -31.33
N GLY C 75 26.80 -1.33 -32.03
CA GLY C 75 27.75 -2.15 -32.75
C GLY C 75 28.58 -3.05 -31.84
N PHE C 76 28.93 -2.54 -30.65
CA PHE C 76 29.68 -3.32 -29.66
C PHE C 76 28.85 -4.50 -29.21
N PHE C 77 27.54 -4.27 -28.95
CA PHE C 77 26.62 -5.32 -28.54
C PHE C 77 26.49 -6.37 -29.64
N ASP C 78 26.25 -5.94 -30.89
CA ASP C 78 26.08 -6.85 -32.02
C ASP C 78 27.30 -7.74 -32.22
N ARG C 79 28.49 -7.18 -32.02
CA ARG C 79 29.74 -7.93 -32.16
C ARG C 79 29.86 -8.98 -31.05
N GLY C 80 29.62 -8.58 -29.81
CA GLY C 80 29.69 -9.48 -28.68
C GLY C 80 28.65 -10.57 -28.69
N ALA C 81 27.43 -10.27 -29.17
CA ALA C 81 26.32 -11.22 -29.23
C ALA C 81 26.58 -12.32 -30.25
N SER C 82 27.22 -11.99 -31.38
CA SER C 82 27.51 -13.01 -32.39
C SER C 82 28.68 -13.91 -31.96
N ILE C 83 29.59 -13.41 -31.12
CA ILE C 83 30.73 -14.18 -30.62
C ILE C 83 30.27 -15.15 -29.54
N VAL C 84 29.45 -14.68 -28.62
CA VAL C 84 28.97 -15.49 -27.50
C VAL C 84 27.87 -16.48 -27.92
N GLU C 85 27.14 -16.20 -29.03
CA GLU C 85 26.02 -17.02 -29.51
C GLU C 85 26.31 -18.52 -29.61
N ASP C 86 27.36 -18.94 -30.33
CA ASP C 86 27.66 -20.36 -30.53
C ASP C 86 28.01 -21.09 -29.23
N LYS C 87 28.70 -20.41 -28.31
CA LYS C 87 29.06 -21.00 -27.04
C LYS C 87 27.84 -21.10 -26.11
N LEU C 88 26.85 -20.18 -26.22
CA LEU C 88 25.64 -20.20 -25.41
C LEU C 88 24.71 -21.36 -25.77
N VAL C 89 24.75 -21.80 -27.03
CA VAL C 89 23.91 -22.89 -27.51
C VAL C 89 24.41 -24.23 -26.96
N GLU C 90 25.71 -24.53 -27.10
CA GLU C 90 26.28 -25.79 -26.61
C GLU C 90 26.30 -25.86 -25.08
N ASP C 91 26.42 -24.71 -24.39
CA ASP C 91 26.39 -24.69 -22.93
C ASP C 91 24.97 -24.90 -22.37
N LEU C 92 23.92 -24.71 -23.20
CA LEU C 92 22.53 -24.90 -22.80
C LEU C 92 22.18 -26.38 -22.73
N LYS C 93 21.86 -26.87 -21.53
CA LYS C 93 21.48 -28.26 -21.33
C LYS C 93 19.99 -28.32 -21.04
N THR C 94 19.18 -28.49 -22.10
CA THR C 94 17.72 -28.50 -21.97
C THR C 94 17.06 -29.50 -22.94
N ARG C 95 15.77 -29.81 -22.73
CA ARG C 95 15.01 -30.72 -23.58
C ARG C 95 14.51 -29.99 -24.85
N GLU C 96 15.46 -29.59 -25.71
CA GLU C 96 15.16 -28.87 -26.95
C GLU C 96 16.04 -29.36 -28.11
N THR C 97 15.57 -29.17 -29.35
CA THR C 97 16.38 -29.51 -30.53
C THR C 97 17.48 -28.43 -30.70
N GLU C 98 18.46 -28.67 -31.58
CA GLU C 98 19.54 -27.69 -31.78
C GLU C 98 19.03 -26.41 -32.45
N GLU C 99 17.95 -26.50 -33.25
CA GLU C 99 17.38 -25.29 -33.86
C GLU C 99 16.50 -24.53 -32.84
N GLN C 100 15.89 -25.25 -31.90
CA GLN C 100 15.11 -24.64 -30.81
C GLN C 100 16.06 -23.90 -29.83
N LYS C 101 17.30 -24.40 -29.68
CA LYS C 101 18.30 -23.76 -28.83
C LYS C 101 18.83 -22.49 -29.50
N ARG C 102 19.00 -22.51 -30.84
CA ARG C 102 19.46 -21.32 -31.57
C ARG C 102 18.44 -20.20 -31.50
N ASN C 103 17.14 -20.55 -31.61
CA ASN C 103 16.05 -19.59 -31.55
C ASN C 103 15.92 -19.00 -30.16
N ARG C 104 16.13 -19.80 -29.12
CA ARG C 104 16.02 -19.34 -27.74
C ARG C 104 17.13 -18.34 -27.45
N VAL C 105 18.36 -18.63 -27.88
CA VAL C 105 19.51 -17.76 -27.64
C VAL C 105 19.36 -16.46 -28.43
N ARG C 106 19.11 -16.55 -29.73
CA ARG C 106 18.95 -15.38 -30.59
C ARG C 106 17.75 -14.52 -30.17
N GLY C 107 16.70 -15.17 -29.71
CA GLY C 107 15.48 -14.53 -29.25
C GLY C 107 15.69 -13.75 -27.99
N ILE C 108 16.46 -14.31 -27.05
CA ILE C 108 16.79 -13.63 -25.78
C ILE C 108 17.77 -12.47 -26.05
N LEU C 109 18.72 -12.65 -26.98
CA LEU C 109 19.64 -11.56 -27.34
C LEU C 109 18.87 -10.39 -27.94
N ARG C 110 17.81 -10.65 -28.72
CA ARG C 110 16.96 -9.62 -29.31
C ARG C 110 16.22 -8.79 -28.25
N ILE C 111 15.86 -9.44 -27.13
CA ILE C 111 15.15 -8.80 -26.01
C ILE C 111 16.10 -7.89 -25.24
N ILE C 112 17.35 -8.31 -25.06
CA ILE C 112 18.32 -7.53 -24.32
C ILE C 112 18.70 -6.23 -25.05
N LYS C 113 19.10 -6.32 -26.33
CA LYS C 113 19.57 -5.18 -27.13
C LYS C 113 18.76 -3.84 -26.97
N PRO C 114 17.42 -3.77 -27.20
CA PRO C 114 16.74 -2.47 -27.10
C PRO C 114 16.37 -2.04 -25.68
N CYS C 115 16.10 -0.74 -25.48
CA CYS C 115 15.69 -0.24 -24.17
C CYS C 115 14.29 -0.70 -23.90
N ASN C 116 14.05 -1.22 -22.70
CA ASN C 116 12.72 -1.72 -22.33
C ASN C 116 11.71 -0.57 -22.21
N HIS C 117 12.08 0.52 -21.52
CA HIS C 117 11.19 1.65 -21.31
C HIS C 117 11.89 2.97 -21.53
N VAL C 118 11.19 3.94 -22.10
CA VAL C 118 11.70 5.29 -22.28
C VAL C 118 10.58 6.25 -21.93
N LEU C 119 10.78 7.12 -20.94
CA LEU C 119 9.76 8.09 -20.56
C LEU C 119 10.14 9.48 -21.01
N SER C 120 9.26 10.15 -21.74
CA SER C 120 9.45 11.54 -22.17
C SER C 120 8.54 12.44 -21.33
N LEU C 121 9.09 13.49 -20.75
CA LEU C 121 8.34 14.38 -19.88
C LEU C 121 8.27 15.80 -20.42
N SER C 122 7.27 16.54 -19.95
CA SER C 122 7.04 17.94 -20.26
C SER C 122 6.43 18.53 -19.02
N PHE C 123 7.26 19.08 -18.11
CA PHE C 123 6.75 19.56 -16.84
C PHE C 123 6.91 21.07 -16.67
N PRO C 124 6.01 21.70 -15.90
CA PRO C 124 6.10 23.16 -15.72
C PRO C 124 7.07 23.59 -14.64
N ILE C 125 7.53 24.84 -14.75
CA ILE C 125 8.46 25.50 -13.84
C ILE C 125 8.13 26.99 -13.81
N ARG C 126 8.21 27.63 -12.63
CA ARG C 126 8.01 29.06 -12.55
C ARG C 126 9.33 29.72 -12.20
N ARG C 127 9.85 30.51 -13.14
CA ARG C 127 11.10 31.23 -12.97
C ARG C 127 11.02 32.23 -11.80
N ASP C 128 12.16 32.66 -11.28
CA ASP C 128 12.21 33.61 -10.17
C ASP C 128 11.56 34.94 -10.54
N ASP C 129 11.55 35.33 -11.83
CA ASP C 129 10.88 36.56 -12.26
C ASP C 129 9.34 36.41 -12.37
N GLY C 130 8.82 35.19 -12.24
CA GLY C 130 7.40 34.93 -12.30
C GLY C 130 6.91 34.25 -13.55
N SER C 131 7.69 34.32 -14.63
CA SER C 131 7.32 33.71 -15.90
C SER C 131 7.31 32.18 -15.81
N TRP C 132 6.54 31.53 -16.69
CA TRP C 132 6.46 30.07 -16.71
C TRP C 132 7.29 29.49 -17.82
N GLU C 133 7.81 28.28 -17.59
CA GLU C 133 8.62 27.61 -18.58
C GLU C 133 8.33 26.12 -18.56
N VAL C 134 8.16 25.53 -19.73
CA VAL C 134 7.91 24.10 -19.84
C VAL C 134 9.24 23.43 -20.13
N ILE C 135 9.62 22.48 -19.29
CA ILE C 135 10.89 21.79 -19.43
C ILE C 135 10.74 20.41 -20.06
N GLU C 136 11.64 20.04 -20.97
CA GLU C 136 11.64 18.70 -21.55
C GLU C 136 12.58 17.80 -20.77
N GLY C 137 12.21 16.55 -20.62
CA GLY C 137 13.04 15.59 -19.91
C GLY C 137 12.83 14.18 -20.42
N TYR C 138 13.82 13.31 -20.22
CA TYR C 138 13.74 11.92 -20.65
C TYR C 138 14.39 11.01 -19.65
N ARG C 139 13.96 9.74 -19.59
CA ARG C 139 14.64 8.73 -18.79
C ARG C 139 14.42 7.37 -19.41
N ALA C 140 15.52 6.72 -19.79
CA ALA C 140 15.44 5.38 -20.37
C ALA C 140 15.88 4.34 -19.36
N GLN C 141 15.17 3.22 -19.32
CA GLN C 141 15.49 2.05 -18.53
C GLN C 141 15.77 0.98 -19.52
N HIS C 142 17.03 0.69 -19.79
CA HIS C 142 17.38 -0.30 -20.80
C HIS C 142 16.99 -1.73 -20.38
N SER C 143 17.17 -2.12 -19.11
CA SER C 143 16.89 -3.49 -18.69
C SER C 143 16.44 -3.59 -17.25
N GLN C 144 15.61 -4.59 -16.96
CA GLN C 144 15.18 -4.85 -15.59
C GLN C 144 15.51 -6.28 -15.16
N HIS C 145 16.48 -6.95 -15.83
CA HIS C 145 16.92 -8.29 -15.41
C HIS C 145 17.47 -8.23 -13.94
N ARG C 146 17.96 -7.05 -13.54
CA ARG C 146 18.42 -6.69 -12.22
C ARG C 146 17.70 -5.42 -11.83
N THR C 147 16.99 -5.43 -10.71
CA THR C 147 16.32 -4.21 -10.23
C THR C 147 16.97 -3.81 -8.89
N PRO C 148 17.14 -2.50 -8.62
CA PRO C 148 16.68 -1.36 -9.42
C PRO C 148 17.55 -1.05 -10.63
N CYS C 149 17.08 -0.16 -11.50
CA CYS C 149 17.88 0.36 -12.58
C CYS C 149 18.80 1.41 -11.97
N LYS C 150 19.90 1.71 -12.64
CA LYS C 150 20.86 2.67 -12.13
C LYS C 150 21.35 3.52 -13.29
N GLY C 151 21.57 4.80 -13.04
CA GLY C 151 22.08 5.68 -14.07
C GLY C 151 21.95 7.16 -13.76
N GLY C 152 22.88 7.94 -14.26
CA GLY C 152 22.90 9.37 -14.00
C GLY C 152 21.84 10.23 -14.66
N ILE C 153 21.81 11.51 -14.27
CA ILE C 153 20.92 12.52 -14.81
C ILE C 153 21.76 13.63 -15.38
N ARG C 154 21.57 13.94 -16.67
CA ARG C 154 22.33 15.01 -17.31
C ARG C 154 21.47 16.24 -17.51
N TYR C 155 21.98 17.41 -17.12
CA TYR C 155 21.29 18.68 -17.36
C TYR C 155 21.99 19.39 -18.51
N SER C 156 21.53 19.18 -19.74
CA SER C 156 22.17 19.79 -20.91
C SER C 156 21.17 20.05 -22.00
N THR C 157 21.36 21.12 -22.78
CA THR C 157 20.48 21.38 -23.93
C THR C 157 20.74 20.38 -25.08
N ASP C 158 21.84 19.61 -25.01
CA ASP C 158 22.23 18.62 -26.02
C ASP C 158 21.72 17.20 -25.71
N VAL C 159 20.89 17.02 -24.66
CA VAL C 159 20.36 15.70 -24.35
C VAL C 159 19.30 15.33 -25.38
N SER C 160 19.20 14.05 -25.69
CA SER C 160 18.24 13.54 -26.64
C SER C 160 17.77 12.14 -26.23
N VAL C 161 16.71 11.63 -26.86
CA VAL C 161 16.20 10.29 -26.56
C VAL C 161 17.26 9.25 -26.91
N ASP C 162 17.91 9.41 -28.06
CA ASP C 162 18.94 8.48 -28.50
C ASP C 162 20.14 8.49 -27.57
N GLU C 163 20.54 9.66 -27.07
CA GLU C 163 21.67 9.76 -26.14
C GLU C 163 21.36 9.07 -24.82
N VAL C 164 20.15 9.28 -24.31
CA VAL C 164 19.67 8.72 -23.08
C VAL C 164 19.52 7.19 -23.24
N LYS C 165 19.12 6.70 -24.41
CA LYS C 165 18.97 5.27 -24.67
C LYS C 165 20.33 4.58 -24.78
N ALA C 166 21.30 5.21 -25.46
CA ALA C 166 22.62 4.63 -25.65
C ALA C 166 23.38 4.53 -24.34
N LEU C 167 23.30 5.58 -23.50
CA LEU C 167 23.99 5.57 -22.23
C LEU C 167 23.31 4.62 -21.23
N ALA C 168 21.98 4.40 -21.37
CA ALA C 168 21.26 3.47 -20.52
C ALA C 168 21.69 2.05 -20.85
N SER C 169 21.82 1.71 -22.16
CA SER C 169 22.26 0.38 -22.57
C SER C 169 23.70 0.14 -22.15
N LEU C 170 24.56 1.15 -22.33
CA LEU C 170 25.97 1.08 -21.93
C LEU C 170 26.10 0.78 -20.42
N MET C 171 25.24 1.37 -19.61
CA MET C 171 25.24 1.17 -18.15
C MET C 171 24.86 -0.27 -17.79
N THR C 172 23.98 -0.92 -18.60
CA THR C 172 23.58 -2.31 -18.35
C THR C 172 24.81 -3.21 -18.39
N TYR C 173 25.62 -3.07 -19.45
CA TYR C 173 26.79 -3.88 -19.65
C TYR C 173 27.92 -3.45 -18.71
N LYS C 174 28.03 -2.15 -18.40
CA LYS C 174 29.02 -1.66 -17.46
C LYS C 174 28.76 -2.23 -16.07
N CYS C 175 27.51 -2.30 -15.62
CA CYS C 175 27.18 -2.85 -14.31
C CYS C 175 27.49 -4.33 -14.28
N ALA C 176 27.12 -5.05 -15.35
CA ALA C 176 27.35 -6.49 -15.45
C ALA C 176 28.84 -6.86 -15.34
N VAL C 177 29.76 -6.11 -16.02
CA VAL C 177 31.19 -6.48 -15.95
C VAL C 177 31.71 -6.32 -14.53
N VAL C 178 31.19 -5.35 -13.75
CA VAL C 178 31.69 -5.18 -12.37
C VAL C 178 30.76 -5.84 -11.33
N ASP C 179 29.90 -6.78 -11.77
CA ASP C 179 28.98 -7.56 -10.93
C ASP C 179 28.16 -6.67 -9.99
N VAL C 180 27.73 -5.52 -10.49
CA VAL C 180 26.88 -4.60 -9.76
C VAL C 180 25.45 -4.95 -10.17
N PRO C 181 24.60 -5.37 -9.23
CA PRO C 181 23.28 -5.90 -9.61
C PRO C 181 22.20 -4.87 -9.95
N PHE C 182 22.46 -4.06 -10.97
CA PHE C 182 21.50 -3.08 -11.45
C PHE C 182 21.36 -3.14 -12.95
N GLY C 183 20.17 -2.87 -13.44
CA GLY C 183 19.93 -2.72 -14.87
C GLY C 183 20.35 -1.31 -15.28
N GLY C 184 20.56 -1.08 -16.56
CA GLY C 184 20.99 0.23 -17.03
C GLY C 184 19.88 1.25 -17.14
N ALA C 185 20.19 2.52 -16.86
CA ALA C 185 19.25 3.64 -16.95
C ALA C 185 19.99 4.98 -17.18
N LYS C 186 19.30 5.99 -17.75
CA LYS C 186 19.90 7.30 -17.98
C LYS C 186 18.82 8.37 -18.17
N ALA C 187 18.98 9.52 -17.50
CA ALA C 187 18.03 10.63 -17.61
C ALA C 187 18.70 11.88 -18.22
N GLY C 188 17.90 12.73 -18.83
CA GLY C 188 18.37 13.97 -19.40
C GLY C 188 17.32 15.05 -19.37
N VAL C 189 17.62 16.19 -18.74
CA VAL C 189 16.71 17.33 -18.69
C VAL C 189 17.26 18.36 -19.66
N LYS C 190 16.49 18.72 -20.68
CA LYS C 190 16.93 19.62 -21.75
C LYS C 190 16.98 21.11 -21.32
N ILE C 191 17.91 21.46 -20.42
CA ILE C 191 18.15 22.82 -19.94
C ILE C 191 19.65 23.09 -19.78
N ASN C 192 20.07 24.36 -19.85
CA ASN C 192 21.46 24.74 -19.60
C ASN C 192 21.55 25.31 -18.20
N PRO C 193 22.10 24.55 -17.21
CA PRO C 193 22.12 25.02 -15.82
C PRO C 193 22.76 26.39 -15.61
N LYS C 194 23.61 26.84 -16.55
CA LYS C 194 24.24 28.14 -16.46
C LYS C 194 23.20 29.28 -16.56
N ASN C 195 22.02 29.02 -17.17
CA ASN C 195 20.94 30.00 -17.34
C ASN C 195 19.96 30.07 -16.16
N TYR C 196 20.18 29.27 -15.10
CA TYR C 196 19.23 29.24 -13.99
C TYR C 196 19.85 29.53 -12.64
N THR C 197 19.05 30.14 -11.74
CA THR C 197 19.46 30.40 -10.38
C THR C 197 19.44 29.09 -9.56
N ASP C 198 20.09 29.07 -8.38
CA ASP C 198 20.07 27.88 -7.53
C ASP C 198 18.63 27.53 -7.09
N ASN C 199 17.76 28.54 -6.98
CA ASN C 199 16.36 28.37 -6.60
C ASN C 199 15.59 27.72 -7.76
N GLU C 200 15.84 28.18 -9.00
CA GLU C 200 15.20 27.64 -10.18
C GLU C 200 15.65 26.20 -10.42
N LEU C 201 16.96 25.92 -10.22
CA LEU C 201 17.48 24.57 -10.39
C LEU C 201 16.91 23.61 -9.34
N GLU C 202 16.58 24.11 -8.15
CA GLU C 202 15.96 23.30 -7.11
C GLU C 202 14.55 22.93 -7.53
N LYS C 203 13.78 23.89 -8.07
CA LYS C 203 12.42 23.67 -8.57
C LYS C 203 12.39 22.64 -9.69
N ILE C 204 13.35 22.74 -10.64
CA ILE C 204 13.45 21.83 -11.77
C ILE C 204 13.73 20.42 -11.27
N THR C 205 14.66 20.31 -10.32
CA THR C 205 15.08 19.03 -9.73
C THR C 205 13.94 18.36 -8.95
N ARG C 206 13.24 19.14 -8.12
CA ARG C 206 12.13 18.60 -7.34
C ARG C 206 10.97 18.16 -8.24
N ARG C 207 10.61 19.00 -9.22
CA ARG C 207 9.50 18.70 -10.11
C ARG C 207 9.81 17.50 -11.00
N PHE C 208 11.05 17.41 -11.49
CA PHE C 208 11.46 16.28 -12.33
C PHE C 208 11.36 14.98 -11.55
N THR C 209 11.75 15.00 -10.26
CA THR C 209 11.69 13.86 -9.36
C THR C 209 10.26 13.39 -9.19
N MET C 210 9.32 14.32 -9.01
CA MET C 210 7.92 14.00 -8.84
C MET C 210 7.33 13.32 -10.07
N GLU C 211 7.72 13.80 -11.26
CA GLU C 211 7.21 13.23 -12.50
C GLU C 211 7.77 11.84 -12.73
N LEU C 212 9.06 11.63 -12.39
CA LEU C 212 9.69 10.33 -12.51
C LEU C 212 9.03 9.35 -11.55
N ALA C 213 8.77 9.80 -10.30
CA ALA C 213 8.19 9.00 -9.22
C ALA C 213 6.80 8.46 -9.54
N LYS C 214 5.92 9.29 -10.12
CA LYS C 214 4.57 8.86 -10.44
C LYS C 214 4.54 7.83 -11.58
N LYS C 215 5.62 7.71 -12.37
CA LYS C 215 5.64 6.77 -13.49
C LYS C 215 6.65 5.63 -13.32
N GLY C 216 7.12 5.39 -12.11
CA GLY C 216 8.05 4.30 -11.83
C GLY C 216 9.43 4.47 -12.43
N PHE C 217 9.96 5.69 -12.40
CA PHE C 217 11.30 5.94 -12.93
C PHE C 217 12.28 6.46 -11.85
N ILE C 218 11.92 6.30 -10.56
CA ILE C 218 12.71 6.58 -9.38
C ILE C 218 12.07 5.81 -8.21
N GLY C 219 12.92 5.16 -7.43
CA GLY C 219 12.53 4.37 -6.27
C GLY C 219 13.70 3.52 -5.84
N PRO C 220 13.81 3.25 -4.54
CA PRO C 220 14.94 2.43 -4.05
C PRO C 220 15.04 1.05 -4.69
N GLY C 221 13.91 0.44 -5.00
CA GLY C 221 13.90 -0.87 -5.64
C GLY C 221 13.45 -0.85 -7.08
N VAL C 222 13.29 0.34 -7.67
CA VAL C 222 12.81 0.51 -9.03
C VAL C 222 13.89 1.18 -9.93
N ASP C 223 14.39 2.36 -9.56
CA ASP C 223 15.35 3.09 -10.37
C ASP C 223 16.07 4.09 -9.49
N VAL C 224 17.40 3.99 -9.42
CA VAL C 224 18.20 4.84 -8.56
C VAL C 224 19.10 5.77 -9.41
N PRO C 225 18.72 7.05 -9.57
CA PRO C 225 19.55 7.96 -10.36
C PRO C 225 20.86 8.36 -9.66
N ALA C 226 21.72 9.06 -10.39
CA ALA C 226 23.02 9.49 -9.87
C ALA C 226 23.46 10.80 -10.56
N PRO C 227 24.45 11.52 -10.00
CA PRO C 227 24.88 12.76 -10.66
C PRO C 227 25.76 12.47 -11.87
N ASP C 228 25.89 13.50 -12.70
CA ASP C 228 26.65 13.51 -13.94
C ASP C 228 27.68 14.66 -13.88
N MET C 229 28.36 14.97 -15.01
CA MET C 229 29.28 16.11 -15.03
C MET C 229 28.48 17.44 -14.91
N SER C 230 27.24 17.47 -15.42
CA SER C 230 26.39 18.65 -15.32
C SER C 230 25.56 18.72 -14.03
N THR C 231 25.65 17.68 -13.19
CA THR C 231 24.87 17.56 -11.96
C THR C 231 25.79 17.32 -10.78
N GLY C 232 25.33 17.73 -9.60
CA GLY C 232 26.12 17.57 -8.39
C GLY C 232 25.42 16.88 -7.25
N GLU C 233 26.06 16.90 -6.08
CA GLU C 233 25.51 16.28 -4.88
C GLU C 233 24.32 17.08 -4.34
N ARG C 234 24.25 18.40 -4.60
CA ARG C 234 23.13 19.20 -4.10
C ARG C 234 21.84 18.84 -4.86
N GLU C 235 21.94 18.48 -6.15
CA GLU C 235 20.78 18.06 -6.92
C GLU C 235 20.29 16.73 -6.39
N MET C 236 21.21 15.78 -6.15
CA MET C 236 20.89 14.46 -5.61
C MET C 236 20.18 14.56 -4.27
N SER C 237 20.63 15.51 -3.44
CA SER C 237 20.04 15.78 -2.14
C SER C 237 18.59 16.24 -2.27
N TRP C 238 18.28 17.06 -3.29
CA TRP C 238 16.93 17.54 -3.53
C TRP C 238 16.05 16.43 -4.11
N ILE C 239 16.63 15.53 -4.91
CA ILE C 239 15.91 14.40 -5.46
C ILE C 239 15.51 13.47 -4.33
N ALA C 240 16.44 13.17 -3.41
CA ALA C 240 16.18 12.30 -2.28
C ALA C 240 15.18 12.92 -1.33
N ASP C 241 15.27 14.22 -1.09
CA ASP C 241 14.37 14.90 -0.17
C ASP C 241 12.98 15.00 -0.74
N THR C 242 12.85 15.28 -2.03
CA THR C 242 11.55 15.38 -2.69
C THR C 242 10.87 14.02 -2.67
N TYR C 243 11.62 12.94 -2.94
CA TYR C 243 11.05 11.60 -2.95
C TYR C 243 10.66 11.18 -1.54
N ALA C 244 11.56 11.35 -0.57
CA ALA C 244 11.27 10.94 0.81
C ALA C 244 10.16 11.76 1.47
N SER C 245 9.93 13.01 1.03
CA SER C 245 8.92 13.83 1.69
C SER C 245 7.54 13.77 1.01
N THR C 246 7.45 13.30 -0.26
CA THR C 246 6.15 13.20 -0.92
C THR C 246 5.73 11.69 -1.11
N ILE C 247 5.94 11.05 -2.28
CA ILE C 247 5.49 9.69 -2.61
C ILE C 247 6.24 8.59 -1.80
N GLY C 248 7.55 8.73 -1.62
CA GLY C 248 8.32 7.75 -0.87
C GLY C 248 8.31 7.94 0.63
N HIS C 249 7.33 8.69 1.16
CA HIS C 249 7.24 8.98 2.59
C HIS C 249 7.11 7.71 3.43
N TYR C 250 6.31 6.75 2.97
CA TYR C 250 6.08 5.53 3.72
C TYR C 250 7.18 4.45 3.48
N ASP C 251 8.26 4.77 2.76
CA ASP C 251 9.34 3.82 2.50
C ASP C 251 10.49 4.02 3.51
N ILE C 252 10.89 2.94 4.20
CA ILE C 252 12.01 3.02 5.15
C ILE C 252 13.35 3.26 4.39
N ASN C 253 13.43 2.83 3.13
CA ASN C 253 14.62 3.02 2.31
C ASN C 253 14.46 4.18 1.33
N ALA C 254 13.60 5.16 1.62
CA ALA C 254 13.36 6.29 0.72
C ALA C 254 14.63 6.99 0.25
N HIS C 255 15.61 7.21 1.14
CA HIS C 255 16.84 7.89 0.78
C HIS C 255 17.77 7.06 -0.12
N ALA C 256 17.49 5.77 -0.30
CA ALA C 256 18.28 4.95 -1.22
C ALA C 256 17.76 5.08 -2.67
N CYS C 257 16.84 6.04 -2.94
CA CYS C 257 16.23 6.28 -4.25
C CYS C 257 17.19 6.93 -5.22
N VAL C 258 18.27 7.57 -4.74
CA VAL C 258 19.27 8.27 -5.55
C VAL C 258 20.65 8.17 -4.88
N THR C 259 21.74 8.11 -5.68
CA THR C 259 23.10 8.07 -5.13
C THR C 259 23.83 9.39 -5.52
N GLY C 260 25.05 9.59 -5.03
CA GLY C 260 25.79 10.83 -5.25
C GLY C 260 25.45 11.90 -4.23
N LYS C 261 24.72 11.54 -3.16
CA LYS C 261 24.25 12.45 -2.13
C LYS C 261 25.37 12.94 -1.23
N PRO C 262 25.22 14.12 -0.59
CA PRO C 262 26.25 14.55 0.38
C PRO C 262 26.32 13.60 1.59
N ILE C 263 27.36 13.70 2.41
CA ILE C 263 27.53 12.81 3.57
C ILE C 263 26.36 13.03 4.55
N SER C 264 25.96 14.29 4.78
CA SER C 264 24.85 14.63 5.68
C SER C 264 23.49 14.05 5.22
N GLN C 265 23.38 13.64 3.96
CA GLN C 265 22.16 13.09 3.42
C GLN C 265 22.22 11.57 3.18
N GLY C 266 23.31 10.91 3.55
CA GLY C 266 23.43 9.48 3.37
C GLY C 266 24.37 9.07 2.25
N GLY C 267 25.41 9.86 2.01
CA GLY C 267 26.38 9.55 0.97
C GLY C 267 27.55 8.76 1.50
N ILE C 268 28.20 7.96 0.64
CA ILE C 268 29.37 7.18 1.06
C ILE C 268 30.62 8.02 1.04
N HIS C 269 31.55 7.70 1.94
CA HIS C 269 32.87 8.30 1.91
C HIS C 269 33.65 7.60 0.81
N GLY C 270 34.34 8.38 0.00
CA GLY C 270 35.13 7.86 -1.11
C GLY C 270 34.45 7.94 -2.46
N ARG C 271 33.38 8.74 -2.56
CA ARG C 271 32.66 8.92 -3.80
C ARG C 271 33.44 9.82 -4.78
N ILE C 272 34.09 10.87 -4.26
CA ILE C 272 34.80 11.82 -5.11
C ILE C 272 35.99 11.17 -5.80
N SER C 273 36.71 10.33 -5.09
CA SER C 273 37.89 9.65 -5.62
C SER C 273 37.57 8.36 -6.38
N ALA C 274 36.34 7.82 -6.28
CA ALA C 274 35.88 6.56 -6.84
C ALA C 274 36.27 6.28 -8.32
N THR C 275 36.00 7.20 -9.26
CA THR C 275 36.31 6.94 -10.67
C THR C 275 37.82 6.92 -10.90
N GLY C 276 38.54 7.84 -10.26
CA GLY C 276 39.99 7.92 -10.35
C GLY C 276 40.66 6.69 -9.79
N ARG C 277 40.15 6.17 -8.66
CA ARG C 277 40.66 4.94 -8.05
C ARG C 277 40.39 3.74 -8.93
N GLY C 278 39.24 3.72 -9.59
CA GLY C 278 38.86 2.66 -10.51
C GLY C 278 39.76 2.64 -11.73
N VAL C 279 40.11 3.83 -12.26
CA VAL C 279 41.03 3.94 -13.40
C VAL C 279 42.40 3.40 -12.98
N PHE C 280 42.85 3.77 -11.76
CA PHE C 280 44.11 3.28 -11.22
C PHE C 280 44.10 1.75 -11.10
N HIS C 281 43.09 1.19 -10.43
CA HIS C 281 43.03 -0.26 -10.22
C HIS C 281 42.88 -1.04 -11.50
N GLY C 282 42.18 -0.47 -12.49
CA GLY C 282 42.02 -1.12 -13.77
C GLY C 282 43.34 -1.25 -14.50
N ILE C 283 44.12 -0.16 -14.50
CA ILE C 283 45.45 -0.15 -15.12
C ILE C 283 46.36 -1.08 -14.35
N GLU C 284 46.33 -0.98 -13.00
CA GLU C 284 47.13 -1.78 -12.07
C GLU C 284 46.99 -3.28 -12.31
N ASN C 285 45.77 -3.76 -12.55
CA ASN C 285 45.54 -5.18 -12.75
C ASN C 285 46.14 -5.70 -14.04
N PHE C 286 46.19 -4.88 -15.10
CA PHE C 286 46.77 -5.30 -16.36
C PHE C 286 48.27 -5.05 -16.40
N ILE C 287 48.73 -3.93 -15.81
CA ILE C 287 50.15 -3.58 -15.76
C ILE C 287 50.94 -4.58 -14.91
N ASN C 288 50.30 -5.21 -13.91
CA ASN C 288 50.97 -6.18 -13.06
C ASN C 288 50.83 -7.64 -13.57
N GLU C 289 50.20 -7.82 -14.75
CA GLU C 289 50.08 -9.12 -15.40
C GLU C 289 51.21 -9.23 -16.42
N ALA C 290 52.21 -10.08 -16.15
CA ALA C 290 53.38 -10.25 -17.02
C ALA C 290 53.04 -10.84 -18.38
N SER C 291 51.94 -11.59 -18.48
CA SER C 291 51.54 -12.20 -19.76
C SER C 291 51.23 -11.11 -20.80
N TYR C 292 50.41 -10.12 -20.41
CA TYR C 292 50.02 -9.00 -21.26
C TYR C 292 51.17 -8.04 -21.50
N MET C 293 51.97 -7.76 -20.46
CA MET C 293 53.05 -6.79 -20.55
C MET C 293 54.17 -7.25 -21.48
N SER C 294 54.47 -8.56 -21.51
CA SER C 294 55.51 -9.06 -22.42
C SER C 294 55.07 -8.90 -23.88
N ILE C 295 53.75 -8.98 -24.17
CA ILE C 295 53.19 -8.78 -25.51
C ILE C 295 53.42 -7.33 -25.97
N LEU C 296 53.27 -6.37 -25.06
CA LEU C 296 53.47 -4.95 -25.36
C LEU C 296 54.95 -4.50 -25.27
N GLY C 297 55.88 -5.45 -25.06
CA GLY C 297 57.30 -5.18 -24.94
C GLY C 297 57.65 -4.36 -23.72
N MET C 298 56.91 -4.59 -22.62
CA MET C 298 57.10 -3.82 -21.40
C MET C 298 57.29 -4.70 -20.16
N THR C 299 57.85 -4.09 -19.10
CA THR C 299 58.07 -4.73 -17.81
C THR C 299 56.81 -4.59 -16.95
N PRO C 300 56.49 -5.59 -16.10
CA PRO C 300 55.31 -5.48 -15.24
C PRO C 300 55.53 -4.48 -14.10
N GLY C 301 54.45 -3.85 -13.65
CA GLY C 301 54.51 -2.87 -12.57
C GLY C 301 54.59 -1.44 -13.04
N PHE C 302 54.39 -0.47 -12.13
CA PHE C 302 54.43 0.96 -12.47
C PHE C 302 55.85 1.56 -12.42
N GLY C 303 56.86 0.74 -12.12
CA GLY C 303 58.24 1.21 -12.09
C GLY C 303 58.72 1.48 -13.50
N ASP C 304 59.34 2.66 -13.71
CA ASP C 304 59.85 3.11 -15.00
C ASP C 304 58.72 3.21 -16.04
N LYS C 305 57.53 3.61 -15.61
CA LYS C 305 56.39 3.78 -16.49
C LYS C 305 56.07 5.26 -16.62
N THR C 306 55.87 5.74 -17.84
CA THR C 306 55.52 7.14 -18.07
C THR C 306 54.08 7.21 -18.58
N PHE C 307 53.32 8.22 -18.14
CA PHE C 307 51.92 8.33 -18.56
C PHE C 307 51.52 9.77 -18.89
N ALA C 308 50.46 9.91 -19.69
CA ALA C 308 49.91 11.20 -20.09
C ALA C 308 48.41 11.19 -19.90
N VAL C 309 47.85 12.27 -19.35
CA VAL C 309 46.41 12.35 -19.11
C VAL C 309 45.76 13.41 -19.98
N GLN C 310 44.68 13.08 -20.72
CA GLN C 310 43.96 14.07 -21.52
C GLN C 310 42.66 14.41 -20.80
N GLY C 311 42.58 15.63 -20.29
CA GLY C 311 41.42 16.08 -19.54
C GLY C 311 41.72 16.11 -18.05
N PHE C 312 41.97 17.30 -17.50
CA PHE C 312 42.32 17.43 -16.09
C PHE C 312 41.10 17.77 -15.23
N GLY C 313 40.12 16.87 -15.25
CA GLY C 313 38.92 17.03 -14.45
C GLY C 313 39.02 16.24 -13.16
N ASN C 314 37.88 15.77 -12.62
CA ASN C 314 37.89 14.98 -11.40
C ASN C 314 38.58 13.64 -11.65
N VAL C 315 38.29 13.01 -12.79
CA VAL C 315 38.88 11.71 -13.12
C VAL C 315 40.37 11.88 -13.45
N GLY C 316 40.70 12.89 -14.25
CA GLY C 316 42.07 13.17 -14.65
C GLY C 316 42.99 13.45 -13.48
N LEU C 317 42.55 14.30 -12.55
CA LEU C 317 43.32 14.67 -11.37
C LEU C 317 43.60 13.43 -10.48
N HIS C 318 42.57 12.64 -10.18
CA HIS C 318 42.73 11.48 -9.31
C HIS C 318 43.57 10.39 -9.98
N SER C 319 43.35 10.10 -11.27
CA SER C 319 44.15 9.11 -11.98
C SER C 319 45.63 9.48 -11.99
N MET C 320 45.92 10.77 -12.16
CA MET C 320 47.29 11.27 -12.17
C MET C 320 47.92 11.13 -10.78
N ARG C 321 47.15 11.43 -9.73
CA ARG C 321 47.60 11.37 -8.35
C ARG C 321 47.93 9.93 -7.93
N TYR C 322 47.08 8.96 -8.27
CA TYR C 322 47.28 7.58 -7.83
C TYR C 322 48.39 6.88 -8.61
N LEU C 323 48.52 7.14 -9.92
CA LEU C 323 49.61 6.53 -10.70
C LEU C 323 50.95 7.07 -10.24
N HIS C 324 51.04 8.37 -9.97
CA HIS C 324 52.26 9.00 -9.48
C HIS C 324 52.66 8.42 -8.12
N ARG C 325 51.68 8.17 -7.26
CA ARG C 325 51.89 7.59 -5.94
C ARG C 325 52.55 6.20 -6.03
N PHE C 326 52.31 5.47 -7.11
CA PHE C 326 52.86 4.12 -7.27
C PHE C 326 54.10 4.05 -8.16
N GLY C 327 54.77 5.18 -8.38
CA GLY C 327 56.01 5.19 -9.14
C GLY C 327 55.96 5.69 -10.57
N ALA C 328 54.77 5.71 -11.19
CA ALA C 328 54.65 6.17 -12.57
C ALA C 328 54.92 7.67 -12.66
N LYS C 329 55.50 8.10 -13.78
CA LYS C 329 55.86 9.50 -13.98
C LYS C 329 54.93 10.17 -14.99
N CYS C 330 54.28 11.28 -14.60
CA CYS C 330 53.41 11.99 -15.52
C CYS C 330 54.23 12.89 -16.41
N VAL C 331 54.20 12.61 -17.72
CA VAL C 331 54.99 13.37 -18.68
C VAL C 331 54.19 14.53 -19.25
N ALA C 332 52.88 14.34 -19.47
CA ALA C 332 52.07 15.40 -20.06
C ALA C 332 50.61 15.40 -19.58
N VAL C 333 50.03 16.58 -19.40
CA VAL C 333 48.63 16.75 -19.01
C VAL C 333 47.96 17.67 -20.02
N GLY C 334 46.92 17.18 -20.68
CA GLY C 334 46.18 17.96 -21.67
C GLY C 334 44.87 18.48 -21.14
N GLU C 335 44.35 19.55 -21.74
CA GLU C 335 43.10 20.15 -21.33
C GLU C 335 42.33 20.72 -22.54
N SER C 336 41.05 21.12 -22.33
CA SER C 336 40.19 21.69 -23.38
C SER C 336 40.86 22.85 -24.08
N ASP C 337 41.50 23.73 -23.30
CA ASP C 337 42.21 24.86 -23.85
C ASP C 337 43.69 24.75 -23.50
N GLY C 338 44.45 24.11 -24.37
CA GLY C 338 45.89 23.94 -24.23
C GLY C 338 46.37 22.64 -23.60
N SER C 339 47.69 22.44 -23.63
CA SER C 339 48.35 21.26 -23.09
C SER C 339 49.66 21.62 -22.38
N ILE C 340 50.09 20.77 -21.45
CA ILE C 340 51.29 20.97 -20.65
C ILE C 340 52.19 19.73 -20.79
N TRP C 341 53.51 19.93 -20.87
CA TRP C 341 54.43 18.80 -21.03
C TRP C 341 55.79 19.04 -20.35
N ASN C 342 56.29 18.00 -19.67
CA ASN C 342 57.58 17.97 -19.00
C ASN C 342 58.07 16.52 -18.93
N PRO C 343 59.10 16.17 -19.72
CA PRO C 343 59.58 14.79 -19.71
C PRO C 343 60.22 14.36 -18.37
N ASP C 344 60.68 15.33 -17.57
CA ASP C 344 61.27 15.04 -16.26
C ASP C 344 60.22 14.62 -15.22
N GLY C 345 58.97 15.05 -15.40
CA GLY C 345 57.89 14.70 -14.48
C GLY C 345 57.05 15.88 -14.03
N ILE C 346 55.75 15.64 -13.82
CA ILE C 346 54.82 16.67 -13.35
C ILE C 346 54.19 16.22 -12.03
N ASP C 347 54.35 17.01 -10.96
CA ASP C 347 53.78 16.66 -9.66
C ASP C 347 52.29 16.94 -9.64
N PRO C 348 51.47 15.94 -9.28
CA PRO C 348 50.01 16.13 -9.29
C PRO C 348 49.52 17.12 -8.24
N LYS C 349 50.16 17.17 -7.06
CA LYS C 349 49.73 18.11 -6.02
C LYS C 349 50.05 19.54 -6.43
N GLU C 350 51.23 19.76 -7.05
CA GLU C 350 51.63 21.09 -7.52
C GLU C 350 50.72 21.56 -8.66
N LEU C 351 50.33 20.64 -9.56
CA LEU C 351 49.44 20.97 -10.67
C LEU C 351 48.01 21.22 -10.19
N GLU C 352 47.57 20.48 -9.18
CA GLU C 352 46.23 20.64 -8.59
C GLU C 352 46.10 22.01 -7.94
N ASP C 353 47.13 22.43 -7.19
CA ASP C 353 47.14 23.72 -6.50
C ASP C 353 47.15 24.88 -7.50
N PHE C 354 47.84 24.72 -8.64
CA PHE C 354 47.90 25.75 -9.67
C PHE C 354 46.56 25.90 -10.38
N LYS C 355 45.91 24.77 -10.71
CA LYS C 355 44.61 24.80 -11.39
C LYS C 355 43.51 25.35 -10.48
N LEU C 356 43.61 25.10 -9.16
CA LEU C 356 42.63 25.64 -8.21
C LEU C 356 42.81 27.14 -7.98
N GLN C 357 44.05 27.65 -8.11
CA GLN C 357 44.33 29.06 -7.89
C GLN C 357 44.24 29.91 -9.15
N HIS C 358 44.32 29.30 -10.35
CA HIS C 358 44.29 30.06 -11.59
C HIS C 358 43.17 29.67 -12.57
N GLY C 359 42.53 28.54 -12.35
CA GLY C 359 41.44 28.08 -13.20
C GLY C 359 41.88 27.17 -14.33
N THR C 360 43.15 27.28 -14.75
CA THR C 360 43.68 26.46 -15.84
C THR C 360 45.09 25.96 -15.55
N ILE C 361 45.52 24.89 -16.25
CA ILE C 361 46.88 24.37 -16.10
C ILE C 361 47.90 25.16 -16.96
N LEU C 362 47.41 25.96 -17.92
CA LEU C 362 48.26 26.75 -18.79
C LEU C 362 49.02 27.77 -17.99
N GLY C 363 50.34 27.72 -18.13
CA GLY C 363 51.24 28.61 -17.40
C GLY C 363 51.91 27.96 -16.21
N PHE C 364 51.84 26.61 -16.10
CA PHE C 364 52.48 25.87 -15.01
C PHE C 364 53.99 26.08 -15.08
N PRO C 365 54.60 26.55 -13.98
CA PRO C 365 56.02 26.90 -14.01
C PRO C 365 56.98 25.73 -14.28
N LYS C 366 56.65 24.54 -13.79
CA LYS C 366 57.51 23.37 -13.97
C LYS C 366 57.09 22.51 -15.17
N ALA C 367 56.61 23.16 -16.26
CA ALA C 367 56.19 22.45 -17.48
C ALA C 367 56.09 23.39 -18.68
N LYS C 368 56.59 22.95 -19.84
CA LYS C 368 56.51 23.74 -21.07
C LYS C 368 55.14 23.59 -21.74
N ILE C 369 54.72 24.62 -22.49
CA ILE C 369 53.42 24.60 -23.17
C ILE C 369 53.51 23.72 -24.41
N TYR C 370 52.74 22.63 -24.44
CA TYR C 370 52.72 21.68 -25.54
C TYR C 370 51.69 22.10 -26.58
N GLU C 371 52.13 22.27 -27.83
CA GLU C 371 51.23 22.69 -28.90
C GLU C 371 50.55 21.48 -29.54
N GLY C 372 49.30 21.25 -29.15
CA GLY C 372 48.52 20.14 -29.68
C GLY C 372 47.90 19.26 -28.61
N SER C 373 47.30 18.14 -29.04
CA SER C 373 46.67 17.20 -28.12
C SER C 373 47.73 16.33 -27.44
N ILE C 374 47.44 15.87 -26.24
CA ILE C 374 48.37 15.02 -25.48
C ILE C 374 48.43 13.58 -26.07
N LEU C 375 47.41 13.18 -26.85
CA LEU C 375 47.25 11.85 -27.44
C LEU C 375 48.47 11.31 -28.17
N GLU C 376 49.32 12.18 -28.72
CA GLU C 376 50.49 11.74 -29.47
C GLU C 376 51.82 11.98 -28.72
N VAL C 377 51.78 12.12 -27.40
CA VAL C 377 53.00 12.29 -26.60
C VAL C 377 53.70 10.94 -26.45
N ASP C 378 55.04 10.92 -26.52
CA ASP C 378 55.79 9.68 -26.36
C ASP C 378 55.76 9.23 -24.90
N CYS C 379 54.80 8.37 -24.56
CA CYS C 379 54.65 7.83 -23.22
C CYS C 379 54.29 6.31 -23.28
N ASP C 380 54.04 5.67 -22.12
CA ASP C 380 53.67 4.26 -22.09
C ASP C 380 52.16 4.10 -21.93
N ILE C 381 51.55 4.90 -21.05
CA ILE C 381 50.12 4.82 -20.78
C ILE C 381 49.41 6.13 -21.12
N LEU C 382 48.43 6.09 -22.02
CA LEU C 382 47.65 7.27 -22.37
C LEU C 382 46.27 7.17 -21.74
N ILE C 383 45.89 8.15 -20.91
CA ILE C 383 44.60 8.11 -20.23
C ILE C 383 43.66 9.22 -20.70
N PRO C 384 42.76 8.97 -21.66
CA PRO C 384 41.79 10.01 -22.04
C PRO C 384 40.70 10.08 -20.95
N ALA C 385 40.90 10.93 -19.94
CA ALA C 385 39.97 11.04 -18.82
C ALA C 385 38.91 12.13 -19.01
N ALA C 386 38.55 12.44 -20.28
CA ALA C 386 37.54 13.44 -20.61
C ALA C 386 37.14 13.37 -22.10
N SER C 387 35.93 13.90 -22.44
CA SER C 387 35.36 14.04 -23.79
C SER C 387 35.09 12.70 -24.53
N GLU C 388 34.24 12.76 -25.58
CA GLU C 388 33.90 11.61 -26.40
C GLU C 388 34.54 11.73 -27.79
N LYS C 389 34.99 10.58 -28.33
CA LYS C 389 35.61 10.38 -29.64
C LYS C 389 36.83 11.31 -29.88
N GLN C 390 37.85 11.20 -29.02
CA GLN C 390 39.09 11.95 -29.14
C GLN C 390 40.11 11.15 -29.97
N LEU C 391 40.14 9.82 -29.78
CA LEU C 391 41.03 8.94 -30.55
C LEU C 391 40.26 8.37 -31.72
N THR C 392 40.52 8.90 -32.92
CA THR C 392 39.83 8.50 -34.13
C THR C 392 40.78 7.85 -35.17
N LYS C 393 40.22 7.25 -36.23
CA LYS C 393 40.93 6.57 -37.32
C LYS C 393 42.02 7.43 -37.99
N SER C 394 41.99 8.75 -37.78
CA SER C 394 42.96 9.65 -38.40
C SER C 394 44.20 9.87 -37.51
N ASN C 395 44.05 9.83 -36.17
CA ASN C 395 45.20 10.03 -35.30
C ASN C 395 45.68 8.75 -34.60
N ALA C 396 44.98 7.61 -34.76
CA ALA C 396 45.36 6.33 -34.15
C ALA C 396 46.75 5.84 -34.63
N PRO C 397 47.12 5.95 -35.93
CA PRO C 397 48.47 5.48 -36.33
C PRO C 397 49.62 6.34 -35.81
N ARG C 398 49.32 7.40 -35.03
CA ARG C 398 50.34 8.29 -34.48
C ARG C 398 50.43 8.23 -32.95
N VAL C 399 49.72 7.32 -32.28
CA VAL C 399 49.75 7.24 -30.82
C VAL C 399 51.03 6.51 -30.35
N LYS C 400 51.86 7.16 -29.52
CA LYS C 400 53.11 6.56 -29.06
C LYS C 400 52.93 5.68 -27.81
N ALA C 401 51.80 5.80 -27.09
CA ALA C 401 51.57 4.99 -25.89
C ALA C 401 51.21 3.55 -26.25
N LYS C 402 51.63 2.57 -25.42
CA LYS C 402 51.31 1.16 -25.68
C LYS C 402 50.03 0.73 -24.96
N ILE C 403 49.59 1.45 -23.93
CA ILE C 403 48.35 1.15 -23.21
C ILE C 403 47.46 2.36 -23.27
N ILE C 404 46.19 2.19 -23.66
CA ILE C 404 45.25 3.28 -23.69
C ILE C 404 44.17 2.97 -22.67
N ALA C 405 44.21 3.67 -21.54
CA ALA C 405 43.27 3.46 -20.46
C ALA C 405 42.11 4.45 -20.56
N GLU C 406 40.96 3.98 -21.06
CA GLU C 406 39.79 4.84 -21.22
C GLU C 406 39.14 5.22 -19.90
N GLY C 407 39.48 6.40 -19.40
CA GLY C 407 38.91 6.92 -18.16
C GLY C 407 37.71 7.82 -18.40
N ALA C 408 37.03 7.64 -19.53
CA ALA C 408 35.83 8.37 -19.95
C ALA C 408 35.02 7.49 -20.91
N ASN C 409 33.73 7.78 -21.09
CA ASN C 409 32.90 6.98 -21.97
C ASN C 409 33.12 7.33 -23.44
N GLY C 410 33.42 6.31 -24.22
CA GLY C 410 33.67 6.38 -25.65
C GLY C 410 34.72 7.35 -26.15
N PRO C 411 35.97 7.28 -25.65
CA PRO C 411 37.00 8.18 -26.16
C PRO C 411 37.63 7.67 -27.46
N THR C 412 37.55 6.37 -27.76
CA THR C 412 38.14 5.84 -28.99
C THR C 412 37.07 5.26 -29.92
N THR C 413 37.12 5.64 -31.20
CA THR C 413 36.16 5.15 -32.20
C THR C 413 36.47 3.68 -32.55
N PRO C 414 35.47 2.92 -33.06
CA PRO C 414 35.74 1.52 -33.43
C PRO C 414 36.77 1.37 -34.56
N GLU C 415 36.91 2.40 -35.41
CA GLU C 415 37.90 2.38 -36.48
C GLU C 415 39.32 2.56 -35.90
N ALA C 416 39.45 3.34 -34.81
CA ALA C 416 40.73 3.51 -34.14
C ALA C 416 41.09 2.21 -33.40
N ASP C 417 40.10 1.52 -32.83
CA ASP C 417 40.26 0.24 -32.13
C ASP C 417 40.94 -0.78 -33.05
N LYS C 418 40.56 -0.81 -34.35
CA LYS C 418 41.12 -1.72 -35.34
C LYS C 418 42.60 -1.44 -35.55
N ILE C 419 42.98 -0.16 -35.57
CA ILE C 419 44.36 0.28 -35.76
C ILE C 419 45.19 -0.06 -34.51
N PHE C 420 44.62 0.12 -33.32
CA PHE C 420 45.32 -0.19 -32.09
C PHE C 420 45.57 -1.69 -31.97
N LEU C 421 44.65 -2.53 -32.47
CA LEU C 421 44.83 -3.98 -32.44
C LEU C 421 45.94 -4.37 -33.41
N GLU C 422 45.99 -3.74 -34.59
CA GLU C 422 47.02 -3.98 -35.61
C GLU C 422 48.40 -3.56 -35.11
N ARG C 423 48.46 -2.46 -34.33
CA ARG C 423 49.70 -1.92 -33.78
C ARG C 423 50.09 -2.52 -32.41
N ASN C 424 49.36 -3.53 -31.92
CA ASN C 424 49.59 -4.17 -30.62
C ASN C 424 49.63 -3.15 -29.48
N ILE C 425 48.58 -2.31 -29.41
CA ILE C 425 48.39 -1.28 -28.40
C ILE C 425 47.15 -1.66 -27.61
N MET C 426 47.32 -2.07 -26.35
CA MET C 426 46.23 -2.54 -25.51
C MET C 426 45.32 -1.43 -25.03
N VAL C 427 44.04 -1.51 -25.39
CA VAL C 427 43.06 -0.52 -24.94
C VAL C 427 42.19 -1.11 -23.86
N ILE C 428 42.33 -0.63 -22.61
CA ILE C 428 41.49 -1.07 -21.49
C ILE C 428 40.17 -0.32 -21.63
N PRO C 429 39.05 -1.03 -21.85
CA PRO C 429 37.81 -0.33 -22.19
C PRO C 429 37.10 0.41 -21.06
N ASP C 430 36.34 1.43 -21.43
CA ASP C 430 35.52 2.29 -20.59
C ASP C 430 34.50 1.46 -19.79
N LEU C 431 33.96 0.41 -20.42
CA LEU C 431 32.99 -0.54 -19.85
C LEU C 431 33.49 -1.08 -18.51
N TYR C 432 34.81 -1.31 -18.40
CA TYR C 432 35.45 -1.82 -17.20
C TYR C 432 36.16 -0.71 -16.42
N LEU C 433 37.09 0.02 -17.06
CA LEU C 433 37.91 1.02 -16.39
C LEU C 433 37.13 2.19 -15.83
N ASN C 434 36.06 2.60 -16.53
CA ASN C 434 35.26 3.73 -16.09
C ASN C 434 34.07 3.27 -15.23
N ALA C 435 34.21 2.15 -14.49
CA ALA C 435 33.12 1.63 -13.66
C ALA C 435 33.39 1.73 -12.15
N GLY C 436 34.35 2.56 -11.76
CA GLY C 436 34.68 2.76 -10.35
C GLY C 436 33.59 3.53 -9.62
N GLY C 437 33.06 4.55 -10.28
CA GLY C 437 31.99 5.36 -9.72
C GLY C 437 30.69 4.59 -9.60
N VAL C 438 30.43 3.71 -10.58
CA VAL C 438 29.24 2.84 -10.57
C VAL C 438 29.34 1.87 -9.41
N THR C 439 30.53 1.32 -9.16
CA THR C 439 30.78 0.39 -8.09
C THR C 439 30.52 1.04 -6.73
N VAL C 440 31.05 2.26 -6.46
CA VAL C 440 30.79 2.88 -5.15
C VAL C 440 29.36 3.42 -5.07
N SER C 441 28.66 3.68 -6.22
CA SER C 441 27.26 4.06 -6.15
C SER C 441 26.42 2.87 -5.66
N TYR C 442 26.84 1.64 -5.99
CA TYR C 442 26.23 0.41 -5.49
C TYR C 442 26.43 0.35 -3.98
N PHE C 443 27.64 0.67 -3.50
CA PHE C 443 27.95 0.69 -2.07
C PHE C 443 27.18 1.77 -1.34
N GLU C 444 26.89 2.90 -1.99
CA GLU C 444 26.10 3.97 -1.38
C GLU C 444 24.66 3.49 -1.20
N TRP C 445 24.12 2.84 -2.24
CA TRP C 445 22.77 2.29 -2.22
C TRP C 445 22.67 1.25 -1.09
N LEU C 446 23.70 0.40 -0.96
CA LEU C 446 23.75 -0.59 0.10
C LEU C 446 23.82 0.07 1.46
N LYS C 447 24.63 1.14 1.61
CA LYS C 447 24.77 1.89 2.86
C LYS C 447 23.44 2.43 3.33
N ASN C 448 22.63 2.92 2.39
CA ASN C 448 21.32 3.47 2.72
C ASN C 448 20.35 2.37 3.13
N LEU C 449 20.47 1.18 2.54
CA LEU C 449 19.63 0.03 2.92
C LEU C 449 20.04 -0.45 4.31
N ASN C 450 21.36 -0.47 4.58
CA ASN C 450 21.91 -0.87 5.88
C ASN C 450 21.53 0.13 6.98
N HIS C 451 21.42 1.42 6.63
CA HIS C 451 21.13 2.50 7.58
C HIS C 451 22.27 2.66 8.59
N VAL C 452 23.51 2.34 8.19
CA VAL C 452 24.69 2.40 9.03
C VAL C 452 25.94 2.60 8.15
N SER C 453 26.95 3.32 8.66
CA SER C 453 28.20 3.46 7.92
C SER C 453 28.98 2.16 7.99
N TYR C 454 29.83 1.89 6.99
CA TYR C 454 30.62 0.66 6.96
C TYR C 454 31.65 0.65 8.08
N GLY C 455 31.72 -0.49 8.79
CA GLY C 455 32.70 -0.69 9.85
C GLY C 455 32.31 -0.15 11.22
N ARG C 456 31.25 0.66 11.29
CA ARG C 456 30.76 1.27 12.53
C ARG C 456 30.74 0.32 13.75
N LEU C 457 30.34 -0.94 13.57
CA LEU C 457 30.27 -1.88 14.70
C LEU C 457 31.44 -2.85 14.79
N THR C 458 32.37 -2.82 13.82
CA THR C 458 33.47 -3.79 13.80
C THR C 458 34.87 -3.21 13.83
N PHE C 459 35.06 -1.88 13.72
CA PHE C 459 36.40 -1.30 13.72
C PHE C 459 37.11 -1.56 15.05
N LYS C 460 36.43 -1.30 16.17
CA LYS C 460 36.99 -1.50 17.49
C LYS C 460 37.19 -2.99 17.77
N TYR C 461 36.22 -3.83 17.33
CA TYR C 461 36.30 -5.28 17.53
C TYR C 461 37.51 -5.84 16.79
N GLU C 462 37.73 -5.41 15.55
CA GLU C 462 38.84 -5.84 14.71
C GLU C 462 40.17 -5.41 15.35
N ARG C 463 40.23 -4.19 15.86
CA ARG C 463 41.40 -3.63 16.53
C ARG C 463 41.78 -4.48 17.73
N ASP C 464 40.81 -4.82 18.58
CA ASP C 464 41.06 -5.63 19.76
C ASP C 464 41.48 -7.05 19.39
N SER C 465 40.95 -7.59 18.28
CA SER C 465 41.36 -8.92 17.85
C SER C 465 42.81 -8.89 17.38
N ASN C 466 43.20 -7.82 16.63
CA ASN C 466 44.58 -7.65 16.19
C ASN C 466 45.53 -7.58 17.37
N TYR C 467 45.16 -6.81 18.41
CA TYR C 467 45.96 -6.65 19.60
C TYR C 467 46.11 -7.98 20.35
N HIS C 468 45.05 -8.80 20.38
CA HIS C 468 45.10 -10.11 21.00
C HIS C 468 46.02 -11.05 20.22
N LEU C 469 46.02 -10.94 18.88
CA LEU C 469 46.88 -11.77 18.03
C LEU C 469 48.34 -11.46 18.32
N LEU C 470 48.72 -10.17 18.31
CA LEU C 470 50.09 -9.76 18.59
C LEU C 470 50.49 -10.10 20.02
N MET C 471 49.56 -9.98 20.98
CA MET C 471 49.84 -10.34 22.37
C MET C 471 50.06 -11.84 22.52
N SER C 472 49.40 -12.66 21.67
CA SER C 472 49.56 -14.11 21.70
C SER C 472 50.91 -14.52 21.15
N VAL C 473 51.38 -13.83 20.10
CA VAL C 473 52.70 -14.10 19.52
C VAL C 473 53.77 -13.74 20.54
N GLN C 474 53.61 -12.58 21.22
CA GLN C 474 54.53 -12.12 22.25
C GLN C 474 54.57 -13.11 23.43
N GLU C 475 53.42 -13.46 24.00
CA GLU C 475 53.37 -14.37 25.14
C GLU C 475 53.88 -15.78 24.78
N SER C 476 53.74 -16.19 23.51
CA SER C 476 54.22 -17.51 23.07
C SER C 476 55.73 -17.50 22.87
N LEU C 477 56.27 -16.42 22.28
CA LEU C 477 57.71 -16.28 22.07
C LEU C 477 58.43 -16.08 23.39
N GLU C 478 57.81 -15.39 24.36
CA GLU C 478 58.42 -15.20 25.68
C GLU C 478 58.52 -16.53 26.43
N ARG C 479 57.66 -17.52 26.14
CA ARG C 479 57.73 -18.84 26.76
C ARG C 479 58.82 -19.70 26.11
N LYS C 480 59.01 -19.57 24.79
CA LYS C 480 60.01 -20.31 24.03
C LYS C 480 61.40 -19.84 24.38
N PHE C 481 61.60 -18.52 24.47
CA PHE C 481 62.93 -17.99 24.79
C PHE C 481 63.12 -17.65 26.28
N GLY C 482 62.12 -17.95 27.12
CA GLY C 482 62.14 -17.78 28.57
C GLY C 482 62.81 -16.57 29.17
N LYS C 483 63.54 -16.81 30.28
CA LYS C 483 64.24 -15.79 31.04
C LYS C 483 65.72 -15.66 30.61
N HIS C 484 65.91 -15.13 29.38
CA HIS C 484 67.20 -14.81 28.74
C HIS C 484 66.94 -13.79 27.62
N GLY C 485 65.91 -14.03 26.83
CA GLY C 485 65.51 -13.12 25.77
C GLY C 485 64.62 -11.98 26.24
N GLY C 486 64.62 -11.70 27.56
CA GLY C 486 63.85 -10.66 28.22
C GLY C 486 62.41 -10.57 27.79
N THR C 487 61.91 -9.34 27.63
CA THR C 487 60.56 -9.09 27.14
C THR C 487 60.69 -8.82 25.62
N ILE C 488 59.79 -9.41 24.81
CA ILE C 488 59.82 -9.30 23.35
C ILE C 488 58.58 -8.54 22.88
N PRO C 489 58.61 -7.20 22.86
CA PRO C 489 57.41 -6.45 22.52
C PRO C 489 56.95 -6.60 21.08
N ILE C 490 55.79 -7.20 20.88
CA ILE C 490 55.20 -7.32 19.57
C ILE C 490 54.14 -6.23 19.45
N VAL C 491 54.45 -5.17 18.71
CA VAL C 491 53.57 -4.02 18.53
C VAL C 491 53.32 -3.76 17.03
N PRO C 492 52.21 -3.07 16.67
CA PRO C 492 51.95 -2.82 15.23
C PRO C 492 52.97 -1.87 14.61
N THR C 493 53.21 -2.01 13.29
CA THR C 493 54.11 -1.10 12.57
C THR C 493 53.51 0.31 12.54
N ALA C 494 54.30 1.33 12.15
CA ALA C 494 53.80 2.70 12.07
C ALA C 494 52.62 2.80 11.08
N GLU C 495 52.73 2.06 9.96
CA GLU C 495 51.72 2.02 8.90
C GLU C 495 50.44 1.35 9.38
N PHE C 496 50.57 0.24 10.13
CA PHE C 496 49.43 -0.46 10.70
C PHE C 496 48.76 0.37 11.80
N GLN C 497 49.56 1.10 12.58
CA GLN C 497 49.03 1.95 13.64
C GLN C 497 48.18 3.08 13.05
N ASP C 498 48.61 3.64 11.90
CA ASP C 498 47.88 4.70 11.19
C ASP C 498 46.54 4.18 10.64
N ARG C 499 46.54 2.93 10.15
CA ARG C 499 45.37 2.25 9.62
C ARG C 499 44.34 2.03 10.73
N ILE C 500 44.81 1.63 11.92
CA ILE C 500 43.94 1.37 13.08
C ILE C 500 43.33 2.68 13.58
N SER C 501 44.15 3.73 13.72
CA SER C 501 43.69 5.02 14.21
C SER C 501 42.77 5.74 13.22
N GLY C 502 43.09 5.66 11.94
CA GLY C 502 42.29 6.31 10.91
C GLY C 502 41.23 5.43 10.29
N ALA C 503 40.85 4.34 10.98
CA ALA C 503 39.85 3.42 10.48
C ALA C 503 38.51 4.11 10.34
N SER C 504 38.05 4.23 9.10
CA SER C 504 36.78 4.85 8.77
C SER C 504 36.14 4.15 7.56
N GLU C 505 34.88 4.49 7.23
CA GLU C 505 34.13 3.90 6.13
C GLU C 505 34.92 3.93 4.81
N LYS C 506 35.60 5.05 4.48
CA LYS C 506 36.35 5.19 3.23
C LYS C 506 37.29 4.00 2.96
N ASP C 507 37.89 3.39 4.01
CA ASP C 507 38.80 2.25 3.90
C ASP C 507 38.10 1.01 3.33
N ILE C 508 36.86 0.78 3.76
CA ILE C 508 36.07 -0.35 3.32
C ILE C 508 35.56 -0.12 1.91
N VAL C 509 35.18 1.11 1.56
CA VAL C 509 34.72 1.43 0.21
C VAL C 509 35.89 1.27 -0.76
N HIS C 510 37.09 1.75 -0.39
CA HIS C 510 38.30 1.62 -1.22
C HIS C 510 38.67 0.17 -1.46
N SER C 511 38.59 -0.68 -0.41
CA SER C 511 38.91 -2.09 -0.54
C SER C 511 37.82 -2.85 -1.32
N GLY C 512 36.57 -2.46 -1.12
CA GLY C 512 35.44 -3.07 -1.82
C GLY C 512 35.49 -2.84 -3.32
N LEU C 513 36.00 -1.67 -3.72
CA LEU C 513 36.20 -1.24 -5.10
C LEU C 513 37.44 -1.91 -5.69
N ALA C 514 38.53 -2.00 -4.92
CA ALA C 514 39.75 -2.69 -5.35
C ALA C 514 39.46 -4.17 -5.61
N TYR C 515 38.61 -4.79 -4.76
CA TYR C 515 38.25 -6.20 -4.92
C TYR C 515 37.41 -6.41 -6.18
N THR C 516 36.51 -5.47 -6.48
CA THR C 516 35.65 -5.51 -7.65
C THR C 516 36.49 -5.35 -8.93
N MET C 517 37.42 -4.39 -8.96
CA MET C 517 38.25 -4.18 -10.13
C MET C 517 39.18 -5.36 -10.36
N GLU C 518 39.70 -5.96 -9.29
CA GLU C 518 40.58 -7.12 -9.39
C GLU C 518 39.82 -8.32 -9.94
N ARG C 519 38.65 -8.62 -9.36
CA ARG C 519 37.82 -9.74 -9.76
C ARG C 519 37.36 -9.61 -11.22
N SER C 520 36.93 -8.41 -11.63
CA SER C 520 36.44 -8.14 -12.98
C SER C 520 37.54 -8.15 -14.02
N ALA C 521 38.79 -7.77 -13.64
CA ALA C 521 39.90 -7.82 -14.59
C ALA C 521 40.19 -9.26 -14.95
N ARG C 522 40.18 -10.16 -13.95
CA ARG C 522 40.44 -11.58 -14.17
C ARG C 522 39.32 -12.21 -14.99
N GLN C 523 38.07 -11.78 -14.80
CA GLN C 523 36.95 -12.28 -15.56
C GLN C 523 37.12 -11.89 -17.03
N ILE C 524 37.51 -10.64 -17.31
CA ILE C 524 37.72 -10.17 -18.67
C ILE C 524 38.91 -10.89 -19.31
N MET C 525 39.98 -11.11 -18.53
CA MET C 525 41.15 -11.82 -19.01
C MET C 525 40.81 -13.26 -19.37
N ARG C 526 39.98 -13.91 -18.55
CA ARG C 526 39.59 -15.30 -18.80
C ARG C 526 38.67 -15.39 -20.01
N THR C 527 37.77 -14.41 -20.19
CA THR C 527 36.87 -14.35 -21.35
C THR C 527 37.71 -14.16 -22.62
N ALA C 528 38.74 -13.29 -22.56
CA ALA C 528 39.62 -13.02 -23.69
C ALA C 528 40.37 -14.27 -24.11
N MET C 529 40.79 -15.10 -23.15
CA MET C 529 41.50 -16.34 -23.47
C MET C 529 40.54 -17.39 -24.02
N LYS C 530 39.35 -17.47 -23.43
CA LYS C 530 38.29 -18.41 -23.84
C LYS C 530 37.89 -18.18 -25.31
N TYR C 531 37.69 -16.92 -25.71
CA TYR C 531 37.29 -16.62 -27.09
C TYR C 531 38.46 -16.17 -28.00
N ASN C 532 39.72 -16.36 -27.55
CA ASN C 532 40.94 -16.01 -28.29
C ASN C 532 40.88 -14.58 -28.86
N LEU C 533 40.65 -13.59 -28.01
CA LEU C 533 40.55 -12.19 -28.42
C LEU C 533 41.88 -11.43 -28.29
N GLY C 534 42.83 -11.95 -27.50
CA GLY C 534 44.12 -11.33 -27.30
C GLY C 534 44.08 -9.97 -26.62
N LEU C 535 44.45 -8.92 -27.35
CA LEU C 535 44.43 -7.56 -26.82
C LEU C 535 43.09 -6.83 -27.03
N ASP C 536 42.08 -7.52 -27.59
CA ASP C 536 40.76 -6.92 -27.79
C ASP C 536 39.97 -7.03 -26.49
N LEU C 537 40.35 -6.24 -25.49
CA LEU C 537 39.72 -6.26 -24.18
C LEU C 537 38.30 -5.70 -24.20
N ARG C 538 37.98 -4.80 -25.15
CA ARG C 538 36.64 -4.24 -25.22
C ARG C 538 35.65 -5.32 -25.60
N THR C 539 35.99 -6.13 -26.61
CA THR C 539 35.12 -7.23 -27.03
C THR C 539 34.99 -8.24 -25.89
N ALA C 540 36.08 -8.51 -25.17
CA ALA C 540 36.05 -9.42 -24.02
C ALA C 540 35.09 -8.92 -22.95
N ALA C 541 35.08 -7.61 -22.69
CA ALA C 541 34.21 -6.99 -21.69
C ALA C 541 32.73 -7.06 -22.11
N TYR C 542 32.42 -6.81 -23.39
CA TYR C 542 31.04 -6.89 -23.85
C TYR C 542 30.56 -8.33 -23.88
N VAL C 543 31.43 -9.28 -24.25
CA VAL C 543 31.06 -10.69 -24.25
C VAL C 543 30.81 -11.15 -22.80
N ASN C 544 31.63 -10.67 -21.86
CA ASN C 544 31.51 -10.98 -20.45
C ASN C 544 30.15 -10.50 -19.92
N ALA C 545 29.74 -9.27 -20.30
CA ALA C 545 28.49 -8.64 -19.88
C ALA C 545 27.28 -9.33 -20.51
N ILE C 546 27.31 -9.59 -21.84
CA ILE C 546 26.22 -10.25 -22.54
C ILE C 546 26.02 -11.67 -21.98
N GLU C 547 27.11 -12.38 -21.67
CA GLU C 547 27.07 -13.72 -21.09
C GLU C 547 26.31 -13.73 -19.75
N LYS C 548 26.52 -12.68 -18.92
CA LYS C 548 25.92 -12.55 -17.60
C LYS C 548 24.45 -12.17 -17.71
N VAL C 549 24.11 -11.17 -18.55
CA VAL C 549 22.73 -10.72 -18.73
C VAL C 549 21.91 -11.86 -19.33
N PHE C 550 22.49 -12.62 -20.29
CA PHE C 550 21.79 -13.75 -20.91
C PHE C 550 21.44 -14.78 -19.88
N ARG C 551 22.39 -15.12 -19.00
CA ARG C 551 22.23 -16.14 -17.97
C ARG C 551 21.06 -15.83 -17.04
N VAL C 552 20.86 -14.56 -16.70
CA VAL C 552 19.76 -14.14 -15.84
C VAL C 552 18.43 -14.37 -16.54
N TYR C 553 18.34 -13.99 -17.82
CA TYR C 553 17.14 -14.19 -18.63
C TYR C 553 16.83 -15.67 -18.84
N ASN C 554 17.84 -16.48 -19.16
CA ASN C 554 17.68 -17.89 -19.45
C ASN C 554 17.19 -18.65 -18.22
N GLU C 555 17.73 -18.35 -17.04
CA GLU C 555 17.36 -19.07 -15.83
C GLU C 555 16.07 -18.54 -15.20
N ALA C 556 15.72 -17.25 -15.42
CA ALA C 556 14.48 -16.71 -14.85
C ALA C 556 13.27 -17.02 -15.74
N GLY C 557 13.47 -16.95 -17.05
CA GLY C 557 12.39 -17.12 -18.01
C GLY C 557 11.70 -15.81 -18.30
N VAL C 558 10.78 -15.82 -19.26
CA VAL C 558 10.02 -14.62 -19.62
C VAL C 558 8.57 -14.82 -19.22
N THR C 559 8.02 -13.89 -18.43
CA THR C 559 6.64 -13.96 -17.95
C THR C 559 5.68 -13.72 -19.13
N PHE C 560 4.67 -14.62 -19.33
CA PHE C 560 3.67 -14.58 -20.41
C PHE C 560 4.30 -14.75 -21.82
N GLU D 64 -18.92 40.40 31.77
CA GLU D 64 -19.35 39.72 33.00
C GLU D 64 -19.75 38.29 32.69
N ASP D 65 -20.64 38.06 31.69
CA ASP D 65 -21.08 36.71 31.33
C ASP D 65 -20.26 36.18 30.15
N ASP D 66 -19.01 35.76 30.42
CA ASP D 66 -18.15 35.22 29.37
C ASP D 66 -17.77 33.77 29.67
N PRO D 67 -18.68 32.81 29.41
CA PRO D 67 -18.31 31.40 29.61
C PRO D 67 -17.44 30.91 28.46
N ASN D 68 -16.44 30.08 28.76
CA ASN D 68 -15.56 29.50 27.73
C ASN D 68 -16.39 28.62 26.82
N PHE D 69 -16.34 28.85 25.50
CA PHE D 69 -17.15 28.05 24.59
C PHE D 69 -16.85 26.53 24.71
N PHE D 70 -15.67 26.15 25.24
CA PHE D 70 -15.35 24.73 25.50
C PHE D 70 -16.11 24.25 26.72
N LYS D 71 -16.14 25.07 27.78
CA LYS D 71 -16.89 24.77 29.00
C LYS D 71 -18.41 24.72 28.72
N MET D 72 -18.88 25.46 27.68
CA MET D 72 -20.27 25.46 27.25
C MET D 72 -20.64 24.12 26.64
N VAL D 73 -19.90 23.68 25.58
CA VAL D 73 -20.17 22.41 24.91
C VAL D 73 -20.06 21.25 25.88
N GLU D 74 -19.07 21.29 26.78
CA GLU D 74 -18.88 20.26 27.79
C GLU D 74 -20.12 20.17 28.69
N GLY D 75 -20.64 21.31 29.11
CA GLY D 75 -21.84 21.39 29.94
C GLY D 75 -23.08 20.90 29.24
N PHE D 76 -23.18 21.16 27.92
CA PHE D 76 -24.31 20.69 27.12
C PHE D 76 -24.31 19.18 27.06
N PHE D 77 -23.13 18.58 26.89
CA PHE D 77 -22.97 17.15 26.86
C PHE D 77 -23.37 16.55 28.20
N ASP D 78 -22.81 17.07 29.30
CA ASP D 78 -23.08 16.57 30.65
C ASP D 78 -24.58 16.58 30.97
N ARG D 79 -25.28 17.63 30.51
CA ARG D 79 -26.71 17.74 30.73
C ARG D 79 -27.47 16.66 29.94
N GLY D 80 -27.14 16.52 28.66
CA GLY D 80 -27.77 15.54 27.80
C GLY D 80 -27.49 14.10 28.18
N ALA D 81 -26.26 13.83 28.67
CA ALA D 81 -25.83 12.50 29.07
C ALA D 81 -26.56 12.02 30.32
N SER D 82 -26.84 12.91 31.27
CA SER D 82 -27.56 12.51 32.48
C SER D 82 -29.06 12.28 32.20
N ILE D 83 -29.61 12.96 31.18
CA ILE D 83 -31.02 12.83 30.82
C ILE D 83 -31.23 11.51 30.07
N VAL D 84 -30.35 11.21 29.13
CA VAL D 84 -30.46 10.01 28.30
C VAL D 84 -30.02 8.74 29.06
N GLU D 85 -29.21 8.86 30.11
CA GLU D 85 -28.65 7.74 30.88
C GLU D 85 -29.68 6.69 31.30
N ASP D 86 -30.74 7.07 32.02
CA ASP D 86 -31.74 6.13 32.54
C ASP D 86 -32.48 5.38 31.43
N LYS D 87 -32.75 6.05 30.32
CA LYS D 87 -33.45 5.42 29.20
C LYS D 87 -32.51 4.46 28.44
N LEU D 88 -31.18 4.71 28.43
CA LEU D 88 -30.21 3.85 27.75
C LEU D 88 -30.00 2.52 28.49
N VAL D 89 -30.20 2.51 29.81
CA VAL D 89 -30.04 1.31 30.62
C VAL D 89 -31.20 0.34 30.39
N GLU D 90 -32.44 0.83 30.47
CA GLU D 90 -33.62 -0.03 30.29
C GLU D 90 -33.76 -0.49 28.83
N ASP D 91 -33.30 0.31 27.86
CA ASP D 91 -33.37 -0.09 26.44
C ASP D 91 -32.30 -1.16 26.10
N LEU D 92 -31.27 -1.33 26.95
CA LEU D 92 -30.22 -2.32 26.74
C LEU D 92 -30.71 -3.72 27.10
N LYS D 93 -30.78 -4.60 26.11
CA LYS D 93 -31.20 -5.98 26.33
C LYS D 93 -29.97 -6.89 26.22
N THR D 94 -29.30 -7.14 27.34
CA THR D 94 -28.07 -7.95 27.34
C THR D 94 -27.96 -8.83 28.61
N ARG D 95 -27.02 -9.82 28.59
CA ARG D 95 -26.78 -10.72 29.71
C ARG D 95 -25.90 -10.04 30.77
N GLU D 96 -26.43 -8.98 31.41
CA GLU D 96 -25.72 -8.23 32.43
C GLU D 96 -26.63 -7.85 33.59
N THR D 97 -26.04 -7.59 34.77
CA THR D 97 -26.80 -7.13 35.93
C THR D 97 -27.17 -5.64 35.72
N GLU D 98 -28.07 -5.10 36.55
CA GLU D 98 -28.47 -3.70 36.39
C GLU D 98 -27.32 -2.74 36.73
N GLU D 99 -26.38 -3.13 37.60
CA GLU D 99 -25.23 -2.29 37.90
C GLU D 99 -24.16 -2.39 36.80
N GLN D 100 -24.08 -3.55 36.13
CA GLN D 100 -23.18 -3.75 34.98
C GLN D 100 -23.67 -2.94 33.77
N LYS D 101 -25.01 -2.74 33.65
CA LYS D 101 -25.61 -1.94 32.58
C LYS D 101 -25.36 -0.46 32.84
N ARG D 102 -25.41 -0.01 34.11
CA ARG D 102 -25.14 1.38 34.46
C ARG D 102 -23.70 1.74 34.17
N ASN D 103 -22.75 0.83 34.47
CA ASN D 103 -21.33 1.04 34.23
C ASN D 103 -21.01 1.07 32.75
N ARG D 104 -21.69 0.23 31.97
CA ARG D 104 -21.45 0.16 30.53
C ARG D 104 -21.92 1.46 29.88
N VAL D 105 -23.10 1.97 30.27
CA VAL D 105 -23.64 3.20 29.70
C VAL D 105 -22.80 4.42 30.13
N ARG D 106 -22.53 4.57 31.42
CA ARG D 106 -21.74 5.68 31.94
C ARG D 106 -20.29 5.65 31.42
N GLY D 107 -19.75 4.45 31.24
CA GLY D 107 -18.41 4.21 30.72
C GLY D 107 -18.26 4.65 29.29
N ILE D 108 -19.22 4.28 28.40
CA ILE D 108 -19.22 4.68 26.99
C ILE D 108 -19.36 6.21 26.89
N LEU D 109 -20.19 6.82 27.77
CA LEU D 109 -20.36 8.27 27.77
C LEU D 109 -19.05 8.98 28.16
N ARG D 110 -18.24 8.36 29.03
CA ARG D 110 -16.94 8.90 29.41
C ARG D 110 -15.94 8.87 28.24
N ILE D 111 -16.09 7.89 27.31
CA ILE D 111 -15.25 7.77 26.12
C ILE D 111 -15.65 8.82 25.05
N ILE D 112 -16.98 9.00 24.86
CA ILE D 112 -17.55 9.91 23.87
C ILE D 112 -17.17 11.38 24.15
N LYS D 113 -17.33 11.82 25.40
CA LYS D 113 -17.10 13.20 25.83
C LYS D 113 -15.73 13.84 25.40
N PRO D 114 -14.53 13.26 25.67
CA PRO D 114 -13.29 13.97 25.30
C PRO D 114 -12.86 13.79 23.86
N CYS D 115 -11.98 14.67 23.39
CA CYS D 115 -11.42 14.56 22.05
C CYS D 115 -10.48 13.37 22.01
N ASN D 116 -10.61 12.52 21.00
CA ASN D 116 -9.76 11.34 20.89
C ASN D 116 -8.33 11.71 20.53
N HIS D 117 -8.13 12.60 19.55
CA HIS D 117 -6.80 12.99 19.12
C HIS D 117 -6.69 14.48 18.91
N VAL D 118 -5.55 15.05 19.27
CA VAL D 118 -5.26 16.47 19.03
C VAL D 118 -3.82 16.57 18.51
N LEU D 119 -3.63 17.10 17.30
CA LEU D 119 -2.28 17.24 16.76
C LEU D 119 -1.84 18.69 16.78
N SER D 120 -0.68 18.97 17.37
CA SER D 120 -0.10 20.31 17.39
C SER D 120 1.08 20.34 16.44
N LEU D 121 1.11 21.31 15.54
CA LEU D 121 2.14 21.42 14.52
C LEU D 121 2.97 22.68 14.66
N SER D 122 4.18 22.63 14.08
CA SER D 122 5.12 23.72 14.02
C SER D 122 5.85 23.53 12.71
N PHE D 123 5.37 24.15 11.63
CA PHE D 123 5.95 23.93 10.31
C PHE D 123 6.59 25.19 9.72
N PRO D 124 7.63 25.01 8.90
CA PRO D 124 8.31 26.18 8.33
C PRO D 124 7.63 26.75 7.09
N ILE D 125 7.91 28.03 6.83
CA ILE D 125 7.40 28.79 5.69
C ILE D 125 8.46 29.80 5.27
N ARG D 126 8.64 30.01 3.96
CA ARG D 126 9.56 31.04 3.50
C ARG D 126 8.76 32.17 2.87
N ARG D 127 8.81 33.35 3.51
CA ARG D 127 8.11 34.55 3.05
C ARG D 127 8.63 34.98 1.67
N ASP D 128 7.82 35.78 0.95
CA ASP D 128 8.19 36.27 -0.36
C ASP D 128 9.48 37.12 -0.32
N ASP D 129 9.77 37.77 0.82
CA ASP D 129 11.01 38.55 0.93
C ASP D 129 12.26 37.65 1.20
N GLY D 130 12.05 36.36 1.45
CA GLY D 130 13.15 35.43 1.69
C GLY D 130 13.29 34.96 3.12
N SER D 131 12.74 35.72 4.08
CA SER D 131 12.82 35.38 5.49
C SER D 131 12.02 34.12 5.83
N TRP D 132 12.40 33.44 6.91
CA TRP D 132 11.71 32.23 7.33
C TRP D 132 10.78 32.49 8.50
N GLU D 133 9.70 31.72 8.58
CA GLU D 133 8.74 31.87 9.65
C GLU D 133 8.21 30.51 10.06
N VAL D 134 8.11 30.26 11.36
CA VAL D 134 7.58 29.01 11.87
C VAL D 134 6.13 29.24 12.24
N ILE D 135 5.23 28.45 11.66
CA ILE D 135 3.80 28.61 11.85
C ILE D 135 3.26 27.59 12.85
N GLU D 136 2.36 28.01 13.75
CA GLU D 136 1.71 27.08 14.67
C GLU D 136 0.39 26.63 14.10
N GLY D 137 0.04 25.38 14.31
CA GLY D 137 -1.22 24.83 13.82
C GLY D 137 -1.74 23.73 14.71
N TYR D 138 -3.04 23.48 14.68
CA TYR D 138 -3.67 22.43 15.48
C TYR D 138 -4.77 21.75 14.70
N ARG D 139 -5.09 20.50 15.03
CA ARG D 139 -6.20 19.78 14.43
C ARG D 139 -6.71 18.75 15.42
N ALA D 140 -7.93 18.93 15.92
CA ALA D 140 -8.52 17.97 16.85
C ALA D 140 -9.52 17.10 16.14
N GLN D 141 -9.51 15.80 16.44
CA GLN D 141 -10.46 14.81 15.98
C GLN D 141 -11.18 14.34 17.20
N HIS D 142 -12.39 14.82 17.42
CA HIS D 142 -13.14 14.49 18.61
C HIS D 142 -13.52 13.02 18.65
N SER D 143 -14.08 12.48 17.56
CA SER D 143 -14.55 11.10 17.56
C SER D 143 -14.31 10.40 16.25
N GLN D 144 -14.11 9.09 16.29
CA GLN D 144 -14.00 8.29 15.07
C GLN D 144 -15.06 7.19 15.03
N HIS D 145 -16.19 7.34 15.76
CA HIS D 145 -17.29 6.37 15.69
C HIS D 145 -17.85 6.29 14.24
N ARG D 146 -17.68 7.39 13.49
CA ARG D 146 -17.98 7.54 12.08
C ARG D 146 -16.73 8.09 11.41
N THR D 147 -16.21 7.40 10.39
CA THR D 147 -15.05 7.91 9.67
C THR D 147 -15.49 8.21 8.22
N PRO D 148 -14.97 9.27 7.59
CA PRO D 148 -13.93 10.18 8.08
C PRO D 148 -14.41 11.22 9.09
N CYS D 149 -13.47 11.92 9.71
CA CYS D 149 -13.80 13.06 10.55
C CYS D 149 -14.08 14.22 9.61
N LYS D 150 -14.80 15.21 10.06
CA LYS D 150 -15.15 16.36 9.23
C LYS D 150 -15.02 17.62 10.05
N GLY D 151 -14.50 18.67 9.45
CA GLY D 151 -14.38 19.94 10.15
C GLY D 151 -13.55 20.97 9.47
N GLY D 152 -13.92 22.22 9.65
CA GLY D 152 -13.23 23.33 9.02
C GLY D 152 -11.84 23.65 9.52
N ILE D 153 -11.18 24.56 8.80
CA ILE D 153 -9.85 25.08 9.11
C ILE D 153 -9.96 26.58 9.30
N ARG D 154 -9.55 27.07 10.45
CA ARG D 154 -9.60 28.51 10.73
C ARG D 154 -8.22 29.11 10.66
N TYR D 155 -8.06 30.21 9.92
CA TYR D 155 -6.81 30.94 9.86
C TYR D 155 -6.96 32.19 10.70
N SER D 156 -6.58 32.13 11.98
CA SER D 156 -6.72 33.27 12.86
C SER D 156 -5.65 33.26 13.93
N THR D 157 -5.21 34.45 14.37
CA THR D 157 -4.24 34.51 15.47
C THR D 157 -4.90 34.15 16.83
N ASP D 158 -6.24 34.07 16.89
CA ASP D 158 -7.00 33.76 18.08
C ASP D 158 -7.33 32.26 18.21
N VAL D 159 -6.80 31.39 17.33
CA VAL D 159 -7.07 29.96 17.45
C VAL D 159 -6.28 29.39 18.62
N SER D 160 -6.84 28.39 19.28
CA SER D 160 -6.21 27.74 20.42
C SER D 160 -6.56 26.24 20.43
N VAL D 161 -5.87 25.45 21.27
CA VAL D 161 -6.15 24.01 21.37
C VAL D 161 -7.57 23.81 21.91
N ASP D 162 -7.96 24.59 22.92
CA ASP D 162 -9.28 24.49 23.53
C ASP D 162 -10.38 24.87 22.54
N GLU D 163 -10.15 25.88 21.71
CA GLU D 163 -11.13 26.32 20.70
C GLU D 163 -11.32 25.24 19.64
N VAL D 164 -10.22 24.66 19.20
CA VAL D 164 -10.20 23.62 18.19
C VAL D 164 -10.85 22.33 18.76
N LYS D 165 -10.68 22.04 20.06
CA LYS D 165 -11.28 20.88 20.72
C LYS D 165 -12.79 21.04 20.90
N ALA D 166 -13.23 22.24 21.30
CA ALA D 166 -14.65 22.52 21.51
C ALA D 166 -15.43 22.46 20.21
N LEU D 167 -14.90 23.06 19.15
CA LEU D 167 -15.57 23.07 17.86
C LEU D 167 -15.56 21.68 17.22
N ALA D 168 -14.54 20.85 17.51
CA ALA D 168 -14.49 19.49 17.01
C ALA D 168 -15.58 18.66 17.67
N SER D 169 -15.74 18.80 19.00
CA SER D 169 -16.77 18.06 19.73
C SER D 169 -18.15 18.52 19.32
N LEU D 170 -18.34 19.85 19.11
CA LEU D 170 -19.62 20.41 18.65
C LEU D 170 -20.03 19.78 17.31
N MET D 171 -19.06 19.62 16.41
CA MET D 171 -19.23 19.03 15.07
C MET D 171 -19.69 17.58 15.15
N THR D 172 -19.25 16.82 16.17
CA THR D 172 -19.67 15.43 16.32
C THR D 172 -21.17 15.37 16.57
N TYR D 173 -21.67 16.22 17.48
CA TYR D 173 -23.08 16.22 17.83
C TYR D 173 -23.93 16.89 16.71
N LYS D 174 -23.33 17.84 15.96
CA LYS D 174 -24.00 18.51 14.86
C LYS D 174 -24.28 17.51 13.74
N CYS D 175 -23.27 16.67 13.41
CA CYS D 175 -23.37 15.65 12.37
C CYS D 175 -24.34 14.57 12.77
N ALA D 176 -24.33 14.16 14.03
CA ALA D 176 -25.25 13.14 14.50
C ALA D 176 -26.71 13.61 14.39
N VAL D 177 -27.03 14.90 14.72
CA VAL D 177 -28.43 15.35 14.64
C VAL D 177 -28.90 15.39 13.18
N VAL D 178 -28.00 15.68 12.22
CA VAL D 178 -28.43 15.72 10.81
C VAL D 178 -28.11 14.42 10.05
N ASP D 179 -27.83 13.32 10.80
CA ASP D 179 -27.52 12.00 10.27
C ASP D 179 -26.42 12.02 9.19
N VAL D 180 -25.42 12.86 9.38
CA VAL D 180 -24.27 12.96 8.49
C VAL D 180 -23.20 12.05 9.10
N PRO D 181 -22.77 11.01 8.38
CA PRO D 181 -21.90 9.99 8.97
C PRO D 181 -20.43 10.36 9.11
N PHE D 182 -20.14 11.44 9.84
CA PHE D 182 -18.77 11.84 10.11
C PHE D 182 -18.56 12.13 11.58
N GLY D 183 -17.35 11.87 12.06
CA GLY D 183 -16.96 12.27 13.40
C GLY D 183 -16.57 13.74 13.36
N GLY D 184 -16.53 14.39 14.51
CA GLY D 184 -16.18 15.81 14.56
C GLY D 184 -14.70 16.08 14.50
N ALA D 185 -14.31 17.20 13.85
CA ALA D 185 -12.93 17.63 13.72
C ALA D 185 -12.83 19.15 13.51
N LYS D 186 -11.68 19.75 13.85
CA LYS D 186 -11.49 21.20 13.66
C LYS D 186 -10.00 21.54 13.64
N ALA D 187 -9.58 22.36 12.66
CA ALA D 187 -8.20 22.80 12.56
C ALA D 187 -8.07 24.31 12.73
N GLY D 188 -6.90 24.75 13.17
CA GLY D 188 -6.63 26.16 13.35
C GLY D 188 -5.16 26.49 13.10
N VAL D 189 -4.88 27.39 12.17
CA VAL D 189 -3.52 27.82 11.88
C VAL D 189 -3.38 29.22 12.48
N LYS D 190 -2.46 29.39 13.43
CA LYS D 190 -2.30 30.64 14.17
C LYS D 190 -1.59 31.75 13.36
N ILE D 191 -2.26 32.26 12.31
CA ILE D 191 -1.78 33.35 11.46
C ILE D 191 -2.93 34.30 11.09
N ASN D 192 -2.60 35.57 10.77
CA ASN D 192 -3.62 36.51 10.31
C ASN D 192 -3.49 36.62 8.79
N PRO D 193 -4.42 36.03 8.02
CA PRO D 193 -4.30 36.03 6.55
C PRO D 193 -4.13 37.41 5.91
N LYS D 194 -4.56 38.47 6.61
CA LYS D 194 -4.41 39.83 6.09
C LYS D 194 -2.93 40.23 5.97
N ASN D 195 -2.03 39.59 6.74
CA ASN D 195 -0.58 39.85 6.74
C ASN D 195 0.20 39.05 5.69
N TYR D 196 -0.46 38.23 4.87
CA TYR D 196 0.24 37.40 3.90
C TYR D 196 -0.23 37.59 2.48
N THR D 197 0.69 37.43 1.52
CA THR D 197 0.39 37.50 0.10
C THR D 197 -0.34 36.22 -0.33
N ASP D 198 -0.98 36.22 -1.51
CA ASP D 198 -1.65 35.01 -2.01
C ASP D 198 -0.66 33.84 -2.21
N ASN D 199 0.61 34.17 -2.52
CA ASN D 199 1.67 33.21 -2.71
C ASN D 199 2.06 32.60 -1.37
N GLU D 200 2.18 33.44 -0.33
CA GLU D 200 2.53 32.99 1.02
C GLU D 200 1.40 32.15 1.60
N LEU D 201 0.14 32.54 1.37
CA LEU D 201 -1.01 31.78 1.85
C LEU D 201 -1.10 30.42 1.17
N GLU D 202 -0.65 30.31 -0.09
CA GLU D 202 -0.63 29.02 -0.79
C GLU D 202 0.44 28.12 -0.17
N LYS D 203 1.62 28.66 0.15
CA LYS D 203 2.68 27.91 0.80
C LYS D 203 2.23 27.39 2.17
N ILE D 204 1.57 28.24 2.97
CA ILE D 204 1.08 27.87 4.30
C ILE D 204 0.07 26.74 4.18
N THR D 205 -0.85 26.85 3.21
CA THR D 205 -1.90 25.87 2.97
C THR D 205 -1.32 24.53 2.51
N ARG D 206 -0.43 24.55 1.51
CA ARG D 206 0.14 23.33 0.97
C ARG D 206 1.02 22.64 2.01
N ARG D 207 1.76 23.40 2.83
CA ARG D 207 2.62 22.81 3.86
C ARG D 207 1.82 22.26 5.02
N PHE D 208 0.76 22.95 5.41
CA PHE D 208 -0.12 22.49 6.49
C PHE D 208 -0.79 21.16 6.10
N THR D 209 -1.20 21.05 4.82
CA THR D 209 -1.81 19.85 4.24
C THR D 209 -0.85 18.67 4.34
N MET D 210 0.43 18.90 4.01
CA MET D 210 1.46 17.85 4.05
C MET D 210 1.70 17.35 5.46
N GLU D 211 1.72 18.25 6.44
CA GLU D 211 1.93 17.88 7.82
C GLU D 211 0.73 17.11 8.37
N LEU D 212 -0.50 17.46 7.95
CA LEU D 212 -1.68 16.74 8.40
C LEU D 212 -1.73 15.36 7.75
N ALA D 213 -1.44 15.28 6.45
CA ALA D 213 -1.48 14.03 5.69
C ALA D 213 -0.58 12.97 6.26
N LYS D 214 0.66 13.33 6.63
CA LYS D 214 1.64 12.38 7.16
C LYS D 214 1.25 11.82 8.54
N LYS D 215 0.44 12.57 9.30
CA LYS D 215 0.04 12.12 10.63
C LYS D 215 -1.43 11.66 10.70
N GLY D 216 -2.06 11.38 9.57
CA GLY D 216 -3.44 10.88 9.54
C GLY D 216 -4.49 11.86 9.98
N PHE D 217 -4.31 13.15 9.64
CA PHE D 217 -5.29 14.19 9.96
C PHE D 217 -5.89 14.83 8.69
N ILE D 218 -5.80 14.13 7.54
CA ILE D 218 -6.33 14.48 6.24
C ILE D 218 -6.37 13.19 5.42
N GLY D 219 -7.44 13.00 4.65
CA GLY D 219 -7.61 11.81 3.85
C GLY D 219 -9.08 11.58 3.58
N PRO D 220 -9.44 11.06 2.38
CA PRO D 220 -10.86 10.85 2.04
C PRO D 220 -11.63 9.97 3.02
N GLY D 221 -10.97 8.96 3.57
CA GLY D 221 -11.59 8.09 4.54
C GLY D 221 -11.11 8.27 5.97
N VAL D 222 -10.28 9.29 6.22
CA VAL D 222 -9.69 9.57 7.51
C VAL D 222 -10.18 10.92 8.12
N ASP D 223 -10.01 12.04 7.40
CA ASP D 223 -10.38 13.35 7.89
C ASP D 223 -10.55 14.30 6.71
N VAL D 224 -11.72 14.89 6.56
CA VAL D 224 -12.03 15.74 5.43
C VAL D 224 -12.26 17.18 5.91
N PRO D 225 -11.24 18.04 5.78
CA PRO D 225 -11.41 19.44 6.22
C PRO D 225 -12.36 20.25 5.33
N ALA D 226 -12.65 21.49 5.75
CA ALA D 226 -13.56 22.37 5.04
C ALA D 226 -13.21 23.83 5.29
N PRO D 227 -13.71 24.81 4.51
CA PRO D 227 -13.40 26.20 4.80
C PRO D 227 -14.26 26.74 5.94
N ASP D 228 -13.92 27.93 6.44
CA ASP D 228 -14.76 28.59 7.43
C ASP D 228 -14.82 30.10 7.04
N MET D 229 -15.09 31.02 7.98
CA MET D 229 -15.19 32.44 7.65
C MET D 229 -13.84 33.00 7.18
N SER D 230 -12.71 32.50 7.75
CA SER D 230 -11.36 32.97 7.46
C SER D 230 -10.67 32.26 6.28
N THR D 231 -11.24 31.14 5.81
CA THR D 231 -10.70 30.40 4.66
C THR D 231 -11.76 30.31 3.57
N GLY D 232 -11.30 30.29 2.33
CA GLY D 232 -12.18 30.22 1.17
C GLY D 232 -11.99 28.96 0.34
N GLU D 233 -12.59 28.96 -0.85
CA GLU D 233 -12.53 27.84 -1.77
C GLU D 233 -11.15 27.70 -2.43
N ARG D 234 -10.37 28.81 -2.54
CA ARG D 234 -9.05 28.71 -3.17
C ARG D 234 -8.08 27.96 -2.26
N GLU D 235 -8.20 28.10 -0.93
CA GLU D 235 -7.32 27.33 -0.04
C GLU D 235 -7.74 25.86 -0.06
N MET D 236 -9.03 25.56 -0.18
CA MET D 236 -9.51 24.18 -0.27
C MET D 236 -8.95 23.50 -1.51
N SER D 237 -8.95 24.24 -2.61
CA SER D 237 -8.41 23.79 -3.88
C SER D 237 -6.93 23.44 -3.75
N TRP D 238 -6.15 24.25 -3.01
CA TRP D 238 -4.73 23.99 -2.80
C TRP D 238 -4.51 22.76 -1.91
N ILE D 239 -5.40 22.53 -0.94
CA ILE D 239 -5.33 21.37 -0.06
C ILE D 239 -5.55 20.10 -0.87
N ALA D 240 -6.61 20.07 -1.71
CA ALA D 240 -6.92 18.91 -2.53
C ALA D 240 -5.78 18.66 -3.50
N ASP D 241 -5.29 19.72 -4.16
CA ASP D 241 -4.22 19.60 -5.14
C ASP D 241 -2.94 19.03 -4.51
N THR D 242 -2.60 19.49 -3.29
CA THR D 242 -1.39 19.02 -2.61
C THR D 242 -1.52 17.57 -2.23
N TYR D 243 -2.69 17.18 -1.70
CA TYR D 243 -2.94 15.80 -1.32
C TYR D 243 -2.89 14.89 -2.55
N ALA D 244 -3.63 15.25 -3.60
CA ALA D 244 -3.71 14.50 -4.84
C ALA D 244 -2.40 14.42 -5.60
N SER D 245 -1.45 15.33 -5.32
CA SER D 245 -0.16 15.31 -6.02
C SER D 245 0.94 14.63 -5.22
N THR D 246 0.79 14.49 -3.90
CA THR D 246 1.86 13.92 -3.09
C THR D 246 1.40 12.59 -2.40
N ILE D 247 0.94 12.59 -1.13
CA ILE D 247 0.56 11.39 -0.37
C ILE D 247 -0.62 10.64 -1.03
N GLY D 248 -1.67 11.35 -1.42
CA GLY D 248 -2.83 10.72 -2.04
C GLY D 248 -2.75 10.48 -3.53
N HIS D 249 -1.55 10.49 -4.13
CA HIS D 249 -1.39 10.31 -5.58
C HIS D 249 -2.03 8.98 -6.08
N TYR D 250 -1.86 7.91 -5.32
CA TYR D 250 -2.38 6.60 -5.72
C TYR D 250 -3.86 6.40 -5.32
N ASP D 251 -4.52 7.40 -4.71
CA ASP D 251 -5.91 7.32 -4.29
C ASP D 251 -6.86 7.84 -5.40
N ILE D 252 -7.82 7.00 -5.81
CA ILE D 252 -8.83 7.38 -6.81
C ILE D 252 -9.78 8.45 -6.22
N ASN D 253 -9.94 8.49 -4.89
CA ASN D 253 -10.78 9.47 -4.23
C ASN D 253 -9.97 10.60 -3.60
N ALA D 254 -8.77 10.89 -4.12
CA ALA D 254 -7.91 11.93 -3.56
C ALA D 254 -8.58 13.28 -3.43
N HIS D 255 -9.44 13.65 -4.38
CA HIS D 255 -10.12 14.94 -4.33
C HIS D 255 -11.30 14.98 -3.33
N ALA D 256 -11.63 13.86 -2.69
CA ALA D 256 -12.65 13.84 -1.64
C ALA D 256 -12.03 14.08 -0.24
N CYS D 257 -10.73 14.43 -0.17
CA CYS D 257 -10.02 14.69 1.07
C CYS D 257 -10.44 16.01 1.72
N VAL D 258 -11.05 16.93 0.97
CA VAL D 258 -11.43 18.25 1.48
C VAL D 258 -12.71 18.71 0.78
N THR D 259 -13.58 19.44 1.48
CA THR D 259 -14.80 19.99 0.87
C THR D 259 -14.70 21.54 0.84
N GLY D 260 -15.67 22.20 0.21
CA GLY D 260 -15.63 23.64 0.02
C GLY D 260 -14.79 24.05 -1.19
N LYS D 261 -14.48 23.09 -2.07
CA LYS D 261 -13.67 23.31 -3.27
C LYS D 261 -14.45 24.05 -4.35
N PRO D 262 -13.77 24.75 -5.28
CA PRO D 262 -14.49 25.37 -6.40
C PRO D 262 -15.15 24.31 -7.29
N ILE D 263 -16.06 24.72 -8.20
CA ILE D 263 -16.75 23.76 -9.06
C ILE D 263 -15.73 23.05 -9.99
N SER D 264 -14.74 23.81 -10.52
CA SER D 264 -13.70 23.26 -11.40
C SER D 264 -12.83 22.21 -10.72
N GLN D 265 -12.84 22.16 -9.39
CA GLN D 265 -12.03 21.23 -8.61
C GLN D 265 -12.85 20.11 -7.96
N GLY D 266 -14.15 20.05 -8.22
CA GLY D 266 -14.99 19.00 -7.66
C GLY D 266 -15.92 19.45 -6.56
N GLY D 267 -16.37 20.69 -6.61
CA GLY D 267 -17.26 21.23 -5.61
C GLY D 267 -18.72 21.05 -6.00
N ILE D 268 -19.62 20.97 -5.01
CA ILE D 268 -21.06 20.83 -5.30
C ILE D 268 -21.68 22.17 -5.60
N HIS D 269 -22.72 22.16 -6.44
CA HIS D 269 -23.52 23.34 -6.68
C HIS D 269 -24.45 23.48 -5.48
N GLY D 270 -24.58 24.70 -5.00
CA GLY D 270 -25.43 25.00 -3.85
C GLY D 270 -24.69 25.06 -2.53
N ARG D 271 -23.36 25.17 -2.57
CA ARG D 271 -22.54 25.27 -1.38
C ARG D 271 -22.64 26.65 -0.75
N ILE D 272 -22.67 27.70 -1.59
CA ILE D 272 -22.70 29.07 -1.11
C ILE D 272 -23.97 29.36 -0.33
N SER D 273 -25.10 28.87 -0.84
CA SER D 273 -26.39 29.10 -0.21
C SER D 273 -26.74 28.11 0.92
N ALA D 274 -25.98 27.01 1.05
CA ALA D 274 -26.23 25.90 1.96
C ALA D 274 -26.57 26.27 3.42
N THR D 275 -25.77 27.13 4.09
CA THR D 275 -26.04 27.46 5.48
C THR D 275 -27.29 28.31 5.60
N GLY D 276 -27.47 29.25 4.68
CA GLY D 276 -28.65 30.10 4.65
C GLY D 276 -29.92 29.32 4.39
N ARG D 277 -29.87 28.33 3.49
CA ARG D 277 -31.02 27.49 3.21
C ARG D 277 -31.36 26.61 4.42
N GLY D 278 -30.32 26.15 5.14
CA GLY D 278 -30.47 25.34 6.35
C GLY D 278 -31.13 26.12 7.45
N VAL D 279 -30.74 27.41 7.62
CA VAL D 279 -31.35 28.30 8.61
C VAL D 279 -32.83 28.49 8.25
N PHE D 280 -33.13 28.70 6.96
CA PHE D 280 -34.50 28.85 6.48
C PHE D 280 -35.31 27.59 6.79
N HIS D 281 -34.82 26.40 6.38
CA HIS D 281 -35.54 25.15 6.57
C HIS D 281 -35.71 24.79 8.03
N GLY D 282 -34.75 25.13 8.87
CA GLY D 282 -34.83 24.87 10.29
C GLY D 282 -35.95 25.67 10.92
N ILE D 283 -36.03 26.97 10.58
CA ILE D 283 -37.08 27.85 11.08
C ILE D 283 -38.41 27.39 10.51
N GLU D 284 -38.45 27.08 9.20
CA GLU D 284 -39.64 26.64 8.46
C GLU D 284 -40.30 25.43 9.11
N ASN D 285 -39.51 24.46 9.57
CA ASN D 285 -40.05 23.24 10.15
C ASN D 285 -40.75 23.51 11.49
N PHE D 286 -40.25 24.48 12.27
CA PHE D 286 -40.86 24.78 13.56
C PHE D 286 -41.97 25.81 13.41
N ILE D 287 -41.82 26.78 12.50
CA ILE D 287 -42.82 27.82 12.26
C ILE D 287 -44.11 27.22 11.66
N ASN D 288 -44.02 26.12 10.90
CA ASN D 288 -45.21 25.49 10.32
C ASN D 288 -45.91 24.55 11.32
N GLU D 289 -45.22 24.16 12.41
CA GLU D 289 -45.78 23.28 13.42
C GLU D 289 -46.69 24.08 14.35
N ALA D 290 -48.01 23.85 14.26
CA ALA D 290 -49.00 24.59 15.05
C ALA D 290 -48.92 24.30 16.54
N SER D 291 -48.39 23.14 16.93
CA SER D 291 -48.26 22.77 18.34
C SER D 291 -47.33 23.76 19.05
N TYR D 292 -46.14 23.99 18.49
CA TYR D 292 -45.13 24.90 19.03
C TYR D 292 -45.55 26.36 18.91
N MET D 293 -46.15 26.74 17.78
CA MET D 293 -46.53 28.13 17.54
C MET D 293 -47.62 28.61 18.46
N SER D 294 -48.58 27.74 18.83
CA SER D 294 -49.64 28.15 19.74
C SER D 294 -49.07 28.43 21.15
N ILE D 295 -47.98 27.74 21.54
CA ILE D 295 -47.29 27.95 22.81
C ILE D 295 -46.66 29.34 22.86
N LEU D 296 -46.10 29.78 21.73
CA LEU D 296 -45.48 31.11 21.61
C LEU D 296 -46.48 32.25 21.30
N GLY D 297 -47.78 31.93 21.29
CA GLY D 297 -48.84 32.89 21.00
C GLY D 297 -48.79 33.39 19.58
N MET D 298 -48.41 32.52 18.64
CA MET D 298 -48.27 32.91 17.24
C MET D 298 -49.02 31.98 16.29
N THR D 299 -49.26 32.48 15.06
CA THR D 299 -49.91 31.74 13.99
C THR D 299 -48.86 30.94 13.22
N PRO D 300 -49.21 29.75 12.71
CA PRO D 300 -48.23 28.98 11.94
C PRO D 300 -47.98 29.58 10.55
N GLY D 301 -46.79 29.38 10.02
CA GLY D 301 -46.42 29.90 8.71
C GLY D 301 -45.66 31.21 8.76
N PHE D 302 -45.05 31.62 7.64
CA PHE D 302 -44.30 32.87 7.57
C PHE D 302 -45.16 34.11 7.26
N GLY D 303 -46.48 33.93 7.13
CA GLY D 303 -47.38 35.04 6.86
C GLY D 303 -47.52 35.90 8.11
N ASP D 304 -47.39 37.22 7.95
CA ASP D 304 -47.46 38.19 9.04
C ASP D 304 -46.36 37.95 10.09
N LYS D 305 -45.18 37.51 9.63
CA LYS D 305 -44.06 37.27 10.52
C LYS D 305 -42.97 38.30 10.26
N THR D 306 -42.44 38.91 11.32
CA THR D 306 -41.38 39.90 11.17
C THR D 306 -40.09 39.32 11.74
N PHE D 307 -38.94 39.59 11.10
CA PHE D 307 -37.68 39.04 11.57
C PHE D 307 -36.53 40.05 11.51
N ALA D 308 -35.49 39.81 12.33
CA ALA D 308 -34.30 40.64 12.38
C ALA D 308 -33.06 39.77 12.31
N VAL D 309 -32.06 40.18 11.53
CA VAL D 309 -30.83 39.41 11.37
C VAL D 309 -29.64 40.15 11.95
N GLN D 310 -28.90 39.52 12.86
CA GLN D 310 -27.67 40.12 13.41
C GLN D 310 -26.50 39.54 12.64
N GLY D 311 -25.77 40.38 11.92
CA GLY D 311 -24.65 39.92 11.11
C GLY D 311 -25.07 39.71 9.67
N PHE D 312 -24.60 40.57 8.77
CA PHE D 312 -24.97 40.48 7.36
C PHE D 312 -23.85 39.86 6.52
N GLY D 313 -23.49 38.63 6.86
CA GLY D 313 -22.47 37.89 6.13
C GLY D 313 -23.10 36.97 5.11
N ASN D 314 -22.45 35.83 4.81
CA ASN D 314 -22.99 34.87 3.85
C ASN D 314 -24.27 34.24 4.42
N VAL D 315 -24.26 33.89 5.71
CA VAL D 315 -25.43 33.28 6.34
C VAL D 315 -26.55 34.29 6.49
N GLY D 316 -26.21 35.49 6.96
CA GLY D 316 -27.17 36.56 7.17
C GLY D 316 -27.91 36.95 5.91
N LEU D 317 -27.16 37.15 4.81
CA LEU D 317 -27.74 37.54 3.53
C LEU D 317 -28.70 36.47 3.01
N HIS D 318 -28.29 35.20 2.99
CA HIS D 318 -29.13 34.13 2.47
C HIS D 318 -30.35 33.89 3.34
N SER D 319 -30.20 33.88 4.68
CA SER D 319 -31.35 33.70 5.58
C SER D 319 -32.39 34.80 5.37
N MET D 320 -31.92 36.04 5.18
CA MET D 320 -32.81 37.17 4.96
C MET D 320 -33.53 37.02 3.61
N ARG D 321 -32.82 36.58 2.59
CA ARG D 321 -33.37 36.39 1.25
C ARG D 321 -34.46 35.31 1.20
N TYR D 322 -34.22 34.16 1.85
CA TYR D 322 -35.17 33.05 1.81
C TYR D 322 -36.40 33.30 2.66
N LEU D 323 -36.25 33.93 3.85
CA LEU D 323 -37.41 34.23 4.69
C LEU D 323 -38.31 35.27 4.00
N HIS D 324 -37.70 36.28 3.39
CA HIS D 324 -38.44 37.31 2.66
C HIS D 324 -39.21 36.70 1.48
N ARG D 325 -38.59 35.73 0.80
CA ARG D 325 -39.21 35.03 -0.33
C ARG D 325 -40.49 34.29 0.10
N PHE D 326 -40.58 33.87 1.36
CA PHE D 326 -41.74 33.14 1.84
C PHE D 326 -42.74 34.00 2.62
N GLY D 327 -42.68 35.31 2.48
CA GLY D 327 -43.65 36.19 3.11
C GLY D 327 -43.21 36.95 4.34
N ALA D 328 -42.14 36.48 5.02
CA ALA D 328 -41.66 37.16 6.22
C ALA D 328 -41.08 38.53 5.88
N LYS D 329 -41.23 39.50 6.79
CA LYS D 329 -40.76 40.86 6.57
C LYS D 329 -39.53 41.16 7.41
N CYS D 330 -38.44 41.58 6.78
CA CYS D 330 -37.23 41.94 7.53
C CYS D 330 -37.37 43.33 8.08
N VAL D 331 -37.38 43.46 9.40
CA VAL D 331 -37.55 44.74 10.05
C VAL D 331 -36.20 45.38 10.35
N ALA D 332 -35.18 44.59 10.71
CA ALA D 332 -33.88 45.16 11.04
C ALA D 332 -32.71 44.23 10.69
N VAL D 333 -31.59 44.83 10.23
CA VAL D 333 -30.37 44.11 9.91
C VAL D 333 -29.22 44.76 10.67
N GLY D 334 -28.54 43.98 11.51
CA GLY D 334 -27.42 44.48 12.30
C GLY D 334 -26.08 44.05 11.73
N GLU D 335 -25.03 44.79 12.06
CA GLU D 335 -23.69 44.48 11.60
C GLU D 335 -22.64 44.84 12.66
N SER D 336 -21.36 44.42 12.43
CA SER D 336 -20.24 44.69 13.35
C SER D 336 -20.10 46.18 13.63
N ASP D 337 -20.26 47.00 12.59
CA ASP D 337 -20.19 48.44 12.75
C ASP D 337 -21.52 49.06 12.34
N GLY D 338 -22.42 49.19 13.31
CA GLY D 338 -23.73 49.79 13.11
C GLY D 338 -24.89 48.85 12.84
N SER D 339 -26.12 49.41 12.83
CA SER D 339 -27.35 48.66 12.58
C SER D 339 -28.33 49.47 11.70
N ILE D 340 -29.23 48.77 11.02
CA ILE D 340 -30.20 49.35 10.11
C ILE D 340 -31.61 48.87 10.52
N TRP D 341 -32.61 49.76 10.45
CA TRP D 341 -33.97 49.40 10.84
C TRP D 341 -35.05 50.13 10.05
N ASN D 342 -36.08 49.39 9.64
CA ASN D 342 -37.24 49.88 8.90
C ASN D 342 -38.43 48.97 9.20
N PRO D 343 -39.42 49.46 9.97
CA PRO D 343 -40.57 48.61 10.31
C PRO D 343 -41.45 48.25 9.10
N ASP D 344 -41.40 49.06 8.03
CA ASP D 344 -42.16 48.80 6.81
C ASP D 344 -41.60 47.62 6.00
N GLY D 345 -40.29 47.34 6.16
CA GLY D 345 -39.65 46.24 5.46
C GLY D 345 -38.35 46.61 4.76
N ILE D 346 -37.41 45.66 4.72
CA ILE D 346 -36.12 45.85 4.06
C ILE D 346 -35.96 44.79 2.97
N ASP D 347 -35.77 45.22 1.72
CA ASP D 347 -35.60 44.29 0.61
C ASP D 347 -34.20 43.71 0.62
N PRO D 348 -34.08 42.37 0.62
CA PRO D 348 -32.75 41.75 0.67
C PRO D 348 -31.90 42.00 -0.57
N LYS D 349 -32.51 42.07 -1.76
CA LYS D 349 -31.76 42.31 -2.99
C LYS D 349 -31.21 43.74 -3.01
N GLU D 350 -32.03 44.71 -2.56
CA GLU D 350 -31.64 46.11 -2.49
C GLU D 350 -30.52 46.32 -1.47
N LEU D 351 -30.58 45.61 -0.34
CA LEU D 351 -29.57 45.71 0.71
C LEU D 351 -28.27 45.01 0.27
N GLU D 352 -28.38 43.90 -0.46
CA GLU D 352 -27.22 43.15 -0.97
C GLU D 352 -26.45 44.00 -1.98
N ASP D 353 -27.15 44.69 -2.87
CA ASP D 353 -26.53 45.56 -3.87
C ASP D 353 -25.83 46.75 -3.21
N PHE D 354 -26.38 47.26 -2.10
CA PHE D 354 -25.77 48.38 -1.38
C PHE D 354 -24.51 47.94 -0.65
N LYS D 355 -24.54 46.75 -0.06
CA LYS D 355 -23.40 46.17 0.67
C LYS D 355 -22.25 45.88 -0.31
N LEU D 356 -22.57 45.43 -1.52
CA LEU D 356 -21.55 45.11 -2.51
C LEU D 356 -20.94 46.37 -3.14
N GLN D 357 -21.69 47.47 -3.19
CA GLN D 357 -21.19 48.71 -3.79
C GLN D 357 -20.50 49.64 -2.79
N HIS D 358 -20.77 49.49 -1.48
CA HIS D 358 -20.17 50.40 -0.49
C HIS D 358 -19.37 49.71 0.62
N GLY D 359 -19.50 48.40 0.75
CA GLY D 359 -18.78 47.66 1.77
C GLY D 359 -19.51 47.52 3.09
N THR D 360 -20.49 48.40 3.35
CA THR D 360 -21.27 48.35 4.58
C THR D 360 -22.76 48.63 4.32
N ILE D 361 -23.64 48.20 5.25
CA ILE D 361 -25.07 48.48 5.14
C ILE D 361 -25.44 49.88 5.67
N LEU D 362 -24.51 50.53 6.42
CA LEU D 362 -24.72 51.84 6.97
C LEU D 362 -24.89 52.86 5.87
N GLY D 363 -26.00 53.57 5.92
CA GLY D 363 -26.34 54.56 4.93
C GLY D 363 -27.38 54.08 3.91
N PHE D 364 -28.05 52.94 4.19
CA PHE D 364 -29.09 52.41 3.30
C PHE D 364 -30.24 53.41 3.20
N PRO D 365 -30.60 53.81 1.97
CA PRO D 365 -31.61 54.89 1.83
C PRO D 365 -33.01 54.54 2.32
N LYS D 366 -33.42 53.27 2.20
CA LYS D 366 -34.74 52.85 2.62
C LYS D 366 -34.75 52.26 4.04
N ALA D 367 -33.91 52.80 4.94
CA ALA D 367 -33.83 52.33 6.33
C ALA D 367 -33.13 53.34 7.24
N LYS D 368 -33.68 53.57 8.43
CA LYS D 368 -33.09 54.49 9.40
C LYS D 368 -31.96 53.81 10.18
N ILE D 369 -30.99 54.61 10.64
CA ILE D 369 -29.85 54.08 11.39
C ILE D 369 -30.28 53.75 12.82
N TYR D 370 -30.20 52.47 13.18
CA TYR D 370 -30.60 51.98 14.50
C TYR D 370 -29.42 52.06 15.46
N GLU D 371 -29.60 52.78 16.58
CA GLU D 371 -28.54 52.93 17.57
C GLU D 371 -28.54 51.76 18.55
N GLY D 372 -27.63 50.82 18.33
CA GLY D 372 -27.50 49.65 19.19
C GLY D 372 -27.53 48.33 18.46
N SER D 373 -27.58 47.22 19.22
CA SER D 373 -27.62 45.89 18.62
C SER D 373 -29.02 45.56 18.14
N ILE D 374 -29.12 44.69 17.14
CA ILE D 374 -30.42 44.30 16.60
C ILE D 374 -31.18 43.34 17.55
N LEU D 375 -30.47 42.67 18.48
CA LEU D 375 -30.98 41.69 19.42
C LEU D 375 -32.24 42.10 20.19
N GLU D 376 -32.44 43.40 20.42
CA GLU D 376 -33.60 43.87 21.18
C GLU D 376 -34.66 44.55 20.31
N VAL D 377 -34.67 44.29 18.98
CA VAL D 377 -35.66 44.88 18.08
C VAL D 377 -36.98 44.15 18.28
N ASP D 378 -38.11 44.90 18.28
CA ASP D 378 -39.42 44.30 18.42
C ASP D 378 -39.80 43.54 17.15
N CYS D 379 -39.50 42.24 17.12
CA CYS D 379 -39.81 41.38 15.99
C CYS D 379 -40.30 39.99 16.49
N ASP D 380 -40.54 39.03 15.57
CA ASP D 380 -41.00 37.70 15.95
C ASP D 380 -39.84 36.72 15.95
N ILE D 381 -38.98 36.78 14.93
CA ILE D 381 -37.84 35.87 14.80
C ILE D 381 -36.52 36.63 14.82
N LEU D 382 -35.63 36.30 15.76
CA LEU D 382 -34.31 36.92 15.83
C LEU D 382 -33.26 35.93 15.35
N ILE D 383 -32.44 36.31 14.37
CA ILE D 383 -31.43 35.40 13.83
C ILE D 383 -30.01 35.91 14.03
N PRO D 384 -29.31 35.44 15.08
CA PRO D 384 -27.89 35.81 15.24
C PRO D 384 -27.04 35.00 14.27
N ALA D 385 -26.68 35.58 13.13
CA ALA D 385 -25.91 34.89 12.10
C ALA D 385 -24.45 35.36 12.05
N ALA D 386 -23.86 35.67 13.21
CA ALA D 386 -22.46 36.10 13.36
C ALA D 386 -22.05 36.10 14.86
N SER D 387 -20.72 36.21 15.15
CA SER D 387 -20.12 36.33 16.49
C SER D 387 -20.62 35.37 17.57
N GLU D 388 -19.71 34.95 18.45
CA GLU D 388 -20.06 34.07 19.56
C GLU D 388 -20.55 34.90 20.76
N LYS D 389 -21.35 34.27 21.63
CA LYS D 389 -21.90 34.82 22.85
C LYS D 389 -22.44 36.27 22.69
N GLN D 390 -23.34 36.47 21.72
CA GLN D 390 -23.98 37.75 21.48
C GLN D 390 -25.16 37.94 22.44
N LEU D 391 -25.92 36.87 22.74
CA LEU D 391 -27.04 36.93 23.67
C LEU D 391 -26.67 36.32 25.02
N THR D 392 -26.42 37.18 26.02
CA THR D 392 -26.01 36.76 27.37
C THR D 392 -27.14 37.02 28.43
N LYS D 393 -26.92 36.64 29.71
CA LYS D 393 -27.93 36.82 30.76
C LYS D 393 -28.27 38.30 31.04
N SER D 394 -27.41 39.23 30.60
CA SER D 394 -27.67 40.65 30.84
C SER D 394 -28.65 41.22 29.82
N ASN D 395 -28.69 40.69 28.58
CA ASN D 395 -29.63 41.22 27.59
C ASN D 395 -30.77 40.25 27.25
N ALA D 396 -30.74 39.01 27.76
CA ALA D 396 -31.80 38.04 27.50
C ALA D 396 -33.19 38.52 27.99
N PRO D 397 -33.33 39.17 29.18
CA PRO D 397 -34.67 39.63 29.59
C PRO D 397 -35.22 40.80 28.75
N ARG D 398 -34.48 41.28 27.75
CA ARG D 398 -34.95 42.37 26.89
C ARG D 398 -35.22 41.93 25.44
N VAL D 399 -35.10 40.64 25.12
CA VAL D 399 -35.34 40.16 23.77
C VAL D 399 -36.85 40.16 23.51
N LYS D 400 -37.31 40.93 22.52
CA LYS D 400 -38.74 41.00 22.20
C LYS D 400 -39.19 39.92 21.18
N ALA D 401 -38.26 39.10 20.65
CA ALA D 401 -38.60 38.06 19.71
C ALA D 401 -39.11 36.81 20.43
N LYS D 402 -39.98 36.04 19.76
CA LYS D 402 -40.49 34.80 20.34
C LYS D 402 -39.64 33.58 19.92
N ILE D 403 -38.96 33.66 18.77
CA ILE D 403 -38.10 32.60 18.27
C ILE D 403 -36.68 33.12 18.06
N ILE D 404 -35.67 32.42 18.61
CA ILE D 404 -34.27 32.77 18.39
C ILE D 404 -33.64 31.68 17.53
N ALA D 405 -33.30 32.02 16.29
CA ALA D 405 -32.73 31.10 15.31
C ALA D 405 -31.22 31.25 15.20
N GLU D 406 -30.47 30.36 15.86
CA GLU D 406 -29.00 30.42 15.89
C GLU D 406 -28.36 30.08 14.55
N GLY D 407 -28.02 31.14 13.81
CA GLY D 407 -27.36 31.00 12.51
C GLY D 407 -25.84 31.07 12.59
N ALA D 408 -25.30 30.77 13.78
CA ALA D 408 -23.88 30.78 14.11
C ALA D 408 -23.62 29.86 15.32
N ASN D 409 -22.37 29.42 15.52
CA ASN D 409 -22.06 28.54 16.64
C ASN D 409 -21.91 29.32 17.95
N GLY D 410 -22.67 28.89 18.95
CA GLY D 410 -22.70 29.46 20.29
C GLY D 410 -23.02 30.94 20.42
N PRO D 411 -24.15 31.41 19.86
CA PRO D 411 -24.49 32.84 20.01
C PRO D 411 -25.20 33.13 21.33
N THR D 412 -25.80 32.13 21.99
CA THR D 412 -26.48 32.37 23.27
C THR D 412 -25.80 31.57 24.39
N THR D 413 -25.52 32.23 25.51
CA THR D 413 -24.89 31.59 26.65
C THR D 413 -25.91 30.68 27.38
N PRO D 414 -25.44 29.68 28.15
CA PRO D 414 -26.39 28.81 28.88
C PRO D 414 -27.21 29.56 29.92
N GLU D 415 -26.70 30.69 30.43
CA GLU D 415 -27.46 31.51 31.39
C GLU D 415 -28.59 32.25 30.67
N ALA D 416 -28.39 32.65 29.41
CA ALA D 416 -29.43 33.28 28.61
C ALA D 416 -30.50 32.24 28.25
N ASP D 417 -30.08 30.99 27.96
CA ASP D 417 -30.98 29.88 27.65
C ASP D 417 -32.02 29.67 28.76
N LYS D 418 -31.59 29.79 30.03
CA LYS D 418 -32.46 29.65 31.20
C LYS D 418 -33.54 30.72 31.21
N ILE D 419 -33.15 31.96 30.86
CA ILE D 419 -34.05 33.11 30.80
C ILE D 419 -35.04 32.95 29.65
N PHE D 420 -34.58 32.45 28.50
CA PHE D 420 -35.46 32.24 27.34
C PHE D 420 -36.49 31.15 27.64
N LEU D 421 -36.11 30.12 28.42
CA LEU D 421 -37.05 29.07 28.78
C LEU D 421 -38.11 29.62 29.73
N GLU D 422 -37.69 30.47 30.69
CA GLU D 422 -38.59 31.11 31.65
C GLU D 422 -39.57 32.07 30.96
N ARG D 423 -39.10 32.74 29.90
CA ARG D 423 -39.89 33.70 29.13
C ARG D 423 -40.67 33.07 27.95
N ASN D 424 -40.65 31.74 27.83
CA ASN D 424 -41.32 31.00 26.75
C ASN D 424 -40.91 31.53 25.37
N ILE D 425 -39.59 31.59 25.17
CA ILE D 425 -38.94 32.01 23.93
C ILE D 425 -38.22 30.80 23.37
N MET D 426 -38.67 30.33 22.21
CA MET D 426 -38.09 29.13 21.61
C MET D 426 -36.78 29.40 20.92
N VAL D 427 -35.70 28.74 21.38
CA VAL D 427 -34.40 28.89 20.74
C VAL D 427 -34.07 27.65 19.93
N ILE D 428 -34.04 27.77 18.60
CA ILE D 428 -33.68 26.67 17.71
C ILE D 428 -32.15 26.61 17.73
N PRO D 429 -31.57 25.49 18.21
CA PRO D 429 -30.13 25.46 18.44
C PRO D 429 -29.24 25.38 17.21
N ASP D 430 -28.00 25.88 17.36
CA ASP D 430 -26.92 25.90 16.36
C ASP D 430 -26.59 24.50 15.87
N LEU D 431 -26.61 23.53 16.79
CA LEU D 431 -26.38 22.11 16.56
C LEU D 431 -27.24 21.59 15.39
N TYR D 432 -28.47 22.08 15.29
CA TYR D 432 -29.38 21.70 14.24
C TYR D 432 -29.45 22.77 13.13
N LEU D 433 -29.79 24.02 13.48
CA LEU D 433 -30.02 25.10 12.52
C LEU D 433 -28.78 25.47 11.71
N ASN D 434 -27.60 25.43 12.33
CA ASN D 434 -26.36 25.78 11.65
C ASN D 434 -25.69 24.54 11.03
N ALA D 435 -26.47 23.52 10.64
CA ALA D 435 -25.90 22.30 10.06
C ALA D 435 -26.22 22.14 8.56
N GLY D 436 -26.62 23.21 7.89
CA GLY D 436 -26.92 23.15 6.46
C GLY D 436 -25.67 23.00 5.62
N GLY D 437 -24.63 23.72 6.02
CA GLY D 437 -23.34 23.66 5.34
C GLY D 437 -22.65 22.32 5.54
N VAL D 438 -22.80 21.74 6.74
CA VAL D 438 -22.27 20.42 7.05
C VAL D 438 -22.96 19.37 6.18
N THR D 439 -24.28 19.49 6.03
CA THR D 439 -25.08 18.58 5.22
C THR D 439 -24.63 18.60 3.76
N VAL D 440 -24.46 19.78 3.13
CA VAL D 440 -24.03 19.79 1.73
C VAL D 440 -22.53 19.46 1.61
N SER D 441 -21.72 19.62 2.69
CA SER D 441 -20.32 19.18 2.62
C SER D 441 -20.27 17.64 2.54
N TYR D 442 -21.24 16.95 3.17
CA TYR D 442 -21.41 15.51 3.08
C TYR D 442 -21.74 15.15 1.63
N PHE D 443 -22.65 15.91 1.00
CA PHE D 443 -23.03 15.70 -0.39
C PHE D 443 -21.86 15.96 -1.34
N GLU D 444 -20.96 16.92 -1.01
CA GLU D 444 -19.79 17.19 -1.83
C GLU D 444 -18.84 16.01 -1.78
N TRP D 445 -18.61 15.49 -0.56
CA TRP D 445 -17.76 14.33 -0.31
C TRP D 445 -18.30 13.13 -1.10
N LEU D 446 -19.62 12.94 -1.08
CA LEU D 446 -20.28 11.88 -1.82
C LEU D 446 -20.11 12.07 -3.31
N LYS D 447 -20.32 13.27 -3.84
CA LYS D 447 -20.16 13.58 -5.26
C LYS D 447 -18.77 13.24 -5.73
N ASN D 448 -17.75 13.49 -4.90
CA ASN D 448 -16.35 13.20 -5.24
C ASN D 448 -16.08 11.70 -5.27
N LEU D 449 -16.73 10.94 -4.39
CA LEU D 449 -16.63 9.48 -4.36
C LEU D 449 -17.34 8.89 -5.58
N ASN D 450 -18.51 9.45 -5.92
CA ASN D 450 -19.34 9.07 -7.06
C ASN D 450 -18.68 9.41 -8.39
N HIS D 451 -17.80 10.43 -8.42
CA HIS D 451 -17.08 10.91 -9.61
C HIS D 451 -18.03 11.35 -10.72
N VAL D 452 -19.20 11.88 -10.33
CA VAL D 452 -20.23 12.35 -11.24
C VAL D 452 -21.12 13.37 -10.52
N SER D 453 -21.63 14.37 -11.27
CA SER D 453 -22.56 15.34 -10.69
C SER D 453 -23.92 14.69 -10.49
N TYR D 454 -24.69 15.20 -9.53
CA TYR D 454 -26.01 14.63 -9.24
C TYR D 454 -26.98 14.86 -10.38
N GLY D 455 -27.69 13.80 -10.76
CA GLY D 455 -28.68 13.87 -11.82
C GLY D 455 -28.19 13.75 -13.24
N ARG D 456 -26.87 13.85 -13.46
CA ARG D 456 -26.23 13.76 -14.77
C ARG D 456 -26.82 12.63 -15.68
N LEU D 457 -27.09 11.43 -15.11
CA LEU D 457 -27.62 10.33 -15.92
C LEU D 457 -29.12 10.11 -15.80
N THR D 458 -29.83 10.90 -14.99
CA THR D 458 -31.26 10.66 -14.78
C THR D 458 -32.17 11.85 -15.08
N PHE D 459 -31.63 13.06 -15.35
CA PHE D 459 -32.50 14.22 -15.62
C PHE D 459 -33.33 14.01 -16.88
N LYS D 460 -32.70 13.56 -17.96
CA LYS D 460 -33.38 13.30 -19.22
C LYS D 460 -34.33 12.11 -19.07
N TYR D 461 -33.93 11.08 -18.34
CA TYR D 461 -34.74 9.89 -18.11
C TYR D 461 -36.02 10.26 -17.36
N GLU D 462 -35.90 11.07 -16.30
CA GLU D 462 -37.05 11.50 -15.51
C GLU D 462 -37.97 12.41 -16.35
N ARG D 463 -37.39 13.30 -17.16
CA ARG D 463 -38.11 14.19 -18.05
C ARG D 463 -38.97 13.39 -19.03
N ASP D 464 -38.43 12.29 -19.58
CA ASP D 464 -39.16 11.45 -20.52
C ASP D 464 -40.29 10.71 -19.83
N SER D 465 -40.07 10.27 -18.58
CA SER D 465 -41.11 9.58 -17.81
C SER D 465 -42.25 10.55 -17.50
N ASN D 466 -41.93 11.82 -17.20
CA ASN D 466 -42.94 12.83 -16.90
C ASN D 466 -43.79 13.12 -18.13
N TYR D 467 -43.17 13.17 -19.31
CA TYR D 467 -43.91 13.41 -20.54
C TYR D 467 -44.80 12.20 -20.87
N HIS D 468 -44.34 10.98 -20.59
CA HIS D 468 -45.12 9.78 -20.78
C HIS D 468 -46.32 9.74 -19.84
N LEU D 469 -46.15 10.23 -18.60
CA LEU D 469 -47.24 10.26 -17.63
C LEU D 469 -48.33 11.20 -18.12
N LEU D 470 -47.97 12.42 -18.55
CA LEU D 470 -48.95 13.38 -19.04
C LEU D 470 -49.58 12.90 -20.34
N MET D 471 -48.82 12.18 -21.19
CA MET D 471 -49.36 11.64 -22.44
C MET D 471 -50.35 10.49 -22.17
N SER D 472 -50.12 9.71 -21.09
CA SER D 472 -51.01 8.62 -20.69
C SER D 472 -52.31 9.17 -20.14
N VAL D 473 -52.25 10.27 -19.40
CA VAL D 473 -53.44 10.92 -18.86
C VAL D 473 -54.25 11.51 -20.03
N GLN D 474 -53.57 12.11 -21.01
CA GLN D 474 -54.19 12.69 -22.18
C GLN D 474 -54.88 11.61 -23.04
N GLU D 475 -54.20 10.51 -23.32
CA GLU D 475 -54.71 9.43 -24.14
C GLU D 475 -55.93 8.74 -23.52
N SER D 476 -55.90 8.50 -22.21
CA SER D 476 -56.98 7.82 -21.50
C SER D 476 -58.23 8.67 -21.44
N LEU D 477 -58.07 9.99 -21.20
CA LEU D 477 -59.20 10.92 -21.16
C LEU D 477 -59.80 11.12 -22.55
N GLU D 478 -58.98 11.06 -23.60
CA GLU D 478 -59.49 11.21 -24.96
C GLU D 478 -60.34 9.98 -25.36
N ARG D 479 -60.11 8.81 -24.75
CA ARG D 479 -60.91 7.62 -25.01
C ARG D 479 -62.24 7.67 -24.25
N LYS D 480 -62.22 8.20 -23.02
CA LYS D 480 -63.41 8.30 -22.18
C LYS D 480 -64.37 9.33 -22.73
N PHE D 481 -63.86 10.47 -23.19
CA PHE D 481 -64.72 11.54 -23.71
C PHE D 481 -64.82 11.55 -25.25
N GLY D 482 -64.12 10.64 -25.91
CA GLY D 482 -64.15 10.48 -27.36
C GLY D 482 -63.64 11.67 -28.15
N LYS D 483 -63.83 11.62 -29.47
CA LYS D 483 -63.46 12.69 -30.37
C LYS D 483 -64.48 13.86 -30.34
N HIS D 484 -65.64 13.68 -29.67
CA HIS D 484 -66.65 14.73 -29.53
C HIS D 484 -66.11 15.85 -28.62
N GLY D 485 -65.41 15.48 -27.56
CA GLY D 485 -64.80 16.45 -26.66
C GLY D 485 -63.44 16.94 -27.11
N GLY D 486 -63.10 16.76 -28.40
CA GLY D 486 -61.85 17.16 -29.03
C GLY D 486 -60.56 16.64 -28.40
N THR D 487 -59.44 17.32 -28.66
CA THR D 487 -58.16 16.92 -28.07
C THR D 487 -58.02 17.57 -26.69
N ILE D 488 -57.52 16.82 -25.72
CA ILE D 488 -57.36 17.30 -24.35
C ILE D 488 -55.87 17.38 -24.06
N PRO D 489 -55.20 18.49 -24.43
CA PRO D 489 -53.75 18.55 -24.22
C PRO D 489 -53.33 18.68 -22.77
N ILE D 490 -52.61 17.66 -22.26
CA ILE D 490 -52.07 17.67 -20.90
C ILE D 490 -50.62 18.07 -21.00
N VAL D 491 -50.32 19.33 -20.69
CA VAL D 491 -48.95 19.85 -20.77
C VAL D 491 -48.45 20.31 -19.38
N PRO D 492 -47.12 20.40 -19.16
CA PRO D 492 -46.62 20.86 -17.86
C PRO D 492 -46.93 22.33 -17.59
N THR D 493 -47.10 22.71 -16.31
CA THR D 493 -47.33 24.11 -15.94
C THR D 493 -46.06 24.95 -16.27
N ALA D 494 -46.16 26.28 -16.26
CA ALA D 494 -45.01 27.14 -16.53
C ALA D 494 -43.87 26.88 -15.53
N GLU D 495 -44.24 26.66 -14.26
CA GLU D 495 -43.34 26.39 -13.15
C GLU D 495 -42.66 25.05 -13.31
N PHE D 496 -43.41 24.02 -13.73
CA PHE D 496 -42.86 22.69 -13.98
C PHE D 496 -41.96 22.71 -15.21
N GLN D 497 -42.30 23.50 -16.23
CA GLN D 497 -41.49 23.60 -17.43
C GLN D 497 -40.13 24.22 -17.11
N ASP D 498 -40.10 25.20 -16.19
CA ASP D 498 -38.85 25.84 -15.75
C ASP D 498 -37.96 24.88 -14.98
N ARG D 499 -38.59 24.02 -14.17
CA ARG D 499 -37.92 23.00 -13.37
C ARG D 499 -37.27 21.96 -14.27
N ILE D 500 -37.97 21.56 -15.35
CA ILE D 500 -37.47 20.58 -16.32
C ILE D 500 -36.30 21.16 -17.10
N SER D 501 -36.43 22.39 -17.59
CA SER D 501 -35.40 23.04 -18.39
C SER D 501 -34.17 23.39 -17.57
N GLY D 502 -34.36 23.85 -16.34
CA GLY D 502 -33.26 24.22 -15.48
C GLY D 502 -32.79 23.13 -14.54
N ALA D 503 -33.11 21.87 -14.87
CA ALA D 503 -32.72 20.75 -14.04
C ALA D 503 -31.20 20.62 -13.99
N SER D 504 -30.64 20.82 -12.81
CA SER D 504 -29.21 20.73 -12.60
C SER D 504 -28.93 20.17 -11.19
N GLU D 505 -27.64 19.86 -10.89
CA GLU D 505 -27.22 19.32 -9.61
C GLU D 505 -27.78 20.11 -8.40
N LYS D 506 -27.75 21.47 -8.46
CA LYS D 506 -28.21 22.31 -7.36
C LYS D 506 -29.63 21.95 -6.88
N ASP D 507 -30.50 21.49 -7.81
CA ASP D 507 -31.89 21.09 -7.54
C ASP D 507 -31.94 19.87 -6.62
N ILE D 508 -31.03 18.92 -6.83
CA ILE D 508 -30.96 17.73 -6.00
C ILE D 508 -30.32 18.05 -4.64
N VAL D 509 -29.29 18.90 -4.63
CA VAL D 509 -28.62 19.29 -3.39
C VAL D 509 -29.62 20.06 -2.49
N HIS D 510 -30.38 21.01 -3.04
CA HIS D 510 -31.39 21.76 -2.29
C HIS D 510 -32.45 20.83 -1.67
N SER D 511 -32.92 19.82 -2.44
CA SER D 511 -33.94 18.89 -1.94
C SER D 511 -33.33 17.91 -0.89
N GLY D 512 -32.06 17.53 -1.08
CA GLY D 512 -31.35 16.65 -0.18
C GLY D 512 -31.15 17.29 1.17
N LEU D 513 -30.91 18.63 1.18
CA LEU D 513 -30.72 19.44 2.38
C LEU D 513 -32.06 19.65 3.08
N ALA D 514 -33.13 19.96 2.29
CA ALA D 514 -34.48 20.14 2.79
C ALA D 514 -35.02 18.87 3.46
N TYR D 515 -34.71 17.70 2.88
CA TYR D 515 -35.15 16.43 3.44
C TYR D 515 -34.46 16.16 4.77
N THR D 516 -33.17 16.51 4.86
CA THR D 516 -32.36 16.33 6.07
C THR D 516 -32.88 17.23 7.19
N MET D 517 -33.13 18.51 6.89
CA MET D 517 -33.63 19.44 7.89
C MET D 517 -35.02 19.05 8.36
N GLU D 518 -35.87 18.56 7.46
CA GLU D 518 -37.23 18.14 7.81
C GLU D 518 -37.18 16.90 8.71
N ARG D 519 -36.41 15.87 8.31
CA ARG D 519 -36.26 14.64 9.07
C ARG D 519 -35.68 14.88 10.46
N SER D 520 -34.64 15.72 10.57
CA SER D 520 -33.98 16.05 11.83
C SER D 520 -34.82 16.91 12.74
N ALA D 521 -35.69 17.78 12.19
CA ALA D 521 -36.57 18.59 13.03
C ALA D 521 -37.57 17.69 13.73
N ARG D 522 -38.12 16.70 13.02
CA ARG D 522 -39.08 15.76 13.59
C ARG D 522 -38.42 14.86 14.62
N GLN D 523 -37.15 14.49 14.42
CA GLN D 523 -36.42 13.69 15.38
C GLN D 523 -36.23 14.47 16.67
N ILE D 524 -35.87 15.77 16.57
CA ILE D 524 -35.67 16.63 17.74
C ILE D 524 -37.01 16.86 18.45
N MET D 525 -38.09 17.04 17.68
CA MET D 525 -39.43 17.23 18.23
C MET D 525 -39.88 15.99 18.99
N ARG D 526 -39.61 14.81 18.45
CA ARG D 526 -39.99 13.57 19.09
C ARG D 526 -39.17 13.32 20.35
N THR D 527 -37.87 13.67 20.33
CA THR D 527 -36.99 13.55 21.49
C THR D 527 -37.47 14.49 22.59
N ALA D 528 -37.88 15.73 22.22
CA ALA D 528 -38.39 16.72 23.16
C ALA D 528 -39.66 16.24 23.85
N MET D 529 -40.54 15.55 23.12
CA MET D 529 -41.77 15.04 23.71
C MET D 529 -41.47 13.82 24.59
N LYS D 530 -40.57 12.94 24.13
CA LYS D 530 -40.15 11.74 24.85
C LYS D 530 -39.57 12.10 26.23
N TYR D 531 -38.69 13.11 26.29
CA TYR D 531 -38.08 13.50 27.56
C TYR D 531 -38.74 14.73 28.22
N ASN D 532 -39.93 15.14 27.74
CA ASN D 532 -40.70 16.28 28.26
C ASN D 532 -39.85 17.54 28.45
N LEU D 533 -39.18 17.97 27.38
CA LEU D 533 -38.31 19.15 27.42
C LEU D 533 -39.03 20.45 26.99
N GLY D 534 -40.16 20.34 26.30
CA GLY D 534 -40.93 21.49 25.86
C GLY D 534 -40.21 22.35 24.85
N LEU D 535 -39.89 23.60 25.24
CA LEU D 535 -39.19 24.53 24.35
C LEU D 535 -37.66 24.42 24.44
N ASP D 536 -37.13 23.48 25.24
CA ASP D 536 -35.69 23.31 25.37
C ASP D 536 -35.19 22.44 24.22
N LEU D 537 -35.18 23.01 23.02
CA LEU D 537 -34.76 22.30 21.81
C LEU D 537 -33.27 21.99 21.79
N ARG D 538 -32.44 22.79 22.49
CA ARG D 538 -31.00 22.52 22.50
C ARG D 538 -30.72 21.23 23.24
N THR D 539 -31.36 21.04 24.40
CA THR D 539 -31.20 19.81 25.16
C THR D 539 -31.74 18.63 24.37
N ALA D 540 -32.86 18.80 23.66
CA ALA D 540 -33.42 17.75 22.80
C ALA D 540 -32.43 17.35 21.71
N ALA D 541 -31.74 18.33 21.12
CA ALA D 541 -30.76 18.08 20.07
C ALA D 541 -29.54 17.34 20.60
N TYR D 542 -29.03 17.72 21.79
CA TYR D 542 -27.87 17.03 22.37
C TYR D 542 -28.25 15.63 22.82
N VAL D 543 -29.46 15.44 23.36
CA VAL D 543 -29.92 14.11 23.76
C VAL D 543 -30.05 13.22 22.51
N ASN D 544 -30.57 13.78 21.41
CA ASN D 544 -30.72 13.10 20.14
C ASN D 544 -29.37 12.63 19.62
N ALA D 545 -28.35 13.50 19.68
CA ALA D 545 -26.99 13.21 19.22
C ALA D 545 -26.28 12.21 20.10
N ILE D 546 -26.34 12.36 21.43
CA ILE D 546 -25.71 11.45 22.38
C ILE D 546 -26.32 10.05 22.24
N GLU D 547 -27.64 9.96 22.03
CA GLU D 547 -28.35 8.70 21.82
C GLU D 547 -27.80 7.94 20.60
N LYS D 548 -27.50 8.69 19.52
CA LYS D 548 -27.01 8.13 18.26
C LYS D 548 -25.55 7.70 18.37
N VAL D 549 -24.68 8.57 18.93
CA VAL D 549 -23.26 8.26 19.09
C VAL D 549 -23.09 7.06 20.03
N PHE D 550 -23.88 7.01 21.12
CA PHE D 550 -23.85 5.90 22.07
C PHE D 550 -24.17 4.59 21.39
N ARG D 551 -25.21 4.58 20.53
CA ARG D 551 -25.68 3.39 19.84
C ARG D 551 -24.60 2.78 18.95
N VAL D 552 -23.80 3.64 18.30
CA VAL D 552 -22.71 3.17 17.44
C VAL D 552 -21.65 2.47 18.29
N TYR D 553 -21.27 3.08 19.42
CA TYR D 553 -20.29 2.50 20.34
C TYR D 553 -20.79 1.20 20.98
N ASN D 554 -22.04 1.17 21.43
CA ASN D 554 -22.63 0.01 22.09
C ASN D 554 -22.70 -1.19 21.16
N GLU D 555 -23.07 -0.98 19.89
CA GLU D 555 -23.22 -2.09 18.95
C GLU D 555 -21.88 -2.51 18.33
N ALA D 556 -20.91 -1.58 18.23
CA ALA D 556 -19.61 -1.93 17.65
C ALA D 556 -18.68 -2.55 18.66
N GLY D 557 -18.71 -2.03 19.88
CA GLY D 557 -17.80 -2.46 20.94
C GLY D 557 -16.50 -1.66 20.90
N VAL D 558 -15.63 -1.90 21.88
CA VAL D 558 -14.33 -1.23 21.93
C VAL D 558 -13.23 -2.26 21.69
N THR D 559 -12.36 -1.99 20.71
CA THR D 559 -11.27 -2.90 20.35
C THR D 559 -10.19 -2.85 21.46
N PHE D 560 -9.74 -4.03 21.95
CA PHE D 560 -8.75 -4.19 23.03
C PHE D 560 -9.26 -3.67 24.41
N ASP E 62 -28.66 -29.49 11.02
CA ASP E 62 -29.65 -29.22 9.99
C ASP E 62 -29.19 -29.71 8.59
N ARG E 63 -30.06 -29.57 7.55
CA ARG E 63 -29.82 -30.01 6.16
C ARG E 63 -28.53 -29.44 5.55
N GLU E 64 -28.15 -28.22 5.94
CA GLU E 64 -26.93 -27.60 5.43
C GLU E 64 -25.66 -28.30 5.99
N ASP E 65 -25.78 -29.10 7.08
CA ASP E 65 -24.67 -29.86 7.66
C ASP E 65 -24.67 -31.36 7.22
N ASP E 66 -25.68 -31.80 6.45
CA ASP E 66 -25.90 -33.18 5.99
C ASP E 66 -24.99 -33.56 4.82
N PRO E 67 -24.19 -34.65 4.94
CA PRO E 67 -23.32 -35.08 3.82
C PRO E 67 -24.07 -35.36 2.53
N ASN E 68 -25.31 -35.85 2.65
CA ASN E 68 -26.17 -36.14 1.51
C ASN E 68 -26.48 -34.87 0.71
N PHE E 69 -26.52 -33.70 1.36
CA PHE E 69 -26.77 -32.43 0.68
C PHE E 69 -25.52 -31.97 -0.12
N PHE E 70 -24.31 -32.33 0.33
CA PHE E 70 -23.09 -31.92 -0.37
C PHE E 70 -23.01 -32.69 -1.69
N LYS E 71 -23.34 -34.01 -1.66
CA LYS E 71 -23.36 -34.85 -2.86
C LYS E 71 -24.47 -34.38 -3.82
N MET E 72 -25.60 -33.93 -3.24
CA MET E 72 -26.78 -33.40 -3.93
C MET E 72 -26.40 -32.25 -4.81
N VAL E 73 -25.67 -31.25 -4.27
CA VAL E 73 -25.27 -30.06 -5.00
C VAL E 73 -24.30 -30.42 -6.10
N GLU E 74 -23.35 -31.32 -5.83
CA GLU E 74 -22.38 -31.77 -6.82
C GLU E 74 -23.09 -32.39 -8.04
N GLY E 75 -24.10 -33.21 -7.78
CA GLY E 75 -24.89 -33.85 -8.80
C GLY E 75 -25.69 -32.87 -9.64
N PHE E 76 -26.18 -31.78 -9.02
CA PHE E 76 -26.92 -30.75 -9.73
C PHE E 76 -26.00 -30.05 -10.72
N PHE E 77 -24.75 -29.77 -10.32
CA PHE E 77 -23.77 -29.15 -11.20
C PHE E 77 -23.44 -30.08 -12.36
N ASP E 78 -23.13 -31.34 -12.08
CA ASP E 78 -22.77 -32.32 -13.11
C ASP E 78 -23.87 -32.47 -14.16
N ARG E 79 -25.14 -32.44 -13.72
CA ARG E 79 -26.29 -32.56 -14.60
C ARG E 79 -26.37 -31.33 -15.51
N GLY E 80 -26.27 -30.15 -14.93
CA GLY E 80 -26.34 -28.90 -15.68
C GLY E 80 -25.19 -28.69 -16.65
N ALA E 81 -23.99 -29.13 -16.28
CA ALA E 81 -22.78 -28.99 -17.09
C ALA E 81 -22.84 -29.84 -18.35
N SER E 82 -23.40 -31.05 -18.25
CA SER E 82 -23.49 -31.93 -19.42
C SER E 82 -24.61 -31.46 -20.39
N ILE E 83 -25.64 -30.78 -19.87
CA ILE E 83 -26.74 -30.26 -20.67
C ILE E 83 -26.28 -29.03 -21.46
N VAL E 84 -25.59 -28.13 -20.78
CA VAL E 84 -25.14 -26.88 -21.38
C VAL E 84 -23.91 -27.07 -22.32
N GLU E 85 -23.13 -28.15 -22.13
CA GLU E 85 -21.89 -28.42 -22.87
C GLU E 85 -22.01 -28.29 -24.41
N ASP E 86 -22.91 -29.05 -25.03
CA ASP E 86 -23.04 -29.06 -26.49
C ASP E 86 -23.45 -27.71 -27.07
N LYS E 87 -24.31 -26.97 -26.36
CA LYS E 87 -24.76 -25.66 -26.82
C LYS E 87 -23.62 -24.64 -26.69
N LEU E 88 -22.71 -24.79 -25.71
CA LEU E 88 -21.61 -23.85 -25.51
C LEU E 88 -20.52 -23.99 -26.60
N VAL E 89 -20.39 -25.18 -27.20
CA VAL E 89 -19.40 -25.41 -28.25
C VAL E 89 -19.84 -24.76 -29.58
N GLU E 90 -21.10 -24.97 -29.98
CA GLU E 90 -21.60 -24.41 -31.23
C GLU E 90 -21.78 -22.89 -31.15
N ASP E 91 -22.06 -22.35 -29.95
CA ASP E 91 -22.19 -20.90 -29.78
C ASP E 91 -20.81 -20.20 -29.80
N LEU E 92 -19.71 -20.93 -29.62
CA LEU E 92 -18.35 -20.40 -29.63
C LEU E 92 -17.89 -20.12 -31.05
N LYS E 93 -17.68 -18.84 -31.37
CA LYS E 93 -17.20 -18.44 -32.69
C LYS E 93 -15.74 -17.99 -32.55
N THR E 94 -14.79 -18.91 -32.75
CA THR E 94 -13.37 -18.61 -32.58
C THR E 94 -12.48 -19.38 -33.58
N ARG E 95 -11.20 -18.96 -33.72
CA ARG E 95 -10.27 -19.63 -34.63
C ARG E 95 -9.68 -20.88 -33.98
N GLU E 96 -10.52 -21.90 -33.77
CA GLU E 96 -10.12 -23.16 -33.14
C GLU E 96 -10.76 -24.35 -33.86
N THR E 97 -10.13 -25.52 -33.73
CA THR E 97 -10.69 -26.74 -34.30
C THR E 97 -11.88 -27.19 -33.40
N GLU E 98 -12.70 -28.14 -33.87
CA GLU E 98 -13.84 -28.61 -33.08
C GLU E 98 -13.39 -29.36 -31.82
N GLU E 99 -12.21 -30.00 -31.85
CA GLU E 99 -11.70 -30.69 -30.66
C GLU E 99 -11.09 -29.68 -29.68
N GLN E 100 -10.53 -28.56 -30.18
CA GLN E 100 -10.00 -27.47 -29.36
C GLN E 100 -11.15 -26.73 -28.66
N LYS E 101 -12.34 -26.66 -29.30
CA LYS E 101 -13.52 -26.05 -28.73
C LYS E 101 -14.11 -26.94 -27.63
N ARG E 102 -14.10 -28.28 -27.82
CA ARG E 102 -14.58 -29.20 -26.81
C ARG E 102 -13.70 -29.17 -25.56
N ASN E 103 -12.37 -29.08 -25.74
CA ASN E 103 -11.43 -29.01 -24.63
C ASN E 103 -11.55 -27.71 -23.86
N ARG E 104 -11.82 -26.60 -24.58
CA ARG E 104 -11.97 -25.29 -23.96
C ARG E 104 -13.25 -25.24 -23.11
N VAL E 105 -14.37 -25.75 -23.63
CA VAL E 105 -15.63 -25.76 -22.91
C VAL E 105 -15.56 -26.69 -21.72
N ARG E 106 -15.10 -27.93 -21.91
CA ARG E 106 -14.99 -28.92 -20.84
C ARG E 106 -13.94 -28.53 -19.79
N GLY E 107 -12.88 -27.86 -20.22
CA GLY E 107 -11.81 -27.41 -19.33
C GLY E 107 -12.28 -26.30 -18.39
N ILE E 108 -13.10 -25.37 -18.90
CA ILE E 108 -13.70 -24.30 -18.10
C ILE E 108 -14.69 -24.89 -17.09
N LEU E 109 -15.48 -25.89 -17.51
CA LEU E 109 -16.45 -26.53 -16.62
C LEU E 109 -15.73 -27.27 -15.50
N ARG E 110 -14.56 -27.89 -15.80
CA ARG E 110 -13.77 -28.58 -14.79
C ARG E 110 -13.15 -27.62 -13.79
N ILE E 111 -12.84 -26.38 -14.23
CA ILE E 111 -12.30 -25.34 -13.36
C ILE E 111 -13.40 -24.88 -12.41
N ILE E 112 -14.60 -24.59 -12.95
CA ILE E 112 -15.73 -24.12 -12.13
C ILE E 112 -16.08 -25.07 -10.98
N LYS E 113 -16.32 -26.36 -11.26
CA LYS E 113 -16.81 -27.34 -10.29
C LYS E 113 -16.13 -27.27 -8.90
N PRO E 114 -14.79 -27.45 -8.72
CA PRO E 114 -14.24 -27.47 -7.37
C PRO E 114 -14.06 -26.10 -6.76
N CYS E 115 -13.76 -26.05 -5.45
CA CYS E 115 -13.48 -24.81 -4.76
C CYS E 115 -12.08 -24.38 -5.07
N ASN E 116 -11.88 -23.12 -5.40
CA ASN E 116 -10.55 -22.61 -5.73
C ASN E 116 -9.66 -22.58 -4.50
N HIS E 117 -10.16 -22.08 -3.37
CA HIS E 117 -9.37 -21.98 -2.14
C HIS E 117 -10.14 -22.44 -0.93
N VAL E 118 -9.46 -23.13 -0.01
CA VAL E 118 -10.05 -23.55 1.25
C VAL E 118 -9.03 -23.28 2.35
N LEU E 119 -9.36 -22.41 3.31
CA LEU E 119 -8.46 -22.11 4.40
C LEU E 119 -8.91 -22.79 5.69
N SER E 120 -8.02 -23.55 6.33
CA SER E 120 -8.28 -24.19 7.61
C SER E 120 -7.50 -23.44 8.67
N LEU E 121 -8.17 -23.07 9.76
CA LEU E 121 -7.55 -22.30 10.82
C LEU E 121 -7.53 -23.04 12.16
N SER E 122 -6.63 -22.59 13.04
CA SER E 122 -6.47 -23.09 14.41
C SER E 122 -6.00 -21.90 15.21
N PHE E 123 -6.93 -21.13 15.79
CA PHE E 123 -6.57 -19.90 16.48
C PHE E 123 -6.85 -19.95 17.98
N PRO E 124 -6.05 -19.23 18.78
CA PRO E 124 -6.26 -19.25 20.24
C PRO E 124 -7.36 -18.31 20.73
N ILE E 125 -7.89 -18.63 21.91
CA ILE E 125 -8.93 -17.88 22.60
C ILE E 125 -8.71 -18.02 24.11
N ARG E 126 -8.94 -16.94 24.88
CA ARG E 126 -8.84 -17.05 26.33
C ARG E 126 -10.23 -16.90 26.92
N ARG E 127 -10.73 -17.97 27.54
CA ARG E 127 -12.04 -18.01 28.17
C ARG E 127 -12.12 -17.00 29.32
N ASP E 128 -13.34 -16.62 29.71
CA ASP E 128 -13.56 -15.67 30.80
C ASP E 128 -12.97 -16.17 32.12
N ASP E 129 -12.89 -17.50 32.32
CA ASP E 129 -12.29 -18.04 33.55
C ASP E 129 -10.74 -18.01 33.52
N GLY E 130 -10.14 -17.67 32.38
CA GLY E 130 -8.70 -17.57 32.24
C GLY E 130 -8.05 -18.68 31.44
N SER E 131 -8.75 -19.81 31.29
CA SER E 131 -8.22 -20.96 30.55
C SER E 131 -8.11 -20.66 29.04
N TRP E 132 -7.22 -21.39 28.35
CA TRP E 132 -7.03 -21.19 26.91
C TRP E 132 -7.73 -22.27 26.11
N GLU E 133 -8.16 -21.93 24.92
CA GLU E 133 -8.83 -22.87 24.05
C GLU E 133 -8.44 -22.62 22.60
N VAL E 134 -8.14 -23.67 21.87
CA VAL E 134 -7.78 -23.56 20.45
C VAL E 134 -9.02 -23.86 19.64
N ILE E 135 -9.42 -22.94 18.78
CA ILE E 135 -10.64 -23.07 17.99
C ILE E 135 -10.34 -23.49 16.55
N GLU E 136 -11.14 -24.41 15.98
CA GLU E 136 -11.00 -24.80 14.58
C GLU E 136 -11.93 -23.95 13.73
N GLY E 137 -11.48 -23.60 12.54
CA GLY E 137 -12.29 -22.80 11.62
C GLY E 137 -11.95 -23.09 10.18
N TYR E 138 -12.89 -22.82 9.27
CA TYR E 138 -12.68 -23.04 7.84
C TYR E 138 -13.33 -21.94 7.03
N ARG E 139 -12.83 -21.65 5.83
CA ARG E 139 -13.49 -20.74 4.91
C ARG E 139 -13.13 -21.13 3.49
N ALA E 140 -14.16 -21.52 2.71
CA ALA E 140 -13.93 -21.90 1.32
C ALA E 140 -14.39 -20.80 0.40
N GLN E 141 -13.61 -20.53 -0.63
CA GLN E 141 -13.91 -19.59 -1.69
C GLN E 141 -14.03 -20.42 -2.92
N HIS E 142 -15.26 -20.73 -3.32
CA HIS E 142 -15.49 -21.56 -4.47
C HIS E 142 -14.98 -20.92 -5.75
N SER E 143 -15.34 -19.65 -6.01
CA SER E 143 -14.99 -19.03 -7.27
C SER E 143 -14.61 -17.59 -7.12
N GLN E 144 -13.70 -17.12 -7.99
CA GLN E 144 -13.35 -15.71 -8.02
C GLN E 144 -13.61 -15.10 -9.41
N HIS E 145 -14.47 -15.72 -10.24
CA HIS E 145 -14.83 -15.14 -11.53
C HIS E 145 -15.50 -13.74 -11.32
N ARG E 146 -16.12 -13.55 -10.13
CA ARG E 146 -16.69 -12.32 -9.63
C ARG E 146 -16.10 -12.08 -8.25
N THR E 147 -15.46 -10.92 -8.05
CA THR E 147 -14.93 -10.57 -6.74
C THR E 147 -15.70 -9.34 -6.20
N PRO E 148 -16.00 -9.29 -4.90
CA PRO E 148 -15.57 -10.21 -3.84
C PRO E 148 -16.38 -11.50 -3.76
N CYS E 149 -15.89 -12.46 -2.99
CA CYS E 149 -16.64 -13.66 -2.70
C CYS E 149 -17.69 -13.28 -1.65
N LYS E 150 -18.76 -14.04 -1.55
CA LYS E 150 -19.83 -13.76 -0.60
C LYS E 150 -20.27 -15.04 0.04
N GLY E 151 -20.55 -15.00 1.33
CA GLY E 151 -21.02 -16.19 2.01
C GLY E 151 -21.01 -16.09 3.52
N GLY E 152 -21.99 -16.74 4.13
CA GLY E 152 -22.14 -16.72 5.57
C GLY E 152 -21.08 -17.42 6.39
N ILE E 153 -21.17 -17.22 7.71
CA ILE E 153 -20.33 -17.84 8.71
C ILE E 153 -21.20 -18.66 9.65
N ARG E 154 -20.94 -19.95 9.78
CA ARG E 154 -21.71 -20.80 10.66
C ARG E 154 -20.94 -21.13 11.92
N TYR E 155 -21.55 -20.97 13.08
CA TYR E 155 -20.94 -21.35 14.35
C TYR E 155 -21.59 -22.63 14.81
N SER E 156 -21.02 -23.77 14.47
CA SER E 156 -21.61 -25.06 14.85
C SER E 156 -20.53 -26.11 15.03
N THR E 157 -20.74 -27.05 15.95
CA THR E 157 -19.79 -28.16 16.11
C THR E 157 -19.88 -29.16 14.95
N ASP E 158 -20.93 -29.05 14.10
CA ASP E 158 -21.17 -29.93 12.95
C ASP E 158 -20.59 -29.36 11.64
N VAL E 159 -19.85 -28.24 11.68
CA VAL E 159 -19.24 -27.71 10.46
C VAL E 159 -18.07 -28.60 10.05
N SER E 160 -17.86 -28.69 8.75
CA SER E 160 -16.78 -29.50 8.18
C SER E 160 -16.24 -28.84 6.92
N VAL E 161 -15.10 -29.32 6.40
CA VAL E 161 -14.53 -28.78 5.17
C VAL E 161 -15.47 -29.05 4.00
N ASP E 162 -16.05 -30.26 3.95
CA ASP E 162 -16.97 -30.62 2.88
C ASP E 162 -18.24 -29.78 2.92
N GLU E 163 -18.75 -29.48 4.11
CA GLU E 163 -19.95 -28.64 4.27
C GLU E 163 -19.69 -27.23 3.79
N VAL E 164 -18.56 -26.69 4.19
CA VAL E 164 -18.15 -25.35 3.84
C VAL E 164 -17.87 -25.26 2.32
N LYS E 165 -17.33 -26.32 1.70
CA LYS E 165 -17.07 -26.36 0.27
C LYS E 165 -18.36 -26.46 -0.54
N ALA E 166 -19.30 -27.30 -0.10
CA ALA E 166 -20.57 -27.49 -0.81
C ALA E 166 -21.42 -26.25 -0.77
N LEU E 167 -21.49 -25.58 0.40
CA LEU E 167 -22.30 -24.38 0.53
C LEU E 167 -21.64 -23.20 -0.19
N ALA E 168 -20.30 -23.19 -0.32
CA ALA E 168 -19.61 -22.15 -1.06
C ALA E 168 -19.93 -22.29 -2.55
N SER E 169 -19.94 -23.52 -3.06
CA SER E 169 -20.27 -23.77 -4.46
C SER E 169 -21.72 -23.44 -4.73
N LEU E 170 -22.64 -23.82 -3.82
CA LEU E 170 -24.06 -23.52 -3.97
C LEU E 170 -24.29 -22.00 -4.08
N MET E 171 -23.53 -21.23 -3.29
CA MET E 171 -23.57 -19.77 -3.28
C MET E 171 -23.22 -19.20 -4.64
N THR E 172 -22.16 -19.73 -5.31
CA THR E 172 -21.74 -19.28 -6.66
C THR E 172 -22.92 -19.30 -7.63
N TYR E 173 -23.65 -20.43 -7.70
CA TYR E 173 -24.75 -20.62 -8.63
C TYR E 173 -25.97 -19.82 -8.18
N LYS E 174 -26.20 -19.70 -6.86
CA LYS E 174 -27.27 -18.90 -6.29
C LYS E 174 -27.11 -17.42 -6.68
N CYS E 175 -25.88 -16.90 -6.64
CA CYS E 175 -25.58 -15.52 -6.99
C CYS E 175 -25.73 -15.28 -8.48
N ALA E 176 -25.26 -16.23 -9.28
CA ALA E 176 -25.34 -16.11 -10.73
C ALA E 176 -26.80 -16.06 -11.21
N VAL E 177 -27.75 -16.89 -10.63
CA VAL E 177 -29.13 -16.84 -11.11
C VAL E 177 -29.78 -15.48 -10.80
N VAL E 178 -29.41 -14.82 -9.69
CA VAL E 178 -30.01 -13.52 -9.38
C VAL E 178 -29.09 -12.35 -9.80
N ASP E 179 -28.11 -12.59 -10.70
CA ASP E 179 -27.20 -11.59 -11.24
C ASP E 179 -26.53 -10.75 -10.16
N VAL E 180 -26.16 -11.38 -9.04
CA VAL E 180 -25.44 -10.74 -7.96
C VAL E 180 -23.97 -11.02 -8.24
N PRO E 181 -23.15 -9.97 -8.45
CA PRO E 181 -21.78 -10.17 -8.91
C PRO E 181 -20.76 -10.59 -7.84
N PHE E 182 -21.01 -11.74 -7.20
CA PHE E 182 -20.08 -12.29 -6.22
C PHE E 182 -19.82 -13.76 -6.49
N GLY E 183 -18.62 -14.20 -6.17
CA GLY E 183 -18.26 -15.61 -6.20
C GLY E 183 -18.70 -16.27 -4.91
N GLY E 184 -18.86 -17.59 -4.92
CA GLY E 184 -19.31 -18.31 -3.73
C GLY E 184 -18.29 -18.47 -2.62
N ALA E 185 -18.75 -18.35 -1.37
CA ALA E 185 -17.89 -18.54 -0.20
C ALA E 185 -18.70 -19.00 1.01
N LYS E 186 -18.04 -19.67 1.98
CA LYS E 186 -18.71 -20.14 3.20
C LYS E 186 -17.69 -20.41 4.31
N ALA E 187 -17.98 -19.93 5.52
CA ALA E 187 -17.09 -20.14 6.66
C ALA E 187 -17.79 -20.96 7.74
N GLY E 188 -17.00 -21.63 8.55
CA GLY E 188 -17.52 -22.43 9.65
C GLY E 188 -16.55 -22.49 10.82
N VAL E 189 -16.98 -22.06 12.00
CA VAL E 189 -16.16 -22.12 13.19
C VAL E 189 -16.71 -23.27 14.03
N LYS E 190 -15.88 -24.29 14.28
CA LYS E 190 -16.30 -25.50 14.98
C LYS E 190 -16.49 -25.30 16.50
N ILE E 191 -17.50 -24.51 16.89
CA ILE E 191 -17.86 -24.26 18.29
C ILE E 191 -19.38 -24.24 18.47
N ASN E 192 -19.85 -24.53 19.68
CA ASN E 192 -21.27 -24.45 19.99
C ASN E 192 -21.52 -23.14 20.74
N PRO E 193 -22.10 -22.11 20.09
CA PRO E 193 -22.28 -20.80 20.75
C PRO E 193 -23.01 -20.85 22.09
N LYS E 194 -23.79 -21.91 22.34
CA LYS E 194 -24.50 -22.08 23.60
C LYS E 194 -23.51 -22.24 24.79
N ASN E 195 -22.27 -22.70 24.52
CA ASN E 195 -21.23 -22.90 25.53
C ASN E 195 -20.40 -21.66 25.82
N TYR E 196 -20.66 -20.52 25.16
CA TYR E 196 -19.83 -19.35 25.34
C TYR E 196 -20.60 -18.11 25.78
N THR E 197 -19.94 -17.26 26.57
CA THR E 197 -20.50 -15.99 27.00
C THR E 197 -20.47 -14.99 25.83
N ASP E 198 -21.21 -13.88 25.94
CA ASP E 198 -21.19 -12.86 24.88
C ASP E 198 -19.78 -12.26 24.70
N ASN E 199 -18.99 -12.23 25.79
CA ASN E 199 -17.62 -11.72 25.78
C ASN E 199 -16.71 -12.69 25.04
N GLU E 200 -16.87 -14.00 25.30
CA GLU E 200 -16.10 -15.05 24.65
C GLU E 200 -16.42 -15.11 23.17
N LEU E 201 -17.70 -14.97 22.81
CA LEU E 201 -18.12 -14.97 21.41
C LEU E 201 -17.55 -13.76 20.66
N GLU E 202 -17.34 -12.63 21.35
CA GLU E 202 -16.73 -11.45 20.75
C GLU E 202 -15.27 -11.75 20.42
N LYS E 203 -14.55 -12.33 21.39
CA LYS E 203 -13.15 -12.71 21.21
C LYS E 203 -12.98 -13.68 20.03
N ILE E 204 -13.85 -14.69 19.93
CA ILE E 204 -13.80 -15.69 18.86
C ILE E 204 -14.02 -15.02 17.52
N THR E 205 -15.04 -14.15 17.43
CA THR E 205 -15.43 -13.43 16.22
C THR E 205 -14.30 -12.51 15.72
N ARG E 206 -13.72 -11.71 16.64
CA ARG E 206 -12.68 -10.75 16.32
C ARG E 206 -11.40 -11.47 15.86
N ARG E 207 -10.98 -12.52 16.59
CA ARG E 207 -9.76 -13.26 16.26
C ARG E 207 -9.92 -14.07 14.97
N PHE E 208 -11.14 -14.59 14.71
CA PHE E 208 -11.41 -15.30 13.47
C PHE E 208 -11.29 -14.33 12.29
N THR E 209 -11.79 -13.08 12.47
CA THR E 209 -11.74 -12.01 11.50
C THR E 209 -10.30 -11.68 11.16
N MET E 210 -9.42 -11.60 12.18
CA MET E 210 -8.00 -11.29 12.02
C MET E 210 -7.28 -12.36 11.24
N GLU E 211 -7.60 -13.64 11.50
CA GLU E 211 -6.97 -14.74 10.80
C GLU E 211 -7.43 -14.78 9.36
N LEU E 212 -8.69 -14.47 9.08
CA LEU E 212 -9.19 -14.44 7.70
C LEU E 212 -8.58 -13.26 6.95
N ALA E 213 -8.51 -12.08 7.58
CA ALA E 213 -7.99 -10.87 6.95
C ALA E 213 -6.56 -11.01 6.48
N LYS E 214 -5.70 -11.62 7.29
CA LYS E 214 -4.30 -11.78 6.96
C LYS E 214 -4.06 -12.74 5.79
N LYS E 215 -4.98 -13.68 5.56
CA LYS E 215 -4.83 -14.64 4.48
C LYS E 215 -5.77 -14.37 3.28
N GLY E 216 -6.33 -13.18 3.18
CA GLY E 216 -7.19 -12.80 2.07
C GLY E 216 -8.53 -13.51 2.01
N PHE E 217 -9.14 -13.76 3.16
CA PHE E 217 -10.45 -14.42 3.21
C PHE E 217 -11.52 -13.50 3.84
N ILE E 218 -11.28 -12.17 3.80
CA ILE E 218 -12.18 -11.09 4.25
C ILE E 218 -11.62 -9.75 3.78
N GLY E 219 -12.51 -8.92 3.25
CA GLY E 219 -12.21 -7.60 2.70
C GLY E 219 -13.31 -7.21 1.73
N PRO E 220 -13.62 -5.91 1.62
CA PRO E 220 -14.71 -5.48 0.73
C PRO E 220 -14.54 -5.89 -0.74
N GLY E 221 -13.31 -5.94 -1.25
CA GLY E 221 -13.08 -6.37 -2.62
C GLY E 221 -12.55 -7.79 -2.77
N VAL E 222 -12.44 -8.51 -1.65
CA VAL E 222 -11.88 -9.85 -1.61
C VAL E 222 -12.94 -10.91 -1.19
N ASP E 223 -13.56 -10.75 0.00
CA ASP E 223 -14.51 -11.71 0.52
C ASP E 223 -15.37 -11.03 1.57
N VAL E 224 -16.69 -11.05 1.38
CA VAL E 224 -17.62 -10.38 2.26
C VAL E 224 -18.52 -11.40 2.96
N PRO E 225 -18.20 -11.74 4.20
CA PRO E 225 -19.02 -12.71 4.93
C PRO E 225 -20.41 -12.16 5.32
N ALA E 226 -21.26 -13.02 5.87
CA ALA E 226 -22.61 -12.68 6.26
C ALA E 226 -23.07 -13.58 7.42
N PRO E 227 -24.20 -13.30 8.10
CA PRO E 227 -24.63 -14.21 9.17
C PRO E 227 -25.35 -15.43 8.60
N ASP E 228 -25.78 -16.33 9.46
CA ASP E 228 -26.57 -17.49 9.05
C ASP E 228 -27.54 -17.83 10.23
N MET E 229 -28.02 -19.08 10.38
CA MET E 229 -28.95 -19.40 11.47
C MET E 229 -28.26 -19.35 12.85
N SER E 230 -26.94 -19.59 12.90
CA SER E 230 -26.17 -19.62 14.15
C SER E 230 -25.43 -18.32 14.48
N THR E 231 -25.33 -17.38 13.53
CA THR E 231 -24.68 -16.09 13.79
C THR E 231 -25.69 -14.95 13.59
N GLY E 232 -25.40 -13.81 14.18
CA GLY E 232 -26.31 -12.67 14.14
C GLY E 232 -25.68 -11.38 13.67
N GLU E 233 -26.46 -10.29 13.79
CA GLU E 233 -26.02 -8.98 13.36
C GLU E 233 -24.92 -8.40 14.24
N ARG E 234 -24.90 -8.78 15.53
CA ARG E 234 -23.89 -8.29 16.47
C ARG E 234 -22.54 -8.92 16.16
N GLU E 235 -22.51 -10.19 15.73
CA GLU E 235 -21.26 -10.82 15.32
C GLU E 235 -20.73 -10.14 14.08
N MET E 236 -21.61 -9.81 13.13
CA MET E 236 -21.24 -9.10 11.91
C MET E 236 -20.67 -7.73 12.26
N SER E 237 -21.30 -7.03 13.22
CA SER E 237 -20.83 -5.75 13.70
C SER E 237 -19.40 -5.84 14.28
N TRP E 238 -19.06 -6.93 14.99
CA TRP E 238 -17.71 -7.12 15.57
C TRP E 238 -16.68 -7.42 14.47
N ILE E 239 -17.09 -8.14 13.42
CA ILE E 239 -16.22 -8.46 12.29
C ILE E 239 -15.83 -7.15 11.59
N ALA E 240 -16.81 -6.30 11.28
CA ALA E 240 -16.58 -5.00 10.63
C ALA E 240 -15.70 -4.11 11.51
N ASP E 241 -15.98 -4.07 12.83
CA ASP E 241 -15.22 -3.26 13.74
C ASP E 241 -13.74 -3.68 13.81
N THR E 242 -13.46 -4.99 13.82
CA THR E 242 -12.08 -5.49 13.90
C THR E 242 -11.33 -5.14 12.61
N TYR E 243 -11.99 -5.36 11.47
CA TYR E 243 -11.38 -5.07 10.18
C TYR E 243 -11.09 -3.57 10.05
N ALA E 244 -12.07 -2.70 10.33
CA ALA E 244 -11.90 -1.25 10.22
C ALA E 244 -10.85 -0.70 11.19
N SER E 245 -10.68 -1.32 12.37
CA SER E 245 -9.74 -0.80 13.35
C SER E 245 -8.34 -1.45 13.25
N THR E 246 -8.15 -2.54 12.45
CA THR E 246 -6.81 -3.15 12.36
C THR E 246 -6.32 -3.17 10.86
N ILE E 247 -6.55 -4.26 10.09
CA ILE E 247 -6.06 -4.47 8.73
C ILE E 247 -6.62 -3.45 7.73
N GLY E 248 -7.92 -3.19 7.79
CA GLY E 248 -8.56 -2.25 6.89
C GLY E 248 -8.66 -0.83 7.40
N HIS E 249 -7.75 -0.42 8.29
CA HIS E 249 -7.76 0.94 8.84
C HIS E 249 -7.64 2.00 7.73
N TYR E 250 -6.77 1.77 6.75
CA TYR E 250 -6.57 2.73 5.66
C TYR E 250 -7.58 2.55 4.49
N ASP E 251 -8.60 1.70 4.66
CA ASP E 251 -9.60 1.42 3.62
C ASP E 251 -10.86 2.29 3.81
N ILE E 252 -11.23 3.07 2.77
CA ILE E 252 -12.41 3.93 2.89
C ILE E 252 -13.71 3.08 2.91
N ASN E 253 -13.69 1.88 2.28
CA ASN E 253 -14.83 0.97 2.27
C ASN E 253 -14.64 -0.17 3.28
N ALA E 254 -13.97 0.09 4.41
CA ALA E 254 -13.71 -0.96 5.41
C ALA E 254 -15.00 -1.62 5.93
N HIS E 255 -16.08 -0.84 6.16
CA HIS E 255 -17.31 -1.42 6.68
C HIS E 255 -18.10 -2.24 5.65
N ALA E 256 -17.63 -2.32 4.40
CA ALA E 256 -18.27 -3.16 3.39
C ALA E 256 -17.64 -4.57 3.34
N CYS E 257 -16.76 -4.93 4.31
CA CYS E 257 -16.12 -6.24 4.40
C CYS E 257 -17.08 -7.33 4.88
N VAL E 258 -18.27 -6.98 5.42
CA VAL E 258 -19.23 -7.94 5.96
C VAL E 258 -20.65 -7.37 5.85
N THR E 259 -21.66 -8.24 5.59
CA THR E 259 -23.05 -7.80 5.50
C THR E 259 -23.85 -8.43 6.68
N GLY E 260 -25.11 -8.05 6.84
CA GLY E 260 -25.93 -8.48 7.96
C GLY E 260 -25.68 -7.65 9.21
N LYS E 261 -25.08 -6.47 9.06
CA LYS E 261 -24.75 -5.56 10.16
C LYS E 261 -25.97 -4.82 10.68
N PRO E 262 -25.95 -4.34 11.93
CA PRO E 262 -27.07 -3.51 12.42
C PRO E 262 -27.16 -2.19 11.64
N ILE E 263 -28.29 -1.46 11.77
CA ILE E 263 -28.46 -0.19 11.04
C ILE E 263 -27.38 0.83 11.50
N SER E 264 -27.09 0.89 12.81
CA SER E 264 -26.09 1.80 13.36
C SER E 264 -24.68 1.54 12.84
N GLN E 265 -24.43 0.36 12.27
CA GLN E 265 -23.13 -0.03 11.75
C GLN E 265 -23.07 -0.05 10.22
N GLY E 266 -24.14 0.34 9.53
CA GLY E 266 -24.16 0.36 8.07
C GLY E 266 -24.97 -0.75 7.44
N GLY E 267 -26.03 -1.17 8.10
CA GLY E 267 -26.88 -2.22 7.57
C GLY E 267 -28.03 -1.66 6.75
N ILE E 268 -28.56 -2.45 5.77
CA ILE E 268 -29.68 -1.96 4.96
C ILE E 268 -31.00 -2.18 5.67
N HIS E 269 -31.95 -1.31 5.41
CA HIS E 269 -33.30 -1.49 5.89
C HIS E 269 -33.94 -2.52 4.96
N GLY E 270 -34.68 -3.46 5.53
CA GLY E 270 -35.33 -4.48 4.74
C GLY E 270 -34.56 -5.80 4.66
N ARG E 271 -33.58 -5.98 5.53
CA ARG E 271 -32.80 -7.21 5.60
C ARG E 271 -33.61 -8.34 6.23
N ILE E 272 -34.37 -8.02 7.29
CA ILE E 272 -35.16 -9.00 8.02
C ILE E 272 -36.27 -9.61 7.15
N SER E 273 -36.93 -8.80 6.33
CA SER E 273 -38.00 -9.28 5.46
C SER E 273 -37.52 -9.85 4.12
N ALA E 274 -36.25 -9.61 3.75
CA ALA E 274 -35.64 -9.96 2.47
C ALA E 274 -35.91 -11.38 1.94
N THR E 275 -35.69 -12.44 2.73
CA THR E 275 -35.90 -13.81 2.25
C THR E 275 -37.38 -14.09 2.03
N GLY E 276 -38.23 -13.61 2.94
CA GLY E 276 -39.68 -13.75 2.83
C GLY E 276 -40.24 -13.05 1.62
N ARG E 277 -39.76 -11.83 1.31
CA ARG E 277 -40.23 -11.12 0.12
C ARG E 277 -39.75 -11.84 -1.15
N GLY E 278 -38.53 -12.39 -1.11
CA GLY E 278 -37.98 -13.14 -2.24
C GLY E 278 -38.81 -14.38 -2.53
N VAL E 279 -39.24 -15.08 -1.47
CA VAL E 279 -40.10 -16.27 -1.62
C VAL E 279 -41.43 -15.83 -2.24
N PHE E 280 -42.00 -14.71 -1.78
CA PHE E 280 -43.23 -14.17 -2.33
C PHE E 280 -43.07 -13.85 -3.82
N HIS E 281 -42.04 -13.07 -4.18
CA HIS E 281 -41.84 -12.64 -5.56
C HIS E 281 -41.53 -13.81 -6.48
N GLY E 282 -40.84 -14.82 -5.97
CA GLY E 282 -40.52 -16.01 -6.76
C GLY E 282 -41.78 -16.76 -7.14
N ILE E 283 -42.68 -16.97 -6.17
CA ILE E 283 -43.96 -17.62 -6.39
C ILE E 283 -44.81 -16.76 -7.31
N GLU E 284 -44.86 -15.44 -7.04
CA GLU E 284 -45.64 -14.45 -7.79
C GLU E 284 -45.33 -14.47 -9.27
N ASN E 285 -44.05 -14.61 -9.64
CA ASN E 285 -43.66 -14.58 -11.04
C ASN E 285 -44.13 -15.80 -11.81
N PHE E 286 -44.20 -16.97 -11.14
CA PHE E 286 -44.66 -18.18 -11.80
C PHE E 286 -46.18 -18.31 -11.73
N ILE E 287 -46.79 -17.91 -10.60
CA ILE E 287 -48.24 -17.97 -10.41
C ILE E 287 -48.98 -17.03 -11.37
N ASN E 288 -48.36 -15.91 -11.78
CA ASN E 288 -49.00 -14.99 -12.71
C ASN E 288 -48.83 -15.43 -14.18
N GLU E 289 -47.90 -16.36 -14.45
CA GLU E 289 -47.65 -16.86 -15.79
C GLU E 289 -48.71 -17.91 -16.15
N ALA E 290 -49.62 -17.57 -17.06
CA ALA E 290 -50.72 -18.45 -17.48
C ALA E 290 -50.25 -19.72 -18.21
N SER E 291 -49.07 -19.66 -18.84
CA SER E 291 -48.51 -20.80 -19.56
C SER E 291 -48.26 -21.96 -18.60
N TYR E 292 -47.55 -21.68 -17.49
CA TYR E 292 -47.22 -22.67 -16.47
C TYR E 292 -48.44 -23.10 -15.66
N MET E 293 -49.32 -22.16 -15.33
CA MET E 293 -50.49 -22.44 -14.51
C MET E 293 -51.49 -23.34 -15.20
N SER E 294 -51.66 -23.21 -16.52
CA SER E 294 -52.58 -24.08 -17.25
C SER E 294 -52.07 -25.54 -17.25
N ILE E 295 -50.74 -25.75 -17.22
CA ILE E 295 -50.10 -27.07 -17.14
C ILE E 295 -50.44 -27.74 -15.80
N LEU E 296 -50.45 -26.96 -14.72
CA LEU E 296 -50.77 -27.45 -13.38
C LEU E 296 -52.30 -27.51 -13.10
N GLY E 297 -53.13 -27.23 -14.09
CA GLY E 297 -54.58 -27.23 -13.97
C GLY E 297 -55.08 -26.14 -13.04
N MET E 298 -54.42 -24.99 -13.04
CA MET E 298 -54.76 -23.89 -12.14
C MET E 298 -54.95 -22.55 -12.87
N THR E 299 -55.63 -21.61 -12.21
CA THR E 299 -55.87 -20.27 -12.70
C THR E 299 -54.68 -19.37 -12.32
N PRO E 300 -54.32 -18.38 -13.16
CA PRO E 300 -53.21 -17.48 -12.79
C PRO E 300 -53.61 -16.50 -11.67
N GLY E 301 -52.63 -16.09 -10.88
CA GLY E 301 -52.86 -15.15 -9.79
C GLY E 301 -53.06 -15.82 -8.45
N PHE E 302 -53.00 -15.03 -7.37
CA PHE E 302 -53.18 -15.55 -6.00
C PHE E 302 -54.65 -15.67 -5.57
N GLY E 303 -55.59 -15.30 -6.44
CA GLY E 303 -57.01 -15.40 -6.12
C GLY E 303 -57.43 -16.86 -6.11
N ASP E 304 -58.16 -17.26 -5.05
CA ASP E 304 -58.63 -18.64 -4.84
C ASP E 304 -57.46 -19.62 -4.74
N LYS E 305 -56.33 -19.18 -4.16
CA LYS E 305 -55.17 -20.03 -3.98
C LYS E 305 -54.98 -20.34 -2.50
N THR E 306 -54.76 -21.60 -2.17
CA THR E 306 -54.54 -21.99 -0.78
C THR E 306 -53.09 -22.42 -0.61
N PHE E 307 -52.46 -22.07 0.52
CA PHE E 307 -51.06 -22.44 0.74
C PHE E 307 -50.80 -22.95 2.16
N ALA E 308 -49.70 -23.70 2.32
CA ALA E 308 -49.27 -24.24 3.60
C ALA E 308 -47.79 -23.96 3.78
N VAL E 309 -47.38 -23.54 4.98
CA VAL E 309 -45.98 -23.23 5.25
C VAL E 309 -45.38 -24.20 6.25
N GLN E 310 -44.22 -24.78 5.92
CA GLN E 310 -43.52 -25.66 6.85
C GLN E 310 -42.32 -24.94 7.43
N GLY E 311 -42.45 -24.53 8.69
CA GLY E 311 -41.43 -23.76 9.40
C GLY E 311 -41.92 -22.35 9.65
N PHE E 312 -42.26 -22.02 10.91
CA PHE E 312 -42.76 -20.67 11.21
C PHE E 312 -41.65 -19.82 11.80
N GLY E 313 -40.56 -19.72 11.05
CA GLY E 313 -39.43 -18.91 11.44
C GLY E 313 -39.52 -17.55 10.78
N ASN E 314 -38.37 -16.93 10.51
CA ASN E 314 -38.34 -15.63 9.89
C ASN E 314 -38.85 -15.73 8.46
N VAL E 315 -38.44 -16.76 7.73
CA VAL E 315 -38.87 -16.95 6.33
C VAL E 315 -40.35 -17.34 6.29
N GLY E 316 -40.74 -18.27 7.16
CA GLY E 316 -42.11 -18.75 7.22
C GLY E 316 -43.12 -17.67 7.52
N LEU E 317 -42.83 -16.84 8.53
CA LEU E 317 -43.71 -15.76 8.94
C LEU E 317 -43.90 -14.74 7.80
N HIS E 318 -42.80 -14.29 7.20
CA HIS E 318 -42.86 -13.29 6.14
C HIS E 318 -43.55 -13.85 4.89
N SER E 319 -43.22 -15.08 4.46
CA SER E 319 -43.86 -15.69 3.29
C SER E 319 -45.37 -15.81 3.48
N MET E 320 -45.81 -16.16 4.69
CA MET E 320 -47.21 -16.29 5.02
C MET E 320 -47.90 -14.93 4.99
N ARG E 321 -47.24 -13.91 5.53
CA ARG E 321 -47.77 -12.55 5.57
C ARG E 321 -47.96 -11.95 4.17
N TYR E 322 -46.98 -12.13 3.28
CA TYR E 322 -47.05 -11.53 1.94
C TYR E 322 -48.04 -12.25 1.03
N LEU E 323 -48.12 -13.59 1.11
CA LEU E 323 -49.08 -14.33 0.28
C LEU E 323 -50.51 -14.00 0.70
N HIS E 324 -50.74 -13.91 2.01
CA HIS E 324 -52.05 -13.57 2.54
C HIS E 324 -52.47 -12.17 2.09
N ARG E 325 -51.51 -11.24 2.08
CA ARG E 325 -51.74 -9.85 1.65
C ARG E 325 -52.25 -9.79 0.20
N PHE E 326 -51.87 -10.76 -0.64
CA PHE E 326 -52.26 -10.78 -2.04
C PHE E 326 -53.43 -11.70 -2.36
N GLY E 327 -54.19 -12.11 -1.36
CA GLY E 327 -55.38 -12.91 -1.59
C GLY E 327 -55.30 -14.39 -1.28
N ALA E 328 -54.09 -14.94 -1.21
CA ALA E 328 -53.93 -16.37 -0.91
C ALA E 328 -54.36 -16.67 0.51
N LYS E 329 -54.91 -17.87 0.72
CA LYS E 329 -55.40 -18.28 2.03
C LYS E 329 -54.49 -19.32 2.66
N CYS E 330 -53.99 -19.05 3.88
CA CYS E 330 -53.14 -20.02 4.56
C CYS E 330 -54.00 -21.07 5.22
N VAL E 331 -53.84 -22.32 4.79
CA VAL E 331 -54.63 -23.43 5.29
C VAL E 331 -53.92 -24.12 6.45
N ALA E 332 -52.59 -24.20 6.43
CA ALA E 332 -51.85 -24.89 7.49
C ALA E 332 -50.44 -24.33 7.71
N VAL E 333 -50.01 -24.27 8.97
CA VAL E 333 -48.67 -23.81 9.35
C VAL E 333 -48.01 -24.88 10.22
N GLY E 334 -46.86 -25.37 9.79
CA GLY E 334 -46.14 -26.40 10.53
C GLY E 334 -44.94 -25.84 11.27
N GLU E 335 -44.50 -26.54 12.31
CA GLU E 335 -43.37 -26.10 13.12
C GLU E 335 -42.55 -27.29 13.64
N SER E 336 -41.36 -27.01 14.22
CA SER E 336 -40.45 -28.01 14.78
C SER E 336 -41.18 -28.88 15.79
N ASP E 337 -41.99 -28.29 16.64
CA ASP E 337 -42.77 -29.03 17.62
C ASP E 337 -44.25 -28.82 17.36
N GLY E 338 -44.83 -29.67 16.53
CA GLY E 338 -46.25 -29.63 16.20
C GLY E 338 -46.65 -28.89 14.93
N SER E 339 -47.95 -29.00 14.56
CA SER E 339 -48.52 -28.36 13.36
C SER E 339 -49.93 -27.82 13.62
N ILE E 340 -50.35 -26.83 12.84
CA ILE E 340 -51.64 -26.16 12.98
C ILE E 340 -52.38 -26.20 11.63
N TRP E 341 -53.70 -26.39 11.65
CA TRP E 341 -54.48 -26.46 10.41
C TRP E 341 -55.91 -25.91 10.57
N ASN E 342 -56.35 -25.13 9.58
CA ASN E 342 -57.68 -24.54 9.48
C ASN E 342 -57.99 -24.31 8.00
N PRO E 343 -58.91 -25.10 7.42
CA PRO E 343 -59.21 -24.92 5.99
C PRO E 343 -59.89 -23.59 5.66
N ASP E 344 -60.54 -22.95 6.66
CA ASP E 344 -61.20 -21.66 6.49
C ASP E 344 -60.19 -20.50 6.36
N GLY E 345 -58.99 -20.67 6.91
CA GLY E 345 -57.96 -19.65 6.83
C GLY E 345 -57.30 -19.31 8.14
N ILE E 346 -56.00 -18.99 8.09
CA ILE E 346 -55.23 -18.61 9.26
C ILE E 346 -54.65 -17.20 9.05
N ASP E 347 -54.98 -16.25 9.93
CA ASP E 347 -54.47 -14.88 9.81
C ASP E 347 -53.03 -14.81 10.28
N PRO E 348 -52.12 -14.28 9.44
CA PRO E 348 -50.70 -14.24 9.82
C PRO E 348 -50.41 -13.30 10.98
N LYS E 349 -51.14 -12.18 11.10
CA LYS E 349 -50.91 -11.25 12.20
C LYS E 349 -51.37 -11.85 13.52
N GLU E 350 -52.51 -12.56 13.50
CA GLU E 350 -53.05 -13.23 14.68
C GLU E 350 -52.12 -14.36 15.14
N LEU E 351 -51.55 -15.10 14.18
CA LEU E 351 -50.64 -16.20 14.47
C LEU E 351 -49.29 -15.68 14.97
N GLU E 352 -48.82 -14.55 14.42
CA GLU E 352 -47.57 -13.92 14.83
C GLU E 352 -47.66 -13.42 16.27
N ASP E 353 -48.80 -12.80 16.62
CA ASP E 353 -49.03 -12.28 17.97
C ASP E 353 -49.15 -13.42 18.97
N PHE E 354 -49.73 -14.56 18.56
CA PHE E 354 -49.87 -15.72 19.41
C PHE E 354 -48.50 -16.35 19.70
N LYS E 355 -47.64 -16.48 18.68
CA LYS E 355 -46.32 -17.08 18.88
C LYS E 355 -45.41 -16.16 19.69
N LEU E 356 -45.56 -14.83 19.55
CA LEU E 356 -44.76 -13.89 20.33
C LEU E 356 -45.17 -13.90 21.80
N GLN E 357 -46.45 -14.20 22.09
CA GLN E 357 -46.95 -14.23 23.46
C GLN E 357 -46.85 -15.60 24.11
N HIS E 358 -46.76 -16.69 23.32
CA HIS E 358 -46.76 -18.04 23.89
C HIS E 358 -45.52 -18.88 23.55
N GLY E 359 -44.70 -18.44 22.62
CA GLY E 359 -43.49 -19.16 22.23
C GLY E 359 -43.72 -20.24 21.18
N THR E 360 -44.97 -20.69 21.03
CA THR E 360 -45.33 -21.72 20.05
C THR E 360 -46.65 -21.39 19.35
N ILE E 361 -46.82 -21.94 18.13
CA ILE E 361 -48.11 -21.80 17.45
C ILE E 361 -49.13 -22.84 17.99
N LEU E 362 -48.66 -23.87 18.71
CA LEU E 362 -49.50 -24.91 19.28
C LEU E 362 -50.46 -24.31 20.28
N GLY E 363 -51.73 -24.52 20.05
CA GLY E 363 -52.78 -23.99 20.91
C GLY E 363 -53.48 -22.79 20.32
N PHE E 364 -53.26 -22.48 19.02
CA PHE E 364 -53.88 -21.34 18.36
C PHE E 364 -55.40 -21.53 18.37
N PRO E 365 -56.13 -20.55 18.89
CA PRO E 365 -57.59 -20.74 19.06
C PRO E 365 -58.37 -20.91 17.76
N LYS E 366 -57.95 -20.23 16.69
CA LYS E 366 -58.67 -20.31 15.43
C LYS E 366 -58.05 -21.36 14.48
N ALA E 367 -57.57 -22.50 15.03
CA ALA E 367 -56.95 -23.58 14.24
C ALA E 367 -56.85 -24.89 15.03
N LYS E 368 -57.18 -26.02 14.39
CA LYS E 368 -57.07 -27.34 15.01
C LYS E 368 -55.63 -27.88 14.95
N ILE E 369 -55.24 -28.70 15.92
CA ILE E 369 -53.89 -29.25 16.01
C ILE E 369 -53.67 -30.47 15.12
N TYR E 370 -52.44 -30.64 14.64
CA TYR E 370 -52.04 -31.85 13.94
C TYR E 370 -50.60 -32.20 14.35
N GLU E 371 -50.32 -33.49 14.59
CA GLU E 371 -48.99 -33.94 14.95
C GLU E 371 -48.35 -34.59 13.72
N GLY E 372 -47.39 -33.91 13.11
CA GLY E 372 -46.76 -34.39 11.89
C GLY E 372 -46.53 -33.27 10.90
N SER E 373 -45.98 -33.56 9.72
CA SER E 373 -45.68 -32.52 8.73
C SER E 373 -46.94 -31.99 8.04
N ILE E 374 -46.89 -30.70 7.74
CA ILE E 374 -47.91 -30.01 6.97
C ILE E 374 -47.80 -30.37 5.46
N LEU E 375 -46.70 -31.02 5.04
CA LEU E 375 -46.34 -31.40 3.69
C LEU E 375 -47.47 -32.10 2.92
N GLU E 376 -48.26 -32.93 3.59
CA GLU E 376 -49.34 -33.65 2.92
C GLU E 376 -50.71 -32.99 3.06
N VAL E 377 -50.76 -31.70 3.39
CA VAL E 377 -52.02 -30.97 3.53
C VAL E 377 -52.58 -30.67 2.14
N ASP E 378 -53.91 -30.80 1.97
CA ASP E 378 -54.54 -30.52 0.69
C ASP E 378 -54.56 -29.02 0.43
N CYS E 379 -53.53 -28.53 -0.27
CA CYS E 379 -53.42 -27.11 -0.63
C CYS E 379 -52.88 -26.95 -2.09
N ASP E 380 -52.65 -25.71 -2.55
CA ASP E 380 -52.14 -25.48 -3.90
C ASP E 380 -50.65 -25.22 -3.89
N ILE E 381 -50.18 -24.42 -2.92
CA ILE E 381 -48.77 -24.07 -2.81
C ILE E 381 -48.17 -24.55 -1.48
N LEU E 382 -47.14 -25.38 -1.52
CA LEU E 382 -46.47 -25.85 -0.31
C LEU E 382 -45.13 -25.14 -0.18
N ILE E 383 -44.91 -24.42 0.93
CA ILE E 383 -43.67 -23.67 1.11
C ILE E 383 -42.81 -24.25 2.23
N PRO E 384 -41.83 -25.11 1.90
CA PRO E 384 -40.92 -25.61 2.92
C PRO E 384 -39.91 -24.52 3.29
N ALA E 385 -40.18 -23.75 4.37
CA ALA E 385 -39.32 -22.64 4.77
C ALA E 385 -38.50 -22.96 6.04
N ALA E 386 -38.01 -24.21 6.12
CA ALA E 386 -37.19 -24.71 7.22
C ALA E 386 -36.05 -25.53 6.64
N SER E 387 -34.80 -25.26 7.06
CA SER E 387 -33.61 -25.95 6.54
C SER E 387 -33.53 -27.39 7.05
N GLU E 388 -34.22 -28.30 6.35
CA GLU E 388 -34.25 -29.73 6.67
C GLU E 388 -34.76 -30.54 5.47
N LYS E 389 -34.33 -31.80 5.36
CA LYS E 389 -34.79 -32.69 4.31
C LYS E 389 -36.21 -33.09 4.65
N GLN E 390 -37.20 -32.43 4.05
CA GLN E 390 -38.59 -32.70 4.39
C GLN E 390 -39.30 -33.49 3.29
N LEU E 391 -39.05 -33.19 2.02
CA LEU E 391 -39.69 -33.91 0.93
C LEU E 391 -38.76 -34.97 0.34
N THR E 392 -39.05 -36.23 0.66
CA THR E 392 -38.28 -37.40 0.23
C THR E 392 -39.13 -38.29 -0.69
N LYS E 393 -38.53 -39.35 -1.29
CA LYS E 393 -39.27 -40.24 -2.19
C LYS E 393 -40.40 -41.02 -1.48
N SER E 394 -40.38 -41.09 -0.14
CA SER E 394 -41.40 -41.82 0.60
C SER E 394 -42.69 -41.01 0.74
N ASN E 395 -42.61 -39.68 0.85
CA ASN E 395 -43.82 -38.86 0.98
C ASN E 395 -44.12 -38.00 -0.26
N ALA E 396 -43.24 -38.00 -1.27
CA ALA E 396 -43.50 -37.23 -2.50
C ALA E 396 -44.78 -37.70 -3.20
N PRO E 397 -45.12 -39.01 -3.31
CA PRO E 397 -46.37 -39.39 -3.98
C PRO E 397 -47.65 -39.00 -3.20
N ARG E 398 -47.51 -38.40 -2.00
CA ARG E 398 -48.67 -38.00 -1.21
C ARG E 398 -48.82 -36.47 -1.10
N VAL E 399 -47.97 -35.68 -1.78
CA VAL E 399 -48.08 -34.22 -1.72
C VAL E 399 -49.27 -33.79 -2.56
N LYS E 400 -50.26 -33.15 -1.94
CA LYS E 400 -51.45 -32.70 -2.66
C LYS E 400 -51.30 -31.29 -3.30
N ALA E 401 -50.15 -30.62 -3.09
CA ALA E 401 -49.91 -29.30 -3.66
C ALA E 401 -49.44 -29.40 -5.10
N LYS E 402 -49.76 -28.39 -5.91
CA LYS E 402 -49.32 -28.36 -7.31
C LYS E 402 -47.97 -27.58 -7.47
N ILE E 403 -47.67 -26.65 -6.56
CA ILE E 403 -46.43 -25.88 -6.57
C ILE E 403 -45.68 -26.08 -5.25
N ILE E 404 -44.38 -26.42 -5.33
CA ILE E 404 -43.54 -26.54 -4.13
C ILE E 404 -42.53 -25.41 -4.19
N ALA E 405 -42.69 -24.43 -3.31
CA ALA E 405 -41.82 -23.25 -3.31
C ALA E 405 -40.78 -23.32 -2.19
N GLU E 406 -39.57 -23.84 -2.51
CA GLU E 406 -38.48 -24.03 -1.56
C GLU E 406 -37.90 -22.75 -0.93
N GLY E 407 -38.42 -22.37 0.24
CA GLY E 407 -37.94 -21.22 0.97
C GLY E 407 -36.81 -21.54 1.94
N ALA E 408 -36.02 -22.57 1.62
CA ALA E 408 -34.90 -23.06 2.40
C ALA E 408 -33.95 -23.85 1.50
N ASN E 409 -32.69 -24.05 1.92
CA ASN E 409 -31.74 -24.80 1.10
C ASN E 409 -31.92 -26.32 1.28
N GLY E 410 -32.12 -27.02 0.16
CA GLY E 410 -32.27 -28.46 0.08
C GLY E 410 -33.43 -29.13 0.78
N PRO E 411 -34.69 -28.62 0.66
CA PRO E 411 -35.81 -29.31 1.33
C PRO E 411 -36.29 -30.53 0.59
N THR E 412 -36.01 -30.66 -0.73
CA THR E 412 -36.49 -31.82 -1.49
C THR E 412 -35.31 -32.62 -2.05
N THR E 413 -35.34 -33.95 -1.85
CA THR E 413 -34.29 -34.84 -2.34
C THR E 413 -34.41 -35.02 -3.87
N PRO E 414 -33.31 -35.37 -4.57
CA PRO E 414 -33.41 -35.56 -6.03
C PRO E 414 -34.36 -36.71 -6.41
N GLU E 415 -34.58 -37.68 -5.52
CA GLU E 415 -35.53 -38.78 -5.78
C GLU E 415 -36.97 -38.28 -5.70
N ALA E 416 -37.24 -37.31 -4.81
CA ALA E 416 -38.57 -36.69 -4.72
C ALA E 416 -38.81 -35.81 -5.95
N ASP E 417 -37.77 -35.12 -6.44
CA ASP E 417 -37.82 -34.27 -7.64
C ASP E 417 -38.32 -35.07 -8.84
N LYS E 418 -37.87 -36.33 -8.99
CA LYS E 418 -38.28 -37.22 -10.07
C LYS E 418 -39.76 -37.52 -10.00
N ILE E 419 -40.29 -37.73 -8.78
CA ILE E 419 -41.70 -38.00 -8.53
C ILE E 419 -42.54 -36.77 -8.82
N PHE E 420 -42.05 -35.59 -8.42
CA PHE E 420 -42.77 -34.34 -8.68
C PHE E 420 -42.85 -34.05 -10.17
N LEU E 421 -41.81 -34.40 -10.94
CA LEU E 421 -41.83 -34.20 -12.39
C LEU E 421 -42.84 -35.14 -13.03
N GLU E 422 -42.90 -36.40 -12.56
CA GLU E 422 -43.85 -37.41 -13.03
C GLU E 422 -45.29 -37.02 -12.72
N ARG E 423 -45.50 -36.39 -11.56
CA ARG E 423 -46.83 -35.97 -11.10
C ARG E 423 -47.24 -34.56 -11.57
N ASN E 424 -46.42 -33.90 -12.42
CA ASN E 424 -46.66 -32.55 -12.92
C ASN E 424 -46.85 -31.57 -11.77
N ILE E 425 -45.90 -31.57 -10.83
CA ILE E 425 -45.85 -30.70 -9.67
C ILE E 425 -44.65 -29.80 -9.84
N MET E 426 -44.88 -28.50 -9.99
CA MET E 426 -43.81 -27.55 -10.23
C MET E 426 -43.05 -27.20 -8.97
N VAL E 427 -41.74 -27.50 -8.93
CA VAL E 427 -40.91 -27.15 -7.78
C VAL E 427 -40.03 -25.95 -8.13
N ILE E 428 -40.30 -24.79 -7.51
CA ILE E 428 -39.49 -23.58 -7.71
C ILE E 428 -38.26 -23.77 -6.82
N PRO E 429 -37.07 -23.84 -7.41
CA PRO E 429 -35.88 -24.22 -6.63
C PRO E 429 -35.34 -23.17 -5.67
N ASP E 430 -34.65 -23.66 -4.62
CA ASP E 430 -33.97 -22.90 -3.58
C ASP E 430 -32.93 -21.94 -4.17
N LEU E 431 -32.24 -22.39 -5.24
CA LEU E 431 -31.22 -21.65 -5.98
C LEU E 431 -31.75 -20.27 -6.39
N TYR E 432 -33.04 -20.21 -6.75
CA TYR E 432 -33.69 -18.98 -7.16
C TYR E 432 -34.57 -18.38 -6.03
N LEU E 433 -35.52 -19.16 -5.49
CA LEU E 433 -36.49 -18.69 -4.52
C LEU E 433 -35.88 -18.27 -3.19
N ASN E 434 -34.81 -18.95 -2.77
CA ASN E 434 -34.15 -18.63 -1.51
C ASN E 434 -32.98 -17.66 -1.72
N ALA E 435 -33.04 -16.79 -2.74
CA ALA E 435 -31.96 -15.85 -3.01
C ALA E 435 -32.33 -14.40 -2.72
N GLY E 436 -33.39 -14.17 -1.94
CA GLY E 436 -33.82 -12.83 -1.59
C GLY E 436 -32.86 -12.17 -0.61
N GLY E 437 -32.40 -12.95 0.36
CA GLY E 437 -31.45 -12.47 1.34
C GLY E 437 -30.09 -12.17 0.74
N VAL E 438 -29.67 -13.00 -0.24
CA VAL E 438 -28.40 -12.80 -0.96
C VAL E 438 -28.47 -11.50 -1.76
N THR E 439 -29.63 -11.26 -2.40
CA THR E 439 -29.87 -10.06 -3.20
C THR E 439 -29.74 -8.79 -2.33
N VAL E 440 -30.40 -8.74 -1.14
CA VAL E 440 -30.28 -7.53 -0.32
C VAL E 440 -28.91 -7.45 0.36
N SER E 441 -28.18 -8.58 0.51
CA SER E 441 -26.81 -8.50 1.05
C SER E 441 -25.90 -7.78 0.02
N TYR E 442 -26.18 -7.94 -1.28
CA TYR E 442 -25.51 -7.24 -2.36
C TYR E 442 -25.83 -5.74 -2.23
N PHE E 443 -27.10 -5.40 -1.95
CA PHE E 443 -27.52 -4.01 -1.76
C PHE E 443 -26.89 -3.39 -0.51
N GLU E 444 -26.64 -4.19 0.54
CA GLU E 444 -25.99 -3.69 1.74
C GLU E 444 -24.54 -3.36 1.42
N TRP E 445 -23.86 -4.25 0.69
CA TRP E 445 -22.48 -4.05 0.26
C TRP E 445 -22.38 -2.78 -0.60
N LEU E 446 -23.36 -2.59 -1.50
CA LEU E 446 -23.43 -1.39 -2.32
C LEU E 446 -23.67 -0.15 -1.46
N LYS E 447 -24.58 -0.22 -0.47
CA LYS E 447 -24.88 0.89 0.46
C LYS E 447 -23.63 1.40 1.14
N ASN E 448 -22.75 0.49 1.63
CA ASN E 448 -21.49 0.82 2.30
C ASN E 448 -20.45 1.38 1.35
N LEU E 449 -20.47 0.93 0.11
CA LEU E 449 -19.57 1.43 -0.92
C LEU E 449 -19.96 2.89 -1.23
N ASN E 450 -21.29 3.14 -1.33
CA ASN E 450 -21.95 4.43 -1.62
C ASN E 450 -21.82 5.44 -0.48
N HIS E 451 -21.70 4.95 0.76
CA HIS E 451 -21.58 5.76 1.98
C HIS E 451 -22.82 6.65 2.19
N VAL E 452 -23.99 6.19 1.72
CA VAL E 452 -25.24 6.91 1.83
C VAL E 452 -26.42 5.94 1.76
N SER E 453 -27.52 6.24 2.47
CA SER E 453 -28.71 5.40 2.40
C SER E 453 -29.43 5.66 1.09
N TYR E 454 -30.18 4.66 0.60
CA TYR E 454 -30.88 4.80 -0.68
C TYR E 454 -32.02 5.84 -0.58
N GLY E 455 -32.10 6.73 -1.55
CA GLY E 455 -33.15 7.74 -1.58
C GLY E 455 -32.89 9.01 -0.79
N ARG E 456 -31.88 9.00 0.08
CA ARG E 456 -31.49 10.15 0.92
C ARG E 456 -31.51 11.51 0.18
N LEU E 457 -31.02 11.56 -1.07
CA LEU E 457 -30.98 12.82 -1.81
C LEU E 457 -32.10 13.00 -2.83
N THR E 458 -32.98 12.00 -3.00
CA THR E 458 -33.99 12.07 -4.04
C THR E 458 -35.44 11.92 -3.57
N PHE E 459 -35.69 11.61 -2.29
CA PHE E 459 -37.08 11.44 -1.82
C PHE E 459 -37.86 12.73 -1.94
N LYS E 460 -37.29 13.85 -1.46
CA LYS E 460 -37.93 15.15 -1.52
C LYS E 460 -38.03 15.64 -2.96
N TYR E 461 -37.00 15.39 -3.78
CA TYR E 461 -36.99 15.79 -5.19
C TYR E 461 -38.11 15.08 -5.94
N GLU E 462 -38.28 13.77 -5.70
CA GLU E 462 -39.30 12.96 -6.32
C GLU E 462 -40.69 13.44 -5.90
N ARG E 463 -40.86 13.73 -4.61
CA ARG E 463 -42.10 14.23 -4.03
C ARG E 463 -42.54 15.54 -4.69
N ASP E 464 -41.59 16.45 -4.94
CA ASP E 464 -41.90 17.73 -5.58
C ASP E 464 -42.28 17.55 -7.05
N SER E 465 -41.63 16.61 -7.74
CA SER E 465 -41.96 16.32 -9.12
C SER E 465 -43.36 15.71 -9.22
N ASN E 466 -43.75 14.87 -8.26
CA ASN E 466 -45.08 14.26 -8.24
C ASN E 466 -46.15 15.33 -8.04
N TYR E 467 -45.89 16.33 -7.17
CA TYR E 467 -46.80 17.46 -6.96
C TYR E 467 -46.99 18.24 -8.26
N HIS E 468 -45.88 18.48 -8.96
CA HIS E 468 -45.86 19.22 -10.22
C HIS E 468 -46.59 18.47 -11.32
N LEU E 469 -46.47 17.13 -11.35
CA LEU E 469 -47.18 16.31 -12.33
C LEU E 469 -48.67 16.42 -12.14
N LEU E 470 -49.16 16.23 -10.90
CA LEU E 470 -50.57 16.33 -10.57
C LEU E 470 -51.10 17.74 -10.82
N MET E 471 -50.28 18.76 -10.52
CA MET E 471 -50.67 20.16 -10.73
C MET E 471 -50.76 20.47 -12.24
N SER E 472 -49.96 19.78 -13.08
CA SER E 472 -50.00 19.95 -14.54
C SER E 472 -51.27 19.34 -15.13
N VAL E 473 -51.70 18.19 -14.59
CA VAL E 473 -52.92 17.54 -15.03
C VAL E 473 -54.11 18.42 -14.63
N GLN E 474 -54.10 18.94 -13.39
CA GLN E 474 -55.17 19.81 -12.89
C GLN E 474 -55.26 21.08 -13.74
N GLU E 475 -54.13 21.75 -14.00
CA GLU E 475 -54.10 23.00 -14.74
C GLU E 475 -54.54 22.82 -16.20
N SER E 476 -54.14 21.72 -16.83
CA SER E 476 -54.52 21.43 -18.21
C SER E 476 -56.02 21.12 -18.30
N LEU E 477 -56.60 20.43 -17.29
CA LEU E 477 -58.03 20.09 -17.31
C LEU E 477 -58.93 21.30 -17.08
N GLU E 478 -58.44 22.31 -16.38
CA GLU E 478 -59.24 23.54 -16.19
C GLU E 478 -59.23 24.35 -17.49
N ARG E 479 -58.12 24.31 -18.27
CA ARG E 479 -58.08 25.00 -19.55
C ARG E 479 -58.98 24.31 -20.57
N LYS E 480 -59.04 22.97 -20.53
CA LYS E 480 -59.88 22.22 -21.46
C LYS E 480 -61.35 22.28 -21.06
N PHE E 481 -61.71 21.95 -19.80
CA PHE E 481 -63.12 21.99 -19.39
C PHE E 481 -63.34 22.99 -18.26
N GLY E 482 -63.39 24.27 -18.61
CA GLY E 482 -63.60 25.42 -17.72
C GLY E 482 -63.74 25.25 -16.23
N LYS E 483 -63.70 26.38 -15.51
CA LYS E 483 -63.85 26.36 -14.06
C LYS E 483 -65.33 26.39 -13.63
N HIS E 484 -66.32 26.29 -14.57
CA HIS E 484 -67.77 26.21 -14.23
C HIS E 484 -67.99 24.96 -13.38
N GLY E 485 -68.77 25.09 -12.31
CA GLY E 485 -68.98 23.96 -11.42
C GLY E 485 -67.69 23.53 -10.72
N GLY E 486 -67.03 24.52 -10.14
CA GLY E 486 -65.81 24.38 -9.38
C GLY E 486 -64.54 23.99 -10.09
N THR E 487 -63.46 23.98 -9.30
CA THR E 487 -62.09 23.58 -9.64
C THR E 487 -62.02 22.06 -9.70
N ILE E 488 -61.01 21.51 -10.39
CA ILE E 488 -60.85 20.05 -10.50
C ILE E 488 -59.58 19.67 -9.76
N PRO E 489 -59.66 19.40 -8.44
CA PRO E 489 -58.44 19.10 -7.69
C PRO E 489 -57.87 17.70 -7.93
N ILE E 490 -56.64 17.62 -8.44
CA ILE E 490 -55.98 16.35 -8.64
C ILE E 490 -55.01 16.15 -7.48
N VAL E 491 -55.42 15.37 -6.47
CA VAL E 491 -54.65 15.11 -5.26
C VAL E 491 -54.24 13.63 -5.17
N PRO E 492 -53.19 13.30 -4.39
CA PRO E 492 -52.79 11.88 -4.29
C PRO E 492 -53.82 11.03 -3.53
N THR E 493 -53.90 9.74 -3.87
CA THR E 493 -54.79 8.82 -3.17
C THR E 493 -54.29 8.62 -1.72
N ALA E 494 -55.10 8.01 -0.84
CA ALA E 494 -54.68 7.77 0.53
C ALA E 494 -53.43 6.88 0.57
N GLU E 495 -53.36 5.89 -0.34
CA GLU E 495 -52.27 4.93 -0.47
C GLU E 495 -51.01 5.63 -0.96
N PHE E 496 -51.14 6.54 -1.93
CA PHE E 496 -49.99 7.30 -2.44
C PHE E 496 -49.49 8.29 -1.38
N GLN E 497 -50.41 8.88 -0.61
CA GLN E 497 -50.04 9.81 0.44
C GLN E 497 -49.20 9.11 1.53
N ASP E 498 -49.56 7.85 1.85
CA ASP E 498 -48.82 7.03 2.80
C ASP E 498 -47.42 6.69 2.31
N ARG E 499 -47.28 6.43 1.01
CA ARG E 499 -46.03 6.12 0.35
C ARG E 499 -45.10 7.33 0.38
N ILE E 500 -45.66 8.54 0.16
CA ILE E 500 -44.89 9.79 0.17
C ILE E 500 -44.38 10.08 1.59
N SER E 501 -45.25 9.96 2.58
CA SER E 501 -44.91 10.22 3.98
C SER E 501 -43.96 9.16 4.54
N GLY E 502 -44.16 7.91 4.15
CA GLY E 502 -43.33 6.80 4.61
C GLY E 502 -42.20 6.44 3.68
N ALA E 503 -41.75 7.40 2.84
CA ALA E 503 -40.66 7.14 1.91
C ALA E 503 -39.35 6.95 2.67
N SER E 504 -38.80 5.73 2.61
CA SER E 504 -37.54 5.35 3.27
C SER E 504 -36.72 4.40 2.39
N GLU E 505 -35.46 4.12 2.78
CA GLU E 505 -34.54 3.22 2.07
C GLU E 505 -35.19 1.86 1.81
N LYS E 506 -35.88 1.31 2.80
CA LYS E 506 -36.62 0.04 2.78
C LYS E 506 -37.37 -0.18 1.45
N ASP E 507 -38.13 0.84 0.99
CA ASP E 507 -38.91 0.85 -0.23
C ASP E 507 -38.05 0.61 -1.49
N ILE E 508 -36.84 1.17 -1.52
CA ILE E 508 -35.91 1.04 -2.63
C ILE E 508 -35.26 -0.33 -2.64
N VAL E 509 -35.04 -0.93 -1.47
CA VAL E 509 -34.49 -2.27 -1.38
C VAL E 509 -35.53 -3.25 -1.91
N HIS E 510 -36.79 -3.13 -1.45
CA HIS E 510 -37.90 -3.94 -1.93
C HIS E 510 -38.05 -3.89 -3.46
N SER E 511 -37.89 -2.70 -4.04
CA SER E 511 -37.97 -2.46 -5.46
C SER E 511 -36.84 -3.21 -6.17
N GLY E 512 -35.63 -3.13 -5.63
CA GLY E 512 -34.46 -3.79 -6.17
C GLY E 512 -34.62 -5.30 -6.15
N LEU E 513 -35.19 -5.82 -5.07
CA LEU E 513 -35.43 -7.25 -4.93
C LEU E 513 -36.54 -7.72 -5.88
N ALA E 514 -37.63 -6.95 -6.01
CA ALA E 514 -38.72 -7.32 -6.90
C ALA E 514 -38.26 -7.31 -8.37
N TYR E 515 -37.36 -6.41 -8.73
CA TYR E 515 -36.85 -6.33 -10.09
C TYR E 515 -35.93 -7.51 -10.37
N THR E 516 -35.12 -7.90 -9.39
CA THR E 516 -34.19 -9.01 -9.48
C THR E 516 -34.94 -10.33 -9.63
N MET E 517 -35.96 -10.55 -8.78
CA MET E 517 -36.73 -11.78 -8.83
C MET E 517 -37.52 -11.88 -10.13
N GLU E 518 -38.04 -10.75 -10.64
CA GLU E 518 -38.80 -10.74 -11.89
C GLU E 518 -37.90 -11.07 -13.06
N ARG E 519 -36.75 -10.40 -13.14
CA ARG E 519 -35.78 -10.59 -14.21
C ARG E 519 -35.24 -12.03 -14.24
N SER E 520 -34.92 -12.59 -13.06
CA SER E 520 -34.37 -13.94 -12.93
C SER E 520 -35.40 -15.03 -13.20
N ALA E 521 -36.68 -14.78 -12.91
CA ALA E 521 -37.71 -15.76 -13.22
C ALA E 521 -37.84 -15.92 -14.73
N ARG E 522 -37.80 -14.81 -15.47
CA ARG E 522 -37.91 -14.83 -16.92
C ARG E 522 -36.68 -15.50 -17.54
N GLN E 523 -35.50 -15.30 -16.93
CA GLN E 523 -34.28 -15.94 -17.42
C GLN E 523 -34.39 -17.45 -17.25
N ILE E 524 -34.89 -17.92 -16.10
CA ILE E 524 -35.04 -19.35 -15.83
C ILE E 524 -36.10 -19.94 -16.76
N MET E 525 -37.20 -19.20 -17.01
CA MET E 525 -38.25 -19.62 -17.91
C MET E 525 -37.72 -19.77 -19.33
N ARG E 526 -36.89 -18.82 -19.77
CA ARG E 526 -36.33 -18.86 -21.12
C ARG E 526 -35.32 -20.00 -21.26
N THR E 527 -34.52 -20.26 -20.21
CA THR E 527 -33.56 -21.36 -20.21
C THR E 527 -34.30 -22.70 -20.27
N ALA E 528 -35.42 -22.81 -19.53
CA ALA E 528 -36.25 -24.01 -19.50
C ALA E 528 -36.82 -24.30 -20.88
N MET E 529 -37.24 -23.27 -21.62
CA MET E 529 -37.77 -23.45 -22.96
C MET E 529 -36.67 -23.79 -23.95
N LYS E 530 -35.50 -23.13 -23.82
CA LYS E 530 -34.34 -23.35 -24.67
C LYS E 530 -33.87 -24.80 -24.60
N TYR E 531 -33.78 -25.38 -23.38
CA TYR E 531 -33.32 -26.76 -23.22
C TYR E 531 -34.46 -27.78 -23.04
N ASN E 532 -35.72 -27.37 -23.29
CA ASN E 532 -36.90 -28.21 -23.19
C ASN E 532 -36.96 -28.99 -21.86
N LEU E 533 -36.89 -28.27 -20.75
CA LEU E 533 -36.91 -28.88 -19.42
C LEU E 533 -38.32 -28.93 -18.81
N GLY E 534 -39.25 -28.11 -19.31
CA GLY E 534 -40.62 -28.07 -18.84
C GLY E 534 -40.77 -27.58 -17.41
N LEU E 535 -41.21 -28.46 -16.52
CA LEU E 535 -41.38 -28.12 -15.10
C LEU E 535 -40.12 -28.37 -14.27
N ASP E 536 -38.99 -28.79 -14.89
CA ASP E 536 -37.73 -29.02 -14.18
C ASP E 536 -37.02 -27.67 -14.02
N LEU E 537 -37.55 -26.80 -13.15
CA LEU E 537 -37.02 -25.48 -12.94
C LEU E 537 -35.67 -25.49 -12.23
N ARG E 538 -35.38 -26.54 -11.44
CA ARG E 538 -34.11 -26.62 -10.74
C ARG E 538 -32.98 -26.79 -11.74
N THR E 539 -33.15 -27.69 -12.71
CA THR E 539 -32.15 -27.91 -13.75
C THR E 539 -31.99 -26.64 -14.59
N ALA E 540 -33.10 -25.93 -14.87
CA ALA E 540 -33.06 -24.68 -15.62
C ALA E 540 -32.25 -23.64 -14.88
N ALA E 541 -32.38 -23.57 -13.55
CA ALA E 541 -31.65 -22.62 -12.71
C ALA E 541 -30.15 -22.94 -12.69
N TYR E 542 -29.78 -24.23 -12.58
CA TYR E 542 -28.36 -24.60 -12.57
C TYR E 542 -27.74 -24.40 -13.94
N VAL E 543 -28.48 -24.68 -15.02
CA VAL E 543 -27.98 -24.46 -16.38
C VAL E 543 -27.81 -22.94 -16.61
N ASN E 544 -28.74 -22.13 -16.10
CA ASN E 544 -28.69 -20.68 -16.19
C ASN E 544 -27.44 -20.15 -15.50
N ALA E 545 -27.12 -20.67 -14.30
CA ALA E 545 -25.96 -20.26 -13.52
C ALA E 545 -24.64 -20.71 -14.17
N ILE E 546 -24.55 -21.97 -14.60
CA ILE E 546 -23.35 -22.51 -15.24
C ILE E 546 -23.08 -21.74 -16.55
N GLU E 547 -24.13 -21.39 -17.30
CA GLU E 547 -24.02 -20.63 -18.55
C GLU E 547 -23.42 -19.23 -18.30
N LYS E 548 -23.78 -18.60 -17.18
CA LYS E 548 -23.28 -17.28 -16.80
C LYS E 548 -21.84 -17.33 -16.32
N VAL E 549 -21.51 -18.28 -15.43
CA VAL E 549 -20.16 -18.42 -14.90
C VAL E 549 -19.21 -18.80 -16.03
N PHE E 550 -19.64 -19.66 -16.97
CA PHE E 550 -18.84 -20.07 -18.11
C PHE E 550 -18.50 -18.87 -18.99
N ARG E 551 -19.48 -17.99 -19.23
CA ARG E 551 -19.33 -16.81 -20.09
C ARG E 551 -18.27 -15.87 -19.55
N VAL E 552 -18.20 -15.72 -18.22
CA VAL E 552 -17.21 -14.85 -17.60
C VAL E 552 -15.81 -15.42 -17.84
N TYR E 553 -15.63 -16.74 -17.64
CA TYR E 553 -14.37 -17.42 -17.85
C TYR E 553 -13.94 -17.39 -19.31
N ASN E 554 -14.87 -17.66 -20.24
CA ASN E 554 -14.59 -17.71 -21.67
C ASN E 554 -14.16 -16.35 -22.21
N GLU E 555 -14.79 -15.26 -21.77
CA GLU E 555 -14.47 -13.93 -22.27
C GLU E 555 -13.26 -13.32 -21.55
N ALA E 556 -12.98 -13.72 -20.30
CA ALA E 556 -11.83 -13.18 -19.57
C ALA E 556 -10.54 -13.92 -19.89
N GLY E 557 -10.64 -15.23 -20.01
CA GLY E 557 -9.46 -16.07 -20.23
C GLY E 557 -8.85 -16.52 -18.91
N VAL E 558 -7.84 -17.40 -18.98
CA VAL E 558 -7.16 -17.88 -17.78
C VAL E 558 -5.73 -17.36 -17.77
N THR E 559 -5.32 -16.70 -16.68
CA THR E 559 -3.99 -16.13 -16.54
C THR E 559 -2.97 -17.27 -16.35
N PHE E 560 -1.86 -17.27 -17.13
CA PHE E 560 -0.78 -18.29 -17.14
C PHE E 560 -1.27 -19.68 -17.59
N ASP F 62 -5.50 4.82 -41.97
CA ASP F 62 -6.60 5.79 -41.95
C ASP F 62 -6.09 7.22 -41.60
N ARG F 63 -6.99 8.23 -41.57
CA ARG F 63 -6.58 9.61 -41.31
C ARG F 63 -6.17 9.88 -39.86
N GLU F 64 -6.43 8.95 -38.93
CA GLU F 64 -5.93 9.10 -37.57
C GLU F 64 -4.41 8.74 -37.52
N ASP F 65 -3.87 8.06 -38.58
CA ASP F 65 -2.45 7.71 -38.76
C ASP F 65 -1.71 8.75 -39.66
N ASP F 66 -2.46 9.65 -40.33
CA ASP F 66 -1.98 10.69 -41.25
C ASP F 66 -1.24 11.82 -40.52
N PRO F 67 0.03 12.09 -40.91
CA PRO F 67 0.80 13.19 -40.25
C PRO F 67 0.15 14.57 -40.39
N ASN F 68 -0.60 14.80 -41.48
CA ASN F 68 -1.31 16.06 -41.69
C ASN F 68 -2.37 16.29 -40.61
N PHE F 69 -2.92 15.21 -40.04
CA PHE F 69 -3.92 15.33 -38.98
C PHE F 69 -3.28 15.75 -37.64
N PHE F 70 -2.02 15.41 -37.41
CA PHE F 70 -1.34 15.81 -36.16
C PHE F 70 -1.12 17.32 -36.17
N LYS F 71 -0.73 17.88 -37.33
CA LYS F 71 -0.52 19.32 -37.50
C LYS F 71 -1.86 20.07 -37.38
N MET F 72 -2.97 19.45 -37.85
CA MET F 72 -4.32 19.99 -37.81
C MET F 72 -4.75 20.26 -36.35
N VAL F 73 -4.65 19.23 -35.47
CA VAL F 73 -5.02 19.33 -34.04
C VAL F 73 -4.16 20.39 -33.33
N GLU F 74 -2.89 20.51 -33.71
CA GLU F 74 -2.01 21.51 -33.12
C GLU F 74 -2.50 22.92 -33.51
N GLY F 75 -2.87 23.08 -34.77
CA GLY F 75 -3.37 24.34 -35.31
C GLY F 75 -4.70 24.75 -34.72
N PHE F 76 -5.56 23.77 -34.43
CA PHE F 76 -6.85 24.05 -33.81
C PHE F 76 -6.65 24.60 -32.41
N PHE F 77 -5.70 24.02 -31.66
CA PHE F 77 -5.36 24.49 -30.32
C PHE F 77 -4.79 25.91 -30.37
N ASP F 78 -3.83 26.16 -31.26
CA ASP F 78 -3.20 27.48 -31.39
C ASP F 78 -4.21 28.55 -31.71
N ARG F 79 -5.20 28.23 -32.55
CA ARG F 79 -6.25 29.17 -32.94
C ARG F 79 -7.13 29.49 -31.75
N GLY F 80 -7.58 28.46 -31.04
CA GLY F 80 -8.45 28.62 -29.89
C GLY F 80 -7.78 29.31 -28.72
N ALA F 81 -6.48 29.07 -28.50
CA ALA F 81 -5.71 29.65 -27.40
C ALA F 81 -5.52 31.15 -27.58
N SER F 82 -5.31 31.61 -28.83
CA SER F 82 -5.13 33.04 -29.08
C SER F 82 -6.47 33.80 -28.99
N ILE F 83 -7.60 33.12 -29.25
CA ILE F 83 -8.93 33.73 -29.18
C ILE F 83 -9.34 33.89 -27.72
N VAL F 84 -9.14 32.85 -26.92
CA VAL F 84 -9.54 32.83 -25.52
C VAL F 84 -8.58 33.68 -24.64
N GLU F 85 -7.33 33.89 -25.07
CA GLU F 85 -6.30 34.61 -24.31
C GLU F 85 -6.75 35.97 -23.75
N ASP F 86 -7.23 36.89 -24.60
CA ASP F 86 -7.60 38.24 -24.17
C ASP F 86 -8.76 38.25 -23.17
N LYS F 87 -9.73 37.35 -23.33
CA LYS F 87 -10.85 37.27 -22.42
C LYS F 87 -10.44 36.67 -21.07
N LEU F 88 -9.43 35.77 -21.05
CA LEU F 88 -8.95 35.14 -19.81
C LEU F 88 -8.19 36.13 -18.92
N VAL F 89 -7.57 37.16 -19.52
CA VAL F 89 -6.81 38.16 -18.79
C VAL F 89 -7.75 39.11 -18.05
N GLU F 90 -8.76 39.67 -18.75
CA GLU F 90 -9.69 40.61 -18.13
C GLU F 90 -10.62 39.92 -17.12
N ASP F 91 -10.93 38.63 -17.32
CA ASP F 91 -11.77 37.89 -16.37
C ASP F 91 -11.00 37.52 -15.08
N LEU F 92 -9.66 37.56 -15.11
CA LEU F 92 -8.82 37.25 -13.95
C LEU F 92 -8.82 38.41 -12.95
N LYS F 93 -9.35 38.18 -11.76
CA LYS F 93 -9.39 39.19 -10.70
C LYS F 93 -8.37 38.79 -9.62
N THR F 94 -7.12 39.26 -9.75
CA THR F 94 -6.06 38.91 -8.82
C THR F 94 -5.11 40.09 -8.53
N ARG F 95 -4.25 39.97 -7.50
CA ARG F 95 -3.27 40.99 -7.12
C ARG F 95 -2.05 40.94 -8.05
N GLU F 96 -2.24 41.23 -9.35
CA GLU F 96 -1.16 41.18 -10.34
C GLU F 96 -1.27 42.35 -11.32
N THR F 97 -0.14 42.71 -11.95
CA THR F 97 -0.14 43.74 -12.98
C THR F 97 -0.72 43.15 -14.28
N GLU F 98 -1.04 43.99 -15.29
CA GLU F 98 -1.61 43.50 -16.53
C GLU F 98 -0.61 42.65 -17.33
N GLU F 99 0.71 42.90 -17.17
CA GLU F 99 1.72 42.07 -17.85
C GLU F 99 1.95 40.76 -17.10
N GLN F 100 1.75 40.75 -15.77
CA GLN F 100 1.82 39.54 -14.95
C GLN F 100 0.62 38.61 -15.25
N LYS F 101 -0.53 39.20 -15.61
CA LYS F 101 -1.73 38.46 -15.97
C LYS F 101 -1.55 37.83 -17.36
N ARG F 102 -0.90 38.55 -18.30
CA ARG F 102 -0.65 38.02 -19.64
C ARG F 102 0.31 36.84 -19.59
N ASN F 103 1.35 36.92 -18.73
CA ASN F 103 2.33 35.85 -18.57
C ASN F 103 1.71 34.63 -17.91
N ARG F 104 0.80 34.84 -16.96
CA ARG F 104 0.14 33.75 -16.26
C ARG F 104 -0.77 32.98 -17.22
N VAL F 105 -1.54 33.70 -18.06
CA VAL F 105 -2.46 33.09 -19.01
C VAL F 105 -1.68 32.35 -20.10
N ARG F 106 -0.72 33.02 -20.73
CA ARG F 106 0.10 32.44 -21.79
C ARG F 106 0.94 31.27 -21.27
N GLY F 107 1.41 31.37 -20.03
CA GLY F 107 2.21 30.34 -19.39
C GLY F 107 1.44 29.07 -19.08
N ILE F 108 0.18 29.20 -18.63
CA ILE F 108 -0.66 28.04 -18.36
C ILE F 108 -1.00 27.36 -19.67
N LEU F 109 -1.38 28.15 -20.70
CA LEU F 109 -1.69 27.62 -22.02
C LEU F 109 -0.46 26.93 -22.64
N ARG F 110 0.77 27.36 -22.28
CA ARG F 110 2.00 26.72 -22.70
C ARG F 110 2.14 25.31 -22.07
N ILE F 111 1.67 25.14 -20.83
CA ILE F 111 1.68 23.87 -20.08
C ILE F 111 0.64 22.92 -20.67
N ILE F 112 -0.54 23.44 -21.01
CA ILE F 112 -1.62 22.67 -21.55
C ILE F 112 -1.24 22.06 -22.91
N LYS F 113 -0.73 22.86 -23.85
CA LYS F 113 -0.41 22.39 -25.20
C LYS F 113 0.35 21.03 -25.31
N PRO F 114 1.55 20.81 -24.71
CA PRO F 114 2.27 19.54 -24.95
C PRO F 114 1.79 18.38 -24.11
N CYS F 115 2.19 17.15 -24.50
CA CYS F 115 1.86 15.95 -23.73
C CYS F 115 2.73 15.91 -22.51
N ASN F 116 2.13 15.67 -21.35
CA ASN F 116 2.84 15.61 -20.08
C ASN F 116 3.77 14.41 -20.02
N HIS F 117 3.29 13.21 -20.41
CA HIS F 117 4.08 11.99 -20.37
C HIS F 117 3.91 11.16 -21.62
N VAL F 118 4.99 10.55 -22.10
CA VAL F 118 4.96 9.64 -23.24
C VAL F 118 5.84 8.45 -22.89
N LEU F 119 5.25 7.25 -22.88
CA LEU F 119 6.02 6.04 -22.56
C LEU F 119 6.24 5.20 -23.80
N SER F 120 7.50 4.86 -24.09
CA SER F 120 7.86 3.99 -25.21
C SER F 120 8.27 2.65 -24.64
N LEU F 121 7.70 1.58 -25.17
CA LEU F 121 7.95 0.23 -24.69
C LEU F 121 8.59 -0.66 -25.74
N SER F 122 9.25 -1.71 -25.27
CA SER F 122 9.88 -2.75 -26.07
C SER F 122 9.75 -4.01 -25.26
N PHE F 123 8.67 -4.78 -25.48
CA PHE F 123 8.42 -5.97 -24.66
C PHE F 123 8.48 -7.27 -25.47
N PRO F 124 8.87 -8.37 -24.81
CA PRO F 124 8.97 -9.65 -25.52
C PRO F 124 7.65 -10.38 -25.64
N ILE F 125 7.59 -11.26 -26.65
CA ILE F 125 6.45 -12.11 -26.98
C ILE F 125 6.97 -13.42 -27.55
N ARG F 126 6.35 -14.55 -27.20
CA ARG F 126 6.74 -15.82 -27.80
C ARG F 126 5.63 -16.29 -28.72
N ARG F 127 5.93 -16.33 -30.02
CA ARG F 127 4.99 -16.77 -31.04
C ARG F 127 4.57 -18.24 -30.81
N ASP F 128 3.44 -18.64 -31.39
CA ASP F 128 2.94 -20.01 -31.25
C ASP F 128 3.93 -21.04 -31.80
N ASP F 129 4.77 -20.66 -32.79
CA ASP F 129 5.79 -21.58 -33.32
C ASP F 129 7.03 -21.71 -32.40
N GLY F 130 7.13 -20.88 -31.36
CA GLY F 130 8.23 -20.91 -30.42
C GLY F 130 9.21 -19.77 -30.53
N SER F 131 9.25 -19.09 -31.69
CA SER F 131 10.17 -17.98 -31.91
C SER F 131 9.83 -16.78 -31.03
N TRP F 132 10.82 -15.93 -30.77
CA TRP F 132 10.61 -14.73 -29.95
C TRP F 132 10.50 -13.50 -30.81
N GLU F 133 9.71 -12.53 -30.37
CA GLU F 133 9.53 -11.30 -31.09
C GLU F 133 9.44 -10.14 -30.12
N VAL F 134 10.15 -9.05 -30.43
CA VAL F 134 10.13 -7.87 -29.59
C VAL F 134 9.14 -6.89 -30.18
N ILE F 135 8.15 -6.49 -29.40
CA ILE F 135 7.08 -5.61 -29.85
C ILE F 135 7.31 -4.17 -29.42
N GLU F 136 7.05 -3.20 -30.30
CA GLU F 136 7.14 -1.79 -29.94
C GLU F 136 5.77 -1.28 -29.53
N GLY F 137 5.72 -0.41 -28.54
CA GLY F 137 4.48 0.16 -28.05
C GLY F 137 4.66 1.55 -27.51
N TYR F 138 3.61 2.35 -27.49
CA TYR F 138 3.65 3.71 -26.96
C TYR F 138 2.37 4.04 -26.23
N ARG F 139 2.43 4.96 -25.27
CA ARG F 139 1.24 5.50 -24.62
C ARG F 139 1.53 6.92 -24.20
N ALA F 140 0.75 7.88 -24.69
CA ALA F 140 0.90 9.28 -24.31
C ALA F 140 -0.24 9.71 -23.42
N GLN F 141 0.09 10.46 -22.37
CA GLN F 141 -0.86 11.04 -21.44
C GLN F 141 -0.70 12.53 -21.62
N HIS F 142 -1.65 13.16 -22.32
CA HIS F 142 -1.57 14.56 -22.63
C HIS F 142 -1.69 15.44 -21.38
N SER F 143 -2.74 15.28 -20.58
CA SER F 143 -2.93 16.14 -19.40
C SER F 143 -3.50 15.37 -18.24
N GLN F 144 -3.06 15.72 -17.03
CA GLN F 144 -3.59 15.11 -15.82
C GLN F 144 -4.37 16.15 -14.99
N HIS F 145 -4.88 17.25 -15.60
CA HIS F 145 -5.72 18.20 -14.88
C HIS F 145 -7.03 17.52 -14.37
N ARG F 146 -7.38 16.35 -14.97
CA ARG F 146 -8.44 15.45 -14.63
C ARG F 146 -7.87 14.05 -14.66
N THR F 147 -7.95 13.31 -13.55
CA THR F 147 -7.47 11.93 -13.52
C THR F 147 -8.69 11.01 -13.27
N PRO F 148 -8.75 9.83 -13.91
CA PRO F 148 -7.72 9.22 -14.76
C PRO F 148 -7.65 9.78 -16.18
N CYS F 149 -6.60 9.41 -16.90
CA CYS F 149 -6.52 9.73 -18.31
C CYS F 149 -7.41 8.72 -19.04
N LYS F 150 -7.84 9.04 -20.25
CA LYS F 150 -8.72 8.17 -21.01
C LYS F 150 -8.27 8.18 -22.45
N GLY F 151 -8.31 7.03 -23.10
CA GLY F 151 -7.94 6.95 -24.50
C GLY F 151 -7.73 5.55 -25.02
N GLY F 152 -8.05 5.36 -26.28
CA GLY F 152 -7.94 4.06 -26.92
C GLY F 152 -6.56 3.50 -27.17
N ILE F 153 -6.53 2.23 -27.59
CA ILE F 153 -5.33 1.50 -27.95
C ILE F 153 -5.43 1.08 -29.40
N ARG F 154 -4.46 1.46 -30.23
CA ARG F 154 -4.47 1.10 -31.63
C ARG F 154 -3.44 0.01 -31.93
N TYR F 155 -3.83 -1.06 -32.61
CA TYR F 155 -2.90 -2.10 -33.02
C TYR F 155 -2.64 -1.93 -34.51
N SER F 156 -1.60 -1.20 -34.89
CA SER F 156 -1.30 -0.96 -36.29
C SER F 156 0.19 -0.77 -36.51
N THR F 157 0.70 -1.20 -37.67
CA THR F 157 2.12 -0.97 -37.99
C THR F 157 2.40 0.51 -38.30
N ASP F 158 1.35 1.34 -38.48
CA ASP F 158 1.46 2.76 -38.79
C ASP F 158 1.38 3.65 -37.55
N VAL F 159 1.38 3.08 -36.33
CA VAL F 159 1.35 3.90 -35.12
C VAL F 159 2.71 4.53 -34.92
N SER F 160 2.72 5.73 -34.35
CA SER F 160 3.95 6.47 -34.09
C SER F 160 3.81 7.30 -32.81
N VAL F 161 4.92 7.84 -32.31
CA VAL F 161 4.88 8.68 -31.10
C VAL F 161 4.08 9.94 -31.38
N ASP F 162 4.27 10.56 -32.56
CA ASP F 162 3.54 11.76 -32.94
C ASP F 162 2.04 11.50 -33.08
N GLU F 163 1.66 10.34 -33.63
CA GLU F 163 0.25 9.98 -33.77
C GLU F 163 -0.41 9.80 -32.42
N VAL F 164 0.29 9.11 -31.53
CA VAL F 164 -0.19 8.82 -30.19
C VAL F 164 -0.26 10.15 -29.38
N LYS F 165 0.66 11.09 -29.60
CA LYS F 165 0.66 12.38 -28.91
C LYS F 165 -0.47 13.29 -29.41
N ALA F 166 -0.70 13.32 -30.73
CA ALA F 166 -1.74 14.17 -31.31
C ALA F 166 -3.13 13.70 -30.90
N LEU F 167 -3.37 12.39 -30.95
CA LEU F 167 -4.66 11.84 -30.57
C LEU F 167 -4.90 11.94 -29.07
N ALA F 168 -3.83 11.93 -28.25
CA ALA F 168 -3.91 12.10 -26.80
C ALA F 168 -4.36 13.53 -26.51
N SER F 169 -3.79 14.51 -27.23
CA SER F 169 -4.15 15.92 -27.02
C SER F 169 -5.59 16.16 -27.40
N LEU F 170 -6.04 15.55 -28.52
CA LEU F 170 -7.40 15.67 -29.02
C LEU F 170 -8.42 15.10 -28.02
N MET F 171 -8.05 14.03 -27.31
CA MET F 171 -8.94 13.43 -26.30
C MET F 171 -9.12 14.33 -25.10
N THR F 172 -8.10 15.16 -24.75
CA THR F 172 -8.20 16.11 -23.64
C THR F 172 -9.35 17.10 -23.93
N TYR F 173 -9.34 17.68 -25.14
CA TYR F 173 -10.31 18.69 -25.53
C TYR F 173 -11.65 18.07 -25.88
N LYS F 174 -11.69 16.80 -26.33
CA LYS F 174 -12.95 16.12 -26.62
C LYS F 174 -13.70 15.94 -25.30
N CYS F 175 -13.03 15.37 -24.27
CA CYS F 175 -13.59 15.17 -22.95
C CYS F 175 -14.05 16.47 -22.33
N ALA F 176 -13.28 17.54 -22.52
CA ALA F 176 -13.62 18.82 -21.93
C ALA F 176 -14.93 19.36 -22.48
N VAL F 177 -15.20 19.25 -23.80
CA VAL F 177 -16.44 19.79 -24.36
C VAL F 177 -17.66 19.01 -23.85
N VAL F 178 -17.53 17.70 -23.60
CA VAL F 178 -18.68 16.93 -23.11
C VAL F 178 -18.64 16.74 -21.58
N ASP F 179 -17.86 17.57 -20.86
CA ASP F 179 -17.74 17.57 -19.41
C ASP F 179 -17.46 16.17 -18.84
N VAL F 180 -16.62 15.40 -19.54
CA VAL F 180 -16.19 14.09 -19.10
C VAL F 180 -14.89 14.32 -18.35
N PRO F 181 -14.83 13.99 -17.06
CA PRO F 181 -13.68 14.36 -16.24
C PRO F 181 -12.43 13.49 -16.38
N PHE F 182 -11.90 13.41 -17.61
CA PHE F 182 -10.67 12.67 -17.86
C PHE F 182 -9.70 13.48 -18.66
N GLY F 183 -8.42 13.24 -18.43
CA GLY F 183 -7.39 13.84 -19.27
C GLY F 183 -7.21 12.98 -20.52
N GLY F 184 -6.67 13.56 -21.58
CA GLY F 184 -6.47 12.82 -22.82
C GLY F 184 -5.31 11.85 -22.79
N ALA F 185 -5.46 10.70 -23.45
CA ALA F 185 -4.45 9.65 -23.55
C ALA F 185 -4.64 8.80 -24.83
N LYS F 186 -3.58 8.15 -25.30
CA LYS F 186 -3.65 7.30 -26.49
C LYS F 186 -2.49 6.31 -26.55
N ALA F 187 -2.79 5.03 -26.84
CA ALA F 187 -1.76 3.99 -26.94
C ALA F 187 -1.70 3.42 -28.35
N GLY F 188 -0.54 2.89 -28.72
CA GLY F 188 -0.33 2.28 -30.02
C GLY F 188 0.68 1.16 -29.96
N VAL F 189 0.30 -0.04 -30.38
CA VAL F 189 1.21 -1.19 -30.41
C VAL F 189 1.54 -1.42 -31.87
N LYS F 190 2.81 -1.31 -32.24
CA LYS F 190 3.26 -1.39 -33.64
C LYS F 190 3.28 -2.82 -34.20
N ILE F 191 2.09 -3.42 -34.38
CA ILE F 191 1.89 -4.76 -34.96
C ILE F 191 0.67 -4.77 -35.88
N ASN F 192 0.63 -5.70 -36.85
CA ASN F 192 -0.55 -5.86 -37.72
C ASN F 192 -1.34 -7.06 -37.20
N PRO F 193 -2.48 -6.85 -36.52
CA PRO F 193 -3.22 -7.99 -35.92
C PRO F 193 -3.58 -9.10 -36.90
N LYS F 194 -3.63 -8.80 -38.21
CA LYS F 194 -3.93 -9.80 -39.21
C LYS F 194 -2.83 -10.89 -39.27
N ASN F 195 -1.59 -10.58 -38.83
CA ASN F 195 -0.45 -11.50 -38.82
C ASN F 195 -0.34 -12.36 -37.56
N TYR F 196 -1.29 -12.25 -36.61
CA TYR F 196 -1.18 -13.00 -35.36
C TYR F 196 -2.39 -13.84 -35.06
N THR F 197 -2.17 -14.97 -34.37
CA THR F 197 -3.24 -15.85 -33.93
C THR F 197 -3.97 -15.20 -32.72
N ASP F 198 -5.17 -15.70 -32.39
CA ASP F 198 -5.89 -15.17 -31.22
C ASP F 198 -5.10 -15.38 -29.93
N ASN F 199 -4.29 -16.46 -29.88
CA ASN F 199 -3.45 -16.78 -28.74
C ASN F 199 -2.30 -15.78 -28.63
N GLU F 200 -1.67 -15.45 -29.77
CA GLU F 200 -0.57 -14.49 -29.83
C GLU F 200 -1.08 -13.10 -29.49
N LEU F 201 -2.26 -12.72 -29.98
CA LEU F 201 -2.84 -11.42 -29.66
C LEU F 201 -3.19 -11.30 -28.19
N GLU F 202 -3.54 -12.41 -27.53
CA GLU F 202 -3.81 -12.40 -26.10
C GLU F 202 -2.53 -12.13 -25.33
N LYS F 203 -1.41 -12.80 -25.72
CA LYS F 203 -0.09 -12.63 -25.11
C LYS F 203 0.39 -11.19 -25.25
N ILE F 204 0.20 -10.59 -26.44
CA ILE F 204 0.61 -9.20 -26.70
C ILE F 204 -0.17 -8.27 -25.80
N THR F 205 -1.48 -8.47 -25.72
CA THR F 205 -2.39 -7.65 -24.94
C THR F 205 -2.04 -7.74 -23.47
N ARG F 206 -1.87 -8.95 -22.93
CA ARG F 206 -1.58 -9.16 -21.53
C ARG F 206 -0.20 -8.59 -21.14
N ARG F 207 0.82 -8.79 -21.97
CA ARG F 207 2.16 -8.30 -21.68
C ARG F 207 2.21 -6.77 -21.77
N PHE F 208 1.49 -6.19 -22.73
CA PHE F 208 1.44 -4.74 -22.89
C PHE F 208 0.81 -4.10 -21.65
N THR F 209 -0.27 -4.71 -21.12
CA THR F 209 -0.96 -4.25 -19.91
C THR F 209 -0.01 -4.25 -18.72
N MET F 210 0.81 -5.30 -18.57
CA MET F 210 1.77 -5.41 -17.47
C MET F 210 2.81 -4.32 -17.52
N GLU F 211 3.29 -4.00 -18.72
CA GLU F 211 4.30 -2.97 -18.89
C GLU F 211 3.72 -1.59 -18.62
N LEU F 212 2.45 -1.35 -19.00
CA LEU F 212 1.80 -0.08 -18.72
C LEU F 212 1.53 0.07 -17.22
N ALA F 213 1.02 -0.99 -16.57
CA ALA F 213 0.68 -0.97 -15.15
C ALA F 213 1.87 -0.61 -14.27
N LYS F 214 3.04 -1.18 -14.53
CA LYS F 214 4.24 -0.94 -13.72
C LYS F 214 4.76 0.50 -13.83
N LYS F 215 4.47 1.19 -14.95
CA LYS F 215 4.93 2.55 -15.15
C LYS F 215 3.81 3.61 -15.01
N GLY F 216 2.67 3.24 -14.44
CA GLY F 216 1.58 4.19 -14.22
C GLY F 216 0.86 4.65 -15.47
N PHE F 217 0.68 3.75 -16.44
CA PHE F 217 -0.04 4.09 -17.68
C PHE F 217 -1.31 3.23 -17.86
N ILE F 218 -1.81 2.65 -16.76
CA ILE F 218 -3.06 1.90 -16.67
C ILE F 218 -3.44 1.83 -15.19
N GLY F 219 -4.72 2.00 -14.91
CA GLY F 219 -5.23 1.99 -13.55
C GLY F 219 -6.56 2.71 -13.47
N PRO F 220 -7.44 2.29 -12.54
CA PRO F 220 -8.77 2.92 -12.44
C PRO F 220 -8.74 4.41 -12.18
N GLY F 221 -7.78 4.87 -11.38
CA GLY F 221 -7.62 6.28 -11.07
C GLY F 221 -6.43 6.94 -11.73
N VAL F 222 -5.74 6.22 -12.63
CA VAL F 222 -4.54 6.71 -13.30
C VAL F 222 -4.75 6.86 -14.82
N ASP F 223 -5.14 5.77 -15.53
CA ASP F 223 -5.29 5.79 -16.97
C ASP F 223 -6.20 4.65 -17.38
N VAL F 224 -7.30 4.96 -18.05
CA VAL F 224 -8.29 3.97 -18.44
C VAL F 224 -8.34 3.85 -19.97
N PRO F 225 -7.68 2.83 -20.53
CA PRO F 225 -7.71 2.67 -21.99
C PRO F 225 -9.08 2.21 -22.52
N ALA F 226 -9.20 2.16 -23.85
CA ALA F 226 -10.44 1.79 -24.51
C ALA F 226 -10.14 1.16 -25.88
N PRO F 227 -11.11 0.49 -26.53
CA PRO F 227 -10.84 -0.08 -27.85
C PRO F 227 -10.85 0.99 -28.93
N ASP F 228 -10.27 0.66 -30.05
CA ASP F 228 -10.17 1.52 -31.23
C ASP F 228 -10.87 0.79 -32.42
N MET F 229 -10.59 1.17 -33.67
CA MET F 229 -11.13 0.44 -34.82
C MET F 229 -10.37 -0.91 -34.95
N SER F 230 -9.06 -0.91 -34.58
CA SER F 230 -8.15 -2.05 -34.65
C SER F 230 -8.27 -3.02 -33.49
N THR F 231 -8.87 -2.59 -32.36
CA THR F 231 -9.03 -3.44 -31.18
C THR F 231 -10.51 -3.57 -30.78
N GLY F 232 -10.85 -4.67 -30.13
CA GLY F 232 -12.23 -4.94 -29.77
C GLY F 232 -12.48 -5.17 -28.29
N GLU F 233 -13.66 -5.69 -27.97
CA GLU F 233 -14.03 -5.93 -26.59
C GLU F 233 -13.25 -7.12 -25.99
N ARG F 234 -12.79 -8.09 -26.81
CA ARG F 234 -12.02 -9.22 -26.27
C ARG F 234 -10.63 -8.75 -25.80
N GLU F 235 -10.05 -7.74 -26.46
CA GLU F 235 -8.77 -7.17 -26.06
C GLU F 235 -8.94 -6.50 -24.72
N MET F 236 -9.95 -5.63 -24.58
CA MET F 236 -10.24 -4.92 -23.34
C MET F 236 -10.48 -5.88 -22.18
N SER F 237 -11.13 -7.00 -22.46
CA SER F 237 -11.38 -8.03 -21.46
C SER F 237 -10.06 -8.63 -20.94
N TRP F 238 -9.10 -8.86 -21.84
CA TRP F 238 -7.79 -9.40 -21.48
C TRP F 238 -6.97 -8.41 -20.64
N ILE F 239 -7.13 -7.11 -20.91
CA ILE F 239 -6.48 -6.04 -20.18
C ILE F 239 -7.01 -6.01 -18.75
N ALA F 240 -8.35 -6.02 -18.58
CA ALA F 240 -8.99 -5.99 -17.27
C ALA F 240 -8.64 -7.22 -16.48
N ASP F 241 -8.64 -8.39 -17.13
CA ASP F 241 -8.33 -9.64 -16.46
C ASP F 241 -6.89 -9.69 -15.97
N THR F 242 -5.93 -9.21 -16.79
CA THR F 242 -4.52 -9.17 -16.42
C THR F 242 -4.33 -8.26 -15.23
N TYR F 243 -4.94 -7.06 -15.26
CA TYR F 243 -4.83 -6.08 -14.20
C TYR F 243 -5.44 -6.60 -12.89
N ALA F 244 -6.68 -7.10 -12.92
CA ALA F 244 -7.33 -7.62 -11.71
C ALA F 244 -6.62 -8.84 -11.12
N SER F 245 -5.80 -9.55 -11.93
CA SER F 245 -5.11 -10.75 -11.47
C SER F 245 -3.67 -10.48 -11.04
N THR F 246 -3.05 -9.41 -11.54
CA THR F 246 -1.66 -9.16 -11.19
C THR F 246 -1.56 -7.84 -10.35
N ILE F 247 -1.15 -6.67 -10.91
CA ILE F 247 -0.90 -5.43 -10.16
C ILE F 247 -2.16 -4.93 -9.40
N GLY F 248 -3.31 -4.89 -10.05
CA GLY F 248 -4.53 -4.42 -9.41
C GLY F 248 -5.31 -5.45 -8.61
N HIS F 249 -4.64 -6.53 -8.18
CA HIS F 249 -5.32 -7.58 -7.41
C HIS F 249 -5.99 -7.04 -6.14
N TYR F 250 -5.30 -6.15 -5.42
CA TYR F 250 -5.84 -5.62 -4.17
C TYR F 250 -6.79 -4.42 -4.40
N ASP F 251 -7.05 -4.01 -5.65
CA ASP F 251 -7.94 -2.90 -5.97
C ASP F 251 -9.40 -3.37 -6.14
N ILE F 252 -10.34 -2.78 -5.37
CA ILE F 252 -11.77 -3.11 -5.48
C ILE F 252 -12.33 -2.60 -6.84
N ASN F 253 -11.71 -1.57 -7.44
CA ASN F 253 -12.13 -1.04 -8.72
C ASN F 253 -11.21 -1.50 -9.85
N ALA F 254 -10.53 -2.67 -9.70
CA ALA F 254 -9.61 -3.20 -10.71
C ALA F 254 -10.23 -3.26 -12.11
N HIS F 255 -11.51 -3.64 -12.23
CA HIS F 255 -12.15 -3.75 -13.54
C HIS F 255 -12.52 -2.41 -14.15
N ALA F 256 -12.34 -1.30 -13.43
CA ALA F 256 -12.56 0.03 -13.98
C ALA F 256 -11.28 0.58 -14.65
N CYS F 257 -10.24 -0.25 -14.84
CA CYS F 257 -8.99 0.19 -15.47
C CYS F 257 -9.12 0.32 -16.98
N VAL F 258 -10.13 -0.28 -17.61
CA VAL F 258 -10.28 -0.24 -19.05
C VAL F 258 -11.79 -0.24 -19.40
N THR F 259 -12.17 0.44 -20.49
CA THR F 259 -13.57 0.47 -20.91
C THR F 259 -13.69 -0.26 -22.29
N GLY F 260 -14.90 -0.44 -22.79
CA GLY F 260 -15.15 -1.18 -24.02
C GLY F 260 -15.20 -2.68 -23.79
N LYS F 261 -15.33 -3.11 -22.52
CA LYS F 261 -15.35 -4.51 -22.10
C LYS F 261 -16.67 -5.18 -22.47
N PRO F 262 -16.69 -6.52 -22.63
CA PRO F 262 -17.99 -7.20 -22.87
C PRO F 262 -18.94 -7.04 -21.68
N ILE F 263 -20.22 -7.38 -21.85
CA ILE F 263 -21.19 -7.24 -20.77
C ILE F 263 -20.81 -8.16 -19.59
N SER F 264 -20.37 -9.39 -19.89
CA SER F 264 -19.96 -10.37 -18.88
C SER F 264 -18.75 -9.91 -18.04
N GLN F 265 -18.01 -8.92 -18.52
CA GLN F 265 -16.82 -8.41 -17.85
C GLN F 265 -17.02 -7.03 -17.23
N GLY F 266 -18.23 -6.48 -17.29
CA GLY F 266 -18.50 -5.17 -16.72
C GLY F 266 -18.64 -4.06 -17.73
N GLY F 267 -19.11 -4.37 -18.92
CA GLY F 267 -19.33 -3.36 -19.95
C GLY F 267 -20.75 -2.81 -19.89
N ILE F 268 -20.96 -1.54 -20.27
CA ILE F 268 -22.29 -0.93 -20.22
C ILE F 268 -23.13 -1.34 -21.41
N HIS F 269 -24.44 -1.37 -21.21
CA HIS F 269 -25.37 -1.57 -22.29
C HIS F 269 -25.49 -0.23 -23.01
N GLY F 270 -25.47 -0.26 -24.34
CA GLY F 270 -25.56 0.97 -25.12
C GLY F 270 -24.21 1.49 -25.58
N ARG F 271 -23.15 0.64 -25.53
CA ARG F 271 -21.82 1.00 -26.00
C ARG F 271 -21.77 0.94 -27.53
N ILE F 272 -22.38 -0.08 -28.12
CA ILE F 272 -22.38 -0.27 -29.55
C ILE F 272 -23.11 0.88 -30.28
N SER F 273 -24.24 1.32 -29.74
CA SER F 273 -25.02 2.38 -30.36
C SER F 273 -24.54 3.79 -30.01
N ALA F 274 -23.67 3.95 -28.98
CA ALA F 274 -23.20 5.20 -28.38
C ALA F 274 -22.75 6.32 -29.36
N THR F 275 -21.86 6.03 -30.32
CA THR F 275 -21.36 7.06 -31.21
C THR F 275 -22.46 7.51 -32.17
N GLY F 276 -23.26 6.57 -32.67
CA GLY F 276 -24.38 6.86 -33.54
C GLY F 276 -25.43 7.71 -32.86
N ARG F 277 -25.76 7.42 -31.59
CA ARG F 277 -26.73 8.23 -30.83
C ARG F 277 -26.20 9.63 -30.55
N GLY F 278 -24.87 9.74 -30.37
CA GLY F 278 -24.22 11.02 -30.15
C GLY F 278 -24.27 11.87 -31.40
N VAL F 279 -24.07 11.26 -32.58
CA VAL F 279 -24.16 11.96 -33.86
C VAL F 279 -25.60 12.44 -34.04
N PHE F 280 -26.59 11.60 -33.72
CA PHE F 280 -27.99 11.97 -33.82
C PHE F 280 -28.30 13.15 -32.91
N HIS F 281 -27.95 13.07 -31.62
CA HIS F 281 -28.26 14.12 -30.65
C HIS F 281 -27.53 15.42 -30.95
N GLY F 282 -26.34 15.33 -31.50
CA GLY F 282 -25.57 16.51 -31.87
C GLY F 282 -26.26 17.28 -32.97
N ILE F 283 -26.71 16.55 -34.02
CA ILE F 283 -27.44 17.14 -35.13
C ILE F 283 -28.77 17.68 -34.62
N GLU F 284 -29.49 16.88 -33.81
CA GLU F 284 -30.79 17.21 -33.24
C GLU F 284 -30.79 18.53 -32.48
N ASN F 285 -29.74 18.81 -31.72
CA ASN F 285 -29.68 20.02 -30.93
C ASN F 285 -29.53 21.27 -31.79
N PHE F 286 -28.84 21.16 -32.93
CA PHE F 286 -28.67 22.31 -33.81
C PHE F 286 -29.84 22.43 -34.80
N ILE F 287 -30.36 21.28 -35.28
CA ILE F 287 -31.48 21.26 -36.22
C ILE F 287 -32.76 21.79 -35.58
N ASN F 288 -32.94 21.65 -34.26
CA ASN F 288 -34.13 22.16 -33.59
C ASN F 288 -34.01 23.67 -33.25
N GLU F 289 -32.79 24.22 -33.28
CA GLU F 289 -32.54 25.62 -32.98
C GLU F 289 -32.90 26.47 -34.19
N ALA F 290 -34.00 27.24 -34.10
CA ALA F 290 -34.49 28.07 -35.20
C ALA F 290 -33.56 29.22 -35.57
N SER F 291 -32.73 29.68 -34.62
CA SER F 291 -31.78 30.76 -34.86
C SER F 291 -30.78 30.35 -35.95
N TYR F 292 -30.14 29.17 -35.77
CA TYR F 292 -29.16 28.64 -36.70
C TYR F 292 -29.79 28.18 -38.02
N MET F 293 -30.98 27.56 -37.95
CA MET F 293 -31.64 27.03 -39.14
C MET F 293 -32.09 28.11 -40.09
N SER F 294 -32.54 29.28 -39.58
CA SER F 294 -32.96 30.36 -40.46
C SER F 294 -31.75 30.93 -41.23
N ILE F 295 -30.54 30.88 -40.64
CA ILE F 295 -29.29 31.32 -41.28
C ILE F 295 -28.97 30.42 -42.48
N LEU F 296 -29.20 29.11 -42.33
CA LEU F 296 -28.96 28.13 -43.40
C LEU F 296 -30.13 28.02 -44.41
N GLY F 297 -31.15 28.86 -44.28
CA GLY F 297 -32.32 28.86 -45.14
C GLY F 297 -33.15 27.61 -44.99
N MET F 298 -33.23 27.07 -43.78
CA MET F 298 -33.94 25.83 -43.52
C MET F 298 -34.96 25.94 -42.38
N THR F 299 -35.90 25.00 -42.34
CA THR F 299 -36.91 24.89 -41.30
C THR F 299 -36.34 24.07 -40.13
N PRO F 300 -36.74 24.40 -38.88
CA PRO F 300 -36.24 23.60 -37.74
C PRO F 300 -36.90 22.22 -37.69
N GLY F 301 -36.18 21.24 -37.14
CA GLY F 301 -36.69 19.88 -37.03
C GLY F 301 -36.26 18.96 -38.15
N PHE F 302 -36.46 17.64 -37.98
CA PHE F 302 -36.08 16.66 -38.99
C PHE F 302 -37.17 16.42 -40.06
N GLY F 303 -38.28 17.14 -39.99
CA GLY F 303 -39.33 17.04 -40.99
C GLY F 303 -38.90 17.66 -42.30
N ASP F 304 -39.10 16.91 -43.40
CA ASP F 304 -38.69 17.29 -44.76
C ASP F 304 -37.19 17.54 -44.85
N LYS F 305 -36.40 16.73 -44.12
CA LYS F 305 -34.95 16.83 -44.16
C LYS F 305 -34.37 15.62 -44.84
N THR F 306 -33.46 15.82 -45.78
CA THR F 306 -32.82 14.71 -46.48
C THR F 306 -31.36 14.63 -46.05
N PHE F 307 -30.82 13.42 -45.90
CA PHE F 307 -29.43 13.27 -45.47
C PHE F 307 -28.69 12.18 -46.23
N ALA F 308 -27.37 12.28 -46.25
CA ALA F 308 -26.49 11.31 -46.89
C ALA F 308 -25.39 10.91 -45.95
N VAL F 309 -25.06 9.61 -45.87
CA VAL F 309 -24.01 9.14 -44.97
C VAL F 309 -22.83 8.58 -45.74
N GLN F 310 -21.59 9.06 -45.49
CA GLN F 310 -20.42 8.50 -46.15
C GLN F 310 -19.71 7.59 -45.18
N GLY F 311 -19.78 6.29 -45.40
CA GLY F 311 -19.20 5.30 -44.52
C GLY F 311 -20.28 4.55 -43.80
N PHE F 312 -20.52 3.29 -44.21
CA PHE F 312 -21.57 2.49 -43.59
C PHE F 312 -21.00 1.52 -42.55
N GLY F 313 -20.31 2.08 -41.57
CA GLY F 313 -19.76 1.29 -40.49
C GLY F 313 -20.70 1.28 -39.30
N ASN F 314 -20.15 1.16 -38.09
CA ASN F 314 -20.96 1.17 -36.87
C ASN F 314 -21.61 2.53 -36.68
N VAL F 315 -20.83 3.61 -36.90
CA VAL F 315 -21.34 4.98 -36.75
C VAL F 315 -22.33 5.31 -37.86
N GLY F 316 -21.99 4.96 -39.09
CA GLY F 316 -22.84 5.22 -40.24
C GLY F 316 -24.20 4.56 -40.15
N LEU F 317 -24.22 3.28 -39.78
CA LEU F 317 -25.46 2.52 -39.64
C LEU F 317 -26.38 3.13 -38.56
N HIS F 318 -25.83 3.40 -37.37
CA HIS F 318 -26.63 3.93 -36.28
C HIS F 318 -27.12 5.35 -36.57
N SER F 319 -26.26 6.22 -37.12
CA SER F 319 -26.67 7.58 -37.46
C SER F 319 -27.81 7.59 -38.47
N MET F 320 -27.76 6.67 -39.44
CA MET F 320 -28.79 6.54 -40.47
C MET F 320 -30.10 6.04 -39.84
N ARG F 321 -30.00 5.09 -38.92
CA ARG F 321 -31.15 4.52 -38.26
C ARG F 321 -31.90 5.55 -37.39
N TYR F 322 -31.17 6.35 -36.61
CA TYR F 322 -31.79 7.30 -35.70
C TYR F 322 -32.37 8.51 -36.42
N LEU F 323 -31.70 9.01 -37.47
CA LEU F 323 -32.25 10.14 -38.23
C LEU F 323 -33.53 9.74 -38.96
N HIS F 324 -33.53 8.54 -39.54
CA HIS F 324 -34.70 8.01 -40.23
C HIS F 324 -35.87 7.85 -39.27
N ARG F 325 -35.58 7.40 -38.04
CA ARG F 325 -36.59 7.23 -36.99
C ARG F 325 -37.30 8.56 -36.66
N PHE F 326 -36.61 9.70 -36.84
CA PHE F 326 -37.19 11.00 -36.52
C PHE F 326 -37.72 11.77 -37.73
N GLY F 327 -37.96 11.07 -38.84
CA GLY F 327 -38.55 11.72 -40.01
C GLY F 327 -37.63 12.06 -41.15
N ALA F 328 -36.31 12.12 -40.91
CA ALA F 328 -35.37 12.45 -41.98
C ALA F 328 -35.30 11.30 -43.01
N LYS F 329 -35.07 11.65 -44.26
CA LYS F 329 -35.01 10.67 -45.35
C LYS F 329 -33.58 10.46 -45.83
N CYS F 330 -33.10 9.20 -45.82
CA CYS F 330 -31.76 8.93 -46.31
C CYS F 330 -31.78 8.83 -47.81
N VAL F 331 -31.07 9.74 -48.45
CA VAL F 331 -31.04 9.85 -49.90
C VAL F 331 -29.92 9.00 -50.48
N ALA F 332 -28.74 8.95 -49.83
CA ALA F 332 -27.62 8.19 -50.37
C ALA F 332 -26.65 7.71 -49.29
N VAL F 333 -26.14 6.48 -49.43
CA VAL F 333 -25.18 5.89 -48.50
C VAL F 333 -23.92 5.51 -49.27
N GLY F 334 -22.77 6.04 -48.85
CA GLY F 334 -21.51 5.78 -49.49
C GLY F 334 -20.66 4.80 -48.72
N GLU F 335 -19.72 4.14 -49.39
CA GLU F 335 -18.82 3.17 -48.76
C GLU F 335 -17.43 3.21 -49.41
N SER F 336 -16.45 2.52 -48.80
CA SER F 336 -15.07 2.44 -49.30
C SER F 336 -15.02 1.94 -50.73
N ASP F 337 -15.85 0.93 -51.03
CA ASP F 337 -15.93 0.39 -52.38
C ASP F 337 -17.34 0.60 -52.94
N GLY F 338 -17.56 1.76 -53.56
CA GLY F 338 -18.84 2.10 -54.17
C GLY F 338 -19.80 2.94 -53.34
N SER F 339 -20.89 3.39 -53.98
CA SER F 339 -21.91 4.20 -53.35
C SER F 339 -23.32 3.80 -53.83
N ILE F 340 -24.32 4.09 -53.02
CA ILE F 340 -25.72 3.76 -53.29
C ILE F 340 -26.57 5.03 -53.19
N TRP F 341 -27.56 5.18 -54.07
CA TRP F 341 -28.38 6.38 -54.06
C TRP F 341 -29.82 6.13 -54.52
N ASN F 342 -30.78 6.73 -53.80
CA ASN F 342 -32.21 6.67 -54.07
C ASN F 342 -32.87 7.93 -53.51
N PRO F 343 -33.30 8.86 -54.38
CA PRO F 343 -33.90 10.10 -53.87
C PRO F 343 -35.24 9.89 -53.14
N ASP F 344 -35.92 8.77 -53.42
CA ASP F 344 -37.19 8.44 -52.76
C ASP F 344 -37.00 8.01 -51.31
N GLY F 345 -35.83 7.49 -50.97
CA GLY F 345 -35.52 7.06 -49.61
C GLY F 345 -34.91 5.67 -49.50
N ILE F 346 -34.00 5.51 -48.53
CA ILE F 346 -33.36 4.22 -48.27
C ILE F 346 -33.67 3.78 -46.84
N ASP F 347 -34.28 2.59 -46.67
CA ASP F 347 -34.61 2.09 -45.34
C ASP F 347 -33.37 1.55 -44.65
N PRO F 348 -33.07 2.03 -43.44
CA PRO F 348 -31.84 1.57 -42.76
C PRO F 348 -31.88 0.11 -42.35
N LYS F 349 -33.05 -0.43 -41.98
CA LYS F 349 -33.14 -1.84 -41.59
C LYS F 349 -32.95 -2.74 -42.80
N GLU F 350 -33.51 -2.35 -43.95
CA GLU F 350 -33.37 -3.11 -45.19
C GLU F 350 -31.93 -3.10 -45.68
N LEU F 351 -31.25 -1.96 -45.54
CA LEU F 351 -29.85 -1.82 -45.95
C LEU F 351 -28.92 -2.58 -45.00
N GLU F 352 -29.24 -2.58 -43.70
CA GLU F 352 -28.45 -3.28 -42.69
C GLU F 352 -28.51 -4.80 -42.93
N ASP F 353 -29.70 -5.32 -43.26
CA ASP F 353 -29.90 -6.75 -43.52
C ASP F 353 -29.15 -7.18 -44.79
N PHE F 354 -29.10 -6.31 -45.80
CA PHE F 354 -28.41 -6.62 -47.04
C PHE F 354 -26.91 -6.62 -46.84
N LYS F 355 -26.40 -5.64 -46.08
CA LYS F 355 -24.99 -5.50 -45.76
C LYS F 355 -24.50 -6.69 -44.92
N LEU F 356 -25.33 -7.21 -44.01
CA LEU F 356 -24.97 -8.34 -43.16
C LEU F 356 -25.00 -9.67 -43.94
N GLN F 357 -25.86 -9.77 -44.96
CA GLN F 357 -25.99 -11.00 -45.74
C GLN F 357 -25.06 -11.06 -46.95
N HIS F 358 -24.55 -9.90 -47.42
CA HIS F 358 -23.71 -9.90 -48.62
C HIS F 358 -22.31 -9.30 -48.42
N GLY F 359 -22.09 -8.60 -47.31
CA GLY F 359 -20.79 -8.01 -47.02
C GLY F 359 -20.63 -6.59 -47.51
N THR F 360 -21.44 -6.18 -48.49
CA THR F 360 -21.37 -4.83 -49.05
C THR F 360 -22.77 -4.28 -49.35
N ILE F 361 -22.89 -2.95 -49.45
CA ILE F 361 -24.16 -2.32 -49.81
C ILE F 361 -24.38 -2.31 -51.35
N LEU F 362 -23.31 -2.55 -52.14
CA LEU F 362 -23.37 -2.57 -53.58
C LEU F 362 -24.29 -3.69 -54.06
N GLY F 363 -25.28 -3.31 -54.83
CA GLY F 363 -26.28 -4.24 -55.33
C GLY F 363 -27.60 -4.19 -54.60
N PHE F 364 -27.82 -3.15 -53.76
CA PHE F 364 -29.07 -2.98 -53.02
C PHE F 364 -30.22 -2.83 -54.00
N PRO F 365 -31.27 -3.66 -53.89
CA PRO F 365 -32.35 -3.64 -54.89
C PRO F 365 -33.16 -2.34 -54.95
N LYS F 366 -33.35 -1.67 -53.81
CA LYS F 366 -34.14 -0.44 -53.77
C LYS F 366 -33.26 0.80 -53.84
N ALA F 367 -32.17 0.76 -54.62
CA ALA F 367 -31.24 1.90 -54.78
C ALA F 367 -30.33 1.73 -55.99
N LYS F 368 -30.14 2.80 -56.77
CA LYS F 368 -29.27 2.79 -57.95
C LYS F 368 -27.80 2.98 -57.54
N ILE F 369 -26.87 2.45 -58.32
CA ILE F 369 -25.44 2.56 -58.02
C ILE F 369 -24.95 3.95 -58.39
N TYR F 370 -24.48 4.70 -57.38
CA TYR F 370 -23.99 6.06 -57.54
C TYR F 370 -22.50 6.05 -57.87
N GLU F 371 -22.13 6.68 -58.99
CA GLU F 371 -20.74 6.73 -59.41
C GLU F 371 -20.00 7.90 -58.73
N GLY F 372 -19.24 7.59 -57.70
CA GLY F 372 -18.48 8.60 -56.98
C GLY F 372 -18.73 8.63 -55.48
N SER F 373 -18.18 9.67 -54.81
CA SER F 373 -18.37 9.84 -53.37
C SER F 373 -19.75 10.43 -53.08
N ILE F 374 -20.29 10.14 -51.90
CA ILE F 374 -21.59 10.65 -51.50
C ILE F 374 -21.54 12.16 -51.15
N LEU F 375 -20.35 12.70 -50.86
CA LEU F 375 -20.10 14.08 -50.43
C LEU F 375 -20.76 15.16 -51.28
N GLU F 376 -20.99 14.91 -52.58
CA GLU F 376 -21.59 15.93 -53.45
C GLU F 376 -23.05 15.62 -53.83
N VAL F 377 -23.74 14.77 -53.06
CA VAL F 377 -25.14 14.46 -53.31
C VAL F 377 -26.01 15.64 -52.87
N ASP F 378 -27.05 15.98 -53.64
CA ASP F 378 -27.95 17.07 -53.28
C ASP F 378 -28.83 16.65 -52.10
N CYS F 379 -28.38 16.98 -50.89
CA CYS F 379 -29.11 16.68 -49.66
C CYS F 379 -29.02 17.88 -48.67
N ASP F 380 -29.58 17.75 -47.45
CA ASP F 380 -29.53 18.83 -46.47
C ASP F 380 -28.43 18.59 -45.44
N ILE F 381 -28.30 17.34 -44.98
CA ILE F 381 -27.31 16.97 -43.97
C ILE F 381 -26.33 15.94 -44.52
N LEU F 382 -25.04 16.24 -44.53
CA LEU F 382 -24.03 15.30 -44.97
C LEU F 382 -23.29 14.77 -43.76
N ILE F 383 -23.29 13.46 -43.54
CA ILE F 383 -22.63 12.87 -42.38
C ILE F 383 -21.43 12.04 -42.78
N PRO F 384 -20.23 12.65 -42.77
CA PRO F 384 -19.03 11.84 -43.01
C PRO F 384 -18.80 10.95 -41.80
N ALA F 385 -19.12 9.66 -41.92
CA ALA F 385 -18.91 8.70 -40.85
C ALA F 385 -17.65 7.81 -41.11
N ALA F 386 -16.80 8.21 -42.08
CA ALA F 386 -15.56 7.53 -42.43
C ALA F 386 -14.39 8.39 -41.99
N SER F 387 -13.42 7.79 -41.24
CA SER F 387 -12.25 8.48 -40.67
C SER F 387 -11.20 8.82 -41.73
N GLU F 388 -11.57 9.73 -42.65
CA GLU F 388 -10.72 10.18 -43.75
C GLU F 388 -10.92 11.67 -44.03
N LYS F 389 -9.84 12.42 -44.39
CA LYS F 389 -9.84 13.82 -44.83
C LYS F 389 -10.48 13.85 -46.22
N GLN F 390 -11.78 13.60 -46.29
CA GLN F 390 -12.49 13.51 -47.55
C GLN F 390 -12.90 14.87 -48.04
N LEU F 391 -13.38 15.74 -47.13
CA LEU F 391 -13.81 17.08 -47.53
C LEU F 391 -12.62 18.03 -47.49
N THR F 392 -12.03 18.25 -48.67
CA THR F 392 -10.86 19.08 -48.92
C THR F 392 -11.26 20.36 -49.68
N LYS F 393 -10.32 21.30 -49.86
CA LYS F 393 -10.58 22.57 -50.56
C LYS F 393 -10.98 22.36 -52.05
N SER F 394 -10.68 21.19 -52.62
CA SER F 394 -11.02 20.91 -54.01
C SER F 394 -12.48 20.51 -54.18
N ASN F 395 -13.08 19.81 -53.20
CA ASN F 395 -14.48 19.40 -53.33
C ASN F 395 -15.44 20.16 -52.38
N ALA F 396 -14.92 21.06 -51.53
CA ALA F 396 -15.76 21.86 -50.63
C ALA F 396 -16.71 22.80 -51.41
N PRO F 397 -16.29 23.49 -52.51
CA PRO F 397 -17.26 24.34 -53.23
C PRO F 397 -18.35 23.59 -53.98
N ARG F 398 -18.36 22.25 -53.94
CA ARG F 398 -19.39 21.45 -54.60
C ARG F 398 -20.32 20.72 -53.64
N VAL F 399 -20.17 20.93 -52.32
CA VAL F 399 -21.02 20.27 -51.34
C VAL F 399 -22.40 20.92 -51.37
N LYS F 400 -23.44 20.15 -51.71
CA LYS F 400 -24.79 20.72 -51.78
C LYS F 400 -25.53 20.68 -50.43
N ALA F 401 -24.93 20.09 -49.38
CA ALA F 401 -25.57 20.03 -48.07
C ALA F 401 -25.38 21.33 -47.30
N LYS F 402 -26.33 21.68 -46.43
CA LYS F 402 -26.22 22.89 -45.62
C LYS F 402 -25.56 22.60 -44.25
N ILE F 403 -25.67 21.35 -43.76
CA ILE F 403 -25.06 20.94 -42.50
C ILE F 403 -24.10 19.77 -42.72
N ILE F 404 -22.86 19.88 -42.23
CA ILE F 404 -21.90 18.79 -42.31
C ILE F 404 -21.67 18.26 -40.89
N ALA F 405 -22.13 17.05 -40.62
CA ALA F 405 -22.05 16.45 -39.29
C ALA F 405 -20.92 15.44 -39.19
N GLU F 406 -19.77 15.87 -38.64
CA GLU F 406 -18.60 14.99 -38.54
C GLU F 406 -18.75 13.85 -37.52
N GLY F 407 -19.13 12.68 -38.03
CA GLY F 407 -19.24 11.46 -37.24
C GLY F 407 -17.96 10.63 -37.23
N ALA F 408 -16.84 11.26 -37.55
CA ALA F 408 -15.52 10.65 -37.55
C ALA F 408 -14.47 11.71 -37.23
N ASN F 409 -13.26 11.29 -36.82
CA ASN F 409 -12.21 12.25 -36.49
C ASN F 409 -11.51 12.78 -37.75
N GLY F 410 -11.49 14.10 -37.86
CA GLY F 410 -10.87 14.84 -38.95
C GLY F 410 -11.31 14.54 -40.35
N PRO F 411 -12.63 14.58 -40.65
CA PRO F 411 -13.07 14.32 -42.03
C PRO F 411 -12.98 15.54 -42.94
N THR F 412 -12.90 16.79 -42.38
CA THR F 412 -12.78 17.99 -43.20
C THR F 412 -11.48 18.74 -42.89
N THR F 413 -10.75 19.15 -43.93
CA THR F 413 -9.49 19.87 -43.77
C THR F 413 -9.76 21.33 -43.36
N PRO F 414 -8.78 22.01 -42.72
CA PRO F 414 -9.00 23.43 -42.35
C PRO F 414 -9.22 24.35 -43.55
N GLU F 415 -8.71 23.97 -44.74
CA GLU F 415 -8.94 24.76 -45.95
C GLU F 415 -10.39 24.60 -46.44
N ALA F 416 -10.99 23.42 -46.24
CA ALA F 416 -12.38 23.21 -46.59
C ALA F 416 -13.29 23.95 -45.61
N ASP F 417 -12.90 24.01 -44.31
CA ASP F 417 -13.61 24.74 -43.26
C ASP F 417 -13.81 26.20 -43.65
N LYS F 418 -12.77 26.84 -44.25
CA LYS F 418 -12.82 28.23 -44.70
C LYS F 418 -13.87 28.41 -45.79
N ILE F 419 -13.97 27.45 -46.71
CA ILE F 419 -14.93 27.47 -47.81
C ILE F 419 -16.34 27.27 -47.27
N PHE F 420 -16.52 26.37 -46.29
CA PHE F 420 -17.84 26.13 -45.71
C PHE F 420 -18.33 27.36 -44.95
N LEU F 421 -17.42 28.11 -44.30
CA LEU F 421 -17.80 29.34 -43.61
C LEU F 421 -18.23 30.40 -44.62
N GLU F 422 -17.52 30.50 -45.75
CA GLU F 422 -17.81 31.45 -46.82
C GLU F 422 -19.16 31.13 -47.48
N ARG F 423 -19.48 29.83 -47.61
CA ARG F 423 -20.70 29.35 -48.23
C ARG F 423 -21.89 29.23 -47.25
N ASN F 424 -21.72 29.65 -45.98
CA ASN F 424 -22.74 29.55 -44.95
C ASN F 424 -23.24 28.12 -44.79
N ILE F 425 -22.30 27.20 -44.66
CA ILE F 425 -22.53 25.80 -44.45
C ILE F 425 -22.06 25.49 -43.03
N MET F 426 -22.97 25.00 -42.19
CA MET F 426 -22.64 24.73 -40.79
C MET F 426 -21.98 23.38 -40.60
N VAL F 427 -20.75 23.36 -40.09
CA VAL F 427 -20.05 22.11 -39.82
C VAL F 427 -20.02 21.84 -38.32
N ILE F 428 -20.76 20.83 -37.87
CA ILE F 428 -20.77 20.42 -36.46
C ILE F 428 -19.50 19.60 -36.26
N PRO F 429 -18.58 20.06 -35.40
CA PRO F 429 -17.26 19.42 -35.31
C PRO F 429 -17.21 18.07 -34.60
N ASP F 430 -16.20 17.26 -35.00
CA ASP F 430 -15.87 15.94 -34.47
C ASP F 430 -15.62 16.00 -32.95
N LEU F 431 -14.99 17.10 -32.48
CA LEU F 431 -14.69 17.38 -31.08
C LEU F 431 -15.94 17.23 -30.22
N TYR F 432 -17.10 17.63 -30.75
CA TYR F 432 -18.38 17.53 -30.05
C TYR F 432 -19.22 16.33 -30.55
N LEU F 433 -19.50 16.27 -31.86
CA LEU F 433 -20.39 15.28 -32.44
C LEU F 433 -19.87 13.84 -32.30
N ASN F 434 -18.55 13.65 -32.39
CA ASN F 434 -17.97 12.32 -32.28
C ASN F 434 -17.57 12.00 -30.82
N ALA F 435 -18.28 12.57 -29.82
CA ALA F 435 -17.95 12.32 -28.42
C ALA F 435 -19.01 11.50 -27.68
N GLY F 436 -19.86 10.78 -28.42
CA GLY F 436 -20.89 9.94 -27.84
C GLY F 436 -20.28 8.70 -27.20
N GLY F 437 -19.31 8.11 -27.88
CA GLY F 437 -18.62 6.93 -27.38
C GLY F 437 -17.77 7.24 -26.15
N VAL F 438 -17.15 8.43 -26.14
CA VAL F 438 -16.35 8.89 -24.99
C VAL F 438 -17.27 9.09 -23.79
N THR F 439 -18.46 9.66 -24.01
CA THR F 439 -19.45 9.89 -22.97
C THR F 439 -19.89 8.57 -22.33
N VAL F 440 -20.24 7.53 -23.13
CA VAL F 440 -20.67 6.28 -22.51
C VAL F 440 -19.47 5.49 -21.96
N SER F 441 -18.21 5.76 -22.42
CA SER F 441 -17.04 5.13 -21.78
C SER F 441 -16.87 5.68 -20.36
N TYR F 442 -17.24 6.95 -20.13
CA TYR F 442 -17.26 7.57 -18.80
C TYR F 442 -18.31 6.84 -17.96
N PHE F 443 -19.50 6.57 -18.53
CA PHE F 443 -20.57 5.85 -17.84
C PHE F 443 -20.17 4.40 -17.52
N GLU F 444 -19.36 3.76 -18.39
CA GLU F 444 -18.88 2.41 -18.12
C GLU F 444 -17.93 2.43 -16.94
N TRP F 445 -17.02 3.41 -16.91
CA TRP F 445 -16.07 3.59 -15.82
C TRP F 445 -16.82 3.82 -14.50
N LEU F 446 -17.89 4.64 -14.56
CA LEU F 446 -18.74 4.90 -13.42
C LEU F 446 -19.47 3.64 -12.99
N LYS F 447 -20.01 2.86 -13.94
CA LYS F 447 -20.71 1.61 -13.67
C LYS F 447 -19.84 0.62 -12.91
N ASN F 448 -18.55 0.56 -13.26
CA ASN F 448 -17.61 -0.34 -12.59
C ASN F 448 -17.30 0.15 -11.18
N LEU F 449 -17.21 1.48 -10.98
CA LEU F 449 -16.99 2.06 -9.65
C LEU F 449 -18.21 1.81 -8.76
N ASN F 450 -19.41 1.96 -9.34
CA ASN F 450 -20.70 1.75 -8.68
C ASN F 450 -20.94 0.28 -8.33
N HIS F 451 -20.35 -0.65 -9.12
CA HIS F 451 -20.48 -2.10 -8.97
C HIS F 451 -21.93 -2.55 -9.06
N VAL F 452 -22.74 -1.84 -9.87
CA VAL F 452 -24.15 -2.14 -10.07
C VAL F 452 -24.60 -1.57 -11.41
N SER F 453 -25.56 -2.24 -12.08
CA SER F 453 -26.08 -1.72 -13.33
C SER F 453 -27.01 -0.53 -13.05
N TYR F 454 -27.13 0.39 -13.99
CA TYR F 454 -27.97 1.57 -13.82
C TYR F 454 -29.45 1.18 -13.71
N GLY F 455 -30.15 1.73 -12.74
CA GLY F 455 -31.57 1.50 -12.54
C GLY F 455 -31.96 0.26 -11.77
N ARG F 456 -31.01 -0.65 -11.54
CA ARG F 456 -31.21 -1.92 -10.83
C ARG F 456 -32.09 -1.80 -9.58
N LEU F 457 -31.93 -0.74 -8.78
CA LEU F 457 -32.71 -0.60 -7.54
C LEU F 457 -33.88 0.39 -7.64
N THR F 458 -34.05 1.06 -8.79
CA THR F 458 -35.09 2.09 -8.89
C THR F 458 -36.10 1.89 -10.00
N PHE F 459 -35.94 0.89 -10.89
CA PHE F 459 -36.90 0.69 -11.97
C PHE F 459 -38.29 0.34 -11.44
N LYS F 460 -38.35 -0.60 -10.51
CA LYS F 460 -39.60 -1.03 -9.89
C LYS F 460 -40.19 0.09 -9.04
N TYR F 461 -39.34 0.83 -8.30
CA TYR F 461 -39.76 1.94 -7.46
C TYR F 461 -40.42 3.03 -8.33
N GLU F 462 -39.77 3.36 -9.45
CA GLU F 462 -40.28 4.37 -10.37
C GLU F 462 -41.62 3.91 -10.97
N ARG F 463 -41.72 2.63 -11.36
CA ARG F 463 -42.92 2.02 -11.93
C ARG F 463 -44.10 2.12 -10.96
N ASP F 464 -43.86 1.89 -9.65
CA ASP F 464 -44.91 1.96 -8.65
C ASP F 464 -45.38 3.40 -8.44
N SER F 465 -44.45 4.37 -8.49
CA SER F 465 -44.80 5.76 -8.35
C SER F 465 -45.63 6.23 -9.55
N ASN F 466 -45.31 5.74 -10.76
CA ASN F 466 -46.05 6.09 -11.97
C ASN F 466 -47.48 5.56 -11.89
N TYR F 467 -47.65 4.34 -11.39
CA TYR F 467 -48.98 3.76 -11.25
C TYR F 467 -49.80 4.51 -10.19
N HIS F 468 -49.15 4.97 -9.11
CA HIS F 468 -49.80 5.76 -8.09
C HIS F 468 -50.24 7.11 -8.61
N LEU F 469 -49.45 7.74 -9.49
CA LEU F 469 -49.80 9.02 -10.09
C LEU F 469 -51.01 8.89 -11.02
N LEU F 470 -51.07 7.79 -11.78
CA LEU F 470 -52.19 7.57 -12.69
C LEU F 470 -53.46 7.18 -11.91
N MET F 471 -53.33 6.37 -10.85
CA MET F 471 -54.50 5.99 -10.05
C MET F 471 -55.05 7.22 -9.28
N SER F 472 -54.17 8.18 -8.92
CA SER F 472 -54.57 9.42 -8.26
C SER F 472 -55.39 10.32 -9.19
N VAL F 473 -54.97 10.46 -10.46
CA VAL F 473 -55.71 11.25 -11.43
C VAL F 473 -57.08 10.60 -11.68
N GLN F 474 -57.08 9.26 -11.82
CA GLN F 474 -58.30 8.48 -12.03
C GLN F 474 -59.28 8.67 -10.88
N GLU F 475 -58.83 8.51 -9.61
CA GLU F 475 -59.73 8.68 -8.48
C GLU F 475 -60.21 10.11 -8.32
N SER F 476 -59.30 11.08 -8.52
CA SER F 476 -59.62 12.50 -8.42
C SER F 476 -60.73 12.89 -9.40
N LEU F 477 -60.64 12.42 -10.65
CA LEU F 477 -61.63 12.70 -11.68
C LEU F 477 -62.91 11.95 -11.41
N GLU F 478 -62.81 10.66 -11.07
CA GLU F 478 -63.99 9.86 -10.76
C GLU F 478 -64.82 10.46 -9.59
N ARG F 479 -64.16 11.20 -8.70
CA ARG F 479 -64.76 11.89 -7.56
C ARG F 479 -65.48 13.17 -8.01
N LYS F 480 -64.87 13.89 -8.96
CA LYS F 480 -65.37 15.13 -9.53
C LYS F 480 -66.62 14.92 -10.37
N PHE F 481 -66.65 13.85 -11.16
CA PHE F 481 -67.78 13.57 -12.04
C PHE F 481 -68.78 12.53 -11.46
N GLY F 482 -68.50 12.03 -10.25
CA GLY F 482 -69.35 11.07 -9.57
C GLY F 482 -69.41 9.72 -10.26
N LYS F 483 -70.21 8.81 -9.70
CA LYS F 483 -70.40 7.50 -10.29
C LYS F 483 -71.37 7.55 -11.50
N HIS F 484 -72.08 8.69 -11.72
CA HIS F 484 -72.99 8.84 -12.86
C HIS F 484 -72.19 8.89 -14.17
N GLY F 485 -71.03 9.54 -14.15
CA GLY F 485 -70.15 9.60 -15.31
C GLY F 485 -69.27 8.37 -15.50
N GLY F 486 -69.62 7.28 -14.82
CA GLY F 486 -68.90 6.01 -14.90
C GLY F 486 -67.45 6.04 -14.47
N THR F 487 -66.71 4.98 -14.85
CA THR F 487 -65.32 4.88 -14.49
C THR F 487 -64.46 5.56 -15.57
N ILE F 488 -63.40 6.23 -15.13
CA ILE F 488 -62.49 6.94 -16.00
C ILE F 488 -61.12 6.27 -15.87
N PRO F 489 -60.88 5.19 -16.63
CA PRO F 489 -59.62 4.45 -16.47
C PRO F 489 -58.41 5.20 -16.98
N ILE F 490 -57.49 5.56 -16.09
CA ILE F 490 -56.25 6.22 -16.49
C ILE F 490 -55.15 5.16 -16.52
N VAL F 491 -54.78 4.70 -17.73
CA VAL F 491 -53.77 3.66 -17.95
C VAL F 491 -52.61 4.18 -18.82
N PRO F 492 -51.41 3.56 -18.76
CA PRO F 492 -50.30 4.05 -19.60
C PRO F 492 -50.51 3.80 -21.07
N THR F 493 -49.93 4.66 -21.94
CA THR F 493 -50.01 4.48 -23.40
C THR F 493 -49.25 3.20 -23.79
N ALA F 494 -49.43 2.71 -25.05
CA ALA F 494 -48.72 1.51 -25.49
C ALA F 494 -47.20 1.71 -25.42
N GLU F 495 -46.74 2.93 -25.77
CA GLU F 495 -45.34 3.33 -25.78
C GLU F 495 -44.79 3.40 -24.38
N PHE F 496 -45.55 3.93 -23.43
CA PHE F 496 -45.14 4.00 -22.03
C PHE F 496 -45.12 2.59 -21.41
N GLN F 497 -46.06 1.73 -21.80
CA GLN F 497 -46.11 0.36 -21.29
C GLN F 497 -44.87 -0.41 -21.72
N ASP F 498 -44.40 -0.19 -22.97
CA ASP F 498 -43.19 -0.82 -23.50
C ASP F 498 -41.95 -0.36 -22.77
N ARG F 499 -41.90 0.93 -22.40
CA ARG F 499 -40.81 1.55 -21.69
C ARG F 499 -40.72 0.96 -20.28
N ILE F 500 -41.87 0.74 -19.62
CA ILE F 500 -41.94 0.17 -18.28
C ILE F 500 -41.48 -1.29 -18.30
N SER F 501 -41.99 -2.07 -19.25
CA SER F 501 -41.66 -3.49 -19.35
C SER F 501 -40.22 -3.73 -19.78
N GLY F 502 -39.72 -2.93 -20.70
CA GLY F 502 -38.36 -3.06 -21.19
C GLY F 502 -37.34 -2.21 -20.47
N ALA F 503 -37.68 -1.75 -19.25
CA ALA F 503 -36.78 -0.90 -18.48
C ALA F 503 -35.51 -1.65 -18.12
N SER F 504 -34.39 -1.17 -18.67
CA SER F 504 -33.08 -1.74 -18.44
C SER F 504 -32.01 -0.61 -18.45
N GLU F 505 -30.76 -0.95 -18.09
CA GLU F 505 -29.65 -0.02 -18.05
C GLU F 505 -29.52 0.84 -19.32
N LYS F 506 -29.66 0.26 -20.53
CA LYS F 506 -29.50 1.03 -21.77
C LYS F 506 -30.38 2.30 -21.82
N ASP F 507 -31.53 2.28 -21.15
CA ASP F 507 -32.47 3.41 -21.10
C ASP F 507 -31.88 4.62 -20.35
N ILE F 508 -31.02 4.35 -19.38
CA ILE F 508 -30.39 5.39 -18.58
C ILE F 508 -29.10 5.88 -19.25
N VAL F 509 -28.37 4.98 -19.91
CA VAL F 509 -27.17 5.35 -20.65
C VAL F 509 -27.55 6.29 -21.81
N HIS F 510 -28.67 5.98 -22.51
CA HIS F 510 -29.19 6.80 -23.60
C HIS F 510 -29.57 8.19 -23.09
N SER F 511 -30.18 8.26 -21.91
CA SER F 511 -30.62 9.51 -21.30
C SER F 511 -29.44 10.36 -20.86
N GLY F 512 -28.42 9.75 -20.29
CA GLY F 512 -27.23 10.47 -19.83
C GLY F 512 -26.47 11.07 -20.99
N LEU F 513 -26.42 10.34 -22.11
CA LEU F 513 -25.77 10.76 -23.33
C LEU F 513 -26.57 11.91 -23.94
N ALA F 514 -27.90 11.80 -23.96
CA ALA F 514 -28.77 12.85 -24.48
C ALA F 514 -28.63 14.14 -23.68
N TYR F 515 -28.52 14.01 -22.35
CA TYR F 515 -28.37 15.17 -21.48
C TYR F 515 -27.02 15.84 -21.71
N THR F 516 -25.97 15.04 -21.90
CA THR F 516 -24.61 15.53 -22.15
C THR F 516 -24.55 16.25 -23.49
N MET F 517 -25.11 15.67 -24.55
CA MET F 517 -25.09 16.28 -25.87
C MET F 517 -25.91 17.57 -25.88
N GLU F 518 -27.05 17.60 -25.14
CA GLU F 518 -27.88 18.79 -25.07
C GLU F 518 -27.14 19.91 -24.34
N ARG F 519 -26.57 19.61 -23.18
CA ARG F 519 -25.86 20.57 -22.37
C ARG F 519 -24.64 21.14 -23.09
N SER F 520 -23.87 20.28 -23.78
CA SER F 520 -22.66 20.68 -24.51
C SER F 520 -22.96 21.46 -25.76
N ALA F 521 -24.10 21.20 -26.43
CA ALA F 521 -24.48 21.98 -27.60
C ALA F 521 -24.76 23.42 -27.20
N ARG F 522 -25.45 23.62 -26.07
CA ARG F 522 -25.76 24.96 -25.59
C ARG F 522 -24.49 25.68 -25.14
N GLN F 523 -23.52 24.96 -24.56
CA GLN F 523 -22.26 25.55 -24.16
C GLN F 523 -21.50 26.04 -25.39
N ILE F 524 -21.47 25.23 -26.46
CA ILE F 524 -20.77 25.60 -27.70
C ILE F 524 -21.48 26.78 -28.36
N MET F 525 -22.83 26.79 -28.34
CA MET F 525 -23.63 27.87 -28.89
C MET F 525 -23.36 29.17 -28.14
N ARG F 526 -23.25 29.10 -26.81
CA ARG F 526 -23.02 30.28 -26.00
C ARG F 526 -21.60 30.80 -26.20
N THR F 527 -20.62 29.89 -26.36
CA THR F 527 -19.23 30.28 -26.63
C THR F 527 -19.13 30.95 -27.99
N ALA F 528 -19.87 30.43 -28.99
CA ALA F 528 -19.90 30.98 -30.35
C ALA F 528 -20.46 32.39 -30.34
N MET F 529 -21.49 32.66 -29.51
CA MET F 529 -22.07 33.99 -29.43
C MET F 529 -21.13 34.94 -28.67
N LYS F 530 -20.52 34.45 -27.58
CA LYS F 530 -19.59 35.20 -26.77
C LYS F 530 -18.39 35.71 -27.60
N TYR F 531 -17.81 34.85 -28.44
CA TYR F 531 -16.65 35.23 -29.25
C TYR F 531 -17.01 35.60 -30.70
N ASN F 532 -18.31 35.77 -31.01
CA ASN F 532 -18.82 36.15 -32.34
C ASN F 532 -18.21 35.27 -33.46
N LEU F 533 -18.36 33.95 -33.32
CA LEU F 533 -17.83 33.00 -34.29
C LEU F 533 -18.86 32.59 -35.36
N GLY F 534 -20.15 32.79 -35.08
CA GLY F 534 -21.23 32.46 -36.01
C GLY F 534 -21.36 30.97 -36.28
N LEU F 535 -21.10 30.56 -37.52
CA LEU F 535 -21.18 29.15 -37.91
C LEU F 535 -19.85 28.40 -37.72
N ASP F 536 -18.81 29.04 -37.14
CA ASP F 536 -17.53 28.39 -36.88
C ASP F 536 -17.64 27.62 -35.56
N LEU F 537 -18.40 26.53 -35.57
CA LEU F 537 -18.63 25.73 -34.38
C LEU F 537 -17.39 24.97 -33.92
N ARG F 538 -16.43 24.68 -34.84
CA ARG F 538 -15.22 23.96 -34.45
C ARG F 538 -14.37 24.84 -33.56
N THR F 539 -14.20 26.12 -33.94
CA THR F 539 -13.44 27.05 -33.12
C THR F 539 -14.14 27.26 -31.78
N ALA F 540 -15.47 27.33 -31.77
CA ALA F 540 -16.25 27.47 -30.54
C ALA F 540 -16.00 26.29 -29.61
N ALA F 541 -15.93 25.07 -30.17
CA ALA F 541 -15.70 23.86 -29.39
C ALA F 541 -14.29 23.83 -28.79
N TYR F 542 -13.27 24.23 -29.57
CA TYR F 542 -11.90 24.24 -29.05
C TYR F 542 -11.73 25.34 -28.00
N VAL F 543 -12.37 26.50 -28.20
CA VAL F 543 -12.30 27.58 -27.23
C VAL F 543 -13.01 27.15 -25.94
N ASN F 544 -14.13 26.44 -26.06
CA ASN F 544 -14.88 25.91 -24.93
C ASN F 544 -14.02 24.97 -24.10
N ALA F 545 -13.27 24.08 -24.79
CA ALA F 545 -12.42 23.09 -24.16
C ALA F 545 -11.19 23.71 -23.51
N ILE F 546 -10.50 24.64 -24.20
CA ILE F 546 -9.33 25.32 -23.66
C ILE F 546 -9.72 26.18 -22.45
N GLU F 547 -10.90 26.79 -22.48
CA GLU F 547 -11.42 27.61 -21.39
C GLU F 547 -11.59 26.78 -20.10
N LYS F 548 -12.05 25.52 -20.26
CA LYS F 548 -12.30 24.61 -19.16
C LYS F 548 -11.00 24.07 -18.58
N VAL F 549 -10.06 23.68 -19.45
CA VAL F 549 -8.78 23.15 -19.01
C VAL F 549 -7.99 24.26 -18.28
N PHE F 550 -8.03 25.49 -18.82
CA PHE F 550 -7.34 26.64 -18.23
C PHE F 550 -7.86 26.91 -16.83
N ARG F 551 -9.19 26.84 -16.65
CA ARG F 551 -9.83 27.10 -15.36
C ARG F 551 -9.37 26.12 -14.28
N VAL F 552 -9.13 24.85 -14.65
CA VAL F 552 -8.67 23.85 -13.68
C VAL F 552 -7.26 24.20 -13.23
N TYR F 553 -6.37 24.53 -14.19
CA TYR F 553 -4.99 24.88 -13.87
C TYR F 553 -4.92 26.17 -13.05
N ASN F 554 -5.71 27.16 -13.43
CA ASN F 554 -5.71 28.45 -12.75
C ASN F 554 -6.17 28.34 -11.30
N GLU F 555 -7.21 27.54 -11.02
CA GLU F 555 -7.75 27.39 -9.67
C GLU F 555 -7.01 26.35 -8.84
N ALA F 556 -6.38 25.34 -9.47
CA ALA F 556 -5.63 24.33 -8.71
C ALA F 556 -4.22 24.80 -8.41
N GLY F 557 -3.60 25.47 -9.37
CA GLY F 557 -2.22 25.89 -9.25
C GLY F 557 -1.26 24.81 -9.71
N VAL F 558 0.03 25.13 -9.72
CA VAL F 558 1.05 24.18 -10.13
C VAL F 558 1.93 23.86 -8.92
N THR F 559 2.11 22.57 -8.62
CA THR F 559 2.91 22.12 -7.49
C THR F 559 4.39 22.42 -7.74
N PHE F 560 5.08 23.06 -6.77
CA PHE F 560 6.50 23.48 -6.82
C PHE F 560 6.77 24.54 -7.92
PB ADP G . 20.85 -15.94 17.83
O1B ADP G . 22.02 -15.69 18.77
O2B ADP G . 21.18 -15.58 16.39
O3B ADP G . 20.26 -17.32 17.99
PA ADP G . 19.61 -13.61 19.20
O1A ADP G . 20.73 -13.63 20.17
O2A ADP G . 19.41 -12.42 18.35
O3A ADP G . 19.71 -14.91 18.28
O5' ADP G . 18.26 -13.90 20.00
C5' ADP G . 17.20 -14.66 19.38
C4' ADP G . 16.60 -15.58 20.42
O4' ADP G . 15.50 -16.30 19.83
C3' ADP G . 17.53 -16.65 20.98
O3' ADP G . 17.17 -16.93 22.33
C2' ADP G . 17.26 -17.84 20.07
O2' ADP G . 17.60 -19.09 20.68
C1' ADP G . 15.76 -17.70 19.86
N9 ADP G . 15.28 -18.28 18.62
C8 ADP G . 15.96 -18.41 17.43
N7 ADP G . 15.27 -18.99 16.48
C5 ADP G . 14.04 -19.25 17.07
C6 ADP G . 12.87 -19.87 16.60
N6 ADP G . 12.74 -20.39 15.38
N1 ADP G . 11.82 -19.97 17.45
C2 ADP G . 11.96 -19.50 18.70
N3 ADP G . 13.01 -18.91 19.25
C4 ADP G . 14.03 -18.82 18.39
K K H . 0.58 -23.40 16.06
N LEU I . 10.58 -12.28 -16.55
CA LEU I . 11.32 -11.09 -16.97
C LEU I . 10.74 -10.51 -18.27
O LEU I . 11.27 -9.48 -18.76
CB LEU I . 12.81 -11.41 -17.14
CG LEU I . 13.65 -11.53 -15.88
CD1 LEU I . 15.10 -11.81 -16.22
CD2 LEU I . 13.57 -10.28 -15.02
OXT LEU I . 9.75 -11.06 -18.79
N LEU J . -8.17 -15.23 -15.08
CA LEU J . -8.96 -15.86 -14.04
C LEU J . -8.34 -17.19 -13.59
O LEU J . -7.26 -17.57 -14.11
CB LEU J . -10.41 -16.09 -14.51
CG LEU J . -11.33 -14.86 -14.53
CD1 LEU J . -12.71 -15.26 -14.98
CD2 LEU J . -11.41 -14.19 -13.18
OXT LEU J . -8.92 -17.86 -12.71
PB ADP K . 28.61 7.86 10.74
O1B ADP K . 30.06 7.75 10.33
O2B ADP K . 27.99 6.51 11.05
O3B ADP K . 28.36 8.89 11.82
PA ADP K . 28.14 8.56 7.88
O1A ADP K . 29.60 8.63 7.68
O2A ADP K . 27.34 7.54 7.14
O3A ADP K . 27.84 8.42 9.44
O5' ADP K . 27.54 10.01 7.60
C5' ADP K . 26.42 10.49 8.36
C4' ADP K . 26.64 11.96 8.67
O4' ADP K . 25.48 12.49 9.36
C3' ADP K . 27.83 12.29 9.55
O3' ADP K . 28.34 13.58 9.20
C2' ADP K . 27.21 12.30 10.95
O2' ADP K . 27.95 13.09 11.87
C1' ADP K . 25.85 12.94 10.64
N9 ADP K . 24.80 12.56 11.58
C8 ADP K . 24.69 11.41 12.29
N7 ADP K . 23.64 11.35 13.09
C5 ADP K . 23.02 12.57 12.88
C6 ADP K . 21.85 13.14 13.42
N6 ADP K . 21.12 12.57 14.38
N1 ADP K . 21.49 14.37 12.99
C2 ADP K . 22.26 14.99 12.08
N3 ADP K . 23.38 14.55 11.50
C4 ADP K . 23.72 13.33 11.95
K K L . 11.80 20.96 15.14
N LEU M . -13.88 0.14 18.31
CA LEU M . -13.85 1.61 18.33
C LEU M . -12.95 2.13 19.46
O LEU M . -12.33 1.31 20.17
CB LEU M . -15.27 2.17 18.47
CG LEU M . -16.15 2.15 17.22
CD1 LEU M . -17.51 2.74 17.52
CD2 LEU M . -15.51 2.90 16.08
OXT LEU M . -12.85 3.37 19.62
PB ADP N . 28.95 -11.32 -6.65
O1B ADP N . 29.94 -12.36 -6.17
O2B ADP N . 28.77 -10.20 -5.66
O3B ADP N . 29.24 -10.83 -8.05
PA ADP N . 26.90 -13.44 -6.21
O1A ADP N . 27.99 -14.40 -5.97
O2A ADP N . 25.95 -13.13 -5.11
O3A ADP N . 27.53 -12.08 -6.76
O5' ADP N . 26.10 -13.92 -7.50
C5' ADP N . 25.56 -12.96 -8.42
C4' ADP N . 25.75 -13.48 -9.82
O4' ADP N . 25.13 -12.57 -10.77
C3' ADP N . 27.19 -13.62 -10.29
O3' ADP N . 27.28 -14.70 -11.23
C2' ADP N . 27.45 -12.29 -10.98
O2' ADP N . 28.51 -12.32 -11.94
C1' ADP N . 26.10 -12.04 -11.64
N9 ADP N . 25.79 -10.63 -11.85
C8 ADP N . 26.21 -9.56 -11.10
N7 ADP N . 25.79 -8.40 -11.54
C5 ADP N . 25.04 -8.73 -12.66
C6 ADP N . 24.32 -7.94 -13.58
N6 ADP N . 24.30 -6.60 -13.55
N1 ADP N . 23.68 -8.58 -14.58
C2 ADP N . 23.76 -9.92 -14.65
N3 ADP N . 24.40 -10.76 -13.84
C4 ADP N . 25.02 -10.09 -12.86
K K O . 16.15 -4.66 -23.04
N LEU P . -1.17 20.74 -9.93
CA LEU P . -1.02 20.12 -11.23
C LEU P . 0.37 20.42 -11.85
O LEU P . 1.26 20.87 -11.09
CB LEU P . -2.14 20.60 -12.17
CG LEU P . -3.56 20.33 -11.70
CD1 LEU P . -4.57 20.96 -12.63
CD2 LEU P . -3.83 18.84 -11.58
OXT LEU P . 0.57 20.17 -13.06
N LEU Q . 12.44 18.86 3.68
CA LEU Q . 12.32 18.66 5.12
C LEU Q . 11.29 19.65 5.74
O LEU Q . 11.09 19.62 6.98
CB LEU Q . 13.69 18.82 5.81
CG LEU Q . 14.66 17.65 5.70
CD1 LEU Q . 15.94 17.94 6.42
CD2 LEU Q . 14.06 16.38 6.24
OXT LEU Q . 10.69 20.44 4.98
PB ADP R . -29.83 7.77 7.22
O1B ADP R . -29.17 8.31 5.97
O2B ADP R . -29.72 8.71 8.41
O3B ADP R . -31.26 7.32 6.98
PA ADP R . -29.20 4.88 7.52
O1A ADP R . -28.29 4.34 6.48
O2A ADP R . -30.64 4.60 7.44
O3A ADP R . -29.00 6.47 7.63
O5' ADP R . -28.68 4.43 8.96
C5' ADP R . -27.64 5.17 9.62
C4' ADP R . -27.96 5.22 11.09
O4' ADP R . -26.89 5.90 11.80
C3' ADP R . -29.22 5.99 11.48
O3' ADP R . -29.77 5.41 12.66
C2' ADP R . -28.70 7.39 11.74
O2' ADP R . -29.56 8.18 12.56
C1' ADP R . -27.36 7.09 12.40
N9 ADP R . -26.35 8.11 12.24
C8 ADP R . -26.21 8.98 11.20
N7 ADP R . -25.21 9.82 11.33
C5 ADP R . -24.65 9.47 12.56
C6 ADP R . -23.56 9.99 13.27
N6 ADP R . -22.82 11.03 12.88
N1 ADP R . -23.26 9.41 14.46
C2 ADP R . -24.02 8.38 14.89
N3 ADP R . -25.06 7.83 14.29
C4 ADP R . -25.34 8.42 13.13
K K S . -14.25 11.00 21.85
N LEU T . 0.34 -12.63 19.22
CA LEU T . 0.60 -13.84 18.44
C LEU T . -0.67 -14.72 18.31
O LEU T . -0.59 -15.81 17.69
CB LEU T . 1.75 -14.66 19.05
CG LEU T . 3.16 -14.15 18.82
CD1 LEU T . 4.17 -15.06 19.46
CD2 LEU T . 3.47 -14.06 17.34
OXT LEU T . -1.73 -14.32 18.85
PB ADP U . -27.08 -6.82 -14.37
O1B ADP U . -27.33 -8.28 -14.11
O2B ADP U . -27.06 -5.98 -13.11
O3B ADP U . -28.00 -6.24 -15.43
PA ADP U . -24.92 -5.96 -16.17
O1A ADP U . -24.04 -4.90 -15.62
O2A ADP U . -25.93 -5.62 -17.18
O3A ADP U . -25.61 -6.74 -14.97
O5' ADP U . -24.01 -7.13 -16.80
C5' ADP U . -23.48 -8.16 -15.95
C4' ADP U . -23.56 -9.48 -16.67
O4' ADP U . -22.96 -10.51 -15.86
C3' ADP U . -24.96 -9.99 -17.00
O3' ADP U . -24.90 -10.77 -18.19
C2' ADP U . -25.29 -10.87 -15.79
O2' ADP U . -26.26 -11.87 -16.07
C1' ADP U . -23.93 -11.49 -15.51
N9 ADP U . -23.71 -11.87 -14.11
C8 ADP U . -24.27 -11.30 -13.00
N7 ADP U . -23.92 -11.86 -11.88
C5 ADP U . -23.06 -12.88 -12.28
C6 ADP U . -22.35 -13.87 -11.56
N6 ADP U . -22.43 -14.03 -10.24
N1 ADP U . -21.58 -14.72 -12.27
C2 ADP U . -21.55 -14.60 -13.60
N3 ADP U . -22.18 -13.72 -14.38
C4 ADP U . -22.93 -12.89 -13.65
K K V . -13.82 -22.96 -9.00
PB ADP W . -20.80 18.41 -14.70
O1B ADP W . -21.00 16.91 -14.59
O2B ADP W . -20.16 18.82 -16.01
O3B ADP W . -22.05 19.20 -14.37
PA ADP W . -19.79 19.47 -12.12
O1A ADP W . -19.55 18.44 -11.08
O2A ADP W . -20.99 20.31 -12.04
O3A ADP W . -19.74 18.78 -13.55
O5' ADP W . -18.53 20.46 -12.23
C5' ADP W . -17.39 20.05 -13.00
C4' ADP W . -16.84 21.26 -13.71
O4' ADP W . -15.64 20.90 -14.42
C3' ADP W . -17.75 21.90 -14.74
O3' ADP W . -17.46 23.30 -14.79
C2' ADP W . -17.33 21.21 -16.03
O2' ADP W . -17.61 21.96 -17.20
C1' ADP W . -15.83 21.09 -15.82
N9 ADP W . -15.21 19.97 -16.52
C8 ADP W . -15.79 18.78 -16.86
N7 ADP W . -15.00 17.97 -17.53
C5 ADP W . -13.80 18.67 -17.62
C6 ADP W . -12.57 18.37 -18.21
N6 ADP W . -12.33 17.26 -18.90
N1 ADP W . -11.58 19.29 -18.11
C2 ADP W . -11.84 20.44 -17.47
N3 ADP W . -12.97 20.84 -16.89
C4 ADP W . -13.92 19.91 -16.99
K K X . -0.47 19.16 -20.71
#